data_8ZQA
#
_entry.id   8ZQA
#
_cell.length_a   100.302
_cell.length_b   112.266
_cell.length_c   166.260
_cell.angle_alpha   73.59
_cell.angle_beta   73.77
_cell.angle_gamma   65.25
#
_symmetry.space_group_name_H-M   'P 1'
#
loop_
_entity.id
_entity.type
_entity.pdbx_description
1 polymer '1,4-alpha-glucan branching enzyme GlgB'
2 water water
#
_entity_poly.entity_id   1
_entity_poly.type   'polypeptide(L)'
_entity_poly.pdbx_seq_one_letter_code
;MSWLTEEDIRRWESGTFYDSYRKLGAHPDEEGTWFCVWAPHADAVSVLGAFNNWDPEAHQLERYGAGLWAGYVPGALPGH
AYKYRIRHGFYQADKTDPYAFAMEPPTGSPIEGLASIITRLDYTWHDDAWMQRRKGPASLYEPVSIYEVHLGSWRHKQPG
VSFSYREIAEPLADYVQDLGFTHVELLPIMEHPYYGSWGYQVVGYYAPTFRYGTPQDLMYLIDYLHQRGIGVILDWVPSH
FAADPQGLVYFDGTTLFEYDDPRMRHHPDWGTYVFDYNKPGVRNFLISNALFWLDYYHVDGLRVDAVASMLYRDYSRKEW
TPNIFGGRENLEAIDFIKKFNETVYLHFPEAITIAEESTAWPGVSAPTYNNGLGFLYKWNMGWMHDTLDYMRRDPVHRKY
HHDTLTFSLWYAFSEHYILPLSHDEVVHGKGSLWTKMPGDDWQKAANLRLLYGHMWGHPGKKLLFMGGEFGQHHEWNHDT
QLEWHLLDQPYHRGIQAWVRDLNHLYRTHPALWHDGPEGFEWIDFNDRDQSVICYLRKHTDRLLLFVLNFTPVPREHYRV
GVPIGGPWREVLNSDAVAYGGSGMGNFGRVEAVPESWHGRPFHLELTLPPLAILILEPES
;
_entity_poly.pdbx_strand_id   A,B,C,D,E,F,G,H
#
# COMPACT_ATOMS: atom_id res chain seq x y z
N SER A 2 -15.40 19.84 -43.92
CA SER A 2 -14.18 19.04 -43.88
C SER A 2 -13.97 18.61 -42.43
N TRP A 3 -13.35 17.45 -42.23
CA TRP A 3 -12.98 17.09 -40.87
C TRP A 3 -11.86 18.00 -40.39
N LEU A 4 -10.96 18.40 -41.28
CA LEU A 4 -9.78 19.19 -40.95
C LEU A 4 -9.95 20.63 -41.45
N THR A 5 -9.84 21.59 -40.53
CA THR A 5 -9.75 23.00 -40.87
C THR A 5 -8.40 23.36 -41.49
N GLU A 6 -8.39 24.42 -42.28
CA GLU A 6 -7.12 24.92 -42.81
C GLU A 6 -6.19 25.37 -41.69
N GLU A 7 -6.75 25.77 -40.54
CA GLU A 7 -5.91 25.99 -39.38
C GLU A 7 -5.37 24.67 -38.84
N ASP A 8 -6.20 23.63 -38.86
CA ASP A 8 -5.75 22.32 -38.38
C ASP A 8 -4.55 21.82 -39.15
N ILE A 9 -4.58 21.95 -40.48
CA ILE A 9 -3.42 21.57 -41.29
C ILE A 9 -2.25 22.52 -41.07
N ARG A 10 -2.54 23.80 -40.86
CA ARG A 10 -1.46 24.76 -40.69
C ARG A 10 -0.63 24.45 -39.45
N ARG A 11 -1.29 24.10 -38.34
CA ARG A 11 -0.56 23.76 -37.12
C ARG A 11 0.13 22.41 -37.19
N TRP A 12 -0.45 21.43 -37.89
CA TRP A 12 0.25 20.15 -38.05
C TRP A 12 1.56 20.35 -38.81
N GLU A 13 1.55 21.17 -39.86
CA GLU A 13 2.78 21.47 -40.58
C GLU A 13 3.75 22.25 -39.71
N SER A 14 3.23 23.12 -38.83
CA SER A 14 4.09 23.92 -37.97
C SER A 14 4.69 23.13 -36.82
N GLY A 15 4.14 21.96 -36.51
CA GLY A 15 4.44 21.30 -35.25
C GLY A 15 3.88 22.00 -34.04
N THR A 16 2.79 22.74 -34.19
CA THR A 16 2.16 23.47 -33.11
C THR A 16 0.80 22.86 -32.76
N PHE A 17 0.46 21.74 -33.41
CA PHE A 17 -0.83 21.09 -33.18
C PHE A 17 -0.66 20.18 -31.97
N TYR A 18 -0.79 20.79 -30.79
CA TYR A 18 -0.63 20.08 -29.52
C TYR A 18 -1.94 19.50 -29.04
N ASP A 19 -3.00 19.72 -29.82
CA ASP A 19 -4.29 19.08 -29.60
C ASP A 19 -4.52 17.94 -30.56
N SER A 20 -3.48 17.48 -31.28
CA SER A 20 -3.70 16.61 -32.42
C SER A 20 -4.51 15.37 -32.06
N TYR A 21 -4.52 14.96 -30.79
CA TYR A 21 -5.41 13.87 -30.41
C TYR A 21 -6.88 14.27 -30.58
N ARG A 22 -7.19 15.56 -30.52
CA ARG A 22 -8.55 16.01 -30.78
C ARG A 22 -8.99 15.74 -32.21
N LYS A 23 -8.05 15.58 -33.14
CA LYS A 23 -8.45 15.44 -34.54
C LYS A 23 -7.91 14.17 -35.21
N LEU A 24 -6.74 13.69 -34.82
CA LEU A 24 -6.20 12.48 -35.41
C LEU A 24 -6.61 11.24 -34.63
N GLY A 25 -6.60 10.10 -35.32
CA GLY A 25 -7.12 8.86 -34.79
C GLY A 25 -8.58 8.62 -35.18
N ALA A 26 -9.30 7.86 -34.36
CA ALA A 26 -10.68 7.51 -34.63
C ALA A 26 -11.60 8.24 -33.65
N HIS A 27 -12.54 8.99 -34.21
CA HIS A 27 -13.43 9.84 -33.38
C HIS A 27 -14.89 9.46 -33.62
N PRO A 28 -15.54 8.79 -32.65
CA PRO A 28 -16.91 8.34 -32.82
C PRO A 28 -17.94 9.43 -32.98
N ASP A 29 -18.93 9.19 -33.85
CA ASP A 29 -20.05 10.14 -34.11
C ASP A 29 -21.27 9.25 -33.98
N GLU A 30 -22.47 9.81 -33.81
CA GLU A 30 -23.60 8.90 -33.51
C GLU A 30 -23.84 7.88 -34.64
N GLU A 31 -23.76 8.26 -35.92
CA GLU A 31 -23.92 7.21 -36.96
C GLU A 31 -22.58 6.63 -37.48
N GLY A 32 -21.43 7.25 -37.18
CA GLY A 32 -20.17 6.80 -37.80
C GLY A 32 -18.93 7.28 -37.08
N THR A 33 -17.75 6.76 -37.45
CA THR A 33 -16.50 7.26 -36.84
C THR A 33 -15.67 8.06 -37.85
N TRP A 34 -15.10 9.21 -37.43
CA TRP A 34 -14.17 9.94 -38.26
C TRP A 34 -12.79 9.32 -38.10
N PHE A 35 -12.08 9.19 -39.21
CA PHE A 35 -10.75 8.61 -39.23
C PHE A 35 -9.77 9.64 -39.78
N CYS A 36 -8.62 9.79 -39.11
CA CYS A 36 -7.60 10.75 -39.50
C CYS A 36 -6.23 10.16 -39.26
N VAL A 37 -5.37 10.19 -40.29
CA VAL A 37 -4.08 9.55 -40.23
C VAL A 37 -3.02 10.49 -40.79
N TRP A 38 -1.80 10.40 -40.25
CA TRP A 38 -0.66 11.13 -40.80
C TRP A 38 0.14 10.14 -41.64
N ALA A 39 0.16 10.37 -42.95
CA ALA A 39 0.88 9.48 -43.88
C ALA A 39 1.36 10.27 -45.09
N PRO A 40 2.45 11.02 -44.94
CA PRO A 40 2.85 11.93 -46.03
C PRO A 40 3.31 11.24 -47.31
N HIS A 41 4.03 10.12 -47.22
CA HIS A 41 4.53 9.43 -48.40
C HIS A 41 3.62 8.29 -48.83
N ALA A 42 2.33 8.39 -48.55
CA ALA A 42 1.36 7.37 -48.93
C ALA A 42 0.64 7.76 -50.21
N ASP A 43 0.45 6.79 -51.09
CA ASP A 43 -0.36 7.00 -52.28
C ASP A 43 -1.85 6.76 -52.04
N ALA A 44 -2.19 5.89 -51.08
CA ALA A 44 -3.58 5.64 -50.74
C ALA A 44 -3.66 5.15 -49.30
N VAL A 45 -4.77 5.46 -48.63
CA VAL A 45 -5.03 5.03 -47.27
C VAL A 45 -6.50 4.64 -47.15
N SER A 46 -6.76 3.49 -46.53
CA SER A 46 -8.12 2.98 -46.40
C SER A 46 -8.33 2.44 -44.99
N VAL A 47 -9.56 2.59 -44.49
CA VAL A 47 -9.96 2.05 -43.20
C VAL A 47 -10.69 0.73 -43.41
N LEU A 48 -10.23 -0.31 -42.72
CA LEU A 48 -10.78 -1.66 -42.85
C LEU A 48 -11.32 -2.12 -41.50
N GLY A 49 -12.47 -2.80 -41.52
CA GLY A 49 -13.10 -3.23 -40.29
C GLY A 49 -14.30 -4.11 -40.56
N ALA A 50 -14.86 -4.64 -39.47
CA ALA A 50 -16.13 -5.38 -39.58
C ALA A 50 -17.20 -4.55 -40.26
N PHE A 51 -17.14 -3.21 -40.12
CA PHE A 51 -18.14 -2.31 -40.68
C PHE A 51 -18.09 -2.22 -42.20
N ASN A 52 -17.15 -2.90 -42.85
CA ASN A 52 -17.15 -2.92 -44.31
C ASN A 52 -16.67 -4.26 -44.86
N ASN A 53 -16.79 -5.35 -44.09
CA ASN A 53 -16.34 -6.66 -44.52
C ASN A 53 -14.88 -6.60 -44.95
N TRP A 54 -14.11 -5.74 -44.28
CA TRP A 54 -12.67 -5.60 -44.53
C TRP A 54 -12.38 -5.29 -45.99
N ASP A 55 -13.21 -4.43 -46.59
CA ASP A 55 -13.07 -4.07 -47.99
C ASP A 55 -12.12 -2.87 -48.12
N PRO A 56 -11.03 -2.99 -48.87
CA PRO A 56 -10.08 -1.88 -48.97
C PRO A 56 -10.59 -0.70 -49.78
N GLU A 57 -11.54 -0.90 -50.69
CA GLU A 57 -12.09 0.18 -51.49
C GLU A 57 -13.37 0.76 -50.92
N ALA A 58 -13.87 0.22 -49.81
CA ALA A 58 -15.13 0.72 -49.26
C ALA A 58 -14.98 2.16 -48.79
N HIS A 59 -13.91 2.43 -48.02
CA HIS A 59 -13.76 3.78 -47.43
C HIS A 59 -12.31 4.25 -47.58
N GLN A 60 -11.89 4.55 -48.81
CA GLN A 60 -10.52 5.11 -48.98
C GLN A 60 -10.48 6.51 -48.37
N LEU A 61 -9.42 6.81 -47.63
CA LEU A 61 -9.24 8.14 -47.00
C LEU A 61 -8.87 9.19 -48.06
N GLU A 62 -9.20 10.45 -47.80
CA GLU A 62 -8.90 11.53 -48.76
C GLU A 62 -7.88 12.49 -48.12
N ARG A 63 -6.80 12.84 -48.84
CA ARG A 63 -5.80 13.69 -48.16
C ARG A 63 -6.43 15.07 -47.93
N TYR A 64 -6.38 15.58 -46.70
CA TYR A 64 -6.99 16.90 -46.37
C TYR A 64 -5.93 17.99 -46.23
N GLY A 65 -4.65 17.66 -46.36
CA GLY A 65 -3.60 18.66 -46.10
C GLY A 65 -2.24 18.04 -46.29
N ALA A 66 -1.19 18.62 -45.68
CA ALA A 66 0.08 18.02 -46.01
C ALA A 66 0.28 16.78 -45.14
N GLY A 67 0.27 15.61 -45.77
CA GLY A 67 0.46 14.31 -45.18
C GLY A 67 -0.65 13.80 -44.29
N LEU A 68 -1.76 14.52 -44.18
CA LEU A 68 -2.92 14.05 -43.44
C LEU A 68 -3.99 13.48 -44.36
N TRP A 69 -4.54 12.34 -43.98
CA TRP A 69 -5.65 11.72 -44.68
C TRP A 69 -6.84 11.73 -43.73
N ALA A 70 -8.03 12.00 -44.24
CA ALA A 70 -9.20 12.06 -43.38
C ALA A 70 -10.41 11.52 -44.13
N GLY A 71 -11.32 10.91 -43.37
CA GLY A 71 -12.54 10.41 -43.99
C GLY A 71 -13.48 9.91 -42.92
N TYR A 72 -14.75 9.86 -43.29
CA TYR A 72 -15.82 9.42 -42.40
C TYR A 72 -16.34 8.06 -42.84
N VAL A 73 -16.62 7.18 -41.88
CA VAL A 73 -17.18 5.87 -42.18
C VAL A 73 -18.49 5.70 -41.41
N PRO A 74 -19.64 5.76 -42.09
CA PRO A 74 -20.90 5.44 -41.41
C PRO A 74 -20.98 3.97 -41.06
N GLY A 75 -21.47 3.70 -39.85
CA GLY A 75 -21.59 2.34 -39.35
C GLY A 75 -20.40 1.83 -38.57
N ALA A 76 -19.27 2.53 -38.60
CA ALA A 76 -18.20 2.25 -37.65
C ALA A 76 -18.55 2.89 -36.31
N LEU A 77 -18.69 2.08 -35.28
CA LEU A 77 -19.26 2.52 -34.01
C LEU A 77 -18.29 2.15 -32.89
N PRO A 78 -18.44 2.74 -31.70
CA PRO A 78 -17.51 2.43 -30.61
C PRO A 78 -17.44 0.94 -30.34
N GLY A 79 -16.23 0.47 -30.01
CA GLY A 79 -15.97 -0.95 -29.81
C GLY A 79 -15.65 -1.76 -31.06
N HIS A 80 -15.72 -1.17 -32.25
CA HIS A 80 -15.30 -1.90 -33.44
C HIS A 80 -13.78 -1.86 -33.58
N ALA A 81 -13.23 -2.95 -34.11
CA ALA A 81 -11.81 -2.97 -34.42
C ALA A 81 -11.63 -2.45 -35.84
N TYR A 82 -10.55 -1.69 -36.04
CA TYR A 82 -10.31 -1.06 -37.32
C TYR A 82 -8.84 -1.16 -37.64
N LYS A 83 -8.50 -0.73 -38.86
CA LYS A 83 -7.18 -0.96 -39.42
C LYS A 83 -6.94 0.05 -40.53
N TYR A 84 -5.69 0.44 -40.69
CA TYR A 84 -5.27 1.29 -41.80
C TYR A 84 -4.52 0.46 -42.82
N ARG A 85 -4.90 0.61 -44.08
CA ARG A 85 -4.22 -0.01 -45.22
C ARG A 85 -3.54 1.09 -46.00
N ILE A 86 -2.21 1.16 -45.91
CA ILE A 86 -1.41 2.20 -46.53
C ILE A 86 -0.70 1.60 -47.74
N ARG A 87 -0.71 2.33 -48.85
CA ARG A 87 -0.13 1.86 -50.10
C ARG A 87 1.10 2.68 -50.45
N HIS A 88 2.25 2.02 -50.52
CA HIS A 88 3.51 2.62 -50.98
C HIS A 88 3.81 2.05 -52.37
N GLY A 89 3.27 2.70 -53.39
CA GLY A 89 3.50 2.26 -54.77
C GLY A 89 3.09 0.80 -54.98
N PHE A 90 4.08 -0.02 -55.31
CA PHE A 90 3.84 -1.42 -55.64
C PHE A 90 3.27 -2.18 -54.45
N TYR A 91 3.58 -1.74 -53.23
CA TYR A 91 3.28 -2.47 -52.00
C TYR A 91 2.28 -1.73 -51.12
N GLN A 92 1.42 -2.50 -50.45
CA GLN A 92 0.53 -2.00 -49.40
C GLN A 92 0.65 -2.86 -48.16
N ALA A 93 0.31 -2.28 -47.01
CA ALA A 93 0.45 -2.96 -45.73
C ALA A 93 -0.64 -2.50 -44.77
N ASP A 94 -1.01 -3.38 -43.85
CA ASP A 94 -1.96 -3.06 -42.79
C ASP A 94 -1.23 -2.52 -41.57
N LYS A 95 -1.75 -1.43 -41.01
CA LYS A 95 -1.13 -0.75 -39.87
C LYS A 95 -2.15 -0.47 -38.78
N THR A 96 -1.66 -0.34 -37.55
CA THR A 96 -2.46 0.13 -36.43
C THR A 96 -2.57 1.64 -36.44
N ASP A 97 -3.55 2.14 -35.71
CA ASP A 97 -3.68 3.57 -35.53
C ASP A 97 -2.64 4.07 -34.53
N PRO A 98 -1.75 4.98 -34.92
CA PRO A 98 -0.83 5.56 -33.93
C PRO A 98 -1.55 6.35 -32.85
N TYR A 99 -2.68 6.98 -33.19
CA TYR A 99 -3.47 7.75 -32.26
C TYR A 99 -4.60 6.93 -31.64
N ALA A 100 -4.53 5.60 -31.72
CA ALA A 100 -5.56 4.76 -31.15
C ALA A 100 -5.75 5.05 -29.67
N PHE A 101 -7.01 5.22 -29.26
CA PHE A 101 -7.31 5.51 -27.86
C PHE A 101 -7.49 4.24 -27.03
N ALA A 102 -7.65 3.09 -27.67
CA ALA A 102 -7.69 1.81 -26.98
C ALA A 102 -7.33 0.73 -27.97
N MET A 103 -6.59 -0.28 -27.49
CA MET A 103 -6.23 -1.42 -28.32
C MET A 103 -6.50 -2.70 -27.56
N GLU A 104 -6.76 -3.76 -28.31
CA GLU A 104 -7.10 -5.06 -27.76
C GLU A 104 -6.51 -6.13 -28.66
N PRO A 105 -6.08 -7.25 -28.09
CA PRO A 105 -5.49 -8.30 -28.92
C PRO A 105 -6.56 -9.19 -29.51
N PRO A 106 -6.61 -9.30 -30.85
CA PRO A 106 -7.61 -10.18 -31.46
C PRO A 106 -7.39 -11.66 -31.16
N THR A 107 -6.12 -12.10 -31.10
CA THR A 107 -5.81 -13.50 -30.79
C THR A 107 -6.21 -13.83 -29.36
N GLY A 108 -6.23 -12.84 -28.47
CA GLY A 108 -6.28 -13.00 -27.04
C GLY A 108 -4.92 -12.88 -26.37
N SER A 109 -3.86 -13.04 -27.14
CA SER A 109 -2.53 -12.81 -26.63
C SER A 109 -1.95 -11.57 -27.30
N PRO A 110 -1.30 -10.69 -26.55
CA PRO A 110 -0.79 -9.44 -27.16
C PRO A 110 0.35 -9.67 -28.13
N ILE A 111 1.22 -10.63 -27.82
CA ILE A 111 2.48 -10.73 -28.54
C ILE A 111 2.23 -11.22 -29.98
N GLU A 112 1.07 -11.83 -30.26
CA GLU A 112 0.77 -12.29 -31.61
C GLU A 112 0.12 -11.20 -32.44
N GLY A 113 -0.57 -10.26 -31.80
CA GLY A 113 -1.24 -9.19 -32.52
C GLY A 113 -1.96 -8.21 -31.62
N LEU A 114 -1.98 -6.94 -32.00
CA LEU A 114 -2.65 -5.88 -31.26
C LEU A 114 -3.42 -5.03 -32.26
N ALA A 115 -4.71 -4.78 -31.97
CA ALA A 115 -5.57 -4.10 -32.92
C ALA A 115 -6.24 -2.89 -32.28
N SER A 116 -6.47 -1.87 -33.11
CA SER A 116 -7.10 -0.63 -32.68
C SER A 116 -8.60 -0.80 -32.46
N ILE A 117 -9.13 -0.12 -31.44
CA ILE A 117 -10.54 -0.18 -31.08
C ILE A 117 -11.11 1.23 -31.13
N ILE A 118 -12.28 1.38 -31.76
CA ILE A 118 -12.98 2.66 -31.73
C ILE A 118 -13.41 2.93 -30.30
N THR A 119 -13.10 4.11 -29.79
CA THR A 119 -13.28 4.38 -28.38
C THR A 119 -13.87 5.76 -28.14
N ARG A 120 -14.73 5.85 -27.14
CA ARG A 120 -15.21 7.11 -26.61
C ARG A 120 -14.61 7.30 -25.22
N LEU A 121 -14.09 8.48 -24.96
CA LEU A 121 -13.33 8.72 -23.74
C LEU A 121 -14.15 9.46 -22.68
N ASP A 122 -15.46 9.53 -22.86
CA ASP A 122 -16.33 10.15 -21.87
C ASP A 122 -16.12 9.53 -20.49
N TYR A 123 -15.88 10.40 -19.52
CA TYR A 123 -15.73 10.00 -18.13
C TYR A 123 -16.15 11.15 -17.25
N THR A 124 -16.87 10.84 -16.18
CA THR A 124 -17.29 11.86 -15.22
C THR A 124 -16.39 11.75 -14.00
N TRP A 125 -15.65 12.81 -13.72
CA TRP A 125 -14.64 12.85 -12.68
C TRP A 125 -15.21 13.39 -11.38
N HIS A 126 -14.61 13.00 -10.27
CA HIS A 126 -14.97 13.55 -8.97
C HIS A 126 -13.74 14.07 -8.23
N ASP A 127 -12.70 14.46 -8.96
CA ASP A 127 -11.43 14.86 -8.36
C ASP A 127 -11.17 16.36 -8.42
N ASP A 128 -12.21 17.18 -8.62
CA ASP A 128 -12.04 18.62 -8.61
C ASP A 128 -11.25 19.09 -7.40
N ALA A 129 -11.60 18.60 -6.21
CA ALA A 129 -10.95 19.06 -4.99
C ALA A 129 -9.45 18.80 -5.03
N TRP A 130 -9.04 17.62 -5.49
CA TRP A 130 -7.62 17.31 -5.59
C TRP A 130 -6.93 18.22 -6.59
N MET A 131 -7.58 18.47 -7.72
CA MET A 131 -6.96 19.25 -8.82
C MET A 131 -6.50 20.63 -8.33
N GLN A 132 -7.38 21.37 -7.65
CA GLN A 132 -7.02 22.71 -7.13
C GLN A 132 -5.89 22.57 -6.10
N ARG A 133 -5.97 21.55 -5.26
CA ARG A 133 -4.97 21.32 -4.19
C ARG A 133 -3.55 21.06 -4.69
N ARG A 134 -3.37 20.33 -5.80
CA ARG A 134 -1.99 19.91 -6.15
C ARG A 134 -1.07 21.12 -6.32
N LYS A 135 0.09 21.11 -5.64
CA LYS A 135 1.10 22.19 -5.71
C LYS A 135 1.79 22.30 -7.07
N GLY A 136 2.29 21.20 -7.63
CA GLY A 136 3.07 21.25 -8.90
C GLY A 136 4.49 21.77 -8.72
N PRO A 137 4.84 22.96 -9.24
CA PRO A 137 6.15 23.58 -9.06
C PRO A 137 6.39 23.88 -7.59
N ALA A 138 5.34 24.26 -6.87
CA ALA A 138 5.40 24.60 -5.42
C ALA A 138 5.80 23.35 -4.64
N SER A 139 5.66 22.17 -5.24
CA SER A 139 5.92 20.87 -4.56
C SER A 139 7.38 20.81 -4.12
N LEU A 140 8.26 21.61 -4.74
CA LEU A 140 9.70 21.59 -4.40
C LEU A 140 9.82 21.93 -2.92
N TYR A 141 8.99 22.87 -2.43
CA TYR A 141 9.01 23.27 -1.00
C TYR A 141 8.10 22.36 -0.16
N GLU A 142 7.42 21.40 -0.79
CA GLU A 142 6.53 20.45 -0.07
C GLU A 142 7.16 19.05 -0.02
N PRO A 143 6.65 18.10 0.81
CA PRO A 143 7.16 16.73 0.82
C PRO A 143 6.65 15.94 -0.38
N VAL A 144 7.59 15.36 -1.13
CA VAL A 144 7.21 14.51 -2.28
C VAL A 144 7.75 13.09 -2.02
N SER A 145 6.88 12.19 -1.56
CA SER A 145 7.31 10.78 -1.40
C SER A 145 6.58 9.98 -2.47
N ILE A 146 7.33 9.23 -3.29
CA ILE A 146 6.68 8.53 -4.43
C ILE A 146 6.83 7.02 -4.27
N TYR A 147 5.73 6.28 -4.44
CA TYR A 147 5.86 4.80 -4.42
C TYR A 147 5.84 4.38 -5.87
N GLU A 148 6.91 3.71 -6.29
CA GLU A 148 7.02 3.28 -7.71
C GLU A 148 6.28 1.95 -7.80
N VAL A 149 5.54 1.72 -8.87
CA VAL A 149 4.68 0.54 -8.96
C VAL A 149 4.67 -0.02 -10.37
N HIS A 150 4.69 -1.35 -10.48
CA HIS A 150 4.24 -2.06 -11.67
C HIS A 150 2.88 -2.67 -11.34
N LEU A 151 1.84 -2.22 -12.04
CA LEU A 151 0.47 -2.58 -11.65
C LEU A 151 0.25 -4.08 -11.74
N GLY A 152 0.75 -4.71 -12.79
CA GLY A 152 0.61 -6.15 -12.93
C GLY A 152 1.40 -6.95 -11.91
N SER A 153 2.56 -6.43 -11.50
CA SER A 153 3.46 -7.17 -10.62
C SER A 153 3.11 -7.02 -9.14
N TRP A 154 2.34 -6.01 -8.77
CA TRP A 154 2.16 -5.63 -7.38
C TRP A 154 1.43 -6.70 -6.57
N ARG A 155 0.15 -6.92 -6.86
CA ARG A 155 -0.64 -7.94 -6.20
C ARG A 155 -1.45 -8.71 -7.22
N HIS A 156 -1.65 -10.00 -6.96
CA HIS A 156 -2.44 -10.86 -7.83
C HIS A 156 -3.68 -11.35 -7.08
N LYS A 157 -4.84 -11.32 -7.75
CA LYS A 157 -6.05 -11.83 -7.12
C LYS A 157 -6.01 -13.34 -7.00
N GLN A 158 -5.36 -13.97 -7.95
CA GLN A 158 -5.24 -15.41 -8.11
C GLN A 158 -3.84 -15.59 -8.67
N PRO A 159 -3.22 -16.75 -8.48
CA PRO A 159 -1.83 -16.90 -8.91
C PRO A 159 -1.69 -16.63 -10.39
N GLY A 160 -0.82 -15.68 -10.73
CA GLY A 160 -0.59 -15.29 -12.11
C GLY A 160 -1.62 -14.38 -12.75
N VAL A 161 -2.51 -13.76 -11.99
CA VAL A 161 -3.55 -12.89 -12.55
C VAL A 161 -3.46 -11.55 -11.84
N SER A 162 -3.20 -10.49 -12.61
CA SER A 162 -3.02 -9.17 -12.03
C SER A 162 -4.37 -8.58 -11.61
N PHE A 163 -4.31 -7.49 -10.85
CA PHE A 163 -5.51 -6.78 -10.48
C PHE A 163 -5.94 -5.87 -11.63
N SER A 164 -7.26 -5.74 -11.80
CA SER A 164 -7.80 -4.79 -12.76
C SER A 164 -7.43 -3.37 -12.34
N TYR A 165 -7.63 -2.43 -13.27
CA TYR A 165 -7.50 -1.02 -12.91
C TYR A 165 -8.42 -0.71 -11.74
N ARG A 166 -9.66 -1.19 -11.82
CA ARG A 166 -10.63 -0.99 -10.75
C ARG A 166 -10.27 -1.79 -9.51
N GLU A 167 -9.97 -3.08 -9.70
CA GLU A 167 -9.73 -3.96 -8.56
C GLU A 167 -8.53 -3.48 -7.74
N ILE A 168 -7.52 -2.92 -8.40
CA ILE A 168 -6.33 -2.44 -7.68
C ILE A 168 -6.62 -1.18 -6.88
N ALA A 169 -7.58 -0.34 -7.32
CA ALA A 169 -7.72 1.01 -6.79
C ALA A 169 -7.78 1.04 -5.27
N GLU A 170 -8.76 0.33 -4.70
CA GLU A 170 -8.99 0.39 -3.25
C GLU A 170 -7.86 -0.25 -2.45
N PRO A 171 -7.32 -1.41 -2.83
CA PRO A 171 -6.16 -1.94 -2.08
C PRO A 171 -4.94 -1.02 -2.14
N LEU A 172 -4.62 -0.48 -3.31
CA LEU A 172 -3.46 0.37 -3.44
C LEU A 172 -3.64 1.67 -2.66
N ALA A 173 -4.83 2.28 -2.77
CA ALA A 173 -5.09 3.51 -2.03
C ALA A 173 -4.95 3.29 -0.53
N ASP A 174 -5.56 2.22 -0.01
CA ASP A 174 -5.41 1.91 1.42
C ASP A 174 -3.94 1.68 1.76
N TYR A 175 -3.22 0.96 0.90
CA TYR A 175 -1.81 0.69 1.15
C TYR A 175 -1.00 1.97 1.17
N VAL A 176 -1.18 2.83 0.16
CA VAL A 176 -0.36 4.03 0.05
C VAL A 176 -0.58 4.99 1.21
N GLN A 177 -1.83 5.15 1.68
CA GLN A 177 -2.05 6.05 2.80
C GLN A 177 -1.43 5.53 4.08
N ASP A 178 -1.60 4.24 4.35
CA ASP A 178 -1.10 3.68 5.60
C ASP A 178 0.40 3.89 5.75
N LEU A 179 1.14 3.85 4.64
CA LEU A 179 2.58 4.08 4.68
C LEU A 179 2.95 5.53 4.40
N GLY A 180 2.00 6.37 4.02
CA GLY A 180 2.22 7.81 3.94
C GLY A 180 2.88 8.35 2.69
N PHE A 181 2.86 7.62 1.58
CA PHE A 181 3.43 8.15 0.34
C PHE A 181 2.52 9.21 -0.27
N THR A 182 3.11 10.16 -1.00
CA THR A 182 2.32 11.28 -1.55
C THR A 182 1.85 11.00 -2.97
N HIS A 183 2.68 10.34 -3.79
CA HIS A 183 2.31 10.03 -5.15
C HIS A 183 2.61 8.57 -5.44
N VAL A 184 1.94 8.04 -6.45
CA VAL A 184 2.32 6.76 -7.04
C VAL A 184 2.86 7.06 -8.44
N GLU A 185 4.03 6.50 -8.73
CA GLU A 185 4.61 6.58 -10.06
C GLU A 185 4.38 5.24 -10.74
N LEU A 186 3.71 5.28 -11.88
CA LEU A 186 3.35 4.07 -12.62
C LEU A 186 4.31 3.85 -13.76
N LEU A 187 4.91 2.66 -13.79
CA LEU A 187 5.69 2.17 -14.91
C LEU A 187 4.80 2.23 -16.15
N PRO A 188 5.37 2.40 -17.36
CA PRO A 188 4.53 2.79 -18.50
C PRO A 188 3.30 1.89 -18.67
N ILE A 189 2.12 2.49 -18.56
CA ILE A 189 0.84 1.80 -18.79
C ILE A 189 0.43 1.82 -20.24
N MET A 190 1.15 2.58 -21.08
CA MET A 190 0.74 2.69 -22.47
C MET A 190 0.82 1.33 -23.13
N GLU A 191 -0.08 1.12 -24.09
CA GLU A 191 -0.22 -0.21 -24.67
C GLU A 191 1.10 -0.67 -25.24
N HIS A 192 1.49 -1.90 -24.87
CA HIS A 192 2.75 -2.46 -25.27
C HIS A 192 2.56 -3.95 -25.58
N PRO A 193 3.23 -4.45 -26.61
CA PRO A 193 3.04 -5.86 -26.99
C PRO A 193 3.63 -6.82 -25.97
N TYR A 194 4.88 -6.58 -25.58
CA TYR A 194 5.62 -7.47 -24.70
C TYR A 194 5.45 -7.05 -23.23
N TYR A 195 4.78 -7.89 -22.44
CA TYR A 195 4.68 -7.66 -21.00
C TYR A 195 6.05 -7.57 -20.35
N GLY A 196 7.00 -8.40 -20.80
CA GLY A 196 8.33 -8.41 -20.22
C GLY A 196 9.12 -7.14 -20.45
N SER A 197 8.68 -6.31 -21.41
CA SER A 197 9.27 -4.99 -21.59
C SER A 197 8.96 -4.07 -20.43
N TRP A 198 8.01 -4.44 -19.56
CA TRP A 198 7.48 -3.65 -18.46
C TRP A 198 6.69 -2.44 -18.96
N GLY A 199 6.48 -2.33 -20.27
CA GLY A 199 5.80 -1.21 -20.85
C GLY A 199 6.71 -0.22 -21.53
N TYR A 200 8.02 -0.43 -21.47
CA TYR A 200 8.98 0.53 -22.02
C TYR A 200 9.16 0.41 -23.53
N GLN A 201 8.69 -0.67 -24.13
CA GLN A 201 8.60 -0.76 -25.58
C GLN A 201 7.13 -0.54 -25.93
N VAL A 202 6.82 0.68 -26.36
CA VAL A 202 5.45 1.18 -26.44
C VAL A 202 5.01 1.15 -27.89
N VAL A 203 3.82 0.61 -28.12
CA VAL A 203 3.17 0.68 -29.43
C VAL A 203 1.97 1.63 -29.39
N GLY A 204 1.21 1.64 -28.31
CA GLY A 204 0.05 2.50 -28.19
C GLY A 204 0.22 3.65 -27.22
N TYR A 205 0.78 4.77 -27.70
CA TYR A 205 1.04 5.92 -26.83
C TYR A 205 -0.25 6.55 -26.31
N TYR A 206 -1.33 6.49 -27.07
CA TYR A 206 -2.59 7.09 -26.67
C TYR A 206 -3.57 6.09 -26.08
N ALA A 207 -3.14 4.85 -25.85
CA ALA A 207 -4.01 3.80 -25.36
C ALA A 207 -3.46 3.22 -24.07
N PRO A 208 -4.23 3.21 -22.97
CA PRO A 208 -3.81 2.45 -21.79
C PRO A 208 -3.89 0.96 -22.10
N THR A 209 -2.96 0.21 -21.51
CA THR A 209 -2.85 -1.20 -21.83
C THR A 209 -4.12 -1.95 -21.47
N PHE A 210 -4.52 -2.87 -22.35
CA PHE A 210 -5.72 -3.66 -22.14
C PHE A 210 -5.61 -4.58 -20.94
N ARG A 211 -4.38 -4.93 -20.55
CA ARG A 211 -4.14 -5.96 -19.54
C ARG A 211 -4.94 -5.70 -18.27
N TYR A 212 -5.22 -4.44 -17.96
CA TYR A 212 -5.91 -4.09 -16.72
C TYR A 212 -7.32 -3.57 -16.92
N GLY A 213 -7.79 -3.43 -18.17
CA GLY A 213 -9.19 -3.10 -18.36
C GLY A 213 -9.38 -2.06 -19.43
N THR A 214 -10.56 -1.43 -19.38
CA THR A 214 -10.94 -0.40 -20.33
C THR A 214 -10.20 0.91 -20.00
N PRO A 215 -10.11 1.84 -20.97
CA PRO A 215 -9.57 3.18 -20.65
C PRO A 215 -10.23 3.84 -19.46
N GLN A 216 -11.56 3.79 -19.39
CA GLN A 216 -12.28 4.41 -18.28
C GLN A 216 -11.90 3.77 -16.95
N ASP A 217 -11.55 2.48 -16.96
CA ASP A 217 -11.06 1.83 -15.74
C ASP A 217 -9.81 2.51 -15.20
N LEU A 218 -8.86 2.84 -16.08
CA LEU A 218 -7.68 3.56 -15.61
C LEU A 218 -8.06 4.96 -15.15
N MET A 219 -8.97 5.61 -15.88
CA MET A 219 -9.49 6.89 -15.46
C MET A 219 -10.11 6.80 -14.06
N TYR A 220 -10.86 5.72 -13.80
CA TYR A 220 -11.44 5.51 -12.48
C TYR A 220 -10.37 5.38 -11.41
N LEU A 221 -9.33 4.59 -11.70
CA LEU A 221 -8.24 4.39 -10.74
C LEU A 221 -7.59 5.71 -10.35
N ILE A 222 -7.21 6.51 -11.34
CA ILE A 222 -6.59 7.81 -11.07
C ILE A 222 -7.56 8.70 -10.30
N ASP A 223 -8.82 8.76 -10.74
CA ASP A 223 -9.85 9.46 -9.98
C ASP A 223 -9.91 8.97 -8.54
N TYR A 224 -9.98 7.65 -8.35
CA TYR A 224 -10.05 7.08 -7.01
C TYR A 224 -8.87 7.56 -6.16
N LEU A 225 -7.65 7.39 -6.68
CA LEU A 225 -6.46 7.82 -5.94
C LEU A 225 -6.49 9.31 -5.63
N HIS A 226 -7.00 10.13 -6.56
CA HIS A 226 -7.04 11.58 -6.33
C HIS A 226 -7.96 11.93 -5.17
N GLN A 227 -9.17 11.37 -5.15
CA GLN A 227 -10.08 11.58 -4.03
C GLN A 227 -9.42 11.22 -2.71
N ARG A 228 -8.61 10.18 -2.72
CA ARG A 228 -7.86 9.76 -1.54
C ARG A 228 -6.63 10.62 -1.29
N GLY A 229 -6.42 11.65 -2.11
CA GLY A 229 -5.33 12.59 -1.90
C GLY A 229 -3.97 12.14 -2.37
N ILE A 230 -3.90 11.19 -3.30
CA ILE A 230 -2.63 10.69 -3.83
C ILE A 230 -2.50 11.12 -5.28
N GLY A 231 -1.30 11.54 -5.65
CA GLY A 231 -1.00 11.90 -7.02
C GLY A 231 -0.47 10.72 -7.82
N VAL A 232 -0.61 10.81 -9.15
CA VAL A 232 -0.19 9.75 -10.06
C VAL A 232 0.82 10.32 -11.04
N ILE A 233 2.03 9.78 -11.05
CA ILE A 233 3.04 10.10 -12.04
C ILE A 233 3.12 8.94 -13.02
N LEU A 234 3.02 9.24 -14.31
CA LEU A 234 3.09 8.22 -15.36
C LEU A 234 4.47 8.22 -15.98
N ASP A 235 4.99 7.02 -16.25
CA ASP A 235 6.22 6.89 -16.99
C ASP A 235 5.95 7.04 -18.48
N TRP A 236 6.74 7.88 -19.14
CA TRP A 236 6.53 8.27 -20.52
C TRP A 236 7.81 8.01 -21.29
N VAL A 237 7.68 7.50 -22.52
CA VAL A 237 8.85 7.04 -23.26
C VAL A 237 8.96 7.79 -24.59
N PRO A 238 9.43 9.05 -24.59
CA PRO A 238 9.65 9.75 -25.85
C PRO A 238 10.95 9.39 -26.55
N SER A 239 11.81 8.58 -25.92
CA SER A 239 13.12 8.30 -26.50
C SER A 239 13.02 7.34 -27.68
N HIS A 240 12.21 6.29 -27.53
CA HIS A 240 12.14 5.24 -28.58
C HIS A 240 10.75 4.63 -28.64
N PHE A 241 10.53 3.78 -29.63
CA PHE A 241 9.19 3.13 -29.82
C PHE A 241 9.41 1.65 -30.05
N ALA A 242 8.39 0.83 -29.76
CA ALA A 242 8.53 -0.63 -29.87
C ALA A 242 8.81 -1.01 -31.32
N ALA A 243 9.41 -2.20 -31.51
CA ALA A 243 9.55 -2.66 -32.91
C ALA A 243 8.35 -3.54 -33.20
N ASP A 244 7.41 -3.04 -33.97
CA ASP A 244 6.24 -3.86 -34.39
C ASP A 244 6.16 -3.75 -35.90
N PRO A 245 6.04 -4.85 -36.67
CA PRO A 245 5.87 -4.69 -38.09
C PRO A 245 4.55 -3.96 -38.23
N GLN A 246 3.56 -4.35 -37.43
CA GLN A 246 2.22 -3.72 -37.44
C GLN A 246 2.21 -2.25 -37.02
N GLY A 247 3.00 -1.85 -36.02
CA GLY A 247 2.85 -0.49 -35.47
C GLY A 247 3.99 0.50 -35.57
N LEU A 248 3.71 1.73 -35.99
CA LEU A 248 4.69 2.86 -35.98
C LEU A 248 5.81 2.69 -37.01
N VAL A 249 6.71 1.74 -36.81
CA VAL A 249 7.89 1.63 -37.72
C VAL A 249 7.44 1.60 -39.18
N TYR A 250 8.15 2.34 -40.05
CA TYR A 250 7.82 2.43 -41.50
C TYR A 250 6.33 2.59 -41.66
N PHE A 251 5.78 3.73 -41.23
CA PHE A 251 4.32 3.84 -41.30
C PHE A 251 3.83 3.92 -42.74
N ASP A 252 4.46 4.75 -43.57
CA ASP A 252 4.04 4.89 -44.96
C ASP A 252 4.63 3.82 -45.86
N GLY A 253 5.30 2.83 -45.29
CA GLY A 253 6.17 2.00 -46.10
C GLY A 253 7.55 2.58 -46.20
N THR A 254 7.75 3.79 -45.67
CA THR A 254 9.05 4.44 -45.60
C THR A 254 9.20 5.01 -44.19
N THR A 255 10.37 5.59 -43.91
CA THR A 255 10.62 6.18 -42.60
C THR A 255 9.64 7.32 -42.30
N LEU A 256 9.03 7.27 -41.12
CA LEU A 256 8.13 8.35 -40.72
C LEU A 256 8.44 8.84 -39.31
N PHE A 257 8.22 8.00 -38.30
CA PHE A 257 8.63 8.37 -36.95
C PHE A 257 10.12 8.16 -36.76
N GLU A 258 10.74 7.35 -37.62
CA GLU A 258 12.16 7.06 -37.65
C GLU A 258 12.91 8.19 -38.36
N TYR A 259 14.23 8.23 -38.12
CA TYR A 259 15.10 9.14 -38.83
C TYR A 259 15.26 8.72 -40.29
N ASP A 260 15.15 9.69 -41.20
CA ASP A 260 15.39 9.43 -42.61
C ASP A 260 16.85 9.05 -42.85
N ASP A 261 17.75 9.68 -42.09
CA ASP A 261 19.18 9.46 -42.21
C ASP A 261 19.53 8.03 -41.80
N PRO A 262 20.46 7.38 -42.52
CA PRO A 262 20.91 6.02 -42.21
C PRO A 262 21.59 5.91 -40.85
N TRP A 270 18.82 1.74 -29.19
CA TRP A 270 17.60 1.29 -29.94
C TRP A 270 17.59 1.88 -31.34
N GLY A 271 18.63 1.62 -32.13
CA GLY A 271 18.72 2.27 -33.45
C GLY A 271 17.59 1.88 -34.36
N THR A 272 17.02 2.84 -35.09
CA THR A 272 15.93 2.63 -36.09
C THR A 272 14.60 2.63 -35.36
N TYR A 273 14.62 2.66 -34.03
CA TYR A 273 13.36 2.76 -33.23
C TYR A 273 13.34 4.11 -32.55
N VAL A 274 14.27 4.97 -32.94
CA VAL A 274 14.38 6.32 -32.30
C VAL A 274 13.48 7.31 -33.05
N PHE A 275 12.81 8.18 -32.30
CA PHE A 275 11.95 9.20 -32.88
C PHE A 275 12.76 10.27 -33.61
N ASP A 276 12.27 10.68 -34.77
CA ASP A 276 12.88 11.78 -35.55
C ASP A 276 12.33 13.11 -35.05
N TYR A 277 13.05 13.74 -34.12
CA TYR A 277 12.61 15.01 -33.58
C TYR A 277 12.72 16.16 -34.58
N ASN A 278 13.34 15.92 -35.75
CA ASN A 278 13.37 16.94 -36.80
C ASN A 278 11.98 17.18 -37.39
N LYS A 279 11.18 16.13 -37.52
CA LYS A 279 9.90 16.24 -38.20
C LYS A 279 8.93 17.04 -37.35
N PRO A 280 8.27 18.06 -37.91
CA PRO A 280 7.21 18.74 -37.15
C PRO A 280 6.09 17.78 -36.75
N GLY A 281 5.79 16.80 -37.59
CA GLY A 281 4.76 15.83 -37.24
C GLY A 281 5.12 14.98 -36.05
N VAL A 282 6.39 14.57 -35.93
CA VAL A 282 6.80 13.73 -34.82
C VAL A 282 6.68 14.48 -33.48
N ARG A 283 7.15 15.73 -33.42
CA ARG A 283 6.99 16.48 -32.19
C ARG A 283 5.51 16.72 -31.89
N ASN A 284 4.74 16.99 -32.93
CA ASN A 284 3.28 17.16 -32.73
C ASN A 284 2.75 15.95 -31.95
N PHE A 285 2.94 14.75 -32.48
CA PHE A 285 2.34 13.55 -31.83
C PHE A 285 2.91 13.35 -30.44
N LEU A 286 4.22 13.50 -30.29
CA LEU A 286 4.87 13.27 -28.98
C LEU A 286 4.41 14.29 -27.93
N ILE A 287 4.31 15.58 -28.28
CA ILE A 287 3.99 16.60 -27.23
C ILE A 287 2.48 16.54 -26.97
N SER A 288 1.70 16.17 -27.99
CA SER A 288 0.24 16.01 -27.79
C SER A 288 0.00 14.83 -26.84
N ASN A 289 0.75 13.75 -26.99
CA ASN A 289 0.61 12.59 -26.06
C ASN A 289 0.93 13.05 -24.64
N ALA A 290 1.95 13.89 -24.48
CA ALA A 290 2.23 14.39 -23.14
C ALA A 290 1.03 15.14 -22.58
N LEU A 291 0.52 16.10 -23.34
CA LEU A 291 -0.67 16.84 -22.91
C LEU A 291 -1.88 15.93 -22.82
N PHE A 292 -1.96 14.91 -23.68
CA PHE A 292 -3.09 13.98 -23.68
C PHE A 292 -3.27 13.32 -22.31
N TRP A 293 -2.17 12.79 -21.73
CA TRP A 293 -2.30 12.11 -20.46
C TRP A 293 -2.66 13.08 -19.33
N LEU A 294 -2.09 14.29 -19.35
CA LEU A 294 -2.48 15.29 -18.36
C LEU A 294 -3.89 15.80 -18.58
N ASP A 295 -4.38 15.77 -19.82
CA ASP A 295 -5.69 16.32 -20.14
C ASP A 295 -6.79 15.30 -19.87
N TYR A 296 -6.77 14.18 -20.58
CA TYR A 296 -7.86 13.21 -20.48
C TYR A 296 -7.78 12.32 -19.25
N TYR A 297 -6.61 12.18 -18.63
CA TYR A 297 -6.46 11.28 -17.49
C TYR A 297 -6.03 12.01 -16.22
N HIS A 298 -6.03 13.34 -16.24
CA HIS A 298 -5.73 14.16 -15.07
C HIS A 298 -4.43 13.75 -14.41
N VAL A 299 -3.48 13.25 -15.20
CA VAL A 299 -2.24 12.75 -14.63
C VAL A 299 -1.46 13.89 -14.02
N ASP A 300 -0.85 13.64 -12.86
CA ASP A 300 -0.15 14.68 -12.13
C ASP A 300 1.28 14.87 -12.61
N GLY A 301 1.90 13.82 -13.14
CA GLY A 301 3.29 13.92 -13.53
C GLY A 301 3.67 12.95 -14.62
N LEU A 302 4.77 13.29 -15.30
CA LEU A 302 5.36 12.45 -16.34
C LEU A 302 6.83 12.29 -16.01
N ARG A 303 7.33 11.06 -16.07
CA ARG A 303 8.76 10.82 -15.84
C ARG A 303 9.37 10.24 -17.10
N VAL A 304 10.37 10.92 -17.64
CA VAL A 304 11.05 10.54 -18.86
C VAL A 304 12.33 9.81 -18.48
N ASP A 305 12.50 8.59 -19.00
CA ASP A 305 13.65 7.75 -18.72
C ASP A 305 14.68 7.85 -19.83
N ALA A 306 15.91 7.41 -19.50
CA ALA A 306 17.01 7.35 -20.46
C ALA A 306 17.10 8.63 -21.29
N VAL A 307 17.13 9.77 -20.58
CA VAL A 307 17.19 11.05 -21.25
C VAL A 307 18.51 11.24 -21.98
N ALA A 308 19.60 10.72 -21.42
CA ALA A 308 20.90 10.85 -22.07
C ALA A 308 20.91 10.23 -23.46
N SER A 309 20.16 9.15 -23.66
CA SER A 309 20.09 8.53 -24.98
C SER A 309 19.44 9.48 -25.99
N MET A 310 18.60 10.39 -25.52
CA MET A 310 18.06 11.43 -26.40
C MET A 310 19.07 12.54 -26.65
N LEU A 311 19.80 12.95 -25.62
CA LEU A 311 20.65 14.14 -25.72
C LEU A 311 21.79 13.93 -26.70
N TYR A 312 22.43 12.77 -26.67
CA TYR A 312 23.57 12.49 -27.52
C TYR A 312 23.15 11.54 -28.64
N ARG A 313 23.98 11.44 -29.66
CA ARG A 313 23.71 10.52 -30.75
C ARG A 313 24.52 9.24 -30.66
N ASP A 314 25.78 9.33 -30.27
CA ASP A 314 26.51 8.15 -29.81
C ASP A 314 26.68 8.21 -28.30
N ILE A 324 32.26 18.74 -40.58
CA ILE A 324 32.25 20.15 -40.27
C ILE A 324 31.62 20.32 -38.87
N PHE A 325 30.42 19.78 -38.69
CA PHE A 325 29.71 19.85 -37.41
C PHE A 325 30.41 18.97 -36.39
N GLY A 326 30.39 17.66 -36.62
CA GLY A 326 31.02 16.71 -35.71
C GLY A 326 30.51 16.84 -34.30
N GLY A 327 29.18 16.79 -34.14
CA GLY A 327 28.56 16.97 -32.83
C GLY A 327 27.79 15.76 -32.37
N ARG A 328 28.17 15.23 -31.20
CA ARG A 328 27.46 14.10 -30.63
C ARG A 328 26.12 14.49 -30.02
N GLU A 329 25.96 15.75 -29.63
CA GLU A 329 24.70 16.14 -29.02
C GLU A 329 23.64 16.18 -30.11
N ASN A 330 22.54 15.47 -29.88
CA ASN A 330 21.43 15.52 -30.82
C ASN A 330 20.65 16.76 -30.48
N LEU A 331 20.78 17.79 -31.30
CA LEU A 331 20.22 19.07 -30.94
C LEU A 331 18.72 19.11 -31.19
N GLU A 332 18.25 18.43 -32.24
CA GLU A 332 16.83 18.10 -32.39
C GLU A 332 16.16 17.74 -31.06
N ALA A 333 16.66 16.68 -30.42
CA ALA A 333 16.04 16.18 -29.20
C ALA A 333 16.08 17.21 -28.09
N ILE A 334 17.18 17.96 -27.99
CA ILE A 334 17.31 18.91 -26.87
C ILE A 334 16.24 20.00 -26.99
N ASP A 335 15.95 20.44 -28.22
CA ASP A 335 14.87 21.40 -28.41
C ASP A 335 13.50 20.75 -28.22
N PHE A 336 13.34 19.48 -28.61
CA PHE A 336 12.10 18.77 -28.31
C PHE A 336 11.87 18.73 -26.81
N ILE A 337 12.89 18.31 -26.06
CA ILE A 337 12.79 18.28 -24.60
C ILE A 337 12.45 19.66 -24.05
N LYS A 338 13.14 20.69 -24.53
CA LYS A 338 12.88 22.05 -24.07
C LYS A 338 11.47 22.50 -24.45
N LYS A 339 11.05 22.25 -25.69
CA LYS A 339 9.71 22.64 -26.07
C LYS A 339 8.65 21.72 -25.47
N PHE A 340 8.99 20.46 -25.21
CA PHE A 340 8.10 19.58 -24.44
C PHE A 340 7.81 20.19 -23.06
N ASN A 341 8.86 20.46 -22.28
CA ASN A 341 8.68 20.95 -20.93
C ASN A 341 7.95 22.29 -20.91
N GLU A 342 8.32 23.19 -21.81
CA GLU A 342 7.66 24.49 -21.88
C GLU A 342 6.17 24.33 -22.11
N THR A 343 5.79 23.45 -23.04
CA THR A 343 4.39 23.29 -23.40
C THR A 343 3.56 22.75 -22.24
N VAL A 344 4.09 21.74 -21.53
CA VAL A 344 3.36 21.14 -20.41
C VAL A 344 2.99 22.21 -19.38
N TYR A 345 3.99 22.92 -18.87
CA TYR A 345 3.74 23.90 -17.81
C TYR A 345 2.90 25.08 -18.29
N LEU A 346 2.91 25.36 -19.59
CA LEU A 346 2.03 26.39 -20.12
C LEU A 346 0.58 25.95 -20.04
N HIS A 347 0.30 24.70 -20.44
CA HIS A 347 -1.06 24.21 -20.42
C HIS A 347 -1.44 23.66 -19.04
N PHE A 348 -0.46 23.15 -18.29
CA PHE A 348 -0.68 22.60 -16.96
C PHE A 348 0.35 23.22 -16.01
N PRO A 349 0.04 24.37 -15.42
CA PRO A 349 1.01 25.04 -14.55
C PRO A 349 1.37 24.23 -13.32
N GLU A 350 0.55 23.27 -12.92
CA GLU A 350 0.78 22.49 -11.72
C GLU A 350 1.16 21.04 -12.02
N ALA A 351 1.53 20.73 -13.25
CA ALA A 351 2.07 19.42 -13.56
C ALA A 351 3.47 19.27 -12.96
N ILE A 352 3.99 18.05 -13.04
CA ILE A 352 5.36 17.74 -12.60
C ILE A 352 6.01 16.93 -13.70
N THR A 353 7.22 17.33 -14.11
CA THR A 353 7.99 16.59 -15.09
C THR A 353 9.29 16.15 -14.44
N ILE A 354 9.61 14.87 -14.58
CA ILE A 354 10.83 14.30 -14.00
C ILE A 354 11.61 13.61 -15.11
N ALA A 355 12.93 13.71 -15.03
CA ALA A 355 13.82 13.07 -15.99
C ALA A 355 14.84 12.22 -15.25
N GLU A 356 15.16 11.07 -15.83
CA GLU A 356 16.32 10.29 -15.40
C GLU A 356 17.37 10.45 -16.48
N GLU A 357 18.48 11.08 -16.13
CA GLU A 357 19.57 11.30 -17.08
C GLU A 357 20.86 10.90 -16.40
N SER A 358 21.48 9.84 -16.89
CA SER A 358 22.65 9.23 -16.26
C SER A 358 23.97 9.84 -16.69
N THR A 359 23.93 10.96 -17.40
CA THR A 359 25.14 11.73 -17.65
C THR A 359 25.12 12.96 -16.74
N ALA A 360 26.26 13.63 -16.62
CA ALA A 360 26.28 14.86 -15.85
C ALA A 360 25.88 16.05 -16.72
N TRP A 361 24.78 15.89 -17.46
CA TRP A 361 24.26 16.98 -18.26
C TRP A 361 23.79 18.06 -17.30
N PRO A 362 24.27 19.29 -17.43
CA PRO A 362 23.93 20.31 -16.45
C PRO A 362 22.53 20.85 -16.65
N GLY A 363 21.92 21.25 -15.54
CA GLY A 363 20.63 21.90 -15.61
C GLY A 363 19.52 21.10 -16.25
N VAL A 364 19.48 19.78 -16.01
CA VAL A 364 18.30 19.01 -16.41
C VAL A 364 17.06 19.59 -15.76
N SER A 365 17.10 19.81 -14.41
CA SER A 365 16.03 20.40 -13.59
C SER A 365 15.93 21.91 -13.73
N ALA A 366 16.64 22.58 -14.70
CA ALA A 366 16.69 24.04 -14.85
C ALA A 366 15.65 24.54 -15.85
N PRO A 367 15.20 25.79 -15.69
CA PRO A 367 14.22 26.33 -16.64
C PRO A 367 14.84 26.61 -17.99
N THR A 368 14.05 26.42 -19.05
CA THR A 368 14.52 26.65 -20.41
C THR A 368 15.13 28.02 -20.60
N TYR A 369 14.53 29.05 -19.98
CA TYR A 369 15.06 30.41 -20.19
C TYR A 369 16.45 30.61 -19.61
N ASN A 370 16.94 29.68 -18.78
CA ASN A 370 18.34 29.67 -18.36
C ASN A 370 19.15 28.61 -19.09
N ASN A 371 18.66 28.12 -20.23
CA ASN A 371 19.28 27.07 -21.03
C ASN A 371 19.20 25.70 -20.35
N GLY A 372 18.23 25.49 -19.48
CA GLY A 372 18.01 24.18 -18.91
C GLY A 372 17.09 23.34 -19.77
N LEU A 373 17.01 22.04 -19.44
CA LEU A 373 16.13 21.14 -20.16
C LEU A 373 14.66 21.39 -19.82
N GLY A 374 14.39 22.02 -18.68
CA GLY A 374 13.04 22.41 -18.32
C GLY A 374 12.29 21.44 -17.45
N PHE A 375 12.95 20.41 -16.92
CA PHE A 375 12.31 19.52 -15.97
C PHE A 375 12.20 20.15 -14.60
N LEU A 376 11.19 19.70 -13.84
CA LEU A 376 11.08 20.13 -12.45
C LEU A 376 11.97 19.30 -11.53
N TYR A 377 12.16 18.02 -11.83
CA TYR A 377 12.91 17.12 -10.97
C TYR A 377 13.85 16.28 -11.81
N LYS A 378 15.00 15.95 -11.24
CA LYS A 378 15.95 15.02 -11.84
C LYS A 378 16.29 13.94 -10.82
N TRP A 379 16.34 12.70 -11.29
CA TRP A 379 16.77 11.59 -10.46
C TRP A 379 18.22 11.76 -10.02
N ASN A 380 18.45 11.65 -8.71
CA ASN A 380 19.81 11.67 -8.16
C ASN A 380 20.39 10.26 -8.22
N MET A 381 20.76 9.86 -9.44
CA MET A 381 21.29 8.52 -9.62
C MET A 381 22.72 8.40 -9.10
N GLY A 382 23.47 9.50 -9.15
CA GLY A 382 24.76 9.53 -8.47
C GLY A 382 24.62 9.15 -7.00
N TRP A 383 23.70 9.82 -6.29
CA TRP A 383 23.44 9.47 -4.90
C TRP A 383 23.09 7.99 -4.75
N MET A 384 22.19 7.49 -5.59
CA MET A 384 21.77 6.10 -5.46
C MET A 384 22.95 5.16 -5.62
N HIS A 385 23.77 5.38 -6.64
CA HIS A 385 24.96 4.57 -6.84
C HIS A 385 25.88 4.62 -5.63
N ASP A 386 26.31 5.83 -5.26
CA ASP A 386 27.23 6.00 -4.14
C ASP A 386 26.69 5.36 -2.87
N THR A 387 25.46 5.71 -2.49
CA THR A 387 24.89 5.20 -1.25
C THR A 387 24.86 3.69 -1.26
N LEU A 388 24.35 3.09 -2.33
CA LEU A 388 24.25 1.63 -2.42
C LEU A 388 25.64 0.97 -2.39
N ASP A 389 26.57 1.48 -3.20
CA ASP A 389 27.94 0.95 -3.19
C ASP A 389 28.53 1.03 -1.79
N TYR A 390 28.26 2.12 -1.08
CA TYR A 390 28.77 2.25 0.28
C TYR A 390 28.16 1.19 1.20
N MET A 391 26.86 0.86 1.03
CA MET A 391 26.17 0.02 2.03
C MET A 391 26.29 -1.51 1.85
N ARG A 392 26.37 -2.06 0.62
CA ARG A 392 27.03 -3.35 0.41
C ARG A 392 28.40 -3.55 1.03
N ARG A 393 29.22 -2.55 1.23
CA ARG A 393 30.46 -2.93 1.87
C ARG A 393 30.20 -3.26 3.34
N ASP A 394 31.00 -4.16 3.87
CA ASP A 394 30.86 -4.62 5.23
C ASP A 394 31.34 -3.52 6.18
N PRO A 395 30.71 -3.38 7.34
CA PRO A 395 31.09 -2.29 8.26
C PRO A 395 32.57 -2.26 8.60
N VAL A 396 33.22 -3.42 8.70
CA VAL A 396 34.66 -3.46 8.89
C VAL A 396 35.38 -2.67 7.79
N HIS A 397 34.84 -2.71 6.58
CA HIS A 397 35.46 -2.03 5.45
C HIS A 397 34.93 -0.61 5.25
N ARG A 398 33.81 -0.27 5.89
CA ARG A 398 33.21 1.05 5.72
C ARG A 398 34.15 2.17 6.17
N LYS A 399 35.02 1.91 7.15
CA LYS A 399 36.08 2.85 7.49
C LYS A 399 36.77 3.39 6.24
N TYR A 400 37.15 2.48 5.34
CA TYR A 400 37.99 2.78 4.19
C TYR A 400 37.25 3.44 3.02
N HIS A 401 35.92 3.54 3.08
CA HIS A 401 35.14 4.13 2.00
C HIS A 401 34.29 5.30 2.49
N HIS A 402 34.69 5.89 3.61
CA HIS A 402 33.94 6.98 4.24
C HIS A 402 33.63 8.12 3.27
N ASP A 403 34.57 8.44 2.38
CA ASP A 403 34.36 9.59 1.50
C ASP A 403 33.19 9.39 0.53
N THR A 404 32.88 8.14 0.19
CA THR A 404 31.74 7.88 -0.68
C THR A 404 30.43 8.28 -0.03
N LEU A 405 30.34 8.17 1.30
CA LEU A 405 29.12 8.61 2.02
C LEU A 405 29.06 10.15 2.06
N THR A 406 30.11 10.79 2.57
CA THR A 406 30.16 12.27 2.74
C THR A 406 30.09 13.03 1.43
N PHE A 407 30.73 12.56 0.37
CA PHE A 407 30.87 13.31 -0.91
C PHE A 407 29.52 13.53 -1.61
N SER A 408 28.49 12.76 -1.28
CA SER A 408 27.20 12.84 -2.00
C SER A 408 26.63 14.26 -1.88
N LEU A 409 26.81 14.91 -0.73
CA LEU A 409 26.25 16.26 -0.51
C LEU A 409 26.82 17.28 -1.51
N TRP A 410 28.10 17.20 -1.84
CA TRP A 410 28.72 18.11 -2.84
C TRP A 410 27.85 18.30 -4.07
N TYR A 411 27.21 17.23 -4.56
CA TYR A 411 26.43 17.25 -5.79
C TYR A 411 24.95 17.20 -5.50
N ALA A 412 24.56 17.34 -4.24
CA ALA A 412 23.19 17.20 -3.80
C ALA A 412 22.34 18.43 -4.12
N PHE A 413 22.94 19.49 -4.66
CA PHE A 413 22.21 20.73 -4.90
C PHE A 413 22.30 21.30 -6.31
N SER A 414 22.97 20.62 -7.23
CA SER A 414 23.05 21.11 -8.60
C SER A 414 21.70 20.98 -9.33
N GLU A 415 20.84 20.06 -8.90
CA GLU A 415 19.51 19.92 -9.49
C GLU A 415 18.49 19.83 -8.36
N HIS A 416 17.22 20.04 -8.73
CA HIS A 416 16.13 19.73 -7.77
C HIS A 416 16.09 18.22 -7.91
N TYR A 417 16.35 17.49 -6.83
CA TYR A 417 16.56 16.03 -7.00
C TYR A 417 15.61 15.15 -6.25
N ILE A 418 15.36 13.97 -6.82
CA ILE A 418 14.54 12.95 -6.11
C ILE A 418 15.50 11.80 -5.76
N LEU A 419 15.72 11.51 -4.48
CA LEU A 419 16.55 10.33 -4.18
C LEU A 419 15.77 9.15 -4.73
N PRO A 420 16.42 8.27 -5.50
CA PRO A 420 15.60 7.22 -6.15
C PRO A 420 16.08 5.80 -5.91
N LEU A 421 15.19 4.92 -5.47
CA LEU A 421 15.54 3.48 -5.42
C LEU A 421 14.48 2.88 -6.35
N SER A 422 14.87 2.12 -7.38
CA SER A 422 13.85 1.73 -8.38
C SER A 422 14.00 0.29 -8.88
N HIS A 423 13.01 -0.18 -9.62
CA HIS A 423 13.07 -1.54 -10.23
C HIS A 423 14.45 -1.76 -10.84
N ASP A 424 14.94 -0.79 -11.60
CA ASP A 424 16.26 -0.89 -12.26
C ASP A 424 17.31 -1.45 -11.31
N GLU A 425 17.30 -1.10 -10.01
CA GLU A 425 18.36 -1.60 -9.14
C GLU A 425 18.05 -2.93 -8.47
N VAL A 426 16.84 -3.48 -8.63
CA VAL A 426 16.44 -4.69 -7.91
C VAL A 426 16.16 -5.82 -8.91
N VAL A 427 16.85 -5.79 -10.05
CA VAL A 427 16.64 -6.77 -11.11
C VAL A 427 17.98 -7.21 -11.69
N HIS A 428 17.90 -8.18 -12.61
CA HIS A 428 19.01 -8.60 -13.47
C HIS A 428 20.28 -8.92 -12.67
N GLY A 429 20.09 -9.72 -11.62
CA GLY A 429 21.21 -10.16 -10.80
C GLY A 429 21.81 -9.10 -9.91
N LYS A 430 21.27 -7.89 -9.91
CA LYS A 430 21.70 -6.88 -8.95
C LYS A 430 21.16 -7.15 -7.54
N GLY A 431 20.09 -7.92 -7.43
CA GLY A 431 19.67 -8.30 -6.09
C GLY A 431 18.72 -7.32 -5.44
N SER A 432 17.82 -7.89 -4.63
CA SER A 432 16.96 -7.12 -3.74
C SER A 432 17.76 -6.12 -2.90
N LEU A 433 17.09 -5.03 -2.52
CA LEU A 433 17.67 -4.08 -1.58
C LEU A 433 18.10 -4.78 -0.30
N TRP A 434 17.21 -5.61 0.27
CA TRP A 434 17.57 -6.46 1.39
C TRP A 434 18.78 -7.32 1.06
N THR A 435 18.72 -8.04 -0.07
CA THR A 435 19.85 -8.87 -0.50
C THR A 435 21.14 -8.07 -0.56
N LYS A 436 21.06 -6.80 -0.97
CA LYS A 436 22.25 -5.97 -1.06
C LYS A 436 22.90 -5.72 0.29
N MET A 437 22.14 -5.83 1.38
CA MET A 437 22.75 -5.36 2.60
C MET A 437 23.57 -6.46 3.27
N PRO A 438 24.69 -6.11 3.90
CA PRO A 438 25.62 -7.13 4.36
C PRO A 438 25.31 -7.60 5.77
N GLY A 439 25.65 -8.87 6.01
CA GLY A 439 25.53 -9.48 7.32
C GLY A 439 24.32 -10.38 7.44
N ASP A 440 24.05 -10.75 8.69
CA ASP A 440 22.93 -11.62 9.06
C ASP A 440 21.60 -10.86 8.99
N ASP A 441 20.52 -11.57 9.30
CA ASP A 441 19.18 -11.04 9.08
C ASP A 441 18.91 -9.78 9.91
N TRP A 442 19.28 -9.79 11.19
CA TRP A 442 19.12 -8.58 12.00
C TRP A 442 19.89 -7.42 11.40
N GLN A 443 21.14 -7.67 11.01
CA GLN A 443 21.97 -6.60 10.43
C GLN A 443 21.41 -6.15 9.09
N LYS A 444 20.91 -7.08 8.29
CA LYS A 444 20.30 -6.71 7.02
C LYS A 444 19.12 -5.77 7.24
N ALA A 445 18.24 -6.11 8.18
CA ALA A 445 17.15 -5.21 8.53
C ALA A 445 17.67 -3.88 9.08
N ALA A 446 18.69 -3.95 9.95
CA ALA A 446 19.29 -2.73 10.48
C ALA A 446 19.89 -1.87 9.37
N ASN A 447 20.70 -2.49 8.50
CA ASN A 447 21.30 -1.75 7.40
C ASN A 447 20.24 -1.09 6.52
N LEU A 448 19.18 -1.84 6.18
CA LEU A 448 18.12 -1.29 5.34
C LEU A 448 17.37 -0.18 6.05
N ARG A 449 17.16 -0.33 7.36
CA ARG A 449 16.52 0.75 8.12
C ARG A 449 17.38 2.01 8.11
N LEU A 450 18.70 1.84 8.22
CA LEU A 450 19.61 2.97 8.17
C LEU A 450 19.60 3.62 6.79
N LEU A 451 19.72 2.81 5.73
CA LEU A 451 19.70 3.33 4.37
C LEU A 451 18.49 4.24 4.14
N TYR A 452 17.30 3.77 4.50
CA TYR A 452 16.11 4.59 4.37
C TYR A 452 16.17 5.81 5.28
N GLY A 453 16.65 5.63 6.52
CA GLY A 453 16.82 6.75 7.42
C GLY A 453 17.68 7.86 6.85
N HIS A 454 18.88 7.51 6.38
CA HIS A 454 19.74 8.52 5.76
C HIS A 454 19.11 9.03 4.47
N MET A 455 18.42 8.16 3.74
CA MET A 455 17.80 8.59 2.49
C MET A 455 16.72 9.62 2.76
N TRP A 456 15.93 9.44 3.81
CA TRP A 456 14.92 10.45 4.14
C TRP A 456 15.55 11.70 4.71
N GLY A 457 16.64 11.55 5.48
CA GLY A 457 17.34 12.71 6.00
C GLY A 457 18.11 13.46 4.94
N HIS A 458 18.69 12.73 3.99
CA HIS A 458 19.45 13.35 2.92
C HIS A 458 18.56 14.30 2.13
N PRO A 459 19.08 15.44 1.69
CA PRO A 459 18.26 16.37 0.89
C PRO A 459 17.80 15.74 -0.41
N GLY A 460 16.59 16.11 -0.81
CA GLY A 460 15.98 15.60 -2.03
C GLY A 460 14.68 14.87 -1.79
N LYS A 461 13.81 14.83 -2.80
CA LYS A 461 12.57 14.09 -2.68
C LYS A 461 12.84 12.59 -2.68
N LYS A 462 11.81 11.81 -2.40
CA LYS A 462 11.96 10.39 -2.14
C LYS A 462 11.11 9.55 -3.09
N LEU A 463 11.71 8.48 -3.61
CA LEU A 463 11.05 7.49 -4.45
C LEU A 463 11.50 6.09 -4.05
N LEU A 464 10.56 5.18 -3.78
CA LEU A 464 10.86 3.80 -3.45
C LEU A 464 9.95 2.86 -4.22
N PHE A 465 10.54 1.83 -4.85
CA PHE A 465 9.83 0.85 -5.65
C PHE A 465 9.21 -0.26 -4.78
N MET A 466 8.12 -0.86 -5.30
CA MET A 466 7.39 -1.92 -4.59
C MET A 466 8.33 -2.96 -3.99
N GLY A 467 7.99 -3.40 -2.78
CA GLY A 467 8.72 -4.46 -2.11
C GLY A 467 9.93 -4.01 -1.34
N GLY A 468 10.52 -2.88 -1.73
CA GLY A 468 11.59 -2.31 -0.93
C GLY A 468 11.12 -1.85 0.43
N GLU A 469 9.83 -1.54 0.54
CA GLU A 469 9.30 -0.99 1.79
C GLU A 469 9.22 -2.03 2.90
N PHE A 470 9.08 -3.32 2.57
CA PHE A 470 9.20 -4.36 3.58
C PHE A 470 10.53 -5.12 3.53
N GLY A 471 11.45 -4.74 2.64
CA GLY A 471 12.68 -5.50 2.46
C GLY A 471 12.55 -6.90 1.93
N GLN A 472 11.97 -7.01 0.73
CA GLN A 472 11.74 -8.29 0.08
C GLN A 472 13.06 -9.00 -0.25
N HIS A 473 13.06 -10.33 -0.08
CA HIS A 473 14.23 -11.15 -0.39
C HIS A 473 14.48 -11.19 -1.89
N HIS A 474 13.43 -11.49 -2.66
CA HIS A 474 13.55 -11.85 -4.06
C HIS A 474 13.66 -10.60 -4.92
N GLU A 475 14.38 -10.73 -6.04
CA GLU A 475 14.38 -9.68 -7.03
C GLU A 475 12.97 -9.49 -7.60
N TRP A 476 12.68 -8.27 -8.03
CA TRP A 476 11.36 -7.98 -8.58
C TRP A 476 11.13 -8.76 -9.86
N ASN A 477 10.09 -9.59 -9.86
CA ASN A 477 9.70 -10.38 -11.02
C ASN A 477 8.32 -9.94 -11.51
N HIS A 478 8.25 -9.48 -12.75
CA HIS A 478 6.97 -9.02 -13.29
C HIS A 478 5.97 -10.17 -13.46
N ASP A 479 6.45 -11.39 -13.70
CA ASP A 479 5.56 -12.54 -13.80
C ASP A 479 5.06 -13.01 -12.44
N THR A 480 5.47 -12.37 -11.36
CA THR A 480 5.14 -12.79 -10.01
C THR A 480 4.58 -11.60 -9.24
N GLN A 481 3.94 -11.89 -8.11
CA GLN A 481 3.47 -10.89 -7.17
C GLN A 481 4.46 -10.79 -6.03
N LEU A 482 4.54 -9.62 -5.40
CA LEU A 482 5.51 -9.44 -4.33
C LEU A 482 5.29 -10.45 -3.21
N GLU A 483 6.35 -10.73 -2.47
CA GLU A 483 6.31 -11.69 -1.38
C GLU A 483 5.64 -10.99 -0.18
N TRP A 484 4.32 -10.84 -0.28
CA TRP A 484 3.57 -10.25 0.81
C TRP A 484 3.55 -11.15 2.04
N HIS A 485 3.76 -12.46 1.85
CA HIS A 485 3.86 -13.38 2.96
C HIS A 485 4.99 -12.98 3.92
N LEU A 486 5.98 -12.23 3.43
CA LEU A 486 7.06 -11.77 4.28
C LEU A 486 6.59 -10.80 5.35
N LEU A 487 5.43 -10.19 5.15
CA LEU A 487 4.91 -9.30 6.19
C LEU A 487 4.54 -10.05 7.48
N ASP A 488 4.64 -11.37 7.47
CA ASP A 488 4.37 -12.15 8.72
C ASP A 488 5.65 -12.13 9.54
N GLN A 489 6.80 -12.16 8.87
CA GLN A 489 8.10 -12.08 9.60
C GLN A 489 8.22 -10.70 10.26
N PRO A 490 8.73 -10.61 11.50
CA PRO A 490 8.81 -9.34 12.20
C PRO A 490 9.70 -8.27 11.55
N TYR A 491 10.86 -8.67 11.04
CA TYR A 491 11.81 -7.66 10.50
C TYR A 491 11.19 -6.94 9.34
N HIS A 492 10.51 -7.69 8.46
CA HIS A 492 9.89 -7.07 7.26
C HIS A 492 8.78 -6.10 7.69
N ARG A 493 7.99 -6.50 8.69
CA ARG A 493 6.91 -5.61 9.21
C ARG A 493 7.55 -4.37 9.81
N GLY A 494 8.66 -4.55 10.54
CA GLY A 494 9.36 -3.41 11.16
C GLY A 494 9.88 -2.44 10.13
N ILE A 495 10.44 -2.95 9.03
CA ILE A 495 10.94 -2.06 7.94
C ILE A 495 9.76 -1.27 7.37
N GLN A 496 8.61 -1.93 7.19
CA GLN A 496 7.40 -1.24 6.65
C GLN A 496 6.97 -0.15 7.63
N ALA A 497 7.02 -0.44 8.93
CA ALA A 497 6.63 0.55 9.96
C ALA A 497 7.64 1.69 9.97
N TRP A 498 8.92 1.33 9.84
CA TRP A 498 9.99 2.36 9.82
C TRP A 498 9.71 3.33 8.67
N VAL A 499 9.43 2.78 7.49
CA VAL A 499 9.14 3.65 6.34
C VAL A 499 7.88 4.47 6.61
N ARG A 500 6.84 3.82 7.14
CA ARG A 500 5.62 4.56 7.52
C ARG A 500 5.96 5.72 8.45
N ASP A 501 6.77 5.45 9.47
CA ASP A 501 7.12 6.50 10.43
C ASP A 501 7.99 7.56 9.80
N LEU A 502 8.88 7.16 8.88
CA LEU A 502 9.69 8.12 8.14
C LEU A 502 8.82 9.10 7.36
N ASN A 503 7.83 8.57 6.63
CA ASN A 503 6.96 9.45 5.83
C ASN A 503 6.14 10.37 6.72
N HIS A 504 5.73 9.91 7.90
CA HIS A 504 4.99 10.76 8.82
C HIS A 504 5.84 11.95 9.29
N LEU A 505 7.07 11.68 9.70
CA LEU A 505 8.00 12.76 10.03
C LEU A 505 8.24 13.66 8.84
N TYR A 506 8.42 13.06 7.66
CA TYR A 506 8.66 13.83 6.43
C TYR A 506 7.50 14.78 6.17
N ARG A 507 6.27 14.27 6.24
CA ARG A 507 5.09 15.07 5.96
C ARG A 507 4.88 16.18 6.97
N THR A 508 5.38 16.01 8.19
CA THR A 508 5.05 16.92 9.29
C THR A 508 6.14 17.94 9.59
N HIS A 509 7.42 17.56 9.47
CA HIS A 509 8.49 18.45 9.83
C HIS A 509 8.96 19.19 8.58
N PRO A 510 8.73 20.50 8.48
CA PRO A 510 9.13 21.24 7.26
C PRO A 510 10.62 21.36 7.08
N ALA A 511 11.43 21.03 8.09
CA ALA A 511 12.88 21.06 7.93
C ALA A 511 13.32 20.11 6.82
N LEU A 512 12.50 19.12 6.51
CA LEU A 512 12.77 18.16 5.45
C LEU A 512 12.17 18.58 4.12
N TRP A 513 11.33 19.63 4.10
CA TRP A 513 10.69 20.03 2.86
C TRP A 513 11.63 20.79 1.94
N HIS A 514 12.62 21.48 2.52
CA HIS A 514 13.50 22.36 1.77
C HIS A 514 14.83 21.64 1.55
N ASP A 515 15.04 21.16 0.32
CA ASP A 515 16.22 20.38 -0.03
C ASP A 515 17.36 21.26 -0.54
N GLY A 516 17.26 22.57 -0.40
CA GLY A 516 18.33 23.46 -0.77
C GLY A 516 19.48 23.43 0.22
N PRO A 517 20.57 24.10 -0.15
CA PRO A 517 21.69 24.26 0.79
C PRO A 517 21.26 24.90 2.09
N GLU A 518 20.15 25.64 2.05
CA GLU A 518 19.53 26.22 3.25
C GLU A 518 19.33 25.19 4.32
N GLY A 519 18.65 24.11 3.95
CA GLY A 519 18.12 23.12 4.85
C GLY A 519 19.10 22.12 5.37
N PHE A 520 20.36 22.21 4.96
CA PHE A 520 21.33 21.22 5.37
C PHE A 520 22.51 21.93 6.00
N GLU A 521 22.92 21.43 7.15
CA GLU A 521 24.16 21.84 7.80
C GLU A 521 24.84 20.59 8.33
N TRP A 522 26.15 20.51 8.11
CA TRP A 522 26.94 19.43 8.66
C TRP A 522 27.16 19.65 10.15
N ILE A 523 27.02 18.58 10.93
CA ILE A 523 27.46 18.59 12.33
C ILE A 523 28.84 17.95 12.47
N ASP A 524 29.01 16.73 11.95
CA ASP A 524 30.34 16.15 11.90
C ASP A 524 30.40 15.10 10.80
N PHE A 525 31.52 15.10 10.07
CA PHE A 525 31.78 14.15 9.00
C PHE A 525 33.14 13.46 9.12
N ASN A 526 33.87 13.70 10.21
CA ASN A 526 35.27 13.26 10.31
C ASN A 526 35.46 12.01 11.14
N ASP A 527 34.40 11.37 11.60
CA ASP A 527 34.52 10.11 12.36
C ASP A 527 34.66 8.93 11.41
N ARG A 528 35.86 8.73 10.84
CA ARG A 528 36.02 7.65 9.88
C ARG A 528 36.19 6.29 10.55
N ASP A 529 36.91 6.23 11.65
CA ASP A 529 37.11 4.91 12.27
C ASP A 529 35.77 4.28 12.60
N GLN A 530 34.93 4.98 13.35
CA GLN A 530 33.63 4.47 13.76
C GLN A 530 32.55 4.67 12.69
N SER A 531 32.88 5.34 11.59
CA SER A 531 31.97 5.49 10.45
C SER A 531 30.63 6.08 10.88
N VAL A 532 30.69 7.29 11.45
CA VAL A 532 29.52 8.00 11.94
C VAL A 532 29.47 9.37 11.27
N ILE A 533 28.25 9.84 11.00
CA ILE A 533 28.03 11.14 10.40
C ILE A 533 26.88 11.82 11.11
N CYS A 534 27.04 13.12 11.37
CA CYS A 534 26.01 13.93 11.99
C CYS A 534 25.75 15.14 11.09
N TYR A 535 24.47 15.36 10.78
CA TYR A 535 24.09 16.52 9.99
C TYR A 535 22.75 17.05 10.48
N LEU A 536 22.43 18.25 10.02
CA LEU A 536 21.33 19.05 10.51
C LEU A 536 20.40 19.36 9.34
N ARG A 537 19.10 19.43 9.60
CA ARG A 537 18.16 19.86 8.58
C ARG A 537 17.31 21.00 9.13
N LYS A 538 17.37 22.15 8.47
CA LYS A 538 16.70 23.30 9.12
C LYS A 538 15.95 24.24 8.19
N HIS A 539 14.65 24.43 8.43
CA HIS A 539 13.95 25.50 7.68
C HIS A 539 13.57 26.54 8.73
N THR A 540 14.01 27.78 8.55
CA THR A 540 13.70 28.87 9.50
C THR A 540 14.14 28.45 10.90
N ASP A 541 13.28 28.66 11.89
CA ASP A 541 13.57 28.28 13.30
C ASP A 541 13.71 26.77 13.49
N ARG A 542 12.86 25.97 12.85
CA ARG A 542 12.84 24.50 13.10
C ARG A 542 14.13 23.80 12.66
N LEU A 543 14.62 22.84 13.45
CA LEU A 543 15.80 22.04 13.04
C LEU A 543 15.61 20.57 13.41
N LEU A 544 16.18 19.66 12.61
CA LEU A 544 16.14 18.21 12.92
C LEU A 544 17.58 17.68 12.94
N LEU A 545 17.96 16.91 13.96
CA LEU A 545 19.35 16.40 14.07
C LEU A 545 19.41 14.94 13.61
N PHE A 546 20.37 14.60 12.75
CA PHE A 546 20.53 13.23 12.28
C PHE A 546 21.89 12.70 12.72
N VAL A 547 21.90 11.63 13.50
CA VAL A 547 23.13 10.96 13.90
C VAL A 547 23.04 9.50 13.44
N LEU A 548 24.05 9.05 12.70
CA LEU A 548 24.02 7.78 11.99
C LEU A 548 25.20 6.92 12.41
N ASN A 549 24.90 5.72 12.88
CA ASN A 549 25.94 4.76 13.25
C ASN A 549 25.93 3.67 12.18
N PHE A 550 26.96 3.66 11.34
CA PHE A 550 27.04 2.73 10.22
C PHE A 550 27.82 1.47 10.57
N THR A 551 28.03 1.21 11.85
CA THR A 551 28.72 0.00 12.30
C THR A 551 27.87 -0.71 13.33
N PRO A 552 27.91 -2.05 13.36
CA PRO A 552 27.08 -2.78 14.32
C PRO A 552 27.56 -2.63 15.76
N VAL A 553 28.73 -2.02 15.93
CA VAL A 553 29.28 -1.79 17.29
C VAL A 553 28.55 -0.58 17.90
N PRO A 554 27.90 -0.75 19.07
CA PRO A 554 27.24 0.37 19.74
C PRO A 554 28.22 1.42 20.24
N ARG A 555 27.81 2.68 20.19
CA ARG A 555 28.69 3.79 20.65
C ARG A 555 28.09 4.40 21.93
N GLU A 556 28.90 4.54 22.98
CA GLU A 556 28.39 5.02 24.29
C GLU A 556 29.07 6.34 24.67
N HIS A 557 28.31 7.31 25.18
CA HIS A 557 28.86 8.65 25.54
C HIS A 557 29.43 9.31 24.28
N TYR A 558 28.79 9.08 23.14
CA TYR A 558 29.21 9.77 21.88
C TYR A 558 28.65 11.18 21.93
N ARG A 559 29.54 12.16 21.94
CA ARG A 559 29.12 13.57 21.94
C ARG A 559 28.98 14.11 20.52
N VAL A 560 27.93 14.91 20.33
CA VAL A 560 27.60 15.52 19.05
C VAL A 560 27.29 16.98 19.33
N GLY A 561 28.05 17.89 18.72
CA GLY A 561 27.80 19.31 18.93
C GLY A 561 26.44 19.72 18.38
N VAL A 562 25.83 20.70 19.04
CA VAL A 562 24.51 21.19 18.64
C VAL A 562 24.46 22.71 18.78
N PRO A 563 23.63 23.36 17.96
CA PRO A 563 23.49 24.83 18.05
C PRO A 563 22.76 25.31 19.28
N ILE A 564 21.61 24.69 19.62
CA ILE A 564 20.77 25.18 20.71
C ILE A 564 21.03 24.30 21.92
N GLY A 565 20.95 24.90 23.09
CA GLY A 565 21.02 24.14 24.33
C GLY A 565 19.64 23.77 24.83
N GLY A 566 19.63 23.00 25.91
CA GLY A 566 18.38 22.66 26.56
C GLY A 566 18.00 21.21 26.33
N PRO A 567 16.76 20.87 26.67
CA PRO A 567 16.31 19.48 26.45
C PRO A 567 16.12 19.20 24.97
N TRP A 568 16.59 18.03 24.56
CA TRP A 568 16.40 17.55 23.20
C TRP A 568 15.58 16.27 23.26
N ARG A 569 14.75 16.09 22.25
CA ARG A 569 13.83 14.98 22.16
C ARG A 569 14.33 13.98 21.13
N GLU A 570 14.05 12.70 21.38
CA GLU A 570 14.37 11.64 20.42
C GLU A 570 13.13 11.40 19.57
N VAL A 571 13.15 11.85 18.32
CA VAL A 571 11.95 11.77 17.49
C VAL A 571 11.81 10.41 16.83
N LEU A 572 12.91 9.78 16.47
CA LEU A 572 12.88 8.46 15.84
C LEU A 572 14.18 7.75 16.18
N ASN A 573 14.08 6.45 16.41
CA ASN A 573 15.24 5.61 16.70
C ASN A 573 15.09 4.35 15.85
N SER A 574 15.97 4.21 14.85
CA SER A 574 15.96 3.05 13.96
C SER A 574 15.99 1.75 14.71
N ASP A 575 16.65 1.76 15.86
CA ASP A 575 16.89 0.55 16.63
C ASP A 575 15.78 0.24 17.61
N ALA A 576 14.69 1.01 17.58
CA ALA A 576 13.55 0.72 18.42
C ALA A 576 12.98 -0.66 18.10
N VAL A 577 12.45 -1.32 19.13
CA VAL A 577 11.90 -2.67 18.97
C VAL A 577 10.70 -2.66 18.05
N ALA A 578 9.94 -1.56 18.01
CA ALA A 578 8.81 -1.45 17.09
C ALA A 578 9.25 -1.64 15.64
N TYR A 579 10.52 -1.35 15.34
CA TYR A 579 11.09 -1.56 14.03
C TYR A 579 11.87 -2.87 13.93
N GLY A 580 11.98 -3.62 15.04
CA GLY A 580 12.76 -4.84 15.04
C GLY A 580 14.18 -4.68 15.52
N GLY A 581 14.48 -3.63 16.29
CA GLY A 581 15.84 -3.36 16.70
C GLY A 581 16.15 -3.81 18.13
N SER A 582 17.44 -3.70 18.47
CA SER A 582 17.91 -4.09 19.80
C SER A 582 17.21 -3.29 20.89
N GLY A 583 16.76 -2.08 20.60
CA GLY A 583 16.12 -1.25 21.59
C GLY A 583 17.05 -0.34 22.34
N MET A 584 18.31 -0.25 21.92
CA MET A 584 19.20 0.70 22.55
C MET A 584 18.83 2.10 22.09
N GLY A 585 18.88 3.05 23.01
CA GLY A 585 18.42 4.39 22.72
C GLY A 585 18.69 5.32 23.89
N ASN A 586 18.15 6.54 23.78
CA ASN A 586 18.37 7.57 24.78
C ASN A 586 17.14 7.90 25.64
N PHE A 587 16.09 7.06 25.60
CA PHE A 587 14.94 7.13 26.50
C PHE A 587 14.12 8.42 26.41
N GLY A 588 13.95 9.03 25.23
CA GLY A 588 13.18 10.27 25.20
C GLY A 588 13.97 11.56 25.32
N ARG A 589 14.20 12.03 26.55
CA ARG A 589 14.91 13.27 26.81
C ARG A 589 16.41 13.10 26.98
N VAL A 590 17.17 13.86 26.20
CA VAL A 590 18.60 14.09 26.41
C VAL A 590 18.76 15.56 26.80
N GLU A 591 19.64 15.84 27.74
CA GLU A 591 19.92 17.22 28.13
C GLU A 591 21.20 17.71 27.47
N ALA A 592 21.14 18.88 26.84
CA ALA A 592 22.31 19.44 26.18
C ALA A 592 23.26 20.02 27.21
N VAL A 593 24.55 19.76 27.04
CA VAL A 593 25.59 20.23 27.95
C VAL A 593 26.17 21.52 27.38
N PRO A 594 26.26 22.62 28.16
CA PRO A 594 26.79 23.89 27.68
C PRO A 594 28.31 23.85 27.54
N GLU A 595 28.81 22.80 26.90
CA GLU A 595 30.22 22.55 26.64
C GLU A 595 30.44 22.42 25.13
N SER A 596 31.54 22.97 24.64
CA SER A 596 31.72 23.07 23.19
C SER A 596 32.09 21.71 22.60
N TRP A 597 31.52 21.43 21.44
CA TRP A 597 31.84 20.21 20.69
C TRP A 597 31.52 20.44 19.23
N HIS A 598 32.40 19.94 18.35
CA HIS A 598 32.21 20.06 16.91
C HIS A 598 32.03 21.53 16.50
N GLY A 599 32.77 22.42 17.15
CA GLY A 599 32.63 23.83 16.90
C GLY A 599 31.26 24.41 17.22
N ARG A 600 30.51 23.78 18.12
CA ARG A 600 29.16 24.19 18.48
C ARG A 600 29.13 24.63 19.95
N PRO A 601 28.19 25.53 20.32
CA PRO A 601 28.17 26.02 21.71
C PRO A 601 27.87 24.94 22.72
N PHE A 602 26.89 24.09 22.44
CA PHE A 602 26.45 23.02 23.32
C PHE A 602 26.73 21.68 22.65
N HIS A 603 26.43 20.59 23.38
CA HIS A 603 26.49 19.27 22.78
C HIS A 603 25.56 18.33 23.52
N LEU A 604 25.09 17.32 22.80
CA LEU A 604 24.34 16.22 23.38
C LEU A 604 25.27 15.02 23.47
N GLU A 605 25.29 14.38 24.63
CA GLU A 605 26.05 13.14 24.80
C GLU A 605 25.04 12.00 24.71
N LEU A 606 25.12 11.24 23.61
CA LEU A 606 24.11 10.26 23.24
C LEU A 606 24.70 8.87 23.19
N THR A 607 23.79 7.90 23.13
CA THR A 607 24.11 6.48 22.91
C THR A 607 23.68 6.12 21.51
N LEU A 608 24.61 5.62 20.70
CA LEU A 608 24.27 5.30 19.33
C LEU A 608 24.03 3.81 19.19
N PRO A 609 22.82 3.40 18.84
CA PRO A 609 22.50 1.98 18.74
C PRO A 609 23.20 1.34 17.55
N PRO A 610 23.23 0.01 17.48
CA PRO A 610 23.93 -0.65 16.36
C PRO A 610 23.24 -0.40 15.03
N LEU A 611 24.04 -0.10 14.00
CA LEU A 611 23.51 0.14 12.63
C LEU A 611 22.17 0.87 12.73
N ALA A 612 22.16 2.05 13.35
CA ALA A 612 20.89 2.76 13.57
C ALA A 612 20.99 4.25 13.24
N ILE A 613 19.85 4.88 12.91
CA ILE A 613 19.80 6.33 12.62
C ILE A 613 18.98 6.97 13.75
N LEU A 614 19.49 8.04 14.33
CA LEU A 614 18.74 8.74 15.41
C LEU A 614 18.27 10.10 14.89
N ILE A 615 16.97 10.39 15.04
CA ILE A 615 16.44 11.73 14.65
C ILE A 615 16.06 12.44 15.96
N LEU A 616 16.61 13.62 16.20
CA LEU A 616 16.41 14.32 17.46
C LEU A 616 15.92 15.73 17.20
N GLU A 617 15.06 16.23 18.08
CA GLU A 617 14.50 17.57 17.97
C GLU A 617 14.73 18.34 19.25
N PRO A 618 15.02 19.64 19.18
CA PRO A 618 14.97 20.45 20.39
C PRO A 618 13.53 20.50 20.84
N GLU A 619 13.32 20.76 22.12
CA GLU A 619 11.98 20.63 22.67
C GLU A 619 11.23 21.95 22.61
N SER A 620 9.98 21.87 22.17
CA SER A 620 9.19 23.02 21.78
C SER A 620 7.91 23.12 22.60
N SER B 2 -65.15 -1.82 -14.31
CA SER B 2 -64.48 -0.52 -14.44
C SER B 2 -63.05 -0.57 -13.94
N TRP B 3 -62.60 0.53 -13.33
CA TRP B 3 -61.27 0.53 -12.73
C TRP B 3 -61.25 -0.31 -11.46
N LEU B 4 -62.29 -0.21 -10.64
CA LEU B 4 -62.33 -0.90 -9.36
C LEU B 4 -63.28 -2.08 -9.45
N THR B 5 -62.76 -3.28 -9.22
CA THR B 5 -63.52 -4.50 -9.05
C THR B 5 -64.24 -4.51 -7.70
N GLU B 6 -65.27 -5.34 -7.61
CA GLU B 6 -65.98 -5.50 -6.34
C GLU B 6 -65.09 -6.06 -5.24
N GLU B 7 -64.08 -6.86 -5.60
CA GLU B 7 -63.14 -7.31 -4.58
C GLU B 7 -62.29 -6.18 -4.04
N ASP B 8 -61.89 -5.25 -4.92
CA ASP B 8 -61.05 -4.13 -4.50
C ASP B 8 -61.74 -3.23 -3.48
N ILE B 9 -63.01 -2.89 -3.73
CA ILE B 9 -63.74 -2.09 -2.75
C ILE B 9 -63.96 -2.91 -1.48
N ARG B 10 -64.14 -4.22 -1.61
CA ARG B 10 -64.44 -5.02 -0.40
C ARG B 10 -63.21 -4.98 0.53
N ARG B 11 -62.03 -5.22 -0.03
CA ARG B 11 -60.79 -5.26 0.80
C ARG B 11 -60.54 -3.89 1.43
N TRP B 12 -60.78 -2.81 0.68
CA TRP B 12 -60.50 -1.46 1.22
C TRP B 12 -61.38 -1.20 2.44
N GLU B 13 -62.65 -1.58 2.36
CA GLU B 13 -63.58 -1.41 3.50
C GLU B 13 -63.08 -2.25 4.67
N SER B 14 -62.62 -3.47 4.39
CA SER B 14 -62.07 -4.37 5.44
C SER B 14 -60.81 -3.77 6.07
N GLY B 15 -59.94 -3.14 5.28
CA GLY B 15 -58.65 -2.66 5.81
C GLY B 15 -57.63 -3.71 5.47
N THR B 16 -57.83 -4.38 4.33
CA THR B 16 -56.99 -5.50 3.94
C THR B 16 -56.27 -5.26 2.60
N PHE B 17 -56.43 -4.07 2.01
CA PHE B 17 -55.88 -3.81 0.69
C PHE B 17 -54.43 -3.38 0.86
N TYR B 18 -53.55 -4.38 0.96
CA TYR B 18 -52.13 -4.16 1.19
C TYR B 18 -51.34 -4.01 -0.10
N ASP B 19 -51.97 -4.16 -1.27
CA ASP B 19 -51.38 -3.81 -2.56
C ASP B 19 -52.05 -2.60 -3.20
N SER B 20 -52.69 -1.74 -2.39
CA SER B 20 -53.61 -0.73 -2.91
C SER B 20 -52.99 0.17 -3.98
N TYR B 21 -51.67 0.31 -4.01
CA TYR B 21 -51.03 1.08 -5.07
C TYR B 21 -51.30 0.51 -6.45
N ARG B 22 -51.69 -0.78 -6.53
CA ARG B 22 -52.05 -1.37 -7.81
C ARG B 22 -53.21 -0.61 -8.46
N LYS B 23 -54.02 0.06 -7.64
CA LYS B 23 -55.21 0.74 -8.10
C LYS B 23 -55.29 2.20 -7.71
N LEU B 24 -54.67 2.63 -6.61
CA LEU B 24 -54.72 4.01 -6.17
C LEU B 24 -53.53 4.84 -6.67
N GLY B 25 -53.76 6.15 -6.80
CA GLY B 25 -52.81 7.04 -7.42
C GLY B 25 -53.08 7.24 -8.89
N ALA B 26 -52.04 7.55 -9.67
CA ALA B 26 -52.16 7.76 -11.10
C ALA B 26 -51.49 6.59 -11.79
N HIS B 27 -52.26 5.87 -12.62
CA HIS B 27 -51.73 4.69 -13.33
C HIS B 27 -51.79 4.92 -14.83
N PRO B 28 -50.64 5.17 -15.48
CA PRO B 28 -50.61 5.46 -16.90
C PRO B 28 -50.97 4.32 -17.84
N ASP B 29 -51.61 4.64 -18.96
CA ASP B 29 -51.90 3.65 -20.04
C ASP B 29 -51.39 4.39 -21.27
N GLU B 30 -51.05 3.70 -22.35
CA GLU B 30 -50.42 4.47 -23.45
C GLU B 30 -51.39 5.55 -23.96
N GLU B 31 -52.67 5.24 -24.14
CA GLU B 31 -53.67 6.28 -24.52
C GLU B 31 -53.94 7.33 -23.43
N GLY B 32 -54.07 6.94 -22.17
CA GLY B 32 -54.50 7.89 -21.11
C GLY B 32 -54.14 7.39 -19.71
N THR B 33 -54.30 8.23 -18.68
CA THR B 33 -54.02 7.79 -17.30
C THR B 33 -55.26 7.60 -16.43
N TRP B 34 -55.33 6.50 -15.67
CA TRP B 34 -56.35 6.27 -14.65
C TRP B 34 -55.99 7.03 -13.37
N PHE B 35 -57.00 7.61 -12.73
CA PHE B 35 -56.82 8.29 -11.45
C PHE B 35 -57.78 7.69 -10.43
N CYS B 36 -57.24 7.38 -9.25
CA CYS B 36 -58.05 6.83 -8.17
C CYS B 36 -57.55 7.43 -6.87
N VAL B 37 -58.44 8.11 -6.15
CA VAL B 37 -58.10 8.80 -4.92
C VAL B 37 -59.21 8.50 -3.91
N TRP B 38 -58.83 8.37 -2.65
CA TRP B 38 -59.76 8.07 -1.57
C TRP B 38 -60.14 9.35 -0.83
N ALA B 39 -61.41 9.75 -0.93
CA ALA B 39 -61.91 10.96 -0.29
C ALA B 39 -63.38 10.76 0.04
N PRO B 40 -63.69 10.03 1.12
CA PRO B 40 -65.08 9.63 1.38
C PRO B 40 -66.03 10.80 1.66
N HIS B 41 -65.57 11.88 2.31
CA HIS B 41 -66.44 12.99 2.66
C HIS B 41 -66.39 14.12 1.64
N ALA B 42 -66.08 13.83 0.39
CA ALA B 42 -66.07 14.83 -0.66
C ALA B 42 -67.37 14.77 -1.46
N ASP B 43 -67.93 15.95 -1.75
CA ASP B 43 -69.09 16.00 -2.63
C ASP B 43 -68.69 15.99 -4.10
N ALA B 44 -67.49 16.43 -4.43
CA ALA B 44 -67.00 16.36 -5.80
C ALA B 44 -65.49 16.26 -5.78
N VAL B 45 -64.94 15.53 -6.75
CA VAL B 45 -63.49 15.39 -6.93
C VAL B 45 -63.20 15.34 -8.43
N SER B 46 -62.21 16.11 -8.87
CA SER B 46 -61.83 16.18 -10.28
C SER B 46 -60.31 16.21 -10.42
N VAL B 47 -59.82 15.69 -11.55
CA VAL B 47 -58.40 15.72 -11.88
C VAL B 47 -58.10 16.93 -12.73
N LEU B 48 -57.06 17.67 -12.35
CA LEU B 48 -56.63 18.85 -13.07
C LEU B 48 -55.21 18.64 -13.57
N GLY B 49 -54.93 19.11 -14.78
CA GLY B 49 -53.60 18.98 -15.36
C GLY B 49 -53.52 19.72 -16.67
N ALA B 50 -52.30 19.86 -17.16
CA ALA B 50 -52.08 20.43 -18.49
C ALA B 50 -52.90 19.70 -19.55
N PHE B 51 -53.21 18.43 -19.32
CA PHE B 51 -53.95 17.59 -20.25
C PHE B 51 -55.42 17.99 -20.39
N ASN B 52 -55.90 18.98 -19.63
CA ASN B 52 -57.27 19.46 -19.81
C ASN B 52 -57.39 20.95 -19.54
N ASN B 53 -56.32 21.71 -19.78
CA ASN B 53 -56.29 23.16 -19.54
C ASN B 53 -56.62 23.50 -18.10
N TRP B 54 -56.24 22.61 -17.19
CA TRP B 54 -56.43 22.80 -15.75
C TRP B 54 -57.87 23.20 -15.43
N ASP B 55 -58.80 22.67 -16.22
CA ASP B 55 -60.21 22.98 -16.05
C ASP B 55 -60.81 21.95 -15.11
N PRO B 56 -61.42 22.35 -13.99
CA PRO B 56 -61.91 21.36 -13.03
C PRO B 56 -63.11 20.56 -13.50
N GLU B 57 -63.89 21.04 -14.46
CA GLU B 57 -65.09 20.33 -14.82
C GLU B 57 -64.89 19.38 -16.00
N ALA B 58 -63.67 19.33 -16.55
CA ALA B 58 -63.42 18.42 -17.66
C ALA B 58 -63.54 16.97 -17.22
N HIS B 59 -62.96 16.63 -16.06
CA HIS B 59 -62.89 15.22 -15.63
C HIS B 59 -63.19 15.13 -14.13
N GLN B 60 -64.46 14.94 -13.80
CA GLN B 60 -64.89 14.75 -12.42
C GLN B 60 -64.89 13.24 -12.15
N LEU B 61 -64.04 12.80 -11.23
CA LEU B 61 -64.00 11.37 -10.90
C LEU B 61 -65.36 10.93 -10.37
N GLU B 62 -65.64 9.66 -10.53
CA GLU B 62 -66.91 9.12 -10.09
C GLU B 62 -66.76 8.44 -8.73
N ARG B 63 -67.77 8.66 -7.89
CA ARG B 63 -67.82 8.07 -6.57
C ARG B 63 -68.07 6.58 -6.73
N TYR B 64 -67.15 5.75 -6.26
CA TYR B 64 -67.53 4.35 -6.21
C TYR B 64 -67.84 4.01 -4.75
N GLY B 65 -67.69 2.75 -4.37
CA GLY B 65 -67.94 2.38 -3.00
C GLY B 65 -66.74 2.71 -2.15
N ALA B 66 -66.91 2.47 -0.85
CA ALA B 66 -65.91 2.78 0.17
C ALA B 66 -65.30 4.16 0.01
N GLY B 67 -66.09 5.15 -0.41
CA GLY B 67 -65.52 6.48 -0.50
C GLY B 67 -64.44 6.62 -1.53
N LEU B 68 -64.30 5.66 -2.44
CA LEU B 68 -63.26 5.64 -3.46
C LEU B 68 -63.76 6.33 -4.72
N TRP B 69 -62.90 7.16 -5.30
CA TRP B 69 -63.19 7.87 -6.54
C TRP B 69 -62.28 7.38 -7.65
N ALA B 70 -62.83 7.28 -8.85
CA ALA B 70 -62.05 6.81 -9.99
C ALA B 70 -62.49 7.53 -11.26
N GLY B 71 -61.54 7.69 -12.18
CA GLY B 71 -61.83 8.24 -13.48
C GLY B 71 -60.65 8.09 -14.43
N TYR B 72 -60.94 8.03 -15.72
CA TYR B 72 -59.91 7.90 -16.76
C TYR B 72 -59.86 9.20 -17.56
N VAL B 73 -58.65 9.64 -17.88
CA VAL B 73 -58.46 10.87 -18.65
C VAL B 73 -57.64 10.57 -19.90
N PRO B 74 -58.25 10.62 -21.08
CA PRO B 74 -57.46 10.47 -22.32
C PRO B 74 -56.55 11.67 -22.51
N GLY B 75 -55.31 11.38 -22.94
CA GLY B 75 -54.32 12.41 -23.16
C GLY B 75 -53.46 12.73 -21.97
N ALA B 76 -53.82 12.24 -20.78
CA ALA B 76 -52.92 12.33 -19.63
C ALA B 76 -51.78 11.34 -19.82
N LEU B 77 -50.57 11.86 -19.82
CA LEU B 77 -49.39 11.07 -20.17
C LEU B 77 -48.32 11.19 -19.10
N PRO B 78 -47.33 10.28 -19.08
CA PRO B 78 -46.25 10.37 -18.09
C PRO B 78 -45.57 11.69 -18.14
N GLY B 79 -45.19 12.17 -16.98
CA GLY B 79 -44.55 13.43 -16.92
C GLY B 79 -45.49 14.58 -16.92
N HIS B 80 -46.79 14.34 -17.14
CA HIS B 80 -47.74 15.43 -17.02
C HIS B 80 -47.97 15.67 -15.54
N ALA B 81 -48.11 16.94 -15.17
CA ALA B 81 -48.37 17.29 -13.79
C ALA B 81 -49.86 17.32 -13.50
N TYR B 82 -50.24 16.90 -12.30
CA TYR B 82 -51.64 16.90 -11.96
C TYR B 82 -51.85 17.24 -10.49
N LYS B 83 -53.12 17.44 -10.15
CA LYS B 83 -53.61 17.91 -8.87
C LYS B 83 -55.07 17.48 -8.78
N TYR B 84 -55.54 17.20 -7.57
CA TYR B 84 -56.95 16.88 -7.36
C TYR B 84 -57.66 18.10 -6.83
N ARG B 85 -58.82 18.40 -7.39
CA ARG B 85 -59.68 19.51 -6.95
C ARG B 85 -60.89 18.90 -6.24
N ILE B 86 -60.93 19.01 -4.93
CA ILE B 86 -61.96 18.40 -4.10
C ILE B 86 -62.86 19.50 -3.55
N ARG B 87 -64.17 19.28 -3.63
CA ARG B 87 -65.17 20.23 -3.16
C ARG B 87 -65.83 19.66 -1.92
N HIS B 88 -65.68 20.37 -0.80
CA HIS B 88 -66.37 20.01 0.44
C HIS B 88 -67.46 21.05 0.66
N GLY B 89 -68.66 20.75 0.17
CA GLY B 89 -69.78 21.65 0.33
C GLY B 89 -69.44 23.03 -0.18
N PHE B 90 -69.42 24.01 0.72
CA PHE B 90 -69.17 25.39 0.32
C PHE B 90 -67.76 25.61 -0.19
N TYR B 91 -66.78 24.83 0.28
CA TYR B 91 -65.38 25.11 0.02
C TYR B 91 -64.73 24.07 -0.88
N GLN B 92 -63.78 24.54 -1.69
CA GLN B 92 -62.99 23.68 -2.58
C GLN B 92 -61.51 23.92 -2.34
N ALA B 93 -60.70 22.90 -2.61
CA ALA B 93 -59.25 23.00 -2.41
C ALA B 93 -58.53 22.07 -3.37
N ASP B 94 -57.34 22.49 -3.80
CA ASP B 94 -56.47 21.65 -4.60
C ASP B 94 -55.60 20.83 -3.66
N LYS B 95 -55.50 19.53 -3.93
CA LYS B 95 -54.75 18.63 -3.07
C LYS B 95 -53.81 17.77 -3.90
N THR B 96 -52.74 17.31 -3.28
CA THR B 96 -51.82 16.39 -3.94
C THR B 96 -52.31 14.94 -3.80
N ASP B 97 -51.77 14.09 -4.66
CA ASP B 97 -52.04 12.65 -4.58
C ASP B 97 -51.28 12.02 -3.42
N PRO B 98 -51.96 11.39 -2.47
CA PRO B 98 -51.22 10.67 -1.41
C PRO B 98 -50.44 9.49 -1.95
N TYR B 99 -50.94 8.83 -2.99
CA TYR B 99 -50.31 7.68 -3.62
C TYR B 99 -49.40 8.08 -4.77
N ALA B 100 -49.01 9.35 -4.84
CA ALA B 100 -48.15 9.82 -5.92
C ALA B 100 -46.89 8.97 -6.00
N PHE B 101 -46.58 8.53 -7.21
CA PHE B 101 -45.38 7.72 -7.42
C PHE B 101 -44.15 8.57 -7.69
N ALA B 102 -44.34 9.85 -7.97
CA ALA B 102 -43.25 10.82 -8.04
C ALA B 102 -43.84 12.21 -7.87
N MET B 103 -43.10 13.07 -7.21
CA MET B 103 -43.48 14.46 -7.04
C MET B 103 -42.31 15.32 -7.49
N GLU B 104 -42.64 16.49 -8.01
CA GLU B 104 -41.62 17.33 -8.60
C GLU B 104 -42.01 18.78 -8.42
N PRO B 105 -41.04 19.67 -8.20
CA PRO B 105 -41.37 21.07 -8.23
C PRO B 105 -41.34 21.53 -9.68
N PRO B 106 -42.47 21.98 -10.21
CA PRO B 106 -42.46 22.50 -11.58
C PRO B 106 -41.60 23.72 -11.68
N THR B 107 -41.56 24.46 -10.59
CA THR B 107 -40.82 25.70 -10.47
C THR B 107 -39.32 25.52 -10.60
N GLY B 108 -38.78 24.45 -10.00
CA GLY B 108 -37.32 24.27 -9.93
C GLY B 108 -36.80 25.03 -8.72
N SER B 109 -37.65 25.84 -8.10
CA SER B 109 -37.24 26.72 -6.97
C SER B 109 -36.89 25.93 -5.71
N PRO B 110 -35.98 26.44 -4.86
CA PRO B 110 -35.61 25.76 -3.62
C PRO B 110 -36.81 25.65 -2.70
N ILE B 111 -37.61 26.71 -2.61
CA ILE B 111 -38.86 26.58 -1.82
C ILE B 111 -39.99 26.54 -2.85
N GLU B 112 -40.71 25.43 -2.94
CA GLU B 112 -41.75 25.32 -3.99
C GLU B 112 -42.80 24.28 -3.65
N GLY B 113 -43.97 24.38 -4.26
CA GLY B 113 -44.95 23.29 -4.08
C GLY B 113 -44.43 22.09 -4.82
N LEU B 114 -44.60 20.88 -4.27
CA LEU B 114 -44.21 19.66 -5.02
C LEU B 114 -45.47 19.19 -5.74
N ALA B 115 -45.39 18.94 -7.05
CA ALA B 115 -46.61 18.57 -7.81
C ALA B 115 -46.55 17.10 -8.21
N SER B 116 -47.64 16.37 -7.97
CA SER B 116 -47.70 14.95 -8.37
C SER B 116 -47.56 14.85 -9.89
N ILE B 117 -46.80 13.87 -10.39
CA ILE B 117 -46.51 13.79 -11.85
C ILE B 117 -46.86 12.36 -12.32
N ILE B 118 -47.54 12.23 -13.46
CA ILE B 118 -47.92 10.84 -13.86
C ILE B 118 -46.60 10.10 -14.06
N THR B 119 -46.46 8.90 -13.53
CA THR B 119 -45.16 8.22 -13.56
C THR B 119 -45.30 6.78 -13.94
N ARG B 120 -44.30 6.23 -14.63
CA ARG B 120 -44.30 4.77 -14.93
C ARG B 120 -43.19 4.18 -14.06
N LEU B 121 -43.49 3.14 -13.30
CA LEU B 121 -42.51 2.59 -12.32
C LEU B 121 -41.75 1.42 -12.94
N ASP B 122 -41.92 1.18 -14.24
CA ASP B 122 -41.31 0.00 -14.87
C ASP B 122 -39.79 0.06 -14.76
N TYR B 123 -39.17 -1.08 -14.44
CA TYR B 123 -37.70 -1.16 -14.25
C TYR B 123 -37.34 -2.63 -14.19
N THR B 124 -36.25 -3.01 -14.86
CA THR B 124 -35.83 -4.40 -14.88
C THR B 124 -34.65 -4.55 -13.93
N TRP B 125 -34.80 -5.44 -12.95
CA TRP B 125 -33.82 -5.57 -11.89
C TRP B 125 -32.78 -6.63 -12.24
N HIS B 126 -31.57 -6.42 -11.71
CA HIS B 126 -30.45 -7.34 -11.88
C HIS B 126 -29.84 -7.74 -10.54
N ASP B 127 -30.61 -7.68 -9.46
CA ASP B 127 -30.12 -7.97 -8.12
C ASP B 127 -30.49 -9.39 -7.69
N ASP B 128 -30.63 -10.28 -8.68
CA ASP B 128 -31.02 -11.67 -8.50
C ASP B 128 -30.29 -12.36 -7.35
N ALA B 129 -28.96 -12.36 -7.40
CA ALA B 129 -28.18 -13.11 -6.41
C ALA B 129 -28.41 -12.59 -5.00
N TRP B 130 -28.50 -11.27 -4.86
CA TRP B 130 -28.69 -10.69 -3.54
C TRP B 130 -30.00 -11.14 -2.92
N MET B 131 -31.09 -11.07 -3.69
CA MET B 131 -32.40 -11.35 -3.09
C MET B 131 -32.62 -12.84 -2.85
N GLN B 132 -31.98 -13.69 -3.64
CA GLN B 132 -32.10 -15.14 -3.42
C GLN B 132 -31.28 -15.62 -2.24
N ARG B 133 -30.21 -14.90 -1.88
CA ARG B 133 -29.39 -15.25 -0.75
C ARG B 133 -29.57 -14.30 0.43
N ARG B 134 -30.34 -13.23 0.25
CA ARG B 134 -30.65 -12.29 1.32
C ARG B 134 -31.26 -13.02 2.51
N LYS B 135 -30.90 -12.59 3.72
CA LYS B 135 -31.45 -13.18 4.94
C LYS B 135 -31.89 -12.08 5.89
N GLY B 136 -33.19 -12.09 6.22
CA GLY B 136 -33.79 -11.18 7.17
C GLY B 136 -33.65 -11.58 8.62
N PRO B 137 -34.70 -12.22 9.15
CA PRO B 137 -34.70 -12.62 10.56
C PRO B 137 -33.53 -13.47 10.97
N ALA B 138 -32.99 -14.29 10.06
CA ALA B 138 -31.79 -15.07 10.37
C ALA B 138 -30.55 -14.21 10.54
N SER B 139 -30.60 -12.92 10.16
CA SER B 139 -29.45 -12.06 10.37
C SER B 139 -29.12 -11.88 11.83
N LEU B 140 -30.04 -12.28 12.73
CA LEU B 140 -29.77 -12.28 14.16
C LEU B 140 -28.47 -13.00 14.50
N TYR B 141 -28.11 -14.00 13.70
CA TYR B 141 -26.91 -14.80 13.94
C TYR B 141 -25.86 -14.54 12.87
N GLU B 142 -25.97 -13.41 12.18
CA GLU B 142 -25.04 -12.91 11.19
C GLU B 142 -24.62 -11.50 11.57
N PRO B 143 -23.45 -11.05 11.14
CA PRO B 143 -23.01 -9.69 11.46
C PRO B 143 -23.80 -8.65 10.67
N VAL B 144 -24.33 -7.65 11.37
CA VAL B 144 -25.05 -6.53 10.77
C VAL B 144 -24.34 -5.24 11.20
N SER B 145 -23.75 -4.54 10.24
CA SER B 145 -23.07 -3.26 10.47
C SER B 145 -23.66 -2.22 9.52
N ILE B 146 -24.42 -1.27 10.07
CA ILE B 146 -25.17 -0.31 9.27
C ILE B 146 -24.45 1.04 9.25
N TYR B 147 -24.29 1.60 8.06
CA TYR B 147 -23.79 2.96 7.86
C TYR B 147 -24.98 3.87 7.56
N GLU B 148 -25.32 4.75 8.51
CA GLU B 148 -26.48 5.62 8.36
C GLU B 148 -26.12 6.86 7.54
N VAL B 149 -27.01 7.22 6.62
CA VAL B 149 -26.68 8.19 5.55
C VAL B 149 -27.83 9.15 5.31
N HIS B 150 -27.49 10.42 5.13
CA HIS B 150 -28.35 11.40 4.47
C HIS B 150 -27.76 11.68 3.10
N LEU B 151 -28.50 11.35 2.04
CA LEU B 151 -27.93 11.33 0.69
C LEU B 151 -27.45 12.72 0.27
N GLY B 152 -28.25 13.76 0.54
CA GLY B 152 -27.84 15.10 0.19
C GLY B 152 -26.65 15.59 0.99
N SER B 153 -26.55 15.18 2.25
CA SER B 153 -25.50 15.67 3.13
C SER B 153 -24.20 14.91 2.99
N TRP B 154 -24.22 13.70 2.42
CA TRP B 154 -23.07 12.83 2.48
C TRP B 154 -21.90 13.42 1.72
N ARG B 155 -22.04 13.51 0.40
CA ARG B 155 -21.03 14.12 -0.43
C ARG B 155 -21.71 15.03 -1.44
N HIS B 156 -20.99 16.05 -1.85
CA HIS B 156 -21.50 17.03 -2.80
C HIS B 156 -20.73 16.92 -4.09
N LYS B 157 -21.46 16.90 -5.19
CA LYS B 157 -20.85 16.87 -6.51
C LYS B 157 -20.23 18.22 -6.83
N GLN B 158 -20.85 19.28 -6.31
CA GLN B 158 -20.41 20.66 -6.38
C GLN B 158 -20.91 21.34 -5.14
N PRO B 159 -20.38 22.51 -4.79
CA PRO B 159 -20.82 23.17 -3.55
C PRO B 159 -22.32 23.42 -3.60
N GLY B 160 -23.02 22.92 -2.59
CA GLY B 160 -24.46 23.09 -2.57
C GLY B 160 -25.23 22.20 -3.52
N VAL B 161 -24.59 21.20 -4.13
CA VAL B 161 -25.25 20.32 -5.08
C VAL B 161 -25.00 18.88 -4.67
N SER B 162 -26.06 18.15 -4.35
CA SER B 162 -25.94 16.75 -3.95
C SER B 162 -25.77 15.85 -5.17
N PHE B 163 -25.44 14.59 -4.90
CA PHE B 163 -25.32 13.58 -5.94
C PHE B 163 -26.67 12.97 -6.29
N SER B 164 -26.82 12.62 -7.56
CA SER B 164 -27.97 11.86 -8.00
C SER B 164 -28.04 10.48 -7.34
N TYR B 165 -29.22 9.86 -7.41
CA TYR B 165 -29.33 8.47 -7.01
C TYR B 165 -28.31 7.64 -7.78
N ARG B 166 -28.19 7.89 -9.09
CA ARG B 166 -27.18 7.22 -9.90
C ARG B 166 -25.77 7.73 -9.58
N GLU B 167 -25.59 9.06 -9.55
CA GLU B 167 -24.25 9.61 -9.37
C GLU B 167 -23.64 9.18 -8.06
N ILE B 168 -24.44 9.08 -7.00
CA ILE B 168 -23.92 8.65 -5.71
C ILE B 168 -23.62 7.16 -5.70
N ALA B 169 -24.30 6.38 -6.55
CA ALA B 169 -24.29 4.92 -6.43
C ALA B 169 -22.87 4.38 -6.32
N GLU B 170 -22.03 4.66 -7.30
CA GLU B 170 -20.68 4.13 -7.34
C GLU B 170 -19.81 4.69 -6.22
N PRO B 171 -19.83 6.01 -5.94
CA PRO B 171 -19.05 6.52 -4.79
C PRO B 171 -19.49 5.95 -3.45
N LEU B 172 -20.80 5.86 -3.18
CA LEU B 172 -21.25 5.37 -1.89
C LEU B 172 -20.91 3.89 -1.71
N ALA B 173 -21.19 3.07 -2.72
CA ALA B 173 -20.86 1.66 -2.66
C ALA B 173 -19.36 1.44 -2.47
N ASP B 174 -18.54 2.23 -3.17
CA ASP B 174 -17.09 2.13 -3.00
C ASP B 174 -16.68 2.47 -1.58
N TYR B 175 -17.23 3.55 -1.02
CA TYR B 175 -16.86 3.95 0.33
C TYR B 175 -17.27 2.90 1.36
N VAL B 176 -18.51 2.42 1.27
CA VAL B 176 -19.02 1.48 2.27
C VAL B 176 -18.23 0.19 2.24
N GLN B 177 -17.87 -0.27 1.05
CA GLN B 177 -17.07 -1.48 0.93
C GLN B 177 -15.70 -1.27 1.54
N ASP B 178 -15.10 -0.09 1.32
CA ASP B 178 -13.80 0.20 1.90
C ASP B 178 -13.84 0.12 3.43
N LEU B 179 -14.92 0.58 4.05
CA LEU B 179 -15.04 0.52 5.50
C LEU B 179 -15.77 -0.70 6.01
N GLY B 180 -16.33 -1.54 5.13
CA GLY B 180 -16.82 -2.84 5.54
C GLY B 180 -18.19 -2.89 6.18
N PHE B 181 -19.04 -1.88 5.96
CA PHE B 181 -20.39 -1.96 6.48
C PHE B 181 -21.23 -2.90 5.63
N THR B 182 -22.20 -3.55 6.28
CA THR B 182 -23.06 -4.52 5.61
C THR B 182 -24.28 -3.87 5.00
N HIS B 183 -24.84 -2.87 5.66
CA HIS B 183 -26.03 -2.18 5.18
C HIS B 183 -25.80 -0.68 5.26
N VAL B 184 -26.58 0.05 4.46
CA VAL B 184 -26.73 1.49 4.59
C VAL B 184 -28.15 1.79 5.00
N GLU B 185 -28.31 2.64 6.00
CA GLU B 185 -29.61 3.16 6.39
C GLU B 185 -29.75 4.56 5.85
N LEU B 186 -30.76 4.79 5.03
CA LEU B 186 -30.99 6.09 4.42
C LEU B 186 -32.13 6.78 5.17
N LEU B 187 -31.85 7.97 5.70
CA LEU B 187 -32.84 8.85 6.31
C LEU B 187 -33.96 9.06 5.30
N PRO B 188 -35.21 9.33 5.76
CA PRO B 188 -36.37 9.12 4.89
C PRO B 188 -36.23 9.74 3.51
N ILE B 189 -36.29 8.87 2.48
CA ILE B 189 -36.22 9.31 1.10
C ILE B 189 -37.58 9.63 0.52
N MET B 190 -38.66 9.36 1.26
CA MET B 190 -39.99 9.68 0.77
C MET B 190 -40.12 11.19 0.65
N GLU B 191 -40.94 11.62 -0.31
CA GLU B 191 -41.02 13.03 -0.65
C GLU B 191 -41.37 13.86 0.56
N HIS B 192 -40.59 14.92 0.79
CA HIS B 192 -40.80 15.77 1.95
C HIS B 192 -40.62 17.22 1.52
N PRO B 193 -41.48 18.12 2.00
CA PRO B 193 -41.41 19.51 1.55
C PRO B 193 -40.17 20.22 2.06
N TYR B 194 -39.91 20.11 3.36
CA TYR B 194 -38.81 20.82 3.99
C TYR B 194 -37.57 19.94 3.96
N TYR B 195 -36.57 20.34 3.16
CA TYR B 195 -35.28 19.66 3.17
C TYR B 195 -34.71 19.62 4.58
N GLY B 196 -34.94 20.67 5.36
CA GLY B 196 -34.48 20.73 6.74
C GLY B 196 -35.17 19.75 7.67
N SER B 197 -36.32 19.20 7.27
CA SER B 197 -36.95 18.16 8.07
C SER B 197 -36.18 16.84 8.07
N TRP B 198 -35.22 16.68 7.15
CA TRP B 198 -34.45 15.46 6.91
C TRP B 198 -35.29 14.32 6.36
N GLY B 199 -36.55 14.56 6.03
CA GLY B 199 -37.44 13.53 5.52
C GLY B 199 -38.49 13.05 6.49
N TYR B 200 -38.47 13.52 7.74
CA TYR B 200 -39.42 13.04 8.73
C TYR B 200 -40.78 13.73 8.61
N GLN B 201 -40.89 14.79 7.83
CA GLN B 201 -42.18 15.37 7.46
C GLN B 201 -42.49 14.95 6.03
N VAL B 202 -43.32 13.93 5.87
CA VAL B 202 -43.51 13.26 4.60
C VAL B 202 -44.84 13.69 4.01
N VAL B 203 -44.84 14.04 2.72
CA VAL B 203 -46.05 14.32 1.97
C VAL B 203 -46.36 13.20 0.99
N GLY B 204 -45.35 12.72 0.26
CA GLY B 204 -45.54 11.68 -0.72
C GLY B 204 -44.94 10.37 -0.26
N TYR B 205 -45.70 9.59 0.50
CA TYR B 205 -45.17 8.34 1.04
C TYR B 205 -44.81 7.36 -0.06
N TYR B 206 -45.49 7.41 -1.20
CA TYR B 206 -45.25 6.49 -2.30
C TYR B 206 -44.31 7.06 -3.35
N ALA B 207 -43.73 8.22 -3.10
CA ALA B 207 -42.89 8.90 -4.08
C ALA B 207 -41.49 9.14 -3.51
N PRO B 208 -40.44 8.69 -4.18
CA PRO B 208 -39.08 9.07 -3.76
C PRO B 208 -38.83 10.55 -4.03
N THR B 209 -38.01 11.14 -3.16
CA THR B 209 -37.79 12.59 -3.22
C THR B 209 -37.12 12.99 -4.54
N PHE B 210 -37.58 14.11 -5.10
CA PHE B 210 -37.10 14.61 -6.38
C PHE B 210 -35.63 15.03 -6.32
N ARG B 211 -35.17 15.46 -5.15
CA ARG B 211 -33.85 16.10 -5.03
C ARG B 211 -32.73 15.25 -5.60
N TYR B 212 -32.88 13.92 -5.56
CA TYR B 212 -31.81 13.03 -6.02
C TYR B 212 -32.13 12.33 -7.32
N GLY B 213 -33.32 12.54 -7.90
CA GLY B 213 -33.59 12.06 -9.24
C GLY B 213 -34.97 11.45 -9.34
N THR B 214 -35.14 10.66 -10.39
CA THR B 214 -36.39 9.97 -10.69
C THR B 214 -36.50 8.69 -9.85
N PRO B 215 -37.69 8.07 -9.81
CA PRO B 215 -37.79 6.74 -9.18
C PRO B 215 -36.82 5.70 -9.69
N GLN B 216 -36.65 5.58 -11.01
CA GLN B 216 -35.76 4.57 -11.56
C GLN B 216 -34.32 4.78 -11.12
N ASP B 217 -33.91 6.03 -10.93
CA ASP B 217 -32.58 6.30 -10.39
C ASP B 217 -32.41 5.66 -9.02
N LEU B 218 -33.43 5.78 -8.15
CA LEU B 218 -33.34 5.19 -6.82
C LEU B 218 -33.37 3.67 -6.89
N MET B 219 -34.26 3.11 -7.72
CA MET B 219 -34.26 1.66 -7.92
C MET B 219 -32.90 1.18 -8.38
N TYR B 220 -32.29 1.93 -9.29
CA TYR B 220 -30.95 1.61 -9.76
C TYR B 220 -29.95 1.65 -8.62
N LEU B 221 -30.01 2.68 -7.78
CA LEU B 221 -29.09 2.80 -6.66
C LEU B 221 -29.16 1.57 -5.76
N ILE B 222 -30.38 1.16 -5.40
CA ILE B 222 -30.56 -0.04 -4.59
C ILE B 222 -30.06 -1.27 -5.34
N ASP B 223 -30.44 -1.40 -6.62
CA ASP B 223 -29.92 -2.50 -7.46
C ASP B 223 -28.41 -2.55 -7.42
N TYR B 224 -27.77 -1.42 -7.72
CA TYR B 224 -26.31 -1.35 -7.74
C TYR B 224 -25.72 -1.79 -6.40
N LEU B 225 -26.22 -1.22 -5.31
CA LEU B 225 -25.74 -1.56 -3.97
C LEU B 225 -25.85 -3.06 -3.70
N HIS B 226 -26.93 -3.69 -4.19
CA HIS B 226 -27.10 -5.13 -3.97
C HIS B 226 -26.02 -5.92 -4.70
N GLN B 227 -25.83 -5.63 -5.99
CA GLN B 227 -24.77 -6.28 -6.76
C GLN B 227 -23.42 -6.11 -6.08
N ARG B 228 -23.19 -4.97 -5.43
CA ARG B 228 -22.00 -4.74 -4.64
C ARG B 228 -22.04 -5.40 -3.27
N GLY B 229 -23.11 -6.11 -2.95
CA GLY B 229 -23.19 -6.84 -1.69
C GLY B 229 -23.56 -6.01 -0.49
N ILE B 230 -24.19 -4.85 -0.68
CA ILE B 230 -24.58 -3.97 0.41
C ILE B 230 -26.10 -3.97 0.51
N GLY B 231 -26.61 -4.01 1.74
CA GLY B 231 -28.03 -3.93 1.96
C GLY B 231 -28.50 -2.50 2.14
N VAL B 232 -29.77 -2.27 1.83
CA VAL B 232 -30.36 -0.94 1.91
C VAL B 232 -31.52 -1.01 2.89
N ILE B 233 -31.40 -0.28 3.99
CA ILE B 233 -32.47 -0.13 4.98
C ILE B 233 -33.06 1.26 4.80
N LEU B 234 -34.38 1.33 4.73
CA LEU B 234 -35.07 2.61 4.57
C LEU B 234 -35.66 3.06 5.89
N ASP B 235 -35.53 4.36 6.17
CA ASP B 235 -36.26 4.95 7.27
C ASP B 235 -37.67 5.26 6.82
N TRP B 236 -38.65 4.82 7.60
CA TRP B 236 -40.06 4.89 7.24
C TRP B 236 -40.78 5.58 8.39
N VAL B 237 -41.72 6.46 8.07
CA VAL B 237 -42.32 7.33 9.08
C VAL B 237 -43.83 7.12 9.16
N PRO B 238 -44.30 6.03 9.77
CA PRO B 238 -45.75 5.86 9.96
C PRO B 238 -46.33 6.64 11.14
N SER B 239 -45.50 7.26 11.97
CA SER B 239 -46.01 7.88 13.20
C SER B 239 -46.79 9.16 12.91
N HIS B 240 -46.34 9.95 11.94
CA HIS B 240 -46.97 11.24 11.69
C HIS B 240 -46.67 11.64 10.25
N PHE B 241 -47.56 12.47 9.70
CA PHE B 241 -47.39 12.98 8.35
C PHE B 241 -47.18 14.49 8.36
N ALA B 242 -46.70 15.00 7.22
CA ALA B 242 -46.31 16.39 7.13
C ALA B 242 -47.52 17.33 7.13
N ALA B 243 -47.30 18.54 7.63
CA ALA B 243 -48.33 19.55 7.82
C ALA B 243 -48.60 20.40 6.58
N ASP B 244 -48.52 19.82 5.38
CA ASP B 244 -48.59 20.83 4.34
C ASP B 244 -50.02 20.97 3.80
N PRO B 245 -50.45 22.20 3.54
CA PRO B 245 -51.90 22.47 3.40
C PRO B 245 -52.60 21.67 2.29
N GLN B 246 -51.94 21.43 1.17
CA GLN B 246 -52.44 20.58 0.10
C GLN B 246 -52.22 19.08 0.33
N GLY B 247 -51.49 18.69 1.38
CA GLY B 247 -51.13 17.29 1.59
C GLY B 247 -52.21 16.43 2.21
N LEU B 248 -51.85 15.56 3.16
CA LEU B 248 -52.82 14.62 3.72
C LEU B 248 -53.75 15.30 4.72
N VAL B 249 -53.36 16.47 5.22
CA VAL B 249 -54.19 17.25 6.13
C VAL B 249 -55.58 17.46 5.55
N TYR B 250 -56.61 17.08 6.31
CA TYR B 250 -58.01 17.36 6.00
C TYR B 250 -58.31 17.11 4.51
N PHE B 251 -58.11 15.87 4.10
CA PHE B 251 -58.04 15.55 2.68
C PHE B 251 -59.38 15.80 1.97
N ASP B 252 -60.45 15.20 2.47
CA ASP B 252 -61.77 15.34 1.83
C ASP B 252 -62.51 16.59 2.29
N GLY B 253 -61.81 17.52 2.93
CA GLY B 253 -62.43 18.63 3.61
C GLY B 253 -62.72 18.37 5.06
N THR B 254 -62.57 17.13 5.51
CA THR B 254 -62.79 16.71 6.89
C THR B 254 -61.55 15.94 7.34
N THR B 255 -61.59 15.48 8.58
CA THR B 255 -60.58 14.54 9.06
C THR B 255 -60.65 13.25 8.26
N LEU B 256 -59.49 12.78 7.79
CA LEU B 256 -59.43 11.50 7.12
C LEU B 256 -58.28 10.65 7.67
N PHE B 257 -57.05 11.11 7.45
CA PHE B 257 -55.90 10.42 8.00
C PHE B 257 -55.67 10.74 9.48
N GLU B 258 -56.26 11.84 9.93
CA GLU B 258 -56.09 12.28 11.34
C GLU B 258 -57.29 11.80 12.17
N TYR B 259 -57.16 11.80 13.50
CA TYR B 259 -58.26 11.25 14.32
C TYR B 259 -59.49 12.13 14.15
N ASP B 260 -60.65 11.50 13.95
CA ASP B 260 -61.92 12.26 13.84
C ASP B 260 -62.20 12.97 15.16
N ASP B 261 -61.94 12.28 16.28
CA ASP B 261 -62.28 12.86 17.60
C ASP B 261 -61.46 14.12 17.85
N PRO B 262 -62.05 15.19 18.40
CA PRO B 262 -61.32 16.40 18.71
C PRO B 262 -60.35 16.17 19.85
N ARG B 263 -60.75 15.41 20.88
CA ARG B 263 -59.85 15.29 22.00
C ARG B 263 -58.65 14.38 21.64
N MET B 264 -58.94 13.14 21.24
CA MET B 264 -57.71 12.35 21.07
C MET B 264 -56.86 12.79 19.81
N ARG B 265 -57.09 14.01 19.28
CA ARG B 265 -56.15 14.60 18.34
C ARG B 265 -54.97 15.23 19.05
N HIS B 266 -55.22 15.95 20.15
CA HIS B 266 -54.13 16.55 20.93
C HIS B 266 -53.05 15.54 21.21
N HIS B 267 -51.84 15.82 20.73
CA HIS B 267 -50.71 14.92 20.90
C HIS B 267 -49.48 15.75 21.20
N PRO B 268 -48.64 15.31 22.15
CA PRO B 268 -47.47 16.10 22.51
C PRO B 268 -46.39 16.11 21.44
N ASP B 269 -46.12 14.97 20.80
CA ASP B 269 -45.03 14.94 19.82
C ASP B 269 -45.42 15.66 18.54
N TRP B 270 -46.63 15.42 18.03
CA TRP B 270 -47.05 16.05 16.77
C TRP B 270 -48.41 16.72 16.92
N GLY B 271 -49.43 15.93 17.22
CA GLY B 271 -50.78 16.44 17.38
C GLY B 271 -51.41 16.81 16.06
N THR B 272 -52.69 16.47 15.91
CA THR B 272 -53.46 16.83 14.71
C THR B 272 -52.97 16.07 13.49
N TYR B 273 -51.66 15.79 13.45
CA TYR B 273 -51.02 15.11 12.33
C TYR B 273 -50.61 13.68 12.65
N VAL B 274 -51.29 13.02 13.59
CA VAL B 274 -51.10 11.59 13.82
C VAL B 274 -52.08 10.84 12.93
N PHE B 275 -51.68 9.63 12.51
CA PHE B 275 -52.57 8.79 11.72
C PHE B 275 -53.61 8.14 12.62
N ASP B 276 -54.85 8.12 12.16
CA ASP B 276 -55.94 7.45 12.88
C ASP B 276 -55.90 5.97 12.50
N TYR B 277 -55.20 5.19 13.31
CA TYR B 277 -55.06 3.76 13.05
C TYR B 277 -56.37 3.00 13.19
N ASN B 278 -57.41 3.64 13.72
CA ASN B 278 -58.72 3.00 13.79
C ASN B 278 -59.28 2.78 12.40
N LYS B 279 -59.02 3.69 11.49
CA LYS B 279 -59.63 3.64 10.16
C LYS B 279 -59.01 2.54 9.32
N PRO B 280 -59.82 1.68 8.70
CA PRO B 280 -59.26 0.71 7.75
C PRO B 280 -58.54 1.37 6.59
N GLY B 281 -59.03 2.52 6.13
CA GLY B 281 -58.37 3.22 5.04
C GLY B 281 -56.97 3.69 5.38
N VAL B 282 -56.79 4.22 6.59
CA VAL B 282 -55.45 4.60 7.04
C VAL B 282 -54.56 3.36 7.14
N ARG B 283 -55.10 2.28 7.68
CA ARG B 283 -54.35 1.04 7.79
C ARG B 283 -53.96 0.53 6.41
N ASN B 284 -54.88 0.60 5.45
CA ASN B 284 -54.57 0.29 4.06
C ASN B 284 -53.40 1.13 3.55
N PHE B 285 -53.55 2.46 3.61
CA PHE B 285 -52.53 3.37 3.08
C PHE B 285 -51.16 3.08 3.67
N LEU B 286 -51.08 2.93 4.99
CA LEU B 286 -49.79 2.80 5.65
C LEU B 286 -49.17 1.43 5.41
N ILE B 287 -49.93 0.35 5.61
CA ILE B 287 -49.34 -0.99 5.51
C ILE B 287 -48.97 -1.31 4.07
N SER B 288 -49.81 -0.88 3.11
CA SER B 288 -49.46 -1.00 1.71
C SER B 288 -48.13 -0.31 1.40
N ASN B 289 -47.89 0.86 2.03
CA ASN B 289 -46.67 1.61 1.76
C ASN B 289 -45.43 0.84 2.21
N ALA B 290 -45.48 0.22 3.38
CA ALA B 290 -44.37 -0.63 3.82
C ALA B 290 -44.07 -1.70 2.78
N LEU B 291 -45.09 -2.43 2.35
CA LEU B 291 -44.90 -3.46 1.34
C LEU B 291 -44.49 -2.85 0.00
N PHE B 292 -45.03 -1.67 -0.32
CA PHE B 292 -44.71 -1.00 -1.58
C PHE B 292 -43.21 -0.81 -1.75
N TRP B 293 -42.53 -0.31 -0.72
CA TRP B 293 -41.09 -0.08 -0.82
C TRP B 293 -40.29 -1.38 -0.88
N LEU B 294 -40.70 -2.39 -0.09
CA LEU B 294 -39.98 -3.67 -0.14
C LEU B 294 -40.16 -4.36 -1.48
N ASP B 295 -41.29 -4.12 -2.14
CA ASP B 295 -41.63 -4.78 -3.40
C ASP B 295 -41.05 -4.02 -4.59
N TYR B 296 -41.48 -2.77 -4.77
CA TYR B 296 -41.12 -2.00 -5.95
C TYR B 296 -39.71 -1.44 -5.90
N TYR B 297 -39.11 -1.33 -4.72
CA TYR B 297 -37.77 -0.76 -4.58
C TYR B 297 -36.79 -1.75 -3.96
N HIS B 298 -37.17 -3.02 -3.82
CA HIS B 298 -36.27 -4.10 -3.38
C HIS B 298 -35.56 -3.77 -2.08
N VAL B 299 -36.22 -3.00 -1.21
CA VAL B 299 -35.62 -2.56 0.04
C VAL B 299 -35.44 -3.74 0.98
N ASP B 300 -34.32 -3.76 1.71
CA ASP B 300 -34.02 -4.83 2.63
C ASP B 300 -34.64 -4.64 4.00
N GLY B 301 -34.84 -3.40 4.44
CA GLY B 301 -35.33 -3.16 5.78
C GLY B 301 -36.04 -1.84 5.94
N LEU B 302 -36.85 -1.75 6.99
CA LEU B 302 -37.56 -0.53 7.35
C LEU B 302 -37.33 -0.23 8.81
N ARG B 303 -36.98 1.01 9.13
CA ARG B 303 -36.73 1.44 10.50
C ARG B 303 -37.73 2.53 10.88
N VAL B 304 -38.52 2.27 11.93
CA VAL B 304 -39.55 3.18 12.38
C VAL B 304 -39.04 3.95 13.59
N ASP B 305 -39.11 5.27 13.54
CA ASP B 305 -38.67 6.16 14.60
C ASP B 305 -39.86 6.60 15.45
N ALA B 306 -39.55 7.10 16.64
CA ALA B 306 -40.54 7.64 17.58
C ALA B 306 -41.73 6.71 17.74
N VAL B 307 -41.45 5.43 18.00
CA VAL B 307 -42.54 4.50 18.24
C VAL B 307 -43.24 4.81 19.56
N ALA B 308 -42.52 5.35 20.54
CA ALA B 308 -43.15 5.73 21.79
C ALA B 308 -44.29 6.72 21.55
N SER B 309 -44.13 7.59 20.56
CA SER B 309 -45.21 8.52 20.22
C SER B 309 -46.44 7.79 19.72
N MET B 310 -46.25 6.60 19.12
CA MET B 310 -47.40 5.81 18.68
C MET B 310 -48.05 5.03 19.81
N LEU B 311 -47.25 4.38 20.66
CA LEU B 311 -47.82 3.46 21.64
C LEU B 311 -48.68 4.18 22.66
N TYR B 312 -48.24 5.36 23.09
CA TYR B 312 -48.95 6.13 24.11
C TYR B 312 -49.67 7.31 23.47
N ARG B 313 -50.61 7.90 24.21
CA ARG B 313 -51.40 9.03 23.68
C ARG B 313 -51.03 10.36 24.35
N GLU B 329 -52.68 4.51 26.56
CA GLU B 329 -52.20 3.51 25.56
C GLU B 329 -53.08 3.57 24.30
N ASN B 330 -52.45 3.53 23.13
CA ASN B 330 -53.20 3.57 21.84
C ASN B 330 -53.31 2.15 21.29
N LEU B 331 -54.30 1.38 21.77
CA LEU B 331 -54.39 -0.03 21.32
C LEU B 331 -54.36 -0.12 19.79
N GLU B 332 -55.05 0.79 19.13
CA GLU B 332 -55.16 0.75 17.64
C GLU B 332 -53.77 0.92 17.01
N ALA B 333 -52.96 1.81 17.55
CA ALA B 333 -51.58 1.98 17.04
C ALA B 333 -50.84 0.66 17.25
N ILE B 334 -50.96 0.09 18.45
CA ILE B 334 -50.19 -1.12 18.71
C ILE B 334 -50.65 -2.29 17.86
N ASP B 335 -51.96 -2.42 17.65
CA ASP B 335 -52.42 -3.44 16.74
C ASP B 335 -52.05 -3.12 15.30
N PHE B 336 -52.00 -1.83 14.94
CA PHE B 336 -51.44 -1.46 13.64
C PHE B 336 -49.98 -1.90 13.54
N ILE B 337 -49.18 -1.55 14.55
CA ILE B 337 -47.76 -1.94 14.57
C ILE B 337 -47.64 -3.46 14.46
N LYS B 338 -48.44 -4.18 15.24
CA LYS B 338 -48.40 -5.64 15.22
C LYS B 338 -48.79 -6.18 13.84
N LYS B 339 -49.87 -5.66 13.26
CA LYS B 339 -50.30 -6.17 11.97
C LYS B 339 -49.37 -5.69 10.86
N PHE B 340 -48.73 -4.53 11.04
CA PHE B 340 -47.66 -4.11 10.14
C PHE B 340 -46.56 -5.17 10.08
N ASN B 341 -45.97 -5.51 11.22
CA ASN B 341 -44.87 -6.47 11.24
C ASN B 341 -45.33 -7.85 10.79
N GLU B 342 -46.49 -8.30 11.26
CA GLU B 342 -47.01 -9.59 10.82
C GLU B 342 -47.16 -9.62 9.30
N THR B 343 -47.74 -8.57 8.74
CA THR B 343 -47.98 -8.51 7.30
C THR B 343 -46.67 -8.45 6.53
N VAL B 344 -45.71 -7.65 7.01
CA VAL B 344 -44.43 -7.53 6.32
C VAL B 344 -43.77 -8.88 6.16
N TYR B 345 -43.53 -9.56 7.29
CA TYR B 345 -42.83 -10.84 7.25
C TYR B 345 -43.67 -11.91 6.56
N LEU B 346 -44.98 -11.72 6.49
CA LEU B 346 -45.82 -12.63 5.72
C LEU B 346 -45.51 -12.53 4.24
N HIS B 347 -45.40 -11.31 3.72
CA HIS B 347 -45.13 -11.11 2.31
C HIS B 347 -43.66 -11.17 1.96
N PHE B 348 -42.77 -10.75 2.87
CA PHE B 348 -41.33 -10.74 2.63
C PHE B 348 -40.63 -11.41 3.81
N PRO B 349 -40.47 -12.73 3.77
CA PRO B 349 -39.89 -13.45 4.91
C PRO B 349 -38.47 -13.03 5.26
N GLU B 350 -37.73 -12.40 4.35
CA GLU B 350 -36.35 -12.01 4.60
C GLU B 350 -36.21 -10.50 4.73
N ALA B 351 -37.31 -9.78 4.92
CA ALA B 351 -37.27 -8.36 5.23
C ALA B 351 -36.74 -8.15 6.64
N ILE B 352 -36.50 -6.87 6.98
CA ILE B 352 -36.06 -6.47 8.30
C ILE B 352 -36.87 -5.26 8.75
N THR B 353 -37.37 -5.30 9.98
CA THR B 353 -38.00 -4.14 10.60
C THR B 353 -37.25 -3.77 11.88
N ILE B 354 -36.94 -2.48 12.00
CA ILE B 354 -36.23 -1.94 13.15
C ILE B 354 -37.10 -0.87 13.77
N ALA B 355 -37.10 -0.81 15.11
CA ALA B 355 -37.87 0.18 15.83
C ALA B 355 -36.96 0.91 16.80
N GLU B 356 -37.18 2.21 16.94
CA GLU B 356 -36.61 3.00 18.01
C GLU B 356 -37.73 3.39 18.96
N GLU B 357 -37.64 2.94 20.21
CA GLU B 357 -38.67 3.22 21.20
C GLU B 357 -37.98 3.78 22.44
N SER B 358 -38.26 5.05 22.74
CA SER B 358 -37.57 5.79 23.79
C SER B 358 -38.21 5.61 25.17
N THR B 359 -39.12 4.66 25.30
CA THR B 359 -39.62 4.17 26.57
C THR B 359 -39.00 2.78 26.77
N ALA B 360 -39.14 2.23 27.97
CA ALA B 360 -38.74 0.84 28.15
C ALA B 360 -39.93 -0.09 27.85
N TRP B 361 -40.61 0.15 26.73
CA TRP B 361 -41.75 -0.70 26.38
C TRP B 361 -41.22 -2.10 26.09
N PRO B 362 -41.72 -3.12 26.78
CA PRO B 362 -41.13 -4.45 26.65
C PRO B 362 -41.51 -5.15 25.36
N GLY B 363 -40.63 -6.04 24.92
CA GLY B 363 -40.92 -6.88 23.77
C GLY B 363 -41.13 -6.15 22.47
N VAL B 364 -40.38 -5.07 22.22
CA VAL B 364 -40.38 -4.47 20.89
C VAL B 364 -39.90 -5.48 19.85
N SER B 365 -38.74 -6.07 20.09
CA SER B 365 -38.12 -7.07 19.23
C SER B 365 -38.75 -8.46 19.35
N ALA B 366 -39.89 -8.59 20.08
CA ALA B 366 -40.53 -9.87 20.35
C ALA B 366 -41.63 -10.16 19.33
N PRO B 367 -41.89 -11.44 19.06
CA PRO B 367 -42.93 -11.81 18.10
C PRO B 367 -44.33 -11.55 18.64
N THR B 368 -45.24 -11.21 17.71
CA THR B 368 -46.62 -10.90 18.05
C THR B 368 -47.28 -11.99 18.89
N TYR B 369 -47.05 -13.26 18.56
CA TYR B 369 -47.69 -14.33 19.31
C TYR B 369 -47.17 -14.44 20.74
N ASN B 370 -46.07 -13.76 21.08
CA ASN B 370 -45.59 -13.67 22.44
C ASN B 370 -45.98 -12.37 23.12
N ASN B 371 -46.96 -11.65 22.55
CA ASN B 371 -47.41 -10.34 23.01
C ASN B 371 -46.39 -9.24 22.72
N GLY B 372 -45.47 -9.46 21.77
CA GLY B 372 -44.54 -8.45 21.35
C GLY B 372 -45.07 -7.59 20.20
N LEU B 373 -44.34 -6.51 19.92
CA LEU B 373 -44.69 -5.63 18.80
C LEU B 373 -44.34 -6.21 17.44
N GLY B 374 -43.39 -7.13 17.36
CA GLY B 374 -43.07 -7.82 16.12
C GLY B 374 -41.94 -7.26 15.28
N PHE B 375 -41.17 -6.30 15.78
CA PHE B 375 -39.98 -5.88 15.06
C PHE B 375 -38.88 -6.93 15.27
N LEU B 376 -37.95 -6.97 14.32
CA LEU B 376 -36.78 -7.83 14.52
C LEU B 376 -35.73 -7.18 15.40
N TYR B 377 -35.62 -5.86 15.36
CA TYR B 377 -34.56 -5.14 16.06
C TYR B 377 -35.14 -3.93 16.80
N LYS B 378 -34.48 -3.58 17.90
CA LYS B 378 -34.75 -2.36 18.64
C LYS B 378 -33.46 -1.59 18.85
N TRP B 379 -33.51 -0.29 18.63
CA TRP B 379 -32.36 0.57 18.93
C TRP B 379 -32.08 0.56 20.44
N ASN B 380 -30.84 0.27 20.81
CA ASN B 380 -30.40 0.24 22.21
C ASN B 380 -29.99 1.64 22.65
N MET B 381 -30.99 2.48 22.93
CA MET B 381 -30.70 3.84 23.35
C MET B 381 -30.18 3.89 24.79
N GLY B 382 -30.63 2.96 25.64
CA GLY B 382 -30.03 2.83 26.95
C GLY B 382 -28.53 2.72 26.87
N TRP B 383 -28.04 1.81 26.04
CA TRP B 383 -26.61 1.70 25.78
C TRP B 383 -26.03 3.03 25.32
N MET B 384 -26.68 3.67 24.34
CA MET B 384 -26.16 4.92 23.77
C MET B 384 -26.03 5.99 24.85
N HIS B 385 -27.11 6.24 25.59
CA HIS B 385 -27.10 7.27 26.62
C HIS B 385 -26.01 7.03 27.65
N ASP B 386 -25.98 5.83 28.25
CA ASP B 386 -24.98 5.51 29.26
C ASP B 386 -23.57 5.70 28.75
N THR B 387 -23.23 5.05 27.64
CA THR B 387 -21.85 5.05 27.15
C THR B 387 -21.36 6.47 26.91
N LEU B 388 -22.13 7.27 26.17
CA LEU B 388 -21.74 8.65 25.90
C LEU B 388 -21.61 9.44 27.19
N ASP B 389 -22.57 9.28 28.11
CA ASP B 389 -22.49 9.92 29.42
C ASP B 389 -21.21 9.53 30.14
N TYR B 390 -20.84 8.26 30.09
CA TYR B 390 -19.63 7.81 30.77
C TYR B 390 -18.39 8.42 30.12
N MET B 391 -18.36 8.50 28.79
CA MET B 391 -17.16 8.94 28.11
C MET B 391 -17.07 10.45 28.00
N ARG B 392 -18.19 11.16 28.16
CA ARG B 392 -18.14 12.61 28.31
C ARG B 392 -17.27 13.02 29.48
N ARG B 393 -17.19 12.19 30.52
CA ARG B 393 -16.41 12.51 31.70
C ARG B 393 -14.91 12.36 31.44
N ASP B 394 -14.15 13.15 32.19
CA ASP B 394 -12.70 13.08 32.11
C ASP B 394 -12.23 11.79 32.78
N PRO B 395 -11.13 11.20 32.30
CA PRO B 395 -10.68 9.93 32.87
C PRO B 395 -10.49 9.97 34.38
N VAL B 396 -10.09 11.13 34.93
CA VAL B 396 -9.98 11.29 36.38
C VAL B 396 -11.31 10.96 37.06
N HIS B 397 -12.44 11.38 36.49
CA HIS B 397 -13.72 11.21 37.17
C HIS B 397 -14.42 9.89 36.84
N ARG B 398 -14.02 9.21 35.76
CA ARG B 398 -14.69 7.97 35.35
C ARG B 398 -14.63 6.91 36.45
N LYS B 399 -13.57 6.96 37.25
CA LYS B 399 -13.43 6.23 38.49
C LYS B 399 -14.75 6.19 39.30
N TYR B 400 -15.42 7.34 39.45
CA TYR B 400 -16.63 7.47 40.26
C TYR B 400 -17.93 7.04 39.56
N HIS B 401 -17.91 6.77 38.26
CA HIS B 401 -19.12 6.40 37.52
C HIS B 401 -18.98 5.04 36.85
N HIS B 402 -18.10 4.20 37.39
CA HIS B 402 -17.80 2.89 36.81
C HIS B 402 -19.06 2.07 36.56
N ASP B 403 -20.06 2.16 37.44
CA ASP B 403 -21.27 1.36 37.27
C ASP B 403 -22.03 1.74 36.00
N THR B 404 -21.91 2.98 35.55
CA THR B 404 -22.59 3.40 34.32
C THR B 404 -22.10 2.59 33.13
N LEU B 405 -20.79 2.31 33.09
CA LEU B 405 -20.23 1.52 32.01
C LEU B 405 -20.66 0.05 32.10
N THR B 406 -20.48 -0.56 33.27
CA THR B 406 -20.69 -2.00 33.41
C THR B 406 -22.16 -2.38 33.39
N PHE B 407 -23.04 -1.53 33.91
CA PHE B 407 -24.43 -1.94 34.10
C PHE B 407 -25.21 -2.03 32.78
N SER B 408 -24.65 -1.52 31.68
CA SER B 408 -25.27 -1.71 30.37
C SER B 408 -25.52 -3.19 30.07
N LEU B 409 -24.76 -4.09 30.68
CA LEU B 409 -24.87 -5.52 30.38
C LEU B 409 -26.05 -6.16 31.08
N TRP B 410 -26.60 -5.50 32.10
CA TRP B 410 -27.86 -5.92 32.69
C TRP B 410 -29.01 -5.77 31.71
N TYR B 411 -28.87 -4.88 30.73
CA TYR B 411 -29.92 -4.56 29.78
C TYR B 411 -29.59 -4.97 28.34
N ALA B 412 -28.48 -5.67 28.11
CA ALA B 412 -28.04 -5.92 26.75
C ALA B 412 -28.78 -7.08 26.08
N PHE B 413 -29.63 -7.80 26.80
CA PHE B 413 -30.25 -8.99 26.27
C PHE B 413 -31.78 -8.97 26.36
N SER B 414 -32.37 -7.84 26.75
CA SER B 414 -33.83 -7.77 26.82
C SER B 414 -34.46 -7.80 25.43
N GLU B 415 -33.76 -7.28 24.43
CA GLU B 415 -34.25 -7.26 23.05
C GLU B 415 -33.11 -7.62 22.13
N HIS B 416 -33.45 -7.86 20.86
CA HIS B 416 -32.44 -7.90 19.80
C HIS B 416 -32.07 -6.47 19.47
N TYR B 417 -30.95 -6.02 20.01
CA TYR B 417 -30.63 -4.58 19.89
C TYR B 417 -29.59 -4.25 18.87
N ILE B 418 -29.72 -3.05 18.31
CA ILE B 418 -28.66 -2.53 17.40
C ILE B 418 -28.02 -1.38 18.18
N LEU B 419 -26.76 -1.51 18.61
CA LEU B 419 -26.20 -0.37 19.36
C LEU B 419 -26.22 0.79 18.37
N PRO B 420 -26.70 1.96 18.80
CA PRO B 420 -26.88 3.02 17.78
C PRO B 420 -26.19 4.34 18.08
N LEU B 421 -25.44 4.85 17.11
CA LEU B 421 -24.92 6.24 17.21
C LEU B 421 -25.63 6.89 16.03
N SER B 422 -26.39 7.96 16.24
CA SER B 422 -27.21 8.46 15.11
C SER B 422 -27.05 9.96 14.87
N HIS B 423 -27.75 10.45 13.83
CA HIS B 423 -27.67 11.88 13.47
C HIS B 423 -28.30 12.64 14.63
N ASP B 424 -29.39 12.11 15.18
CA ASP B 424 -30.04 12.74 16.35
C ASP B 424 -29.00 13.02 17.43
N GLU B 425 -27.96 12.19 17.59
CA GLU B 425 -27.04 12.38 18.69
C GLU B 425 -25.93 13.38 18.39
N VAL B 426 -25.78 13.81 17.14
CA VAL B 426 -24.68 14.70 16.80
C VAL B 426 -25.18 16.03 16.24
N VAL B 427 -26.36 16.50 16.68
CA VAL B 427 -26.94 17.74 16.19
C VAL B 427 -27.50 18.52 17.37
N HIS B 428 -27.99 19.73 17.09
CA HIS B 428 -28.68 20.60 18.05
C HIS B 428 -27.87 20.81 19.32
N GLY B 429 -26.59 21.11 19.15
CA GLY B 429 -25.75 21.41 20.28
C GLY B 429 -25.36 20.23 21.14
N LYS B 430 -25.78 19.01 20.79
CA LYS B 430 -25.31 17.83 21.51
C LYS B 430 -23.84 17.57 21.23
N GLY B 431 -23.33 18.14 20.15
CA GLY B 431 -21.93 18.07 19.78
C GLY B 431 -21.65 16.85 18.92
N SER B 432 -20.74 17.01 17.96
CA SER B 432 -20.20 15.87 17.25
C SER B 432 -19.66 14.84 18.23
N LEU B 433 -19.67 13.57 17.81
CA LEU B 433 -19.03 12.53 18.61
C LEU B 433 -17.59 12.90 18.98
N TRP B 434 -16.83 13.42 18.00
CA TRP B 434 -15.51 13.95 18.31
C TRP B 434 -15.56 14.99 19.42
N THR B 435 -16.41 16.01 19.26
CA THR B 435 -16.54 17.05 20.27
C THR B 435 -16.86 16.50 21.66
N LYS B 436 -17.67 15.44 21.73
CA LYS B 436 -18.12 14.92 23.02
C LYS B 436 -16.98 14.38 23.86
N MET B 437 -15.91 14.00 23.27
CA MET B 437 -14.92 13.29 24.05
C MET B 437 -13.89 14.25 24.66
N PRO B 438 -13.39 13.92 25.85
CA PRO B 438 -12.60 14.88 26.63
C PRO B 438 -11.10 14.81 26.36
N GLY B 439 -10.46 15.95 26.58
CA GLY B 439 -9.01 16.06 26.53
C GLY B 439 -8.49 16.67 25.24
N ASP B 440 -7.18 16.52 25.05
CA ASP B 440 -6.56 17.03 23.83
C ASP B 440 -6.87 16.10 22.65
N ASP B 441 -6.45 16.53 21.46
CA ASP B 441 -6.88 15.86 20.24
C ASP B 441 -6.43 14.40 20.20
N TRP B 442 -5.19 14.14 20.61
CA TRP B 442 -4.74 12.74 20.70
C TRP B 442 -5.66 11.95 21.62
N GLN B 443 -6.03 12.53 22.77
CA GLN B 443 -6.89 11.83 23.72
C GLN B 443 -8.32 11.65 23.19
N LYS B 444 -8.86 12.67 22.51
CA LYS B 444 -10.21 12.51 21.95
C LYS B 444 -10.25 11.40 20.90
N ALA B 445 -9.27 11.36 20.01
CA ALA B 445 -9.20 10.27 19.05
C ALA B 445 -8.97 8.93 19.74
N ALA B 446 -8.08 8.91 20.74
CA ALA B 446 -7.86 7.66 21.49
C ALA B 446 -9.18 7.19 22.08
N ASN B 447 -9.90 8.10 22.73
CA ASN B 447 -11.20 7.76 23.37
C ASN B 447 -12.21 7.31 22.31
N LEU B 448 -12.26 7.99 21.16
CA LEU B 448 -13.28 7.67 20.12
C LEU B 448 -13.05 6.23 19.62
N ARG B 449 -11.78 5.87 19.42
CA ARG B 449 -11.46 4.49 18.98
C ARG B 449 -11.90 3.52 20.07
N LEU B 450 -11.68 3.87 21.33
CA LEU B 450 -12.11 3.00 22.47
C LEU B 450 -13.63 2.85 22.48
N LEU B 451 -14.36 3.93 22.24
CA LEU B 451 -15.84 3.87 22.21
C LEU B 451 -16.27 2.95 21.06
N TYR B 452 -15.60 3.08 19.92
CA TYR B 452 -15.94 2.26 18.74
C TYR B 452 -15.53 0.83 19.04
N GLY B 453 -14.34 0.68 19.64
CA GLY B 453 -13.93 -0.65 20.02
C GLY B 453 -14.91 -1.33 20.95
N HIS B 454 -15.35 -0.63 21.99
CA HIS B 454 -16.30 -1.20 22.93
C HIS B 454 -17.66 -1.44 22.28
N MET B 455 -18.09 -0.53 21.40
CA MET B 455 -19.39 -0.71 20.76
C MET B 455 -19.38 -1.98 19.90
N TRP B 456 -18.26 -2.25 19.24
CA TRP B 456 -18.17 -3.46 18.43
C TRP B 456 -18.03 -4.71 19.31
N GLY B 457 -17.34 -4.60 20.45
CA GLY B 457 -17.22 -5.75 21.34
C GLY B 457 -18.50 -6.03 22.10
N HIS B 458 -19.21 -4.99 22.51
CA HIS B 458 -20.45 -5.11 23.25
C HIS B 458 -21.48 -5.88 22.42
N PRO B 459 -22.32 -6.70 23.07
CA PRO B 459 -23.33 -7.45 22.33
C PRO B 459 -24.30 -6.54 21.59
N GLY B 460 -24.72 -6.99 20.42
CA GLY B 460 -25.66 -6.24 19.59
C GLY B 460 -25.13 -5.87 18.22
N LYS B 461 -26.03 -5.62 17.28
CA LYS B 461 -25.62 -5.13 15.97
C LYS B 461 -25.16 -3.67 16.09
N LYS B 462 -24.56 -3.17 15.02
CA LYS B 462 -23.87 -1.89 15.07
C LYS B 462 -24.45 -0.91 14.05
N LEU B 463 -24.63 0.34 14.46
CA LEU B 463 -25.04 1.41 13.55
C LEU B 463 -24.20 2.65 13.83
N LEU B 464 -23.61 3.22 12.78
CA LEU B 464 -22.84 4.46 12.87
C LEU B 464 -23.28 5.40 11.77
N PHE B 465 -23.55 6.65 12.14
CA PHE B 465 -23.98 7.69 11.22
C PHE B 465 -22.78 8.36 10.55
N MET B 466 -23.01 8.87 9.33
CA MET B 466 -21.97 9.51 8.54
C MET B 466 -21.18 10.53 9.39
N GLY B 467 -19.87 10.57 9.14
CA GLY B 467 -18.97 11.50 9.79
C GLY B 467 -18.37 11.00 11.09
N GLY B 468 -19.02 10.07 11.78
CA GLY B 468 -18.41 9.49 12.96
C GLY B 468 -17.19 8.64 12.67
N GLU B 469 -17.12 8.04 11.47
CA GLU B 469 -16.04 7.10 11.21
C GLU B 469 -14.69 7.80 11.06
N PHE B 470 -14.65 9.06 10.63
CA PHE B 470 -13.42 9.83 10.71
C PHE B 470 -13.40 10.79 11.90
N GLY B 471 -14.45 10.80 12.72
CA GLY B 471 -14.53 11.74 13.83
C GLY B 471 -14.58 13.19 13.41
N GLN B 472 -15.61 13.56 12.66
CA GLN B 472 -15.73 14.91 12.17
C GLN B 472 -15.90 15.88 13.34
N HIS B 473 -15.21 17.02 13.25
CA HIS B 473 -15.25 18.01 14.33
C HIS B 473 -16.65 18.59 14.47
N HIS B 474 -17.21 19.05 13.36
CA HIS B 474 -18.40 19.87 13.36
C HIS B 474 -19.65 18.98 13.43
N GLU B 475 -20.69 19.54 14.04
CA GLU B 475 -21.99 18.89 14.05
C GLU B 475 -22.48 18.65 12.63
N TRP B 476 -23.32 17.63 12.48
CA TRP B 476 -23.89 17.34 11.18
C TRP B 476 -24.77 18.50 10.71
N ASN B 477 -24.41 19.08 9.57
CA ASN B 477 -25.17 20.16 8.95
C ASN B 477 -25.77 19.61 7.66
N HIS B 478 -27.10 19.58 7.59
CA HIS B 478 -27.76 18.98 6.42
C HIS B 478 -27.52 19.80 5.16
N ASP B 479 -27.30 21.11 5.29
CA ASP B 479 -27.04 21.96 4.12
C ASP B 479 -25.65 21.77 3.54
N THR B 480 -24.79 20.97 4.16
CA THR B 480 -23.42 20.82 3.71
C THR B 480 -23.08 19.34 3.57
N GLN B 481 -21.87 19.11 3.07
CA GLN B 481 -21.28 17.79 2.96
C GLN B 481 -20.34 17.59 4.15
N LEU B 482 -20.09 16.33 4.50
CA LEU B 482 -19.23 16.06 5.64
C LEU B 482 -17.86 16.69 5.42
N GLU B 483 -17.17 16.98 6.52
CA GLU B 483 -15.86 17.62 6.44
C GLU B 483 -14.85 16.55 6.00
N TRP B 484 -14.92 16.20 4.71
CA TRP B 484 -13.97 15.24 4.17
C TRP B 484 -12.57 15.81 4.15
N HIS B 485 -12.42 17.13 4.11
CA HIS B 485 -11.10 17.74 4.13
C HIS B 485 -10.30 17.32 5.37
N LEU B 486 -11.00 16.94 6.45
CA LEU B 486 -10.36 16.43 7.67
C LEU B 486 -9.67 15.10 7.44
N LEU B 487 -10.01 14.38 6.37
CA LEU B 487 -9.34 13.13 6.11
C LEU B 487 -7.85 13.30 5.82
N ASP B 488 -7.34 14.53 5.69
CA ASP B 488 -5.89 14.63 5.52
C ASP B 488 -5.13 14.44 6.83
N GLN B 489 -5.75 14.80 7.93
CA GLN B 489 -5.06 14.82 9.22
C GLN B 489 -4.89 13.40 9.77
N PRO B 490 -3.82 13.17 10.55
CA PRO B 490 -3.51 11.78 10.93
C PRO B 490 -4.60 11.14 11.78
N TYR B 491 -5.09 11.86 12.79
CA TYR B 491 -6.07 11.28 13.71
C TYR B 491 -7.32 10.79 13.00
N HIS B 492 -7.76 11.52 11.98
CA HIS B 492 -9.08 11.22 11.40
C HIS B 492 -9.01 10.05 10.42
N ARG B 493 -7.96 9.97 9.61
CA ARG B 493 -7.77 8.79 8.79
C ARG B 493 -7.53 7.55 9.63
N GLY B 494 -6.91 7.74 10.81
CA GLY B 494 -6.68 6.60 11.70
C GLY B 494 -7.96 6.04 12.29
N ILE B 495 -8.83 6.92 12.80
CA ILE B 495 -10.12 6.47 13.33
C ILE B 495 -10.89 5.73 12.25
N GLN B 496 -10.89 6.28 11.04
CA GLN B 496 -11.52 5.60 9.89
C GLN B 496 -10.86 4.26 9.63
N ALA B 497 -9.53 4.21 9.70
CA ALA B 497 -8.83 2.93 9.54
C ALA B 497 -9.18 1.97 10.66
N TRP B 498 -9.30 2.48 11.90
CA TRP B 498 -9.67 1.64 13.03
C TRP B 498 -11.08 1.06 12.84
N VAL B 499 -12.00 1.88 12.33
CA VAL B 499 -13.37 1.40 12.09
C VAL B 499 -13.37 0.30 11.02
N ARG B 500 -12.61 0.51 9.94
CA ARG B 500 -12.49 -0.52 8.91
C ARG B 500 -12.02 -1.85 9.50
N ASP B 501 -10.97 -1.81 10.32
CA ASP B 501 -10.42 -3.04 10.88
C ASP B 501 -11.39 -3.66 11.89
N LEU B 502 -12.08 -2.84 12.68
CA LEU B 502 -13.14 -3.38 13.55
C LEU B 502 -14.18 -4.11 12.72
N ASN B 503 -14.62 -3.50 11.61
CA ASN B 503 -15.62 -4.13 10.75
C ASN B 503 -15.06 -5.39 10.10
N HIS B 504 -13.77 -5.40 9.74
CA HIS B 504 -13.20 -6.63 9.21
C HIS B 504 -13.25 -7.73 10.25
N LEU B 505 -12.88 -7.42 11.49
CA LEU B 505 -13.03 -8.38 12.58
C LEU B 505 -14.47 -8.83 12.74
N TYR B 506 -15.42 -7.90 12.70
CA TYR B 506 -16.83 -8.23 12.88
C TYR B 506 -17.30 -9.24 11.84
N ARG B 507 -17.00 -9.01 10.56
CA ARG B 507 -17.49 -9.87 9.49
C ARG B 507 -16.89 -11.28 9.52
N THR B 508 -15.67 -11.45 10.05
CA THR B 508 -15.01 -12.76 9.92
C THR B 508 -15.10 -13.60 11.18
N HIS B 509 -15.04 -13.01 12.37
CA HIS B 509 -14.98 -13.79 13.59
C HIS B 509 -16.40 -14.01 14.11
N PRO B 510 -16.92 -15.24 14.06
CA PRO B 510 -18.32 -15.47 14.47
C PRO B 510 -18.59 -15.31 15.95
N ALA B 511 -17.57 -15.11 16.78
CA ALA B 511 -17.80 -14.91 18.21
C ALA B 511 -18.66 -13.68 18.48
N LEU B 512 -18.63 -12.71 17.57
CA LEU B 512 -19.40 -11.47 17.73
C LEU B 512 -20.79 -11.54 17.11
N TRP B 513 -21.12 -12.62 16.39
CA TRP B 513 -22.40 -12.70 15.70
C TRP B 513 -23.56 -13.01 16.64
N HIS B 514 -23.29 -13.69 17.76
CA HIS B 514 -24.34 -14.13 18.67
C HIS B 514 -24.40 -13.15 19.84
N ASP B 515 -25.38 -12.27 19.82
CA ASP B 515 -25.53 -11.26 20.85
C ASP B 515 -26.37 -11.77 22.01
N GLY B 516 -26.60 -13.08 22.07
CA GLY B 516 -27.32 -13.66 23.17
C GLY B 516 -26.48 -13.68 24.43
N PRO B 517 -27.12 -13.96 25.56
CA PRO B 517 -26.39 -14.04 26.83
C PRO B 517 -25.32 -15.12 26.84
N GLU B 518 -25.53 -16.21 26.10
CA GLU B 518 -24.49 -17.22 25.91
C GLU B 518 -23.23 -16.63 25.29
N GLY B 519 -23.37 -15.59 24.48
CA GLY B 519 -22.27 -15.04 23.72
C GLY B 519 -21.34 -14.11 24.48
N PHE B 520 -21.65 -13.80 25.74
CA PHE B 520 -20.93 -12.83 26.53
C PHE B 520 -20.55 -13.42 27.88
N GLU B 521 -19.30 -13.18 28.31
CA GLU B 521 -18.84 -13.54 29.64
C GLU B 521 -18.08 -12.39 30.27
N TRP B 522 -18.36 -12.12 31.54
CA TRP B 522 -17.56 -11.15 32.29
C TRP B 522 -16.26 -11.80 32.71
N ILE B 523 -15.15 -11.11 32.49
CA ILE B 523 -13.88 -11.49 33.09
C ILE B 523 -13.55 -10.59 34.29
N ASP B 524 -13.71 -9.27 34.17
CA ASP B 524 -13.62 -8.44 35.37
C ASP B 524 -14.33 -7.11 35.21
N PHE B 525 -14.98 -6.67 36.30
CA PHE B 525 -15.61 -5.36 36.36
C PHE B 525 -15.29 -4.55 37.62
N ASN B 526 -14.45 -5.02 38.54
CA ASN B 526 -14.29 -4.33 39.82
C ASN B 526 -13.09 -3.40 39.84
N ASP B 527 -12.42 -3.20 38.71
CA ASP B 527 -11.32 -2.25 38.64
C ASP B 527 -11.90 -0.85 38.46
N ARG B 528 -12.44 -0.30 39.54
CA ARG B 528 -13.07 1.01 39.45
C ARG B 528 -12.04 2.13 39.48
N ASP B 529 -11.00 2.00 40.32
CA ASP B 529 -9.98 3.02 40.41
C ASP B 529 -9.29 3.22 39.06
N GLN B 530 -8.79 2.13 38.48
CA GLN B 530 -8.06 2.28 37.23
C GLN B 530 -8.97 2.27 36.01
N SER B 531 -10.28 2.09 36.21
CA SER B 531 -11.28 2.20 35.14
C SER B 531 -10.92 1.29 33.96
N VAL B 532 -10.84 0.00 34.25
CA VAL B 532 -10.49 -1.04 33.28
C VAL B 532 -11.63 -2.05 33.24
N ILE B 533 -11.85 -2.61 32.05
CA ILE B 533 -12.88 -3.61 31.85
C ILE B 533 -12.34 -4.74 30.99
N CYS B 534 -12.62 -5.97 31.43
CA CYS B 534 -12.32 -7.15 30.65
C CYS B 534 -13.60 -7.96 30.51
N TYR B 535 -13.96 -8.28 29.28
CA TYR B 535 -15.11 -9.12 29.02
C TYR B 535 -14.78 -9.99 27.82
N LEU B 536 -15.58 -11.03 27.66
CA LEU B 536 -15.28 -12.09 26.73
C LEU B 536 -16.46 -12.30 25.78
N ARG B 537 -16.16 -12.59 24.52
CA ARG B 537 -17.19 -12.86 23.52
C ARG B 537 -16.92 -14.20 22.86
N LYS B 538 -17.88 -15.12 22.92
CA LYS B 538 -17.67 -16.52 22.57
C LYS B 538 -18.80 -17.05 21.70
N HIS B 539 -18.44 -17.89 20.73
CA HIS B 539 -19.40 -18.79 20.10
C HIS B 539 -18.75 -20.16 19.94
N THR B 540 -19.33 -21.18 20.60
CA THR B 540 -18.80 -22.54 20.64
C THR B 540 -17.32 -22.50 20.99
N ASP B 541 -16.47 -23.06 20.13
CA ASP B 541 -15.04 -23.06 20.38
C ASP B 541 -14.43 -21.67 20.29
N ARG B 542 -15.01 -20.77 19.50
CA ARG B 542 -14.40 -19.48 19.19
C ARG B 542 -14.46 -18.54 20.38
N LEU B 543 -13.36 -17.82 20.62
CA LEU B 543 -13.27 -16.88 21.74
C LEU B 543 -12.67 -15.56 21.31
N LEU B 544 -13.13 -14.47 21.94
CA LEU B 544 -12.55 -13.14 21.78
C LEU B 544 -12.47 -12.45 23.15
N LEU B 545 -11.29 -11.92 23.47
CA LEU B 545 -11.02 -11.28 24.76
C LEU B 545 -10.90 -9.78 24.57
N PHE B 546 -11.55 -9.01 25.44
CA PHE B 546 -11.57 -7.55 25.37
C PHE B 546 -11.01 -6.95 26.66
N VAL B 547 -9.93 -6.17 26.54
CA VAL B 547 -9.36 -5.44 27.66
C VAL B 547 -9.35 -3.95 27.33
N LEU B 548 -9.95 -3.15 28.19
CA LEU B 548 -10.22 -1.73 27.92
C LEU B 548 -9.68 -0.86 29.05
N ASN B 549 -8.84 0.12 28.71
CA ASN B 549 -8.31 1.10 29.65
C ASN B 549 -8.92 2.47 29.34
N PHE B 550 -9.77 2.97 30.24
CA PHE B 550 -10.46 4.24 30.01
C PHE B 550 -9.75 5.44 30.62
N THR B 551 -8.48 5.29 30.98
CA THR B 551 -7.66 6.37 31.49
C THR B 551 -6.38 6.45 30.66
N PRO B 552 -5.84 7.65 30.45
CA PRO B 552 -4.63 7.77 29.63
C PRO B 552 -3.40 7.16 30.28
N VAL B 553 -3.48 6.78 31.56
CA VAL B 553 -2.37 6.10 32.22
C VAL B 553 -2.26 4.68 31.68
N PRO B 554 -1.14 4.28 31.09
CA PRO B 554 -0.91 2.87 30.77
C PRO B 554 -0.64 2.03 32.01
N ARG B 555 -1.03 0.76 31.93
CA ARG B 555 -0.86 -0.19 33.01
C ARG B 555 -0.04 -1.36 32.49
N GLU B 556 1.02 -1.72 33.21
CA GLU B 556 1.88 -2.82 32.80
C GLU B 556 1.80 -3.93 33.82
N HIS B 557 2.07 -5.15 33.35
CA HIS B 557 1.93 -6.37 34.15
C HIS B 557 0.51 -6.56 34.65
N TYR B 558 -0.47 -6.07 33.90
CA TYR B 558 -1.87 -6.27 34.23
C TYR B 558 -2.26 -7.71 33.92
N ARG B 559 -2.74 -8.44 34.93
CA ARG B 559 -3.13 -9.82 34.74
C ARG B 559 -4.63 -9.92 34.49
N VAL B 560 -5.00 -10.73 33.49
CA VAL B 560 -6.39 -10.89 33.07
C VAL B 560 -6.63 -12.38 32.95
N GLY B 561 -7.57 -12.90 33.74
CA GLY B 561 -7.87 -14.32 33.66
C GLY B 561 -8.44 -14.68 32.31
N VAL B 562 -8.19 -15.92 31.89
CA VAL B 562 -8.69 -16.42 30.61
C VAL B 562 -9.21 -17.83 30.81
N PRO B 563 -10.23 -18.21 30.03
CA PRO B 563 -10.79 -19.56 30.18
C PRO B 563 -9.81 -20.61 29.74
N ILE B 564 -9.19 -20.39 28.59
CA ILE B 564 -8.28 -21.34 27.99
C ILE B 564 -6.86 -20.82 28.19
N GLY B 565 -5.94 -21.76 28.39
CA GLY B 565 -4.54 -21.43 28.47
C GLY B 565 -3.88 -21.57 27.11
N GLY B 566 -2.60 -21.23 27.07
CA GLY B 566 -1.85 -21.42 25.86
C GLY B 566 -1.49 -20.12 25.18
N PRO B 567 -1.07 -20.21 23.92
CA PRO B 567 -0.70 -18.99 23.19
C PRO B 567 -1.91 -18.15 22.84
N TRP B 568 -1.81 -16.84 23.10
CA TRP B 568 -2.82 -15.88 22.71
C TRP B 568 -2.20 -14.83 21.81
N ARG B 569 -2.93 -14.42 20.79
CA ARG B 569 -2.47 -13.36 19.90
C ARG B 569 -3.37 -12.15 20.04
N GLU B 570 -2.77 -10.99 19.87
CA GLU B 570 -3.47 -9.71 19.91
C GLU B 570 -3.87 -9.32 18.49
N VAL B 571 -5.14 -9.47 18.16
CA VAL B 571 -5.60 -9.25 16.79
C VAL B 571 -5.86 -7.78 16.49
N LEU B 572 -6.17 -6.98 17.51
CA LEU B 572 -6.45 -5.57 17.31
C LEU B 572 -6.02 -4.81 18.54
N ASN B 573 -5.40 -3.64 18.32
CA ASN B 573 -4.98 -2.74 19.39
C ASN B 573 -5.31 -1.33 18.93
N SER B 574 -6.26 -0.69 19.61
CA SER B 574 -6.65 0.68 19.26
C SER B 574 -5.46 1.64 19.30
N ASP B 575 -4.44 1.34 20.09
CA ASP B 575 -3.28 2.20 20.27
C ASP B 575 -2.18 1.98 19.23
N ALA B 576 -2.39 1.09 18.27
CA ALA B 576 -1.41 0.90 17.21
C ALA B 576 -1.17 2.20 16.45
N VAL B 577 0.08 2.41 16.02
CA VAL B 577 0.45 3.66 15.36
C VAL B 577 -0.34 3.86 14.08
N ALA B 578 -0.67 2.77 13.38
CA ALA B 578 -1.49 2.87 12.18
C ALA B 578 -2.84 3.53 12.44
N TYR B 579 -3.32 3.47 13.68
CA TYR B 579 -4.58 4.08 14.06
C TYR B 579 -4.41 5.48 14.66
N GLY B 580 -3.17 5.94 14.80
CA GLY B 580 -2.91 7.22 15.43
C GLY B 580 -2.58 7.13 16.90
N GLY B 581 -2.13 5.97 17.38
CA GLY B 581 -1.86 5.77 18.78
C GLY B 581 -0.38 5.85 19.14
N SER B 582 -0.13 5.83 20.46
CA SER B 582 1.23 5.86 20.98
C SER B 582 2.05 4.66 20.51
N GLY B 583 1.39 3.55 20.20
CA GLY B 583 2.07 2.35 19.73
C GLY B 583 2.44 1.31 20.77
N MET B 584 1.94 1.45 22.01
CA MET B 584 2.13 0.39 23.00
C MET B 584 1.21 -0.78 22.75
N GLY B 585 1.69 -1.97 23.10
CA GLY B 585 0.94 -3.19 22.94
C GLY B 585 1.70 -4.34 23.54
N ASN B 586 1.18 -5.55 23.33
CA ASN B 586 1.83 -6.79 23.75
C ASN B 586 2.33 -7.40 22.45
N PHE B 587 3.64 -7.35 22.22
CA PHE B 587 4.21 -7.80 20.91
C PHE B 587 3.93 -9.26 20.60
N GLY B 588 3.23 -9.51 19.50
CA GLY B 588 3.02 -10.89 18.99
C GLY B 588 2.34 -11.84 19.95
N ARG B 589 2.92 -13.05 20.11
CA ARG B 589 2.29 -14.11 20.93
C ARG B 589 2.27 -13.77 22.43
N VAL B 590 1.19 -14.12 23.11
CA VAL B 590 1.11 -13.95 24.59
C VAL B 590 0.81 -15.35 25.15
N GLU B 591 1.52 -15.80 26.18
CA GLU B 591 1.28 -17.18 26.65
C GLU B 591 0.58 -17.12 28.01
N ALA B 592 -0.54 -17.83 28.15
CA ALA B 592 -1.30 -17.81 29.41
C ALA B 592 -0.48 -18.45 30.53
N VAL B 593 -0.62 -17.95 31.75
CA VAL B 593 0.19 -18.47 32.89
C VAL B 593 -0.72 -19.34 33.74
N PRO B 594 -0.33 -20.59 34.04
CA PRO B 594 -1.20 -21.51 34.78
C PRO B 594 -1.42 -21.11 36.23
N GLU B 595 -1.69 -19.83 36.48
CA GLU B 595 -2.00 -19.41 37.83
C GLU B 595 -3.33 -18.67 37.83
N SER B 596 -4.13 -18.89 38.87
CA SER B 596 -5.52 -18.46 38.82
C SER B 596 -5.65 -16.94 38.98
N TRP B 597 -6.60 -16.37 38.24
CA TRP B 597 -6.91 -14.95 38.34
C TRP B 597 -8.33 -14.73 37.86
N HIS B 598 -9.05 -13.83 38.54
CA HIS B 598 -10.43 -13.50 38.20
C HIS B 598 -11.30 -14.75 38.22
N GLY B 599 -11.02 -15.64 39.16
CA GLY B 599 -11.72 -16.92 39.22
C GLY B 599 -11.50 -17.79 38.01
N ARG B 600 -10.42 -17.55 37.25
CA ARG B 600 -10.13 -18.29 36.04
C ARG B 600 -8.82 -19.05 36.19
N PRO B 601 -8.66 -20.18 35.49
CA PRO B 601 -7.44 -20.99 35.68
C PRO B 601 -6.17 -20.31 35.22
N PHE B 602 -6.20 -19.64 34.06
CA PHE B 602 -5.02 -19.03 33.48
C PHE B 602 -5.20 -17.52 33.48
N HIS B 603 -4.13 -16.82 33.10
CA HIS B 603 -4.23 -15.39 32.93
C HIS B 603 -3.15 -14.91 31.98
N LEU B 604 -3.42 -13.79 31.32
CA LEU B 604 -2.42 -13.11 30.50
C LEU B 604 -1.93 -11.90 31.26
N GLU B 605 -0.61 -11.72 31.28
CA GLU B 605 -0.02 -10.54 31.86
C GLU B 605 0.26 -9.57 30.72
N LEU B 606 -0.52 -8.50 30.66
CA LEU B 606 -0.55 -7.63 29.51
C LEU B 606 -0.10 -6.23 29.87
N THR B 607 0.21 -5.46 28.84
CA THR B 607 0.45 -4.03 28.95
C THR B 607 -0.73 -3.32 28.31
N LEU B 608 -1.42 -2.49 29.09
CA LEU B 608 -2.61 -1.83 28.59
C LEU B 608 -2.26 -0.41 28.17
N PRO B 609 -2.36 -0.08 26.89
CA PRO B 609 -1.99 1.26 26.42
C PRO B 609 -2.97 2.32 26.89
N PRO B 610 -2.63 3.60 26.71
CA PRO B 610 -3.55 4.68 27.11
C PRO B 610 -4.82 4.69 26.28
N LEU B 611 -5.94 4.90 26.95
CA LEU B 611 -7.26 5.07 26.32
C LEU B 611 -7.45 4.10 25.17
N ALA B 612 -7.16 2.83 25.44
CA ALA B 612 -7.08 1.84 24.37
C ALA B 612 -7.87 0.60 24.70
N ILE B 613 -8.20 -0.13 23.62
CA ILE B 613 -8.88 -1.41 23.68
C ILE B 613 -7.95 -2.44 23.05
N LEU B 614 -7.77 -3.56 23.73
CA LEU B 614 -7.09 -4.70 23.15
C LEU B 614 -8.12 -5.78 22.87
N ILE B 615 -8.01 -6.39 21.69
CA ILE B 615 -8.84 -7.53 21.33
C ILE B 615 -7.90 -8.69 21.07
N LEU B 616 -8.12 -9.77 21.78
CA LEU B 616 -7.17 -10.87 21.82
C LEU B 616 -7.87 -12.16 21.46
N GLU B 617 -7.16 -13.01 20.73
CA GLU B 617 -7.68 -14.27 20.26
C GLU B 617 -6.74 -15.39 20.69
N PRO B 618 -7.27 -16.54 21.12
CA PRO B 618 -6.40 -17.69 21.33
C PRO B 618 -5.83 -18.10 20.00
N GLU B 619 -4.67 -18.76 20.04
CA GLU B 619 -3.93 -19.03 18.83
C GLU B 619 -4.37 -20.37 18.24
N SER C 2 2.77 -31.82 -56.84
CA SER C 2 3.62 -31.68 -55.66
C SER C 2 4.93 -31.02 -56.05
N TRP C 3 5.08 -29.74 -55.70
CA TRP C 3 6.30 -29.01 -56.01
C TRP C 3 7.48 -29.46 -55.16
N LEU C 4 7.24 -29.73 -53.89
CA LEU C 4 8.33 -30.04 -52.97
C LEU C 4 8.37 -31.53 -52.69
N THR C 5 9.52 -32.13 -52.90
CA THR C 5 9.73 -33.51 -52.48
C THR C 5 9.65 -33.58 -50.96
N GLU C 6 9.23 -34.73 -50.44
CA GLU C 6 9.28 -34.89 -48.99
C GLU C 6 10.72 -34.90 -48.52
N GLU C 7 11.64 -35.29 -49.40
CA GLU C 7 13.05 -35.07 -49.12
C GLU C 7 13.35 -33.58 -49.10
N ASP C 8 12.70 -32.82 -49.97
CA ASP C 8 12.88 -31.37 -49.99
C ASP C 8 12.47 -30.73 -48.66
N ILE C 9 11.37 -31.19 -48.05
CA ILE C 9 10.93 -30.61 -46.79
C ILE C 9 11.89 -30.95 -45.66
N ARG C 10 12.39 -32.19 -45.61
CA ARG C 10 13.29 -32.59 -44.54
C ARG C 10 14.64 -31.87 -44.63
N ARG C 11 15.16 -31.69 -45.84
CA ARG C 11 16.45 -31.00 -45.95
C ARG C 11 16.33 -29.55 -45.54
N TRP C 12 15.22 -28.89 -45.90
CA TRP C 12 15.00 -27.53 -45.46
C TRP C 12 14.90 -27.47 -43.94
N GLU C 13 14.25 -28.46 -43.34
CA GLU C 13 14.11 -28.48 -41.89
C GLU C 13 15.45 -28.66 -41.18
N SER C 14 16.35 -29.44 -41.77
CA SER C 14 17.67 -29.62 -41.18
C SER C 14 18.56 -28.40 -41.36
N GLY C 15 18.16 -27.45 -42.19
CA GLY C 15 19.02 -26.36 -42.60
C GLY C 15 20.17 -26.83 -43.46
N THR C 16 19.97 -27.92 -44.19
CA THR C 16 20.99 -28.54 -45.02
C THR C 16 20.62 -28.45 -46.51
N PHE C 17 19.58 -27.68 -46.82
CA PHE C 17 19.09 -27.51 -48.19
C PHE C 17 19.91 -26.41 -48.86
N TYR C 18 21.06 -26.81 -49.39
CA TYR C 18 21.98 -25.86 -50.01
C TYR C 18 21.74 -25.67 -51.51
N ASP C 19 20.76 -26.37 -52.09
CA ASP C 19 20.26 -26.08 -53.42
C ASP C 19 18.91 -25.39 -53.38
N SER C 20 18.55 -24.80 -52.23
CA SER C 20 17.18 -24.37 -52.00
C SER C 20 16.67 -23.45 -53.10
N TYR C 21 17.56 -22.78 -53.81
CA TYR C 21 17.15 -21.96 -54.96
C TYR C 21 16.50 -22.79 -56.07
N ARG C 22 16.72 -24.11 -56.10
CA ARG C 22 16.01 -24.94 -57.07
C ARG C 22 14.50 -24.90 -56.85
N LYS C 23 14.05 -24.61 -55.62
CA LYS C 23 12.64 -24.72 -55.32
C LYS C 23 12.03 -23.46 -54.74
N LEU C 24 12.79 -22.67 -54.02
CA LEU C 24 12.23 -21.45 -53.47
C LEU C 24 12.36 -20.32 -54.48
N GLY C 25 11.46 -19.35 -54.38
CA GLY C 25 11.35 -18.31 -55.37
C GLY C 25 10.36 -18.67 -56.47
N ALA C 26 10.58 -18.06 -57.62
CA ALA C 26 9.71 -18.20 -58.78
C ALA C 26 10.44 -18.98 -59.87
N HIS C 27 9.80 -20.05 -60.34
CA HIS C 27 10.40 -20.93 -61.33
C HIS C 27 9.46 -21.06 -62.51
N PRO C 28 9.78 -20.46 -63.65
CA PRO C 28 8.80 -20.44 -64.74
C PRO C 28 8.60 -21.84 -65.29
N ASP C 29 7.36 -22.13 -65.60
CA ASP C 29 7.02 -23.36 -66.27
C ASP C 29 6.69 -22.98 -67.70
N GLU C 30 6.37 -23.99 -68.47
CA GLU C 30 6.15 -23.77 -69.89
C GLU C 30 4.76 -23.16 -70.14
N GLU C 31 3.81 -23.44 -69.24
CA GLU C 31 2.47 -22.84 -69.23
C GLU C 31 2.19 -21.97 -68.01
N GLY C 32 3.07 -21.92 -67.03
CA GLY C 32 2.83 -21.12 -65.85
C GLY C 32 4.07 -20.96 -65.00
N THR C 33 3.87 -20.59 -63.73
CA THR C 33 4.98 -20.44 -62.79
C THR C 33 4.71 -21.12 -61.45
N TRP C 34 5.74 -21.77 -60.91
CA TRP C 34 5.69 -22.25 -59.53
C TRP C 34 6.27 -21.18 -58.61
N PHE C 35 5.60 -20.97 -57.47
CA PHE C 35 6.06 -20.03 -56.45
C PHE C 35 6.24 -20.78 -55.14
N CYS C 36 7.34 -20.53 -54.46
CA CYS C 36 7.59 -21.17 -53.17
C CYS C 36 8.26 -20.18 -52.23
N VAL C 37 7.67 -19.98 -51.06
CA VAL C 37 8.11 -18.98 -50.10
C VAL C 37 8.16 -19.62 -48.71
N TRP C 38 9.13 -19.17 -47.91
CA TRP C 38 9.28 -19.60 -46.52
C TRP C 38 8.65 -18.54 -45.61
N ALA C 39 7.56 -18.91 -44.94
CA ALA C 39 6.86 -18.02 -44.02
C ALA C 39 6.22 -18.86 -42.93
N PRO C 40 7.01 -19.30 -41.95
CA PRO C 40 6.50 -20.27 -40.97
C PRO C 40 5.36 -19.74 -40.11
N HIS C 41 5.41 -18.47 -39.70
CA HIS C 41 4.41 -17.91 -38.82
C HIS C 41 3.34 -17.12 -39.57
N ALA C 42 3.07 -17.48 -40.82
CA ALA C 42 2.03 -16.86 -41.63
C ALA C 42 0.77 -17.72 -41.62
N ASP C 43 -0.39 -17.08 -41.52
CA ASP C 43 -1.65 -17.80 -41.65
C ASP C 43 -2.10 -17.96 -43.10
N ALA C 44 -1.70 -17.04 -43.98
CA ALA C 44 -2.02 -17.17 -45.39
C ALA C 44 -0.95 -16.45 -46.19
N VAL C 45 -0.69 -16.97 -47.39
CA VAL C 45 0.29 -16.39 -48.30
C VAL C 45 -0.30 -16.46 -49.70
N SER C 46 -0.21 -15.36 -50.44
CA SER C 46 -0.81 -15.26 -51.75
C SER C 46 0.15 -14.60 -52.72
N VAL C 47 0.10 -15.05 -53.97
CA VAL C 47 0.88 -14.45 -55.05
C VAL C 47 0.02 -13.45 -55.81
N LEU C 48 0.55 -12.25 -56.00
CA LEU C 48 -0.16 -11.20 -56.71
C LEU C 48 0.64 -10.80 -57.94
N GLY C 49 -0.07 -10.57 -59.04
CA GLY C 49 0.58 -10.20 -60.29
C GLY C 49 -0.45 -9.86 -61.34
N ALA C 50 0.04 -9.29 -62.44
CA ALA C 50 -0.82 -9.07 -63.60
C ALA C 50 -1.47 -10.36 -64.07
N PHE C 51 -0.78 -11.50 -63.86
CA PHE C 51 -1.26 -12.80 -64.32
C PHE C 51 -2.48 -13.26 -63.57
N ASN C 52 -2.94 -12.48 -62.58
CA ASN C 52 -4.22 -12.73 -61.93
C ASN C 52 -4.89 -11.42 -61.55
N ASN C 53 -4.54 -10.31 -62.21
CA ASN C 53 -5.13 -9.00 -61.91
C ASN C 53 -4.93 -8.63 -60.44
N TRP C 54 -3.80 -9.04 -59.88
CA TRP C 54 -3.40 -8.68 -58.52
C TRP C 54 -4.48 -9.00 -57.48
N ASP C 55 -5.21 -10.10 -57.67
CA ASP C 55 -6.27 -10.45 -56.73
C ASP C 55 -5.70 -11.37 -55.67
N PRO C 56 -5.78 -11.01 -54.39
CA PRO C 56 -5.13 -11.82 -53.35
C PRO C 56 -5.76 -13.18 -53.11
N GLU C 57 -7.03 -13.39 -53.46
CA GLU C 57 -7.67 -14.67 -53.26
C GLU C 57 -7.62 -15.53 -54.52
N ALA C 58 -7.06 -15.01 -55.61
CA ALA C 58 -6.97 -15.73 -56.87
C ALA C 58 -6.03 -16.94 -56.75
N HIS C 59 -4.86 -16.75 -56.13
CA HIS C 59 -3.83 -17.78 -56.05
C HIS C 59 -3.27 -17.77 -54.63
N GLN C 60 -3.89 -18.56 -53.75
CA GLN C 60 -3.47 -18.69 -52.36
C GLN C 60 -2.55 -19.91 -52.26
N LEU C 61 -1.29 -19.68 -51.91
CA LEU C 61 -0.32 -20.76 -51.81
C LEU C 61 -0.75 -21.76 -50.73
N GLU C 62 -0.32 -22.99 -50.89
CA GLU C 62 -0.65 -24.04 -49.95
C GLU C 62 0.51 -24.30 -49.00
N ARG C 63 0.19 -24.49 -47.73
CA ARG C 63 1.19 -24.75 -46.72
C ARG C 63 1.69 -26.18 -46.83
N TYR C 64 2.99 -26.34 -47.01
CA TYR C 64 3.64 -27.64 -46.94
C TYR C 64 4.31 -27.70 -45.57
N GLY C 65 5.09 -28.73 -45.33
CA GLY C 65 5.71 -28.80 -44.03
C GLY C 65 6.91 -27.87 -43.98
N ALA C 66 7.48 -27.75 -42.79
CA ALA C 66 8.60 -26.84 -42.54
C ALA C 66 8.26 -25.38 -42.80
N GLY C 67 6.98 -25.00 -42.74
CA GLY C 67 6.67 -23.61 -42.96
C GLY C 67 6.88 -23.12 -44.37
N LEU C 68 7.05 -24.01 -45.34
CA LEU C 68 7.26 -23.64 -46.72
C LEU C 68 5.91 -23.59 -47.44
N TRP C 69 5.69 -22.55 -48.22
CA TRP C 69 4.47 -22.39 -49.00
C TRP C 69 4.81 -22.49 -50.48
N ALA C 70 3.95 -23.17 -51.24
CA ALA C 70 4.20 -23.36 -52.66
C ALA C 70 2.87 -23.38 -53.41
N GLY C 71 2.92 -22.96 -54.67
CA GLY C 71 1.73 -22.99 -55.51
C GLY C 71 2.08 -22.72 -56.96
N TYR C 72 1.19 -23.16 -57.84
CA TYR C 72 1.35 -23.01 -59.28
C TYR C 72 0.35 -21.99 -59.81
N VAL C 73 0.80 -21.15 -60.73
CA VAL C 73 -0.05 -20.15 -61.37
C VAL C 73 0.04 -20.29 -62.88
N PRO C 74 -1.00 -20.76 -63.57
CA PRO C 74 -0.97 -20.77 -65.03
C PRO C 74 -1.01 -19.34 -65.56
N GLY C 75 -0.17 -19.08 -66.57
CA GLY C 75 -0.10 -17.78 -67.20
C GLY C 75 0.87 -16.79 -66.60
N ALA C 76 1.43 -17.08 -65.42
CA ALA C 76 2.52 -16.27 -64.89
C ALA C 76 3.80 -16.59 -65.67
N LEU C 77 4.36 -15.57 -66.32
CA LEU C 77 5.42 -15.76 -67.29
C LEU C 77 6.63 -14.90 -66.96
N PRO C 78 7.79 -15.23 -67.53
CA PRO C 78 8.99 -14.41 -67.28
C PRO C 78 8.75 -12.96 -67.69
N GLY C 79 9.36 -12.06 -66.94
CA GLY C 79 9.12 -10.65 -67.15
C GLY C 79 7.90 -10.11 -66.44
N HIS C 80 7.10 -10.97 -65.80
CA HIS C 80 5.99 -10.49 -64.99
C HIS C 80 6.51 -10.03 -63.64
N ALA C 81 5.93 -8.95 -63.13
CA ALA C 81 6.24 -8.50 -61.79
C ALA C 81 5.28 -9.21 -60.86
N TYR C 82 5.77 -9.58 -59.67
CA TYR C 82 4.92 -10.28 -58.75
C TYR C 82 5.18 -9.82 -57.33
N LYS C 83 4.33 -10.30 -56.43
CA LYS C 83 4.25 -9.82 -55.08
C LYS C 83 3.68 -10.92 -54.22
N TYR C 84 4.14 -10.98 -52.98
CA TYR C 84 3.58 -11.89 -51.99
C TYR C 84 2.71 -11.08 -51.04
N ARG C 85 1.50 -11.56 -50.79
CA ARG C 85 0.64 -10.98 -49.78
C ARG C 85 0.58 -11.95 -48.62
N ILE C 86 1.23 -11.60 -47.52
CA ILE C 86 1.30 -12.47 -46.35
C ILE C 86 0.39 -11.90 -45.28
N ARG C 87 -0.43 -12.75 -44.69
CA ARG C 87 -1.38 -12.34 -43.67
C ARG C 87 -0.88 -12.88 -42.34
N HIS C 88 -0.60 -11.98 -41.43
CA HIS C 88 -0.19 -12.31 -40.07
C HIS C 88 -1.39 -11.98 -39.18
N GLY C 89 -2.27 -12.98 -38.99
CA GLY C 89 -3.44 -12.80 -38.18
C GLY C 89 -4.27 -11.62 -38.65
N PHE C 90 -4.40 -10.61 -37.79
CA PHE C 90 -5.22 -9.45 -38.10
C PHE C 90 -4.64 -8.62 -39.23
N TYR C 91 -3.32 -8.65 -39.43
CA TYR C 91 -2.64 -7.73 -40.33
C TYR C 91 -2.12 -8.46 -41.56
N GLN C 92 -2.14 -7.76 -42.69
CA GLN C 92 -1.66 -8.24 -43.97
C GLN C 92 -0.62 -7.27 -44.50
N ALA C 93 0.33 -7.79 -45.28
CA ALA C 93 1.40 -6.95 -45.80
C ALA C 93 1.89 -7.52 -47.12
N ASP C 94 2.32 -6.64 -48.02
CA ASP C 94 2.92 -7.05 -49.28
C ASP C 94 4.44 -7.16 -49.11
N LYS C 95 5.05 -8.24 -49.60
CA LYS C 95 6.49 -8.44 -49.47
C LYS C 95 7.03 -8.82 -50.83
N THR C 96 8.30 -8.53 -51.05
CA THR C 96 9.03 -9.02 -52.21
C THR C 96 9.47 -10.45 -51.96
N ASP C 97 9.81 -11.12 -53.04
CA ASP C 97 10.32 -12.48 -52.99
C ASP C 97 11.74 -12.46 -52.42
N PRO C 98 12.01 -13.14 -51.31
CA PRO C 98 13.40 -13.21 -50.83
C PRO C 98 14.32 -13.91 -51.79
N TYR C 99 13.79 -14.86 -52.56
CA TYR C 99 14.55 -15.60 -53.56
C TYR C 99 14.40 -15.02 -54.96
N ALA C 100 13.93 -13.77 -55.07
CA ALA C 100 13.78 -13.17 -56.38
C ALA C 100 15.10 -13.22 -57.13
N PHE C 101 15.06 -13.75 -58.35
CA PHE C 101 16.26 -13.86 -59.17
C PHE C 101 16.50 -12.62 -60.03
N ALA C 102 15.52 -11.72 -60.08
CA ALA C 102 15.68 -10.43 -60.75
C ALA C 102 14.68 -9.46 -60.15
N MET C 103 15.10 -8.21 -60.00
CA MET C 103 14.25 -7.15 -59.47
C MET C 103 14.34 -5.91 -60.36
N GLU C 104 13.26 -5.15 -60.39
CA GLU C 104 13.16 -3.93 -61.20
C GLU C 104 12.23 -2.95 -60.52
N PRO C 105 12.45 -1.61 -60.61
CA PRO C 105 11.52 -0.66 -60.03
C PRO C 105 10.45 -0.21 -61.02
N PRO C 106 9.15 -0.32 -60.67
CA PRO C 106 8.09 0.17 -61.53
C PRO C 106 8.26 1.68 -61.65
N THR C 107 8.63 2.33 -60.55
CA THR C 107 8.88 3.79 -60.52
C THR C 107 10.04 4.12 -61.43
N GLY C 108 11.05 3.25 -61.49
CA GLY C 108 12.29 3.58 -62.22
C GLY C 108 13.30 4.18 -61.27
N SER C 109 12.91 4.33 -60.01
CA SER C 109 13.90 4.75 -58.97
C SER C 109 14.03 3.56 -58.03
N PRO C 110 15.24 2.99 -57.78
CA PRO C 110 15.31 1.82 -56.92
C PRO C 110 14.85 2.11 -55.51
N ILE C 111 15.21 3.29 -55.00
CA ILE C 111 14.85 3.67 -53.60
C ILE C 111 13.32 3.74 -53.49
N GLU C 112 12.65 4.39 -54.45
CA GLU C 112 11.18 4.55 -54.29
C GLU C 112 10.52 3.18 -54.28
N GLY C 113 10.92 2.27 -55.18
CA GLY C 113 10.37 0.90 -55.12
C GLY C 113 11.25 -0.15 -55.78
N LEU C 114 11.12 -1.42 -55.41
CA LEU C 114 11.81 -2.52 -56.15
C LEU C 114 10.77 -3.64 -56.29
N ALA C 115 10.78 -4.38 -57.41
CA ALA C 115 9.71 -5.40 -57.58
C ALA C 115 10.32 -6.74 -57.97
N SER C 116 9.70 -7.83 -57.55
CA SER C 116 10.17 -9.18 -57.96
C SER C 116 9.62 -9.50 -59.35
N ILE C 117 10.48 -9.85 -60.29
CA ILE C 117 10.07 -10.13 -61.67
C ILE C 117 10.47 -11.55 -61.98
N ILE C 118 9.54 -12.32 -62.54
CA ILE C 118 9.86 -13.69 -62.92
C ILE C 118 10.88 -13.67 -64.04
N THR C 119 11.92 -14.49 -63.88
CA THR C 119 13.06 -14.53 -64.77
C THR C 119 13.38 -16.00 -65.03
N ARG C 120 13.83 -16.30 -66.23
CA ARG C 120 14.39 -17.60 -66.54
C ARG C 120 15.89 -17.42 -66.79
N LEU C 121 16.69 -18.30 -66.22
CA LEU C 121 18.13 -18.11 -66.18
C LEU C 121 18.88 -18.90 -67.25
N ASP C 122 18.18 -19.42 -68.27
CA ASP C 122 18.91 -20.06 -69.37
C ASP C 122 19.94 -19.10 -69.92
N TYR C 123 21.18 -19.55 -69.93
CA TYR C 123 22.29 -18.83 -70.49
C TYR C 123 23.29 -19.89 -70.93
N THR C 124 23.84 -19.70 -72.11
CA THR C 124 24.80 -20.66 -72.65
C THR C 124 26.20 -20.08 -72.51
N TRP C 125 27.06 -20.80 -71.79
CA TRP C 125 28.38 -20.32 -71.41
C TRP C 125 29.44 -20.73 -72.43
N HIS C 126 30.49 -19.91 -72.52
CA HIS C 126 31.64 -20.15 -73.40
C HIS C 126 32.95 -20.07 -72.61
N ASP C 127 32.90 -20.37 -71.31
CA ASP C 127 34.05 -20.25 -70.44
C ASP C 127 34.66 -21.60 -70.09
N ASP C 128 34.45 -22.62 -70.94
CA ASP C 128 34.96 -23.97 -70.71
C ASP C 128 36.42 -23.99 -70.27
N ALA C 129 37.29 -23.37 -71.06
CA ALA C 129 38.72 -23.47 -70.79
C ALA C 129 39.06 -22.92 -69.41
N TRP C 130 38.44 -21.79 -69.03
CA TRP C 130 38.76 -21.17 -67.76
C TRP C 130 38.38 -22.05 -66.57
N MET C 131 37.14 -22.55 -66.54
CA MET C 131 36.67 -23.26 -65.36
C MET C 131 37.23 -24.66 -65.24
N GLN C 132 37.65 -25.27 -66.36
CA GLN C 132 38.36 -26.53 -66.26
C GLN C 132 39.77 -26.32 -65.71
N ARG C 133 40.30 -25.10 -65.84
CA ARG C 133 41.64 -24.75 -65.36
C ARG C 133 41.68 -23.82 -64.14
N ARG C 134 40.53 -23.43 -63.58
CA ARG C 134 40.48 -22.59 -62.36
C ARG C 134 41.27 -23.27 -61.22
N LYS C 135 42.33 -22.63 -60.71
CA LYS C 135 43.16 -23.32 -59.67
C LYS C 135 42.67 -23.14 -58.22
N GLY C 136 41.81 -22.16 -57.93
CA GLY C 136 41.21 -21.99 -56.57
C GLY C 136 42.17 -22.03 -55.38
N PRO C 137 42.16 -23.10 -54.57
CA PRO C 137 43.02 -23.23 -53.39
C PRO C 137 44.50 -23.23 -53.75
N ALA C 138 44.86 -23.84 -54.88
CA ALA C 138 46.26 -23.93 -55.36
C ALA C 138 46.76 -22.53 -55.73
N SER C 139 45.85 -21.55 -55.85
CA SER C 139 46.18 -20.15 -56.23
C SER C 139 47.09 -19.57 -55.16
N LEU C 140 47.12 -20.18 -53.98
CA LEU C 140 48.02 -19.72 -52.89
C LEU C 140 49.44 -19.80 -53.42
N TYR C 141 49.76 -20.82 -54.21
CA TYR C 141 51.11 -20.98 -54.82
C TYR C 141 51.21 -20.21 -56.17
N GLU C 142 50.12 -19.56 -56.62
CA GLU C 142 50.14 -18.80 -57.90
C GLU C 142 50.01 -17.28 -57.66
N PRO C 143 50.27 -16.42 -58.68
CA PRO C 143 50.13 -14.97 -58.51
C PRO C 143 48.66 -14.58 -58.57
N VAL C 144 48.20 -13.88 -57.54
CA VAL C 144 46.84 -13.38 -57.45
C VAL C 144 46.91 -11.88 -57.25
N SER C 145 46.45 -11.12 -58.25
CA SER C 145 46.42 -9.67 -58.20
C SER C 145 44.99 -9.22 -58.47
N ILE C 146 44.32 -8.68 -57.45
CA ILE C 146 42.91 -8.35 -57.53
C ILE C 146 42.76 -6.86 -57.80
N TYR C 147 41.97 -6.54 -58.82
CA TYR C 147 41.58 -5.17 -59.14
C TYR C 147 40.17 -4.97 -58.59
N GLU C 148 40.05 -4.19 -57.51
CA GLU C 148 38.75 -4.02 -56.89
C GLU C 148 37.97 -2.94 -57.63
N VAL C 149 36.69 -3.21 -57.88
CA VAL C 149 35.90 -2.44 -58.83
C VAL C 149 34.50 -2.22 -58.29
N HIS C 150 33.99 -1.01 -58.46
CA HIS C 150 32.57 -0.69 -58.38
C HIS C 150 32.10 -0.44 -59.80
N LEU C 151 31.19 -1.29 -60.30
CA LEU C 151 30.85 -1.27 -61.71
C LEU C 151 30.24 0.06 -62.12
N GLY C 152 29.36 0.63 -61.30
CA GLY C 152 28.76 1.91 -61.63
C GLY C 152 29.75 3.05 -61.68
N SER C 153 30.79 2.99 -60.84
CA SER C 153 31.76 4.07 -60.70
C SER C 153 32.91 4.00 -61.70
N TRP C 154 33.16 2.88 -62.37
CA TRP C 154 34.38 2.75 -63.15
C TRP C 154 34.45 3.77 -64.26
N ARG C 155 33.60 3.62 -65.26
CA ARG C 155 33.51 4.56 -66.37
C ARG C 155 32.04 4.81 -66.66
N HIS C 156 31.74 5.99 -67.19
CA HIS C 156 30.37 6.34 -67.53
C HIS C 156 30.29 6.42 -69.05
N LYS C 157 29.27 5.79 -69.62
CA LYS C 157 29.11 5.84 -71.08
C LYS C 157 28.70 7.22 -71.51
N GLN C 158 27.99 7.92 -70.64
CA GLN C 158 27.60 9.31 -70.78
C GLN C 158 27.59 9.88 -69.37
N PRO C 159 27.65 11.21 -69.23
CA PRO C 159 27.78 11.78 -67.88
C PRO C 159 26.65 11.35 -66.97
N GLY C 160 27.03 10.77 -65.82
CA GLY C 160 26.03 10.30 -64.88
C GLY C 160 25.36 9.01 -65.26
N VAL C 161 25.87 8.30 -66.26
CA VAL C 161 25.27 7.05 -66.74
C VAL C 161 26.35 5.99 -66.81
N SER C 162 26.19 4.93 -66.01
CA SER C 162 27.17 3.86 -65.98
C SER C 162 27.03 2.95 -67.19
N PHE C 163 28.00 2.05 -67.35
CA PHE C 163 27.94 1.04 -68.39
C PHE C 163 27.09 -0.14 -67.93
N SER C 164 26.38 -0.74 -68.89
CA SER C 164 25.69 -1.99 -68.63
C SER C 164 26.69 -3.09 -68.33
N TYR C 165 26.18 -4.21 -67.81
CA TYR C 165 27.00 -5.40 -67.63
C TYR C 165 27.70 -5.76 -68.93
N ARG C 166 26.97 -5.72 -70.04
CA ARG C 166 27.55 -6.05 -71.34
C ARG C 166 28.52 -4.99 -71.80
N GLU C 167 28.10 -3.72 -71.74
CA GLU C 167 28.92 -2.63 -72.27
C GLU C 167 30.24 -2.52 -71.54
N ILE C 168 30.26 -2.80 -70.24
CA ILE C 168 31.49 -2.70 -69.47
C ILE C 168 32.47 -3.82 -69.85
N ALA C 169 31.97 -4.96 -70.32
CA ALA C 169 32.78 -6.17 -70.44
C ALA C 169 34.08 -5.95 -71.22
N GLU C 170 33.96 -5.54 -72.48
CA GLU C 170 35.14 -5.41 -73.34
C GLU C 170 36.05 -4.26 -72.90
N PRO C 171 35.52 -3.08 -72.55
CA PRO C 171 36.42 -2.03 -72.04
C PRO C 171 37.15 -2.43 -70.77
N LEU C 172 36.46 -3.06 -69.81
CA LEU C 172 37.11 -3.43 -68.56
C LEU C 172 38.10 -4.57 -68.77
N ALA C 173 37.69 -5.63 -69.48
CA ALA C 173 38.59 -6.75 -69.72
C ALA C 173 39.87 -6.32 -70.43
N ASP C 174 39.74 -5.41 -71.41
CA ASP C 174 40.92 -4.88 -72.06
C ASP C 174 41.81 -4.16 -71.07
N TYR C 175 41.23 -3.36 -70.18
CA TYR C 175 42.01 -2.64 -69.17
C TYR C 175 42.68 -3.60 -68.20
N VAL C 176 41.92 -4.55 -67.64
CA VAL C 176 42.47 -5.46 -66.63
C VAL C 176 43.54 -6.35 -67.26
N GLN C 177 43.37 -6.74 -68.52
CA GLN C 177 44.39 -7.52 -69.20
C GLN C 177 45.65 -6.69 -69.41
N ASP C 178 45.48 -5.44 -69.84
CA ASP C 178 46.63 -4.58 -70.09
C ASP C 178 47.46 -4.37 -68.83
N LEU C 179 46.80 -4.23 -67.68
CA LEU C 179 47.50 -3.97 -66.43
C LEU C 179 47.94 -5.25 -65.73
N GLY C 180 47.53 -6.41 -66.22
CA GLY C 180 48.07 -7.66 -65.75
C GLY C 180 47.50 -8.18 -64.45
N PHE C 181 46.35 -7.67 -64.02
CA PHE C 181 45.72 -8.22 -62.83
C PHE C 181 45.11 -9.58 -63.18
N THR C 182 45.07 -10.48 -62.20
CA THR C 182 44.54 -11.81 -62.46
C THR C 182 43.03 -11.88 -62.23
N HIS C 183 42.53 -11.18 -61.22
CA HIS C 183 41.11 -11.21 -60.90
C HIS C 183 40.60 -9.78 -60.71
N VAL C 184 39.29 -9.64 -60.88
CA VAL C 184 38.57 -8.42 -60.49
C VAL C 184 37.62 -8.79 -59.36
N GLU C 185 37.61 -7.96 -58.32
CA GLU C 185 36.66 -8.07 -57.24
C GLU C 185 35.59 -7.00 -57.42
N LEU C 186 34.33 -7.42 -57.49
CA LEU C 186 33.22 -6.50 -57.70
C LEU C 186 32.52 -6.26 -56.38
N LEU C 187 32.42 -4.99 -55.98
CA LEU C 187 31.60 -4.56 -54.85
C LEU C 187 30.18 -5.06 -55.08
N PRO C 188 29.41 -5.31 -54.01
CA PRO C 188 28.20 -6.17 -54.15
C PRO C 188 27.26 -5.76 -55.28
N ILE C 189 27.03 -6.71 -56.19
CA ILE C 189 26.10 -6.52 -57.30
C ILE C 189 24.69 -6.97 -56.98
N MET C 190 24.47 -7.57 -55.82
CA MET C 190 23.13 -8.03 -55.47
C MET C 190 22.21 -6.82 -55.31
N GLU C 191 20.94 -7.03 -55.64
CA GLU C 191 20.01 -5.90 -55.73
C GLU C 191 19.95 -5.14 -54.42
N HIS C 192 20.11 -3.82 -54.51
CA HIS C 192 20.13 -2.94 -53.35
C HIS C 192 19.38 -1.66 -53.67
N PRO C 193 18.61 -1.12 -52.72
CA PRO C 193 17.80 0.07 -53.02
C PRO C 193 18.68 1.29 -53.17
N TYR C 194 19.57 1.47 -52.20
CA TYR C 194 20.40 2.66 -52.08
C TYR C 194 21.71 2.45 -52.84
N TYR C 195 21.85 3.15 -53.98
CA TYR C 195 23.11 3.15 -54.71
C TYR C 195 24.26 3.65 -53.85
N GLY C 196 24.00 4.66 -53.02
CA GLY C 196 25.03 5.21 -52.15
C GLY C 196 25.52 4.24 -51.08
N SER C 197 24.79 3.16 -50.85
CA SER C 197 25.25 2.08 -49.98
C SER C 197 26.41 1.30 -50.59
N TRP C 198 26.67 1.46 -51.88
CA TRP C 198 27.65 0.70 -52.67
C TRP C 198 27.25 -0.76 -52.83
N GLY C 199 26.07 -1.17 -52.36
CA GLY C 199 25.63 -2.54 -52.45
C GLY C 199 25.67 -3.34 -51.17
N TYR C 200 26.19 -2.77 -50.09
CA TYR C 200 26.31 -3.52 -48.83
C TYR C 200 25.01 -3.60 -48.06
N GLN C 201 24.01 -2.82 -48.41
CA GLN C 201 22.65 -2.98 -47.87
C GLN C 201 21.83 -3.69 -48.95
N VAL C 202 21.63 -4.99 -48.76
CA VAL C 202 21.16 -5.89 -49.80
C VAL C 202 19.69 -6.23 -49.55
N VAL C 203 18.87 -6.18 -50.61
CA VAL C 203 17.49 -6.62 -50.55
C VAL C 203 17.30 -7.94 -51.28
N GLY C 204 17.85 -8.03 -52.49
CA GLY C 204 17.71 -9.20 -53.35
C GLY C 204 18.98 -9.99 -53.47
N TYR C 205 19.18 -10.93 -52.56
CA TYR C 205 20.41 -11.71 -52.52
C TYR C 205 20.60 -12.55 -53.78
N TYR C 206 19.52 -13.01 -54.41
CA TYR C 206 19.61 -13.87 -55.58
C TYR C 206 19.49 -13.11 -56.90
N ALA C 207 19.43 -11.79 -56.86
CA ALA C 207 19.20 -11.00 -58.07
C ALA C 207 20.37 -10.04 -58.27
N PRO C 208 21.05 -10.06 -59.41
CA PRO C 208 22.01 -9.01 -59.72
C PRO C 208 21.26 -7.70 -59.95
N THR C 209 21.89 -6.60 -59.56
CA THR C 209 21.21 -5.32 -59.58
C THR C 209 20.79 -4.95 -61.00
N PHE C 210 19.58 -4.39 -61.12
CA PHE C 210 19.02 -4.00 -62.41
C PHE C 210 19.81 -2.88 -63.07
N ARG C 211 20.55 -2.10 -62.29
CA ARG C 211 21.15 -0.87 -62.78
C ARG C 211 21.96 -1.09 -64.05
N TYR C 212 22.59 -2.25 -64.20
CA TYR C 212 23.44 -2.53 -65.34
C TYR C 212 22.87 -3.59 -66.29
N GLY C 213 21.73 -4.17 -65.98
CA GLY C 213 21.07 -5.05 -66.94
C GLY C 213 20.48 -6.28 -66.29
N THR C 214 20.20 -7.27 -67.13
CA THR C 214 19.55 -8.51 -66.73
C THR C 214 20.55 -9.47 -66.08
N PRO C 215 20.05 -10.54 -65.43
CA PRO C 215 20.97 -11.61 -65.00
C PRO C 215 21.87 -12.12 -66.10
N GLN C 216 21.30 -12.43 -67.28
CA GLN C 216 22.11 -12.91 -68.39
C GLN C 216 23.11 -11.86 -68.83
N ASP C 217 22.75 -10.57 -68.69
CA ASP C 217 23.71 -9.50 -68.96
C ASP C 217 24.93 -9.64 -68.06
N LEU C 218 24.72 -9.95 -66.78
CA LEU C 218 25.85 -10.17 -65.88
C LEU C 218 26.60 -11.43 -66.27
N MET C 219 25.86 -12.48 -66.65
CA MET C 219 26.48 -13.72 -67.10
C MET C 219 27.40 -13.48 -68.30
N TYR C 220 26.99 -12.64 -69.25
CA TYR C 220 27.86 -12.35 -70.38
C TYR C 220 29.18 -11.76 -69.92
N LEU C 221 29.11 -10.79 -69.00
CA LEU C 221 30.33 -10.17 -68.47
C LEU C 221 31.24 -11.19 -67.81
N ILE C 222 30.69 -11.99 -66.89
CA ILE C 222 31.48 -13.01 -66.20
C ILE C 222 32.04 -14.01 -67.19
N ASP C 223 31.18 -14.49 -68.10
CA ASP C 223 31.65 -15.32 -69.21
C ASP C 223 32.75 -14.62 -69.98
N TYR C 224 32.50 -13.36 -70.36
CA TYR C 224 33.46 -12.59 -71.15
C TYR C 224 34.83 -12.51 -70.46
N LEU C 225 34.84 -12.04 -69.21
CA LEU C 225 36.11 -11.90 -68.48
C LEU C 225 36.87 -13.21 -68.41
N HIS C 226 36.16 -14.34 -68.25
CA HIS C 226 36.83 -15.63 -68.19
C HIS C 226 37.51 -15.96 -69.51
N GLN C 227 36.80 -15.79 -70.63
CA GLN C 227 37.38 -15.98 -71.95
C GLN C 227 38.65 -15.12 -72.11
N ARG C 228 38.64 -13.92 -71.52
CA ARG C 228 39.83 -13.07 -71.48
C ARG C 228 40.81 -13.46 -70.38
N GLY C 229 40.53 -14.52 -69.61
CA GLY C 229 41.47 -14.97 -68.61
C GLY C 229 41.42 -14.21 -67.29
N ILE C 230 40.29 -13.60 -66.96
CA ILE C 230 40.14 -12.83 -65.73
C ILE C 230 39.24 -13.59 -64.77
N GLY C 231 39.62 -13.61 -63.50
CA GLY C 231 38.78 -14.19 -62.48
C GLY C 231 37.88 -13.14 -61.87
N VAL C 232 36.71 -13.59 -61.40
CA VAL C 232 35.72 -12.67 -60.85
C VAL C 232 35.44 -13.08 -59.41
N ILE C 233 35.75 -12.18 -58.48
CA ILE C 233 35.41 -12.33 -57.07
C ILE C 233 34.27 -11.38 -56.76
N LEU C 234 33.23 -11.89 -56.12
CA LEU C 234 32.07 -11.10 -55.74
C LEU C 234 32.09 -10.81 -54.24
N ASP C 235 31.74 -9.59 -53.87
CA ASP C 235 31.56 -9.26 -52.47
C ASP C 235 30.19 -9.75 -51.99
N TRP C 236 30.18 -10.42 -50.85
CA TRP C 236 29.01 -11.10 -50.32
C TRP C 236 28.78 -10.63 -48.90
N VAL C 237 27.51 -10.42 -48.54
CA VAL C 237 27.18 -9.79 -47.27
C VAL C 237 26.29 -10.70 -46.42
N PRO C 238 26.84 -11.73 -45.79
CA PRO C 238 26.02 -12.54 -44.86
C PRO C 238 25.85 -11.91 -43.49
N SER C 239 26.52 -10.78 -43.21
CA SER C 239 26.47 -10.20 -41.88
C SER C 239 25.12 -9.54 -41.59
N HIS C 240 24.52 -8.91 -42.60
CA HIS C 240 23.29 -8.15 -42.38
C HIS C 240 22.58 -7.96 -43.71
N PHE C 241 21.27 -7.74 -43.61
CA PHE C 241 20.42 -7.43 -44.75
C PHE C 241 19.92 -5.99 -44.65
N ALA C 242 19.33 -5.50 -45.74
CA ALA C 242 18.96 -4.10 -45.79
C ALA C 242 17.78 -3.81 -44.87
N ALA C 243 17.76 -2.57 -44.37
CA ALA C 243 16.75 -2.13 -43.41
C ALA C 243 15.48 -1.71 -44.12
N ASP C 244 15.15 -2.42 -45.21
CA ASP C 244 14.12 -2.00 -46.17
C ASP C 244 12.78 -2.67 -45.85
N PRO C 245 11.71 -1.89 -45.78
CA PRO C 245 10.46 -2.40 -45.16
C PRO C 245 9.79 -3.55 -45.90
N GLN C 246 9.73 -3.51 -47.23
CA GLN C 246 9.17 -4.64 -47.96
C GLN C 246 10.15 -5.80 -48.07
N GLY C 247 11.40 -5.60 -47.67
CA GLY C 247 12.40 -6.64 -47.85
C GLY C 247 12.28 -7.73 -46.81
N LEU C 248 13.43 -8.19 -46.31
CA LEU C 248 13.42 -9.34 -45.40
C LEU C 248 13.04 -8.98 -43.97
N VAL C 249 13.10 -7.70 -43.59
CA VAL C 249 12.69 -7.29 -42.24
C VAL C 249 11.29 -7.81 -41.94
N TYR C 250 11.16 -8.53 -40.83
CA TYR C 250 9.88 -9.02 -40.34
C TYR C 250 9.03 -9.59 -41.47
N PHE C 251 9.60 -10.61 -42.12
CA PHE C 251 9.06 -11.08 -43.40
C PHE C 251 7.68 -11.69 -43.26
N ASP C 252 7.54 -12.69 -42.40
CA ASP C 252 6.26 -13.39 -42.24
C ASP C 252 5.31 -12.68 -41.30
N GLY C 253 5.59 -11.42 -40.94
CA GLY C 253 4.89 -10.75 -39.86
C GLY C 253 5.57 -10.83 -38.51
N THR C 254 6.66 -11.60 -38.40
CA THR C 254 7.42 -11.76 -37.15
C THR C 254 8.89 -11.46 -37.44
N THR C 255 9.70 -11.56 -36.40
CA THR C 255 11.13 -11.69 -36.63
C THR C 255 11.32 -13.02 -37.37
N LEU C 256 11.98 -12.99 -38.51
CA LEU C 256 12.21 -14.25 -39.20
C LEU C 256 13.66 -14.39 -39.60
N PHE C 257 14.13 -13.52 -40.50
CA PHE C 257 15.55 -13.54 -40.82
C PHE C 257 16.39 -12.86 -39.75
N GLU C 258 15.74 -12.05 -38.92
CA GLU C 258 16.45 -11.37 -37.80
C GLU C 258 16.30 -12.22 -36.53
N TYR C 259 17.15 -11.97 -35.53
CA TYR C 259 17.12 -12.83 -34.31
C TYR C 259 15.78 -12.67 -33.60
N ASP C 260 15.21 -13.79 -33.17
CA ASP C 260 13.93 -13.74 -32.41
C ASP C 260 14.14 -13.01 -31.09
N ASP C 261 15.26 -13.25 -30.41
CA ASP C 261 15.48 -12.63 -29.08
C ASP C 261 15.58 -11.12 -29.25
N PRO C 262 14.91 -10.30 -28.40
CA PRO C 262 15.08 -8.86 -28.49
C PRO C 262 16.50 -8.41 -28.18
N ARG C 263 17.09 -9.00 -27.13
CA ARG C 263 18.48 -8.61 -26.75
C ARG C 263 19.43 -8.97 -27.89
N MET C 264 19.23 -10.15 -28.47
CA MET C 264 20.05 -10.60 -29.64
C MET C 264 19.78 -9.67 -30.83
N ARG C 265 18.53 -9.20 -30.98
CA ARG C 265 18.17 -8.44 -32.21
C ARG C 265 19.01 -7.16 -32.34
N HIS C 266 19.28 -6.44 -31.25
CA HIS C 266 20.10 -5.21 -31.50
C HIS C 266 21.60 -5.57 -31.45
N HIS C 267 22.32 -5.25 -32.52
CA HIS C 267 23.79 -5.51 -32.62
C HIS C 267 24.40 -4.14 -32.94
N PRO C 268 25.50 -3.70 -32.31
CA PRO C 268 25.94 -2.34 -32.52
C PRO C 268 26.33 -1.89 -33.92
N ASP C 269 27.10 -2.68 -34.66
CA ASP C 269 27.38 -2.29 -36.08
C ASP C 269 26.12 -2.36 -36.95
N TRP C 270 25.31 -3.41 -36.80
CA TRP C 270 24.16 -3.62 -37.73
C TRP C 270 22.78 -3.30 -37.12
N GLY C 271 22.75 -2.75 -35.91
CA GLY C 271 21.45 -2.37 -35.32
C GLY C 271 20.52 -3.55 -35.20
N THR C 272 19.27 -3.39 -35.66
CA THR C 272 18.25 -4.46 -35.48
C THR C 272 18.42 -5.57 -36.50
N TYR C 273 18.95 -5.29 -37.69
CA TYR C 273 18.98 -6.36 -38.71
C TYR C 273 20.29 -7.13 -38.73
N VAL C 274 20.23 -8.40 -38.31
CA VAL C 274 21.41 -9.31 -38.36
C VAL C 274 20.80 -10.69 -38.66
N PHE C 275 21.56 -11.61 -39.25
CA PHE C 275 20.92 -12.90 -39.64
C PHE C 275 20.92 -13.82 -38.43
N ASP C 276 19.74 -14.37 -38.10
CA ASP C 276 19.66 -15.35 -36.98
C ASP C 276 20.28 -16.67 -37.43
N TYR C 277 21.59 -16.84 -37.20
CA TYR C 277 22.26 -18.07 -37.62
C TYR C 277 21.76 -19.29 -36.86
N ASN C 278 20.97 -19.09 -35.79
CA ASN C 278 20.36 -20.23 -35.10
C ASN C 278 19.33 -20.91 -35.98
N LYS C 279 18.58 -20.15 -36.76
CA LYS C 279 17.49 -20.72 -37.54
C LYS C 279 18.07 -21.56 -38.67
N PRO C 280 17.65 -22.81 -38.82
CA PRO C 280 18.07 -23.59 -39.99
C PRO C 280 17.65 -22.94 -41.31
N GLY C 281 16.48 -22.32 -41.34
CA GLY C 281 16.03 -21.67 -42.57
C GLY C 281 16.94 -20.52 -43.00
N VAL C 282 17.40 -19.73 -42.03
CA VAL C 282 18.36 -18.68 -42.34
C VAL C 282 19.65 -19.28 -42.88
N ARG C 283 20.09 -20.39 -42.26
CA ARG C 283 21.30 -21.06 -42.71
C ARG C 283 21.16 -21.54 -44.16
N ASN C 284 20.01 -22.11 -44.50
CA ASN C 284 19.73 -22.47 -45.89
C ASN C 284 19.85 -21.26 -46.81
N PHE C 285 19.08 -20.21 -46.52
CA PHE C 285 19.01 -19.03 -47.39
C PHE C 285 20.40 -18.50 -47.70
N LEU C 286 21.26 -18.40 -46.69
CA LEU C 286 22.58 -17.81 -46.89
C LEU C 286 23.50 -18.77 -47.65
N ILE C 287 23.60 -20.03 -47.21
CA ILE C 287 24.56 -20.93 -47.84
C ILE C 287 24.11 -21.32 -49.24
N SER C 288 22.80 -21.49 -49.45
CA SER C 288 22.30 -21.66 -50.81
C SER C 288 22.69 -20.47 -51.68
N ASN C 289 22.64 -19.26 -51.12
CA ASN C 289 22.99 -18.07 -51.89
C ASN C 289 24.45 -18.08 -52.31
N ALA C 290 25.34 -18.46 -51.39
CA ALA C 290 26.76 -18.58 -51.74
C ALA C 290 26.95 -19.52 -52.92
N LEU C 291 26.41 -20.73 -52.81
CA LEU C 291 26.54 -21.71 -53.88
C LEU C 291 25.83 -21.24 -55.14
N PHE C 292 24.70 -20.54 -54.99
CA PHE C 292 23.95 -20.01 -56.12
C PHE C 292 24.84 -19.15 -57.01
N TRP C 293 25.61 -18.24 -56.40
CA TRP C 293 26.47 -17.36 -57.17
C TRP C 293 27.59 -18.11 -57.87
N LEU C 294 28.22 -19.07 -57.17
CA LEU C 294 29.23 -19.90 -57.81
C LEU C 294 28.64 -20.86 -58.83
N ASP C 295 27.36 -21.21 -58.68
CA ASP C 295 26.74 -22.20 -59.57
C ASP C 295 26.23 -21.55 -60.84
N TYR C 296 25.28 -20.62 -60.72
CA TYR C 296 24.65 -20.04 -61.89
C TYR C 296 25.47 -18.93 -62.53
N TYR C 297 26.42 -18.33 -61.81
CA TYR C 297 27.19 -17.21 -62.32
C TYR C 297 28.68 -17.50 -62.40
N HIS C 298 29.09 -18.75 -62.15
CA HIS C 298 30.47 -19.19 -62.32
C HIS C 298 31.47 -18.30 -61.60
N VAL C 299 31.08 -17.61 -60.53
CA VAL C 299 32.01 -16.69 -59.90
C VAL C 299 33.13 -17.49 -59.27
N ASP C 300 34.35 -16.97 -59.35
CA ASP C 300 35.52 -17.68 -58.88
C ASP C 300 35.71 -17.52 -57.38
N GLY C 301 35.20 -16.44 -56.79
CA GLY C 301 35.40 -16.20 -55.38
C GLY C 301 34.30 -15.36 -54.77
N LEU C 302 34.20 -15.48 -53.45
CA LEU C 302 33.27 -14.69 -52.65
C LEU C 302 34.08 -14.11 -51.49
N ARG C 303 33.93 -12.82 -51.24
CA ARG C 303 34.66 -12.15 -50.16
C ARG C 303 33.68 -11.62 -49.13
N VAL C 304 33.87 -12.06 -47.89
CA VAL C 304 32.97 -11.72 -46.79
C VAL C 304 33.59 -10.59 -45.97
N ASP C 305 32.83 -9.51 -45.79
CA ASP C 305 33.25 -8.35 -45.04
C ASP C 305 32.68 -8.37 -43.61
N ALA C 306 33.29 -7.56 -42.75
CA ALA C 306 32.86 -7.38 -41.36
C ALA C 306 32.62 -8.72 -40.67
N VAL C 307 33.63 -9.60 -40.75
CA VAL C 307 33.53 -10.90 -40.09
C VAL C 307 33.51 -10.73 -38.57
N ALA C 308 34.21 -9.71 -38.05
CA ALA C 308 34.20 -9.47 -36.61
C ALA C 308 32.79 -9.17 -36.11
N SER C 309 31.98 -8.46 -36.90
CA SER C 309 30.62 -8.16 -36.51
C SER C 309 29.78 -9.42 -36.40
N MET C 310 30.13 -10.46 -37.14
CA MET C 310 29.46 -11.76 -36.98
C MET C 310 29.96 -12.49 -35.75
N LEU C 311 31.29 -12.51 -35.55
CA LEU C 311 31.88 -13.34 -34.51
C LEU C 311 31.47 -12.89 -33.13
N TYR C 312 31.43 -11.58 -32.89
CA TYR C 312 31.14 -11.06 -31.57
C TYR C 312 29.74 -10.47 -31.56
N ARG C 313 29.19 -10.31 -30.36
CA ARG C 313 27.93 -9.60 -30.15
C ARG C 313 28.18 -8.19 -29.63
N ASP C 314 29.01 -8.05 -28.59
CA ASP C 314 29.51 -6.74 -28.16
C ASP C 314 29.88 -5.83 -29.34
N ARG C 328 31.04 -13.07 -25.34
CA ARG C 328 31.18 -12.26 -26.55
C ARG C 328 31.07 -13.06 -27.82
N GLU C 329 31.46 -14.33 -27.79
CA GLU C 329 31.47 -15.12 -29.01
C GLU C 329 30.07 -15.54 -29.41
N ASN C 330 29.74 -15.35 -30.68
CA ASN C 330 28.50 -15.83 -31.27
C ASN C 330 28.80 -17.18 -31.94
N LEU C 331 28.30 -18.27 -31.34
CA LEU C 331 28.66 -19.59 -31.87
C LEU C 331 27.84 -19.93 -33.11
N GLU C 332 26.57 -19.57 -33.10
CA GLU C 332 25.71 -19.47 -34.28
C GLU C 332 26.46 -18.94 -35.50
N ALA C 333 27.02 -17.72 -35.39
CA ALA C 333 27.75 -17.15 -36.52
C ALA C 333 29.01 -17.94 -36.84
N ILE C 334 29.72 -18.41 -35.80
CA ILE C 334 30.99 -19.11 -36.05
C ILE C 334 30.73 -20.44 -36.74
N ASP C 335 29.70 -21.17 -36.31
CA ASP C 335 29.38 -22.45 -36.96
C ASP C 335 28.82 -22.24 -38.36
N PHE C 336 27.99 -21.21 -38.55
CA PHE C 336 27.51 -20.88 -39.89
C PHE C 336 28.69 -20.56 -40.80
N ILE C 337 29.61 -19.72 -40.32
CA ILE C 337 30.79 -19.37 -41.09
C ILE C 337 31.55 -20.64 -41.50
N LYS C 338 31.75 -21.55 -40.54
CA LYS C 338 32.49 -22.77 -40.83
C LYS C 338 31.77 -23.64 -41.86
N LYS C 339 30.45 -23.85 -41.69
CA LYS C 339 29.78 -24.69 -42.68
C LYS C 339 29.57 -23.95 -43.99
N PHE C 340 29.49 -22.62 -43.98
CA PHE C 340 29.54 -21.90 -45.24
C PHE C 340 30.78 -22.31 -46.03
N ASN C 341 31.95 -22.20 -45.41
CA ASN C 341 33.19 -22.52 -46.10
C ASN C 341 33.28 -23.98 -46.50
N GLU C 342 32.84 -24.90 -45.62
CA GLU C 342 32.91 -26.32 -45.94
C GLU C 342 32.07 -26.69 -47.16
N THR C 343 30.81 -26.22 -47.23
CA THR C 343 29.97 -26.58 -48.37
C THR C 343 30.53 -25.98 -49.66
N VAL C 344 31.00 -24.74 -49.60
CA VAL C 344 31.55 -24.07 -50.78
C VAL C 344 32.64 -24.94 -51.41
N TYR C 345 33.67 -25.27 -50.62
CA TYR C 345 34.79 -26.04 -51.14
C TYR C 345 34.42 -27.48 -51.46
N LEU C 346 33.36 -28.01 -50.81
CA LEU C 346 32.92 -29.36 -51.12
C LEU C 346 32.29 -29.42 -52.51
N HIS C 347 31.41 -28.46 -52.83
CA HIS C 347 30.70 -28.45 -54.11
C HIS C 347 31.49 -27.79 -55.22
N PHE C 348 32.28 -26.76 -54.90
CA PHE C 348 33.11 -26.05 -55.87
C PHE C 348 34.51 -26.05 -55.28
N PRO C 349 35.27 -27.11 -55.50
CA PRO C 349 36.61 -27.20 -54.90
C PRO C 349 37.56 -26.11 -55.37
N GLU C 350 37.29 -25.44 -56.48
CA GLU C 350 38.20 -24.44 -57.01
C GLU C 350 37.67 -23.02 -56.85
N ALA C 351 36.63 -22.81 -56.06
CA ALA C 351 36.25 -21.47 -55.68
C ALA C 351 37.27 -20.91 -54.70
N ILE C 352 37.15 -19.62 -54.39
CA ILE C 352 38.01 -18.97 -53.40
C ILE C 352 37.12 -18.17 -52.45
N THR C 353 37.37 -18.30 -51.16
CA THR C 353 36.65 -17.53 -50.14
C THR C 353 37.64 -16.64 -49.40
N ILE C 354 37.29 -15.35 -49.26
CA ILE C 354 38.12 -14.36 -48.57
C ILE C 354 37.32 -13.68 -47.47
N ALA C 355 38.00 -13.39 -46.35
CA ALA C 355 37.40 -12.68 -45.21
C ALA C 355 38.25 -11.49 -44.79
N GLU C 356 37.57 -10.42 -44.37
CA GLU C 356 38.18 -9.30 -43.67
C GLU C 356 37.70 -9.28 -42.23
N GLU C 357 38.62 -9.34 -41.28
CA GLU C 357 38.27 -9.36 -39.86
C GLU C 357 39.08 -8.32 -39.08
N SER C 358 38.39 -7.37 -38.43
CA SER C 358 39.04 -6.24 -37.76
C SER C 358 39.56 -6.57 -36.36
N THR C 359 39.44 -7.81 -35.94
CA THR C 359 40.08 -8.33 -34.73
C THR C 359 41.23 -9.23 -35.16
N ALA C 360 42.07 -9.60 -34.18
CA ALA C 360 43.13 -10.58 -34.43
C ALA C 360 42.63 -12.00 -34.15
N TRP C 361 41.47 -12.34 -34.71
CA TRP C 361 40.91 -13.69 -34.54
C TRP C 361 41.78 -14.70 -35.26
N PRO C 362 42.20 -15.77 -34.58
CA PRO C 362 43.14 -16.71 -35.18
C PRO C 362 42.47 -17.64 -36.19
N GLY C 363 43.27 -18.12 -37.13
CA GLY C 363 42.82 -19.13 -38.06
C GLY C 363 41.65 -18.73 -38.92
N VAL C 364 41.58 -17.47 -39.33
CA VAL C 364 40.61 -17.08 -40.34
C VAL C 364 40.85 -17.87 -41.63
N SER C 365 42.10 -17.89 -42.09
CA SER C 365 42.51 -18.63 -43.27
C SER C 365 42.72 -20.13 -43.03
N ALA C 366 42.42 -20.66 -41.82
CA ALA C 366 42.76 -22.05 -41.50
C ALA C 366 41.58 -22.98 -41.76
N PRO C 367 41.85 -24.26 -42.03
CA PRO C 367 40.74 -25.21 -42.26
C PRO C 367 39.97 -25.46 -40.97
N THR C 368 38.65 -25.60 -41.12
CA THR C 368 37.78 -25.88 -39.99
C THR C 368 38.25 -27.10 -39.21
N TYR C 369 38.75 -28.12 -39.91
CA TYR C 369 39.20 -29.32 -39.20
C TYR C 369 40.40 -29.04 -38.30
N ASN C 370 41.05 -27.87 -38.46
CA ASN C 370 42.08 -27.40 -37.55
C ASN C 370 41.56 -26.29 -36.63
N ASN C 371 40.24 -26.18 -36.48
CA ASN C 371 39.55 -25.15 -35.68
C ASN C 371 39.64 -23.77 -36.30
N GLY C 372 39.88 -23.69 -37.60
CA GLY C 372 39.84 -22.41 -38.29
C GLY C 372 38.45 -22.08 -38.78
N LEU C 373 38.28 -20.83 -39.21
CA LEU C 373 37.00 -20.40 -39.78
C LEU C 373 36.81 -20.94 -41.19
N GLY C 374 37.89 -21.34 -41.87
CA GLY C 374 37.81 -21.98 -43.16
C GLY C 374 37.92 -21.09 -44.37
N PHE C 375 38.29 -19.82 -44.19
CA PHE C 375 38.53 -18.96 -45.35
C PHE C 375 39.85 -19.33 -46.00
N LEU C 376 39.96 -19.07 -47.30
CA LEU C 376 41.24 -19.28 -47.96
C LEU C 376 42.19 -18.11 -47.76
N TYR C 377 41.65 -16.89 -47.74
CA TYR C 377 42.46 -15.70 -47.68
C TYR C 377 41.89 -14.75 -46.64
N LYS C 378 42.78 -13.97 -46.03
CA LYS C 378 42.40 -12.90 -45.13
C LYS C 378 43.07 -11.61 -45.58
N TRP C 379 42.32 -10.53 -45.57
CA TRP C 379 42.90 -9.22 -45.83
C TRP C 379 43.91 -8.89 -44.73
N ASN C 380 45.13 -8.53 -45.13
CA ASN C 380 46.16 -8.12 -44.17
C ASN C 380 45.97 -6.64 -43.86
N MET C 381 44.96 -6.36 -43.05
CA MET C 381 44.68 -4.98 -42.70
C MET C 381 45.74 -4.43 -41.75
N GLY C 382 46.35 -5.31 -40.94
CA GLY C 382 47.53 -4.91 -40.19
C GLY C 382 48.59 -4.30 -41.08
N TRP C 383 48.98 -5.02 -42.13
CA TRP C 383 49.92 -4.49 -43.11
C TRP C 383 49.46 -3.15 -43.65
N MET C 384 48.19 -3.06 -44.05
CA MET C 384 47.69 -1.84 -44.67
C MET C 384 47.83 -0.64 -43.74
N HIS C 385 47.29 -0.75 -42.53
CA HIS C 385 47.42 0.34 -41.56
C HIS C 385 48.87 0.66 -41.30
N ASP C 386 49.68 -0.36 -40.98
CA ASP C 386 51.10 -0.15 -40.72
C ASP C 386 51.78 0.60 -41.86
N THR C 387 51.68 0.05 -43.08
CA THR C 387 52.33 0.66 -44.24
C THR C 387 51.85 2.09 -44.43
N LEU C 388 50.52 2.27 -44.45
CA LEU C 388 49.96 3.61 -44.66
C LEU C 388 50.40 4.57 -43.56
N ASP C 389 50.35 4.12 -42.30
CA ASP C 389 50.82 4.97 -41.20
C ASP C 389 52.26 5.43 -41.43
N TYR C 390 53.12 4.54 -41.91
CA TYR C 390 54.54 4.88 -42.09
C TYR C 390 54.77 5.88 -43.21
N MET C 391 54.19 5.65 -44.39
CA MET C 391 54.53 6.47 -45.54
C MET C 391 53.69 7.73 -45.59
N ARG C 392 52.59 7.76 -44.86
CA ARG C 392 51.87 9.00 -44.62
C ARG C 392 52.80 10.06 -44.01
N ARG C 393 53.77 9.62 -43.20
CA ARG C 393 54.74 10.47 -42.53
C ARG C 393 55.88 10.90 -43.46
N ASP C 394 56.47 12.04 -43.09
CA ASP C 394 57.51 12.69 -43.85
C ASP C 394 58.84 11.93 -43.80
N PRO C 395 59.62 11.96 -44.88
CA PRO C 395 60.92 11.25 -44.88
C PRO C 395 61.88 11.69 -43.79
N VAL C 396 61.90 12.98 -43.41
CA VAL C 396 62.72 13.40 -42.27
C VAL C 396 62.35 12.61 -41.03
N HIS C 397 61.07 12.28 -40.87
CA HIS C 397 60.59 11.58 -39.69
C HIS C 397 60.61 10.07 -39.82
N ARG C 398 60.71 9.55 -41.05
CA ARG C 398 60.64 8.11 -41.25
C ARG C 398 61.69 7.36 -40.45
N LYS C 399 62.83 8.01 -40.16
CA LYS C 399 63.81 7.49 -39.20
C LYS C 399 63.14 6.95 -37.95
N TYR C 400 62.29 7.76 -37.34
CA TYR C 400 61.73 7.47 -36.03
C TYR C 400 60.61 6.43 -36.09
N HIS C 401 60.19 6.05 -37.29
CA HIS C 401 59.12 5.08 -37.45
C HIS C 401 59.58 3.88 -38.26
N HIS C 402 60.90 3.68 -38.35
CA HIS C 402 61.46 2.55 -39.07
C HIS C 402 60.90 1.23 -38.56
N ASP C 403 60.69 1.12 -37.24
CA ASP C 403 60.22 -0.13 -36.67
C ASP C 403 58.80 -0.46 -37.13
N THR C 404 58.00 0.56 -37.47
CA THR C 404 56.67 0.28 -38.00
C THR C 404 56.76 -0.42 -39.35
N LEU C 405 57.75 -0.03 -40.17
CA LEU C 405 57.93 -0.65 -41.48
C LEU C 405 58.44 -2.09 -41.34
N THR C 406 59.51 -2.29 -40.59
CA THR C 406 60.16 -3.60 -40.55
C THR C 406 59.35 -4.63 -39.78
N PHE C 407 58.62 -4.23 -38.74
CA PHE C 407 57.94 -5.22 -37.92
C PHE C 407 56.70 -5.79 -38.63
N SER C 408 56.32 -5.22 -39.77
CA SER C 408 55.20 -5.75 -40.56
C SER C 408 55.37 -7.23 -40.88
N LEU C 409 56.60 -7.71 -41.03
CA LEU C 409 56.81 -9.09 -41.42
C LEU C 409 56.75 -10.06 -40.25
N TRP C 410 56.79 -9.57 -39.01
CA TRP C 410 56.52 -10.44 -37.87
C TRP C 410 55.10 -10.98 -37.91
N TYR C 411 54.19 -10.31 -38.63
CA TYR C 411 52.79 -10.72 -38.71
C TYR C 411 52.35 -11.19 -40.10
N ALA C 412 53.26 -11.30 -41.07
CA ALA C 412 52.88 -11.56 -42.46
C ALA C 412 52.63 -13.03 -42.78
N PHE C 413 52.90 -13.96 -41.85
CA PHE C 413 52.80 -15.38 -42.10
C PHE C 413 51.85 -16.04 -41.11
N SER C 414 51.15 -15.22 -40.33
CA SER C 414 50.20 -15.72 -39.36
C SER C 414 48.98 -16.32 -40.05
N GLU C 415 48.62 -15.79 -41.21
CA GLU C 415 47.50 -16.29 -42.02
C GLU C 415 47.89 -16.26 -43.49
N HIS C 416 47.04 -16.85 -44.33
CA HIS C 416 47.23 -16.70 -45.79
C HIS C 416 46.71 -15.29 -46.02
N TYR C 417 47.56 -14.38 -46.51
CA TYR C 417 47.14 -12.96 -46.52
C TYR C 417 47.08 -12.32 -47.88
N ILE C 418 46.09 -11.45 -48.05
CA ILE C 418 46.00 -10.65 -49.30
C ILE C 418 46.28 -9.20 -48.86
N LEU C 419 47.42 -8.63 -49.30
CA LEU C 419 47.76 -7.22 -48.96
C LEU C 419 46.72 -6.34 -49.64
N PRO C 420 45.86 -5.66 -48.86
CA PRO C 420 44.75 -4.94 -49.51
C PRO C 420 44.73 -3.44 -49.29
N LEU C 421 44.61 -2.65 -50.37
CA LEU C 421 44.36 -1.20 -50.22
C LEU C 421 42.95 -1.11 -50.81
N SER C 422 41.97 -0.59 -50.07
CA SER C 422 40.58 -0.72 -50.58
C SER C 422 39.80 0.59 -50.73
N HIS C 423 38.56 0.48 -51.17
CA HIS C 423 37.65 1.63 -51.36
C HIS C 423 37.44 2.26 -49.99
N ASP C 424 37.34 1.43 -48.96
CA ASP C 424 37.12 1.92 -47.57
C ASP C 424 38.30 2.83 -47.17
N GLU C 425 39.52 2.50 -47.56
CA GLU C 425 40.69 3.40 -47.30
C GLU C 425 40.55 4.76 -48.02
N VAL C 426 40.05 4.79 -49.26
CA VAL C 426 40.00 6.06 -50.07
C VAL C 426 38.62 6.72 -49.98
N VAL C 427 38.05 6.88 -48.77
CA VAL C 427 36.75 7.49 -48.58
C VAL C 427 36.73 8.26 -47.26
N HIS C 428 35.61 8.96 -47.04
CA HIS C 428 35.25 9.55 -45.75
C HIS C 428 36.36 10.37 -45.13
N GLY C 429 36.93 11.26 -45.93
CA GLY C 429 37.97 12.14 -45.41
C GLY C 429 39.29 11.46 -45.15
N LYS C 430 39.42 10.16 -45.43
CA LYS C 430 40.71 9.51 -45.31
C LYS C 430 41.67 9.92 -46.43
N GLY C 431 41.15 10.41 -47.54
CA GLY C 431 42.04 10.88 -48.59
C GLY C 431 42.46 9.78 -49.53
N SER C 432 42.60 10.13 -50.81
CA SER C 432 43.21 9.26 -51.79
C SER C 432 44.56 8.73 -51.32
N LEU C 433 44.93 7.56 -51.85
CA LEU C 433 46.29 7.06 -51.65
C LEU C 433 47.30 8.11 -52.06
N TRP C 434 47.08 8.73 -53.23
CA TRP C 434 47.89 9.87 -53.65
C TRP C 434 47.87 10.97 -52.60
N THR C 435 46.67 11.40 -52.19
CA THR C 435 46.54 12.42 -51.15
C THR C 435 47.31 12.03 -49.89
N LYS C 436 47.32 10.74 -49.56
CA LYS C 436 47.98 10.27 -48.35
C LYS C 436 49.49 10.46 -48.37
N MET C 437 50.09 10.55 -49.53
CA MET C 437 51.54 10.53 -49.57
C MET C 437 52.15 11.93 -49.48
N PRO C 438 53.34 12.02 -48.87
CA PRO C 438 53.91 13.32 -48.52
C PRO C 438 54.73 13.96 -49.62
N GLY C 439 54.77 15.27 -49.58
CA GLY C 439 55.61 16.08 -50.46
C GLY C 439 54.82 16.63 -51.61
N ASP C 440 55.55 17.20 -52.57
CA ASP C 440 54.94 17.71 -53.78
C ASP C 440 54.65 16.55 -54.73
N ASP C 441 54.05 16.87 -55.88
CA ASP C 441 53.50 15.85 -56.76
C ASP C 441 54.57 14.87 -57.23
N TRP C 442 55.75 15.35 -57.59
CA TRP C 442 56.83 14.43 -57.98
C TRP C 442 57.09 13.41 -56.88
N GLN C 443 57.28 13.89 -55.66
CA GLN C 443 57.57 12.99 -54.54
C GLN C 443 56.35 12.13 -54.20
N LYS C 444 55.15 12.71 -54.29
CA LYS C 444 53.93 11.94 -54.06
C LYS C 444 53.86 10.77 -55.03
N ALA C 445 54.08 11.05 -56.32
CA ALA C 445 54.12 9.99 -57.33
C ALA C 445 55.24 9.00 -57.04
N ALA C 446 56.40 9.50 -56.61
CA ALA C 446 57.49 8.61 -56.25
C ALA C 446 57.09 7.69 -55.10
N ASN C 447 56.51 8.26 -54.04
CA ASN C 447 56.07 7.45 -52.90
C ASN C 447 55.05 6.40 -53.31
N LEU C 448 54.09 6.79 -54.16
CA LEU C 448 53.06 5.83 -54.57
C LEU C 448 53.67 4.68 -55.36
N ARG C 449 54.68 4.98 -56.18
CA ARG C 449 55.42 3.92 -56.85
C ARG C 449 56.14 3.04 -55.83
N LEU C 450 56.65 3.66 -54.76
CA LEU C 450 57.29 2.91 -53.69
C LEU C 450 56.30 1.99 -52.98
N LEU C 451 55.17 2.54 -52.56
CA LEU C 451 54.13 1.74 -51.88
C LEU C 451 53.76 0.51 -52.70
N TYR C 452 53.42 0.69 -53.97
CA TYR C 452 53.12 -0.44 -54.82
C TYR C 452 54.35 -1.33 -54.97
N GLY C 453 55.53 -0.72 -55.08
CA GLY C 453 56.76 -1.50 -55.11
C GLY C 453 56.91 -2.42 -53.92
N HIS C 454 56.76 -1.90 -52.70
CA HIS C 454 56.88 -2.75 -51.53
C HIS C 454 55.73 -3.73 -51.39
N MET C 455 54.50 -3.31 -51.73
CA MET C 455 53.37 -4.23 -51.57
C MET C 455 53.52 -5.43 -52.48
N TRP C 456 54.05 -5.22 -53.68
CA TRP C 456 54.29 -6.37 -54.55
C TRP C 456 55.46 -7.19 -54.02
N GLY C 457 56.42 -6.54 -53.35
CA GLY C 457 57.50 -7.27 -52.72
C GLY C 457 57.10 -7.96 -51.42
N HIS C 458 56.26 -7.33 -50.61
CA HIS C 458 55.85 -7.90 -49.34
C HIS C 458 55.09 -9.21 -49.57
N PRO C 459 55.25 -10.20 -48.70
CA PRO C 459 54.56 -11.48 -48.87
C PRO C 459 53.04 -11.33 -48.83
N GLY C 460 52.36 -12.12 -49.65
CA GLY C 460 50.91 -12.07 -49.71
C GLY C 460 50.37 -11.71 -51.08
N LYS C 461 49.11 -12.08 -51.35
CA LYS C 461 48.48 -11.68 -52.60
C LYS C 461 48.20 -10.18 -52.57
N LYS C 462 47.82 -9.64 -53.73
CA LYS C 462 47.72 -8.20 -53.89
C LYS C 462 46.31 -7.79 -54.31
N LEU C 463 45.81 -6.73 -53.69
CA LEU C 463 44.54 -6.11 -54.05
C LEU C 463 44.75 -4.61 -54.11
N LEU C 464 44.32 -4.01 -55.22
CA LEU C 464 44.35 -2.57 -55.38
C LEU C 464 42.99 -2.14 -55.89
N PHE C 465 42.42 -1.12 -55.27
CA PHE C 465 41.11 -0.63 -55.67
C PHE C 465 41.24 0.24 -56.91
N MET C 466 40.20 0.21 -57.74
CA MET C 466 40.16 0.98 -58.98
C MET C 466 40.61 2.42 -58.76
N GLY C 467 41.34 2.95 -59.73
CA GLY C 467 41.78 4.33 -59.68
C GLY C 467 43.07 4.56 -58.94
N GLY C 468 43.42 3.67 -58.01
CA GLY C 468 44.72 3.76 -57.35
C GLY C 468 45.88 3.53 -58.29
N GLU C 469 45.65 2.81 -59.39
CA GLU C 469 46.75 2.41 -60.26
C GLU C 469 47.37 3.60 -61.00
N PHE C 470 46.63 4.69 -61.21
CA PHE C 470 47.23 5.93 -61.71
C PHE C 470 47.44 6.97 -60.61
N GLY C 471 47.05 6.68 -59.37
CA GLY C 471 47.09 7.67 -58.30
C GLY C 471 46.20 8.88 -58.46
N GLN C 472 44.90 8.64 -58.57
CA GLN C 472 43.93 9.71 -58.71
C GLN C 472 43.83 10.55 -57.43
N HIS C 473 43.59 11.85 -57.60
CA HIS C 473 43.58 12.80 -56.50
C HIS C 473 42.41 12.61 -55.55
N HIS C 474 41.18 12.65 -56.07
CA HIS C 474 40.04 12.80 -55.18
C HIS C 474 39.62 11.46 -54.60
N GLU C 475 39.01 11.51 -53.42
CA GLU C 475 38.45 10.31 -52.83
C GLU C 475 37.45 9.70 -53.81
N TRP C 476 37.34 8.37 -53.76
CA TRP C 476 36.44 7.69 -54.67
C TRP C 476 35.01 8.11 -54.39
N ASN C 477 34.37 8.69 -55.40
CA ASN C 477 32.99 9.14 -55.32
C ASN C 477 32.13 8.23 -56.19
N HIS C 478 31.18 7.54 -55.56
CA HIS C 478 30.35 6.60 -56.29
C HIS C 478 29.43 7.29 -57.29
N ASP C 479 29.05 8.54 -57.02
CA ASP C 479 28.17 9.25 -57.95
C ASP C 479 28.87 9.70 -59.22
N THR C 480 30.18 9.52 -59.35
CA THR C 480 30.91 9.95 -60.53
C THR C 480 31.82 8.83 -61.00
N GLN C 481 32.47 9.07 -62.15
CA GLN C 481 33.47 8.17 -62.69
C GLN C 481 34.87 8.68 -62.36
N LEU C 482 35.84 7.77 -62.34
CA LEU C 482 37.19 8.11 -61.96
C LEU C 482 37.80 9.18 -62.85
N GLU C 483 38.81 9.87 -62.31
CA GLU C 483 39.50 10.95 -63.00
C GLU C 483 40.46 10.32 -64.00
N TRP C 484 39.89 9.79 -65.10
CA TRP C 484 40.76 9.21 -66.12
C TRP C 484 41.59 10.28 -66.83
N HIS C 485 41.11 11.53 -66.85
CA HIS C 485 41.84 12.60 -67.51
C HIS C 485 43.25 12.77 -66.95
N LEU C 486 43.49 12.34 -65.71
CA LEU C 486 44.85 12.39 -65.18
C LEU C 486 45.79 11.44 -65.91
N LEU C 487 45.26 10.48 -66.68
CA LEU C 487 46.11 9.64 -67.50
C LEU C 487 46.78 10.43 -68.61
N ASP C 488 46.34 11.68 -68.85
CA ASP C 488 47.01 12.54 -69.81
C ASP C 488 48.25 13.17 -69.19
N GLN C 489 48.19 13.47 -67.89
CA GLN C 489 49.32 14.09 -67.23
C GLN C 489 50.38 13.02 -66.96
N PRO C 490 51.66 13.37 -67.01
CA PRO C 490 52.69 12.32 -66.96
C PRO C 490 52.78 11.59 -65.63
N TYR C 491 52.71 12.29 -64.49
CA TYR C 491 52.94 11.65 -63.20
C TYR C 491 52.04 10.44 -62.99
N HIS C 492 50.79 10.53 -63.45
CA HIS C 492 49.83 9.46 -63.22
C HIS C 492 49.92 8.37 -64.27
N ARG C 493 50.17 8.74 -65.52
CA ARG C 493 50.43 7.74 -66.55
C ARG C 493 51.68 6.92 -66.22
N GLY C 494 52.63 7.52 -65.51
CA GLY C 494 53.81 6.76 -65.09
C GLY C 494 53.48 5.72 -64.04
N ILE C 495 52.66 6.09 -63.04
CA ILE C 495 52.26 5.16 -61.99
C ILE C 495 51.54 3.95 -62.56
N GLN C 496 50.61 4.19 -63.49
CA GLN C 496 49.88 3.10 -64.13
C GLN C 496 50.84 2.16 -64.86
N ALA C 497 51.84 2.71 -65.53
CA ALA C 497 52.86 1.88 -66.17
C ALA C 497 53.63 1.07 -65.14
N TRP C 498 53.93 1.69 -63.99
CA TRP C 498 54.67 0.98 -62.95
C TRP C 498 53.88 -0.21 -62.41
N VAL C 499 52.57 -0.04 -62.22
CA VAL C 499 51.75 -1.15 -61.73
C VAL C 499 51.72 -2.28 -62.74
N ARG C 500 51.54 -1.93 -64.02
CA ARG C 500 51.58 -2.91 -65.09
C ARG C 500 52.88 -3.71 -65.07
N ASP C 501 54.02 -3.02 -64.94
CA ASP C 501 55.30 -3.72 -64.91
C ASP C 501 55.41 -4.58 -63.66
N LEU C 502 54.94 -4.06 -62.53
CA LEU C 502 54.91 -4.83 -61.29
C LEU C 502 54.10 -6.10 -61.44
N ASN C 503 52.89 -5.99 -62.00
CA ASN C 503 52.06 -7.18 -62.18
C ASN C 503 52.67 -8.16 -63.15
N HIS C 504 53.34 -7.65 -64.20
CA HIS C 504 54.03 -8.55 -65.12
C HIS C 504 55.15 -9.30 -64.42
N LEU C 505 55.95 -8.59 -63.61
CA LEU C 505 56.96 -9.27 -62.81
C LEU C 505 56.35 -10.32 -61.90
N TYR C 506 55.25 -9.96 -61.22
CA TYR C 506 54.57 -10.88 -60.32
C TYR C 506 54.08 -12.13 -61.07
N ARG C 507 53.45 -11.93 -62.23
CA ARG C 507 52.87 -13.03 -62.99
C ARG C 507 53.93 -14.00 -63.50
N THR C 508 55.15 -13.52 -63.74
CA THR C 508 56.17 -14.32 -64.40
C THR C 508 57.19 -14.92 -63.44
N HIS C 509 57.44 -14.27 -62.30
CA HIS C 509 58.46 -14.74 -61.36
C HIS C 509 57.85 -15.59 -60.25
N PRO C 510 58.14 -16.89 -60.18
CA PRO C 510 57.59 -17.72 -59.10
C PRO C 510 58.17 -17.41 -57.74
N ALA C 511 59.25 -16.63 -57.65
CA ALA C 511 59.80 -16.25 -56.35
C ALA C 511 58.81 -15.42 -55.55
N LEU C 512 57.88 -14.77 -56.22
CA LEU C 512 56.86 -13.96 -55.57
C LEU C 512 55.59 -14.73 -55.26
N TRP C 513 55.45 -15.96 -55.76
CA TRP C 513 54.22 -16.72 -55.57
C TRP C 513 54.12 -17.35 -54.19
N HIS C 514 55.23 -17.64 -53.54
CA HIS C 514 55.23 -18.40 -52.29
C HIS C 514 55.38 -17.42 -51.12
N ASP C 515 54.28 -17.17 -50.44
CA ASP C 515 54.19 -16.20 -49.36
C ASP C 515 54.49 -16.78 -47.98
N GLY C 516 55.02 -18.00 -47.93
CA GLY C 516 55.44 -18.57 -46.66
C GLY C 516 56.71 -17.92 -46.17
N PRO C 517 57.09 -18.19 -44.92
CA PRO C 517 58.36 -17.62 -44.41
C PRO C 517 59.57 -18.06 -45.23
N GLU C 518 59.52 -19.29 -45.76
CA GLU C 518 60.51 -19.78 -46.71
C GLU C 518 60.61 -18.87 -47.93
N GLY C 519 59.54 -18.16 -48.28
CA GLY C 519 59.59 -17.32 -49.47
C GLY C 519 60.26 -15.99 -49.25
N PHE C 520 60.62 -15.66 -48.01
CA PHE C 520 61.17 -14.37 -47.64
C PHE C 520 62.44 -14.58 -46.83
N GLU C 521 63.46 -13.78 -47.15
CA GLU C 521 64.65 -13.69 -46.31
C GLU C 521 65.00 -12.22 -46.15
N TRP C 522 65.35 -11.83 -44.93
CA TRP C 522 65.83 -10.49 -44.68
C TRP C 522 67.25 -10.37 -45.20
N ILE C 523 67.54 -9.28 -45.90
CA ILE C 523 68.92 -8.97 -46.23
C ILE C 523 69.51 -8.00 -45.23
N ASP C 524 68.85 -6.88 -45.00
CA ASP C 524 69.23 -5.97 -43.93
C ASP C 524 68.04 -5.08 -43.61
N PHE C 525 67.83 -4.84 -42.31
CA PHE C 525 66.75 -3.97 -41.87
C PHE C 525 67.19 -2.88 -40.92
N ASN C 526 68.47 -2.76 -40.57
CA ASN C 526 68.81 -1.84 -39.49
C ASN C 526 69.43 -0.55 -39.97
N ASP C 527 69.37 -0.27 -41.27
CA ASP C 527 69.72 1.06 -41.73
C ASP C 527 68.52 1.95 -41.44
N ARG C 528 68.33 2.23 -40.15
CA ARG C 528 67.16 3.00 -39.75
C ARG C 528 67.38 4.46 -40.08
N ASP C 529 68.61 4.91 -39.95
CA ASP C 529 68.95 6.29 -40.20
C ASP C 529 68.58 6.71 -41.61
N GLN C 530 69.04 5.97 -42.61
CA GLN C 530 68.79 6.32 -43.99
C GLN C 530 67.49 5.73 -44.53
N SER C 531 66.77 4.95 -43.72
CA SER C 531 65.47 4.39 -44.08
C SER C 531 65.54 3.56 -45.37
N VAL C 532 66.41 2.55 -45.34
CA VAL C 532 66.59 1.62 -46.44
C VAL C 532 66.39 0.21 -45.91
N ILE C 533 65.77 -0.65 -46.72
CA ILE C 533 65.53 -2.04 -46.38
C ILE C 533 65.83 -2.89 -47.61
N CYS C 534 66.49 -4.04 -47.38
CA CYS C 534 66.78 -5.00 -48.43
C CYS C 534 66.26 -6.35 -48.00
N TYR C 535 65.51 -7.02 -48.88
CA TYR C 535 65.04 -8.37 -48.58
C TYR C 535 64.98 -9.17 -49.87
N LEU C 536 64.79 -10.48 -49.70
CA LEU C 536 64.86 -11.48 -50.74
C LEU C 536 63.53 -12.22 -50.83
N ARG C 537 63.08 -12.43 -52.07
CA ARG C 537 61.84 -13.23 -52.27
C ARG C 537 62.34 -14.45 -53.07
N LYS C 538 62.43 -15.61 -52.41
CA LYS C 538 63.05 -16.76 -53.10
C LYS C 538 62.18 -18.02 -53.18
N HIS C 539 62.05 -18.60 -54.37
CA HIS C 539 61.41 -19.94 -54.46
C HIS C 539 62.46 -20.86 -55.08
N THR C 540 62.78 -21.97 -54.41
CA THR C 540 63.78 -22.93 -54.93
C THR C 540 65.07 -22.18 -55.19
N ASP C 541 65.69 -22.42 -56.36
CA ASP C 541 66.90 -21.66 -56.78
C ASP C 541 66.58 -20.19 -57.01
N ARG C 542 65.41 -19.89 -57.60
CA ARG C 542 65.11 -18.49 -58.03
C ARG C 542 65.05 -17.52 -56.85
N LEU C 543 65.57 -16.31 -57.07
CA LEU C 543 65.60 -15.28 -55.99
C LEU C 543 65.46 -13.87 -56.60
N LEU C 544 64.79 -12.97 -55.89
CA LEU C 544 64.57 -11.61 -56.35
C LEU C 544 64.99 -10.71 -55.21
N LEU C 545 65.81 -9.70 -55.50
CA LEU C 545 66.34 -8.84 -54.48
C LEU C 545 65.62 -7.49 -54.52
N PHE C 546 65.15 -7.05 -53.36
CA PHE C 546 64.38 -5.81 -53.25
C PHE C 546 65.17 -4.88 -52.36
N VAL C 547 65.58 -3.74 -52.91
CA VAL C 547 66.28 -2.70 -52.17
C VAL C 547 65.44 -1.44 -52.25
N LEU C 548 65.09 -0.88 -51.09
CA LEU C 548 64.09 0.17 -50.98
C LEU C 548 64.68 1.37 -50.26
N ASN C 549 64.62 2.54 -50.90
CA ASN C 549 65.06 3.80 -50.32
C ASN C 549 63.85 4.69 -50.08
N PHE C 550 63.52 4.93 -48.81
CA PHE C 550 62.34 5.69 -48.41
C PHE C 550 62.64 7.17 -48.18
N THR C 551 63.75 7.66 -48.74
CA THR C 551 64.21 9.04 -48.66
C THR C 551 64.46 9.65 -50.03
N PRO C 552 64.19 10.95 -50.20
CA PRO C 552 64.40 11.58 -51.51
C PRO C 552 65.86 11.78 -51.89
N VAL C 553 66.81 11.68 -50.96
CA VAL C 553 68.22 11.71 -51.35
C VAL C 553 68.59 10.35 -51.93
N PRO C 554 69.14 10.30 -53.14
CA PRO C 554 69.73 9.06 -53.63
C PRO C 554 70.99 8.71 -52.85
N ARG C 555 71.30 7.42 -52.81
CA ARG C 555 72.44 6.89 -52.05
C ARG C 555 73.40 6.24 -53.03
N GLU C 556 74.68 6.57 -52.91
CA GLU C 556 75.68 6.05 -53.82
C GLU C 556 76.65 5.14 -53.09
N HIS C 557 77.16 4.14 -53.81
CA HIS C 557 78.05 3.12 -53.28
C HIS C 557 77.44 2.38 -52.08
N TYR C 558 76.12 2.26 -52.07
CA TYR C 558 75.42 1.48 -51.05
C TYR C 558 75.62 0.00 -51.31
N ARG C 559 76.21 -0.73 -50.35
CA ARG C 559 76.47 -2.15 -50.53
C ARG C 559 75.38 -3.00 -49.89
N VAL C 560 75.01 -4.06 -50.60
CA VAL C 560 73.92 -4.96 -50.22
C VAL C 560 74.43 -6.38 -50.34
N GLY C 561 74.36 -7.14 -49.25
CA GLY C 561 74.81 -8.51 -49.28
C GLY C 561 73.96 -9.37 -50.21
N VAL C 562 74.59 -10.42 -50.75
CA VAL C 562 73.91 -11.34 -51.67
C VAL C 562 74.28 -12.75 -51.29
N PRO C 563 73.34 -13.69 -51.48
CA PRO C 563 73.70 -15.09 -51.26
C PRO C 563 74.62 -15.62 -52.36
N ILE C 564 74.30 -15.34 -53.63
CA ILE C 564 75.06 -15.89 -54.73
C ILE C 564 75.87 -14.77 -55.39
N GLY C 565 77.10 -15.10 -55.79
CA GLY C 565 78.00 -14.18 -56.47
C GLY C 565 78.07 -14.39 -57.97
N GLY C 566 77.87 -13.30 -58.71
CA GLY C 566 77.99 -13.31 -60.15
C GLY C 566 77.34 -12.08 -60.75
N PRO C 567 77.14 -12.08 -62.06
CA PRO C 567 76.46 -10.92 -62.66
C PRO C 567 75.02 -10.92 -62.22
N TRP C 568 74.57 -9.75 -61.80
CA TRP C 568 73.19 -9.53 -61.45
C TRP C 568 72.65 -8.45 -62.38
N ARG C 569 71.40 -8.65 -62.82
CA ARG C 569 70.55 -7.69 -63.53
C ARG C 569 69.42 -7.14 -62.70
N GLU C 570 69.16 -5.87 -63.00
CA GLU C 570 68.16 -4.99 -62.44
C GLU C 570 66.90 -5.15 -63.29
N VAL C 571 65.91 -5.84 -62.73
CA VAL C 571 64.70 -6.18 -63.46
C VAL C 571 63.70 -5.03 -63.41
N LEU C 572 63.74 -4.21 -62.36
CA LEU C 572 62.81 -3.11 -62.23
C LEU C 572 63.43 -1.96 -61.43
N ASN C 573 63.11 -0.74 -61.84
CA ASN C 573 63.60 0.50 -61.24
C ASN C 573 62.42 1.45 -61.13
N SER C 574 61.91 1.70 -59.92
CA SER C 574 60.78 2.64 -59.82
C SER C 574 61.17 4.02 -60.34
N ASP C 575 62.45 4.36 -60.26
CA ASP C 575 62.91 5.68 -60.64
C ASP C 575 63.18 5.79 -62.13
N ALA C 576 62.87 4.74 -62.89
CA ALA C 576 62.97 4.81 -64.33
C ALA C 576 62.09 5.93 -64.86
N VAL C 577 62.59 6.59 -65.91
CA VAL C 577 61.89 7.75 -66.47
C VAL C 577 60.52 7.36 -67.00
N ALA C 578 60.36 6.11 -67.46
CA ALA C 578 59.07 5.64 -67.94
C ALA C 578 57.98 5.70 -66.87
N TYR C 579 58.35 5.66 -65.59
CA TYR C 579 57.38 5.71 -64.50
C TYR C 579 57.21 7.12 -63.95
N GLY C 580 57.92 8.10 -64.51
CA GLY C 580 57.92 9.44 -63.98
C GLY C 580 59.08 9.78 -63.05
N GLY C 581 60.22 9.08 -63.16
CA GLY C 581 61.33 9.22 -62.23
C GLY C 581 62.59 9.97 -62.71
N SER C 582 63.60 10.04 -61.81
CA SER C 582 64.86 10.71 -62.14
C SER C 582 65.57 10.05 -63.30
N GLY C 583 65.37 8.76 -63.49
CA GLY C 583 66.27 8.08 -64.40
C GLY C 583 67.55 7.59 -63.75
N MET C 584 67.62 7.63 -62.41
CA MET C 584 68.84 7.17 -61.69
C MET C 584 68.81 5.63 -61.60
N GLY C 585 69.96 4.97 -61.77
CA GLY C 585 69.97 3.51 -61.58
C GLY C 585 71.32 2.87 -61.76
N ASN C 586 71.45 1.60 -61.36
CA ASN C 586 72.71 0.82 -61.53
C ASN C 586 73.00 0.66 -63.03
N PHE C 587 71.97 0.46 -63.86
CA PHE C 587 72.11 0.30 -65.34
C PHE C 587 72.45 -1.16 -65.71
N GLY C 588 72.37 -2.08 -64.76
CA GLY C 588 72.57 -3.50 -65.06
C GLY C 588 74.04 -3.90 -65.08
N ARG C 589 74.34 -5.16 -65.39
CA ARG C 589 75.73 -5.66 -65.37
C ARG C 589 76.34 -5.42 -63.99
N VAL C 590 75.54 -5.63 -62.92
CA VAL C 590 76.07 -5.48 -61.53
C VAL C 590 76.76 -6.79 -61.15
N GLU C 591 78.06 -6.75 -60.85
CA GLU C 591 78.81 -8.01 -60.57
C GLU C 591 79.01 -8.11 -59.05
N ALA C 592 78.48 -9.16 -58.43
CA ALA C 592 78.64 -9.21 -56.96
C ALA C 592 80.13 -9.16 -56.65
N VAL C 593 80.49 -8.39 -55.62
CA VAL C 593 81.93 -8.25 -55.24
C VAL C 593 82.19 -9.31 -54.17
N PRO C 594 83.17 -10.22 -54.37
CA PRO C 594 83.40 -11.29 -53.40
C PRO C 594 83.91 -10.75 -52.06
N GLU C 595 83.19 -9.74 -51.53
CA GLU C 595 83.38 -9.18 -50.19
C GLU C 595 82.15 -9.40 -49.33
N SER C 596 82.41 -9.74 -48.07
CA SER C 596 81.33 -10.05 -47.18
C SER C 596 80.67 -8.74 -46.75
N TRP C 597 79.35 -8.76 -46.74
CA TRP C 597 78.58 -7.61 -46.30
C TRP C 597 77.22 -8.10 -45.84
N HIS C 598 76.71 -7.50 -44.77
CA HIS C 598 75.42 -7.89 -44.20
C HIS C 598 75.44 -9.38 -43.85
N GLY C 599 76.58 -9.86 -43.37
CA GLY C 599 76.73 -11.26 -43.06
C GLY C 599 76.59 -12.20 -44.23
N ARG C 600 76.81 -11.72 -45.45
CA ARG C 600 76.66 -12.50 -46.67
C ARG C 600 78.00 -12.68 -47.37
N PRO C 601 78.15 -13.75 -48.15
CA PRO C 601 79.47 -13.99 -48.78
C PRO C 601 79.88 -12.92 -49.77
N PHE C 602 78.96 -12.47 -50.60
CA PHE C 602 79.25 -11.47 -51.63
C PHE C 602 78.44 -10.21 -51.33
N HIS C 603 78.65 -9.17 -52.14
CA HIS C 603 77.83 -7.97 -51.98
C HIS C 603 77.74 -7.21 -53.29
N LEU C 604 76.65 -6.47 -53.43
CA LEU C 604 76.40 -5.59 -54.57
C LEU C 604 76.64 -4.15 -54.14
N GLU C 605 77.35 -3.39 -54.96
CA GLU C 605 77.54 -1.97 -54.74
C GLU C 605 76.54 -1.24 -55.64
N LEU C 606 75.51 -0.65 -55.03
CA LEU C 606 74.39 -0.12 -55.79
C LEU C 606 74.26 1.38 -55.58
N THR C 607 73.55 2.00 -56.51
CA THR C 607 73.13 3.39 -56.43
C THR C 607 71.62 3.39 -56.23
N LEU C 608 71.16 3.98 -55.13
CA LEU C 608 69.75 3.95 -54.80
C LEU C 608 69.10 5.25 -55.24
N PRO C 609 68.15 5.21 -56.16
CA PRO C 609 67.52 6.44 -56.64
C PRO C 609 66.62 7.06 -55.58
N PRO C 610 66.16 8.29 -55.78
CA PRO C 610 65.29 8.94 -54.79
C PRO C 610 63.96 8.23 -54.65
N LEU C 611 63.52 8.04 -53.40
CA LEU C 611 62.21 7.48 -53.07
C LEU C 611 61.86 6.30 -53.97
N ALA C 612 62.79 5.35 -54.10
CA ALA C 612 62.70 4.36 -55.15
C ALA C 612 62.84 2.93 -54.62
N ILE C 613 62.38 2.00 -55.45
CA ILE C 613 62.46 0.55 -55.23
C ILE C 613 63.28 -0.07 -56.35
N LEU C 614 64.26 -0.87 -55.99
CA LEU C 614 64.98 -1.70 -56.96
C LEU C 614 64.65 -3.17 -56.76
N ILE C 615 64.41 -3.87 -57.88
CA ILE C 615 64.23 -5.32 -57.87
C ILE C 615 65.29 -5.91 -58.78
N LEU C 616 66.11 -6.81 -58.25
CA LEU C 616 67.26 -7.32 -58.96
C LEU C 616 67.26 -8.85 -58.94
N GLU C 617 67.71 -9.43 -60.05
CA GLU C 617 67.79 -10.87 -60.26
C GLU C 617 69.21 -11.23 -60.69
N PRO C 618 69.75 -12.37 -60.25
CA PRO C 618 71.03 -12.81 -60.80
C PRO C 618 70.81 -13.13 -62.25
N GLU C 619 71.91 -13.16 -62.98
CA GLU C 619 71.85 -13.31 -64.41
C GLU C 619 71.96 -14.79 -64.77
N SER C 620 70.98 -15.26 -65.52
CA SER C 620 71.12 -16.49 -66.28
C SER C 620 70.63 -16.15 -67.68
N SER D 2 12.56 69.59 -23.55
CA SER D 2 11.54 69.32 -24.56
C SER D 2 10.63 68.18 -24.15
N TRP D 3 9.56 68.50 -23.44
CA TRP D 3 8.56 67.49 -23.11
C TRP D 3 7.70 67.12 -24.31
N LEU D 4 7.32 68.12 -25.09
CA LEU D 4 6.42 67.92 -26.21
C LEU D 4 7.22 67.98 -27.51
N THR D 5 7.08 66.93 -28.34
CA THR D 5 7.47 67.05 -29.73
C THR D 5 6.81 68.22 -30.43
N GLU D 6 7.55 68.75 -31.39
CA GLU D 6 7.04 69.75 -32.29
C GLU D 6 5.98 69.18 -33.23
N GLU D 7 6.05 67.87 -33.52
CA GLU D 7 4.97 67.21 -34.23
C GLU D 7 3.71 67.19 -33.37
N ASP D 8 3.89 66.97 -32.06
CA ASP D 8 2.77 66.95 -31.14
C ASP D 8 2.03 68.28 -31.14
N ILE D 9 2.79 69.38 -31.10
CA ILE D 9 2.17 70.71 -31.13
C ILE D 9 1.53 70.96 -32.48
N ARG D 10 2.18 70.50 -33.55
CA ARG D 10 1.62 70.64 -34.88
C ARG D 10 0.37 69.77 -35.03
N ARG D 11 0.40 68.55 -34.47
CA ARG D 11 -0.78 67.69 -34.49
C ARG D 11 -1.89 68.23 -33.60
N TRP D 12 -1.54 68.85 -32.47
CA TRP D 12 -2.56 69.43 -31.59
C TRP D 12 -3.32 70.55 -32.28
N GLU D 13 -2.61 71.44 -32.96
CA GLU D 13 -3.28 72.51 -33.69
C GLU D 13 -4.15 71.95 -34.81
N SER D 14 -3.78 70.79 -35.36
CA SER D 14 -4.56 70.23 -36.45
C SER D 14 -5.88 69.67 -35.95
N GLY D 15 -5.93 69.32 -34.67
CA GLY D 15 -6.95 68.42 -34.18
C GLY D 15 -6.77 66.98 -34.62
N THR D 16 -5.52 66.55 -34.83
CA THR D 16 -5.21 65.19 -35.27
C THR D 16 -4.47 64.40 -34.18
N PHE D 17 -4.36 64.96 -32.97
CA PHE D 17 -3.64 64.29 -31.89
C PHE D 17 -4.59 63.33 -31.19
N TYR D 18 -4.71 62.12 -31.73
CA TYR D 18 -5.60 61.11 -31.16
C TYR D 18 -4.92 60.19 -30.15
N ASP D 19 -3.62 60.34 -29.98
CA ASP D 19 -2.87 59.72 -28.88
C ASP D 19 -2.52 60.76 -27.82
N SER D 20 -3.23 61.89 -27.82
CA SER D 20 -2.84 63.05 -27.01
C SER D 20 -2.67 62.69 -25.55
N TYR D 21 -3.34 61.63 -25.09
CA TYR D 21 -3.14 61.19 -23.70
C TYR D 21 -1.70 60.76 -23.44
N ARG D 22 -0.91 60.46 -24.48
CA ARG D 22 0.49 60.15 -24.27
C ARG D 22 1.27 61.31 -23.68
N LYS D 23 0.81 62.53 -23.92
CA LYS D 23 1.55 63.71 -23.51
C LYS D 23 0.78 64.65 -22.59
N LEU D 24 -0.54 64.73 -22.70
CA LEU D 24 -1.33 65.64 -21.88
C LEU D 24 -1.77 64.98 -20.59
N GLY D 25 -2.00 65.79 -19.56
CA GLY D 25 -2.26 65.28 -18.24
C GLY D 25 -1.00 65.15 -17.43
N ALA D 26 -1.00 64.24 -16.46
CA ALA D 26 0.14 64.00 -15.58
C ALA D 26 0.72 62.64 -15.92
N HIS D 27 2.03 62.64 -16.22
CA HIS D 27 2.72 61.39 -16.61
C HIS D 27 3.90 61.14 -15.66
N PRO D 28 3.79 60.14 -14.76
CA PRO D 28 4.84 59.87 -13.78
C PRO D 28 6.18 59.36 -14.29
N ASP D 29 7.26 59.79 -13.63
CA ASP D 29 8.63 59.30 -13.92
C ASP D 29 9.15 58.97 -12.53
N GLU D 30 10.14 58.10 -12.39
CA GLU D 30 10.49 57.70 -11.01
C GLU D 30 10.95 58.92 -10.19
N GLU D 31 11.79 59.80 -10.73
CA GLU D 31 12.18 61.04 -10.02
C GLU D 31 11.02 62.04 -9.84
N GLY D 32 10.20 62.26 -10.87
CA GLY D 32 9.18 63.34 -10.82
C GLY D 32 8.07 63.15 -11.84
N THR D 33 6.99 63.93 -11.75
CA THR D 33 5.91 63.83 -12.77
C THR D 33 5.91 64.98 -13.77
N TRP D 34 5.72 64.70 -15.07
CA TRP D 34 5.52 65.69 -16.10
C TRP D 34 4.06 66.08 -16.12
N PHE D 35 3.80 67.38 -16.29
CA PHE D 35 2.43 67.88 -16.32
C PHE D 35 2.18 68.59 -17.64
N CYS D 36 1.04 68.32 -18.26
CA CYS D 36 0.67 68.94 -19.52
C CYS D 36 -0.83 69.19 -19.55
N VAL D 37 -1.21 70.45 -19.76
CA VAL D 37 -2.60 70.88 -19.77
C VAL D 37 -2.78 71.86 -20.93
N TRP D 38 -3.97 71.86 -21.52
CA TRP D 38 -4.32 72.78 -22.60
C TRP D 38 -5.12 73.96 -22.03
N ALA D 39 -4.53 75.16 -22.10
CA ALA D 39 -5.17 76.37 -21.57
C ALA D 39 -4.72 77.57 -22.39
N PRO D 40 -5.32 77.75 -23.58
CA PRO D 40 -4.82 78.80 -24.49
C PRO D 40 -5.00 80.23 -23.98
N HIS D 41 -6.11 80.51 -23.28
CA HIS D 41 -6.38 81.87 -22.82
C HIS D 41 -5.85 82.13 -21.42
N ALA D 42 -4.79 81.43 -21.04
CA ALA D 42 -4.14 81.56 -19.74
C ALA D 42 -2.93 82.48 -19.84
N ASP D 43 -2.76 83.33 -18.84
CA ASP D 43 -1.53 84.09 -18.75
C ASP D 43 -0.43 83.29 -18.07
N ALA D 44 -0.81 82.34 -17.20
CA ALA D 44 0.11 81.46 -16.52
C ALA D 44 -0.64 80.22 -16.05
N VAL D 45 0.09 79.12 -15.88
CA VAL D 45 -0.45 77.89 -15.30
C VAL D 45 0.60 77.31 -14.36
N SER D 46 0.16 76.88 -13.18
CA SER D 46 1.04 76.35 -12.15
C SER D 46 0.46 75.09 -11.56
N VAL D 47 1.34 74.17 -11.17
CA VAL D 47 0.98 72.93 -10.49
C VAL D 47 1.11 73.13 -8.98
N LEU D 48 0.04 72.77 -8.25
CA LEU D 48 -0.01 72.87 -6.80
C LEU D 48 -0.18 71.47 -6.24
N GLY D 49 0.52 71.20 -5.14
CA GLY D 49 0.47 69.88 -4.53
C GLY D 49 1.28 69.88 -3.25
N ALA D 50 1.21 68.75 -2.55
CA ALA D 50 2.09 68.55 -1.40
C ALA D 50 3.55 68.76 -1.77
N PHE D 51 3.92 68.46 -3.03
CA PHE D 51 5.31 68.53 -3.46
C PHE D 51 5.85 69.95 -3.52
N ASN D 52 5.02 70.96 -3.21
CA ASN D 52 5.51 72.32 -3.09
C ASN D 52 4.69 73.15 -2.12
N ASN D 53 4.14 72.53 -1.07
CA ASN D 53 3.33 73.24 -0.07
C ASN D 53 2.15 73.95 -0.73
N TRP D 54 1.67 73.38 -1.84
CA TRP D 54 0.55 73.95 -2.58
C TRP D 54 0.84 75.42 -2.92
N ASP D 55 2.10 75.71 -3.23
CA ASP D 55 2.53 77.08 -3.53
C ASP D 55 2.44 77.35 -5.02
N PRO D 56 1.71 78.39 -5.45
CA PRO D 56 1.56 78.65 -6.89
C PRO D 56 2.82 79.12 -7.61
N GLU D 57 3.80 79.69 -6.91
CA GLU D 57 5.00 80.15 -7.58
C GLU D 57 6.11 79.10 -7.61
N ALA D 58 5.89 77.95 -6.99
CA ALA D 58 6.93 76.92 -6.94
C ALA D 58 7.20 76.31 -8.31
N HIS D 59 6.14 75.93 -9.03
CA HIS D 59 6.29 75.19 -10.30
C HIS D 59 5.32 75.78 -11.32
N GLN D 60 5.78 76.80 -12.05
CA GLN D 60 4.99 77.40 -13.12
C GLN D 60 5.34 76.74 -14.44
N LEU D 61 4.36 76.10 -15.06
CA LEU D 61 4.61 75.46 -16.34
C LEU D 61 5.02 76.51 -17.38
N GLU D 62 5.75 76.07 -18.38
CA GLU D 62 6.14 76.96 -19.46
C GLU D 62 5.18 76.75 -20.62
N ARG D 63 4.77 77.86 -21.23
CA ARG D 63 3.85 77.81 -22.35
C ARG D 63 4.58 77.33 -23.60
N TYR D 64 4.01 76.32 -24.26
CA TYR D 64 4.58 75.86 -25.55
C TYR D 64 3.59 76.31 -26.62
N GLY D 65 3.63 75.69 -27.80
CA GLY D 65 2.74 76.05 -28.91
C GLY D 65 1.29 75.62 -28.72
N ALA D 66 0.35 76.30 -29.39
CA ALA D 66 -1.07 75.91 -29.38
C ALA D 66 -1.67 75.86 -27.97
N GLY D 67 -1.29 76.81 -27.12
CA GLY D 67 -1.86 76.89 -25.76
C GLY D 67 -1.61 75.61 -25.00
N LEU D 68 -0.45 74.99 -25.25
CA LEU D 68 -0.07 73.76 -24.53
C LEU D 68 0.98 74.13 -23.48
N TRP D 69 0.66 73.92 -22.22
CA TRP D 69 1.57 74.25 -21.12
C TRP D 69 2.16 72.97 -20.56
N ALA D 70 3.46 73.00 -20.21
CA ALA D 70 4.13 71.82 -19.71
C ALA D 70 5.17 72.20 -18.66
N GLY D 71 5.43 71.27 -17.75
CA GLY D 71 6.46 71.44 -16.74
C GLY D 71 6.75 70.15 -16.01
N TYR D 72 7.94 70.09 -15.42
CA TYR D 72 8.38 68.93 -14.67
C TYR D 72 8.45 69.27 -13.18
N VAL D 73 8.00 68.35 -12.34
CA VAL D 73 8.02 68.52 -10.89
C VAL D 73 8.75 67.35 -10.24
N PRO D 74 9.96 67.55 -9.72
CA PRO D 74 10.64 66.47 -8.99
C PRO D 74 9.93 66.18 -7.67
N GLY D 75 9.76 64.89 -7.38
CA GLY D 75 9.12 64.49 -6.15
C GLY D 75 7.61 64.36 -6.25
N ALA D 76 7.00 64.82 -7.34
CA ALA D 76 5.59 64.54 -7.57
C ALA D 76 5.43 63.06 -7.86
N LEU D 77 4.64 62.38 -7.04
CA LEU D 77 4.65 60.92 -6.97
C LEU D 77 3.29 60.35 -7.28
N PRO D 78 3.22 59.08 -7.68
CA PRO D 78 1.93 58.41 -7.88
C PRO D 78 1.14 58.37 -6.58
N GLY D 79 -0.19 58.47 -6.72
CA GLY D 79 -1.06 58.49 -5.57
C GLY D 79 -1.18 59.84 -4.89
N HIS D 80 -0.35 60.81 -5.27
CA HIS D 80 -0.48 62.16 -4.75
C HIS D 80 -1.58 62.90 -5.48
N ALA D 81 -2.26 63.78 -4.75
CA ALA D 81 -3.26 64.64 -5.35
C ALA D 81 -2.59 65.89 -5.88
N TYR D 82 -3.08 66.40 -7.01
CA TYR D 82 -2.50 67.59 -7.62
C TYR D 82 -3.61 68.45 -8.22
N LYS D 83 -3.21 69.65 -8.64
CA LYS D 83 -4.16 70.67 -9.03
C LYS D 83 -3.46 71.70 -9.92
N TYR D 84 -4.21 72.25 -10.86
CA TYR D 84 -3.75 73.33 -11.73
C TYR D 84 -4.33 74.67 -11.31
N ARG D 85 -3.46 75.69 -11.24
CA ARG D 85 -3.86 77.07 -10.96
C ARG D 85 -3.66 77.90 -12.23
N ILE D 86 -4.75 78.32 -12.85
CA ILE D 86 -4.70 79.09 -14.10
C ILE D 86 -5.09 80.53 -13.82
N ARG D 87 -4.32 81.46 -14.38
CA ARG D 87 -4.50 82.90 -14.16
C ARG D 87 -5.02 83.55 -15.44
N HIS D 88 -6.22 84.12 -15.37
CA HIS D 88 -6.82 84.90 -16.45
C HIS D 88 -6.85 86.36 -16.02
N GLY D 89 -5.79 87.10 -16.35
CA GLY D 89 -5.70 88.50 -15.99
C GLY D 89 -5.84 88.73 -14.49
N PHE D 90 -6.88 89.49 -14.11
CA PHE D 90 -7.03 89.89 -12.71
C PHE D 90 -7.30 88.69 -11.80
N TYR D 91 -7.91 87.64 -12.34
CA TYR D 91 -8.40 86.54 -11.52
C TYR D 91 -7.63 85.26 -11.81
N GLN D 92 -7.44 84.46 -10.77
CA GLN D 92 -6.83 83.14 -10.87
C GLN D 92 -7.76 82.13 -10.21
N ALA D 93 -7.66 80.88 -10.65
CA ALA D 93 -8.54 79.84 -10.14
C ALA D 93 -7.82 78.50 -10.18
N ASP D 94 -8.16 77.64 -9.22
CA ASP D 94 -7.65 76.28 -9.18
C ASP D 94 -8.60 75.38 -9.95
N LYS D 95 -8.03 74.52 -10.81
CA LYS D 95 -8.82 73.65 -11.68
C LYS D 95 -8.29 72.22 -11.58
N THR D 96 -9.17 71.27 -11.89
CA THR D 96 -8.76 69.87 -12.01
C THR D 96 -8.18 69.59 -13.39
N ASP D 97 -7.44 68.50 -13.48
CA ASP D 97 -6.89 68.04 -14.75
C ASP D 97 -7.98 67.40 -15.61
N PRO D 98 -8.26 67.92 -16.81
CA PRO D 98 -9.20 67.23 -17.70
C PRO D 98 -8.70 65.87 -18.15
N TYR D 99 -7.39 65.70 -18.25
CA TYR D 99 -6.77 64.44 -18.66
C TYR D 99 -6.36 63.58 -17.47
N ALA D 100 -6.90 63.85 -16.28
CA ALA D 100 -6.59 63.07 -15.09
C ALA D 100 -6.92 61.59 -15.31
N PHE D 101 -5.98 60.71 -14.95
CA PHE D 101 -6.19 59.27 -15.09
C PHE D 101 -6.81 58.63 -13.86
N ALA D 102 -6.86 59.32 -12.73
CA ALA D 102 -7.56 58.80 -11.55
C ALA D 102 -7.92 59.97 -10.63
N MET D 103 -9.09 59.87 -10.00
CA MET D 103 -9.54 60.87 -9.03
C MET D 103 -10.12 60.21 -7.80
N GLU D 104 -9.99 60.91 -6.66
CA GLU D 104 -10.45 60.46 -5.34
C GLU D 104 -10.88 61.68 -4.53
N PRO D 105 -11.87 61.53 -3.65
CA PRO D 105 -12.38 62.66 -2.86
C PRO D 105 -11.56 62.90 -1.60
N PRO D 106 -10.93 64.10 -1.43
CA PRO D 106 -10.07 64.33 -0.28
C PRO D 106 -10.86 64.31 1.01
N THR D 107 -12.03 64.95 1.02
CA THR D 107 -12.91 64.92 2.20
C THR D 107 -13.32 63.49 2.41
N GLY D 108 -13.58 62.77 1.33
CA GLY D 108 -14.07 61.39 1.42
C GLY D 108 -15.40 61.33 0.73
N SER D 109 -15.90 62.51 0.33
CA SER D 109 -17.23 62.59 -0.31
C SER D 109 -17.08 63.20 -1.71
N PRO D 110 -17.51 62.53 -2.79
CA PRO D 110 -17.28 63.05 -4.13
C PRO D 110 -17.95 64.39 -4.33
N ILE D 111 -19.09 64.61 -3.67
CA ILE D 111 -19.89 65.82 -3.87
C ILE D 111 -19.19 67.06 -3.31
N GLU D 112 -18.34 66.86 -2.30
CA GLU D 112 -17.58 68.01 -1.78
C GLU D 112 -16.39 68.21 -2.72
N GLY D 113 -15.37 67.37 -2.61
CA GLY D 113 -14.17 67.54 -3.44
C GLY D 113 -13.80 66.32 -4.25
N LEU D 114 -13.47 66.49 -5.53
CA LEU D 114 -12.91 65.36 -6.32
C LEU D 114 -11.51 65.83 -6.73
N ALA D 115 -10.47 65.03 -6.47
CA ALA D 115 -9.09 65.52 -6.72
C ALA D 115 -8.33 64.63 -7.71
N SER D 116 -7.65 65.26 -8.68
CA SER D 116 -6.80 64.49 -9.63
C SER D 116 -5.62 63.86 -8.87
N ILE D 117 -5.32 62.59 -9.15
CA ILE D 117 -4.26 61.86 -8.47
C ILE D 117 -3.31 61.31 -9.51
N ILE D 118 -2.01 61.53 -9.31
CA ILE D 118 -1.01 61.04 -10.26
C ILE D 118 -0.98 59.52 -10.24
N THR D 119 -1.04 58.93 -11.42
CA THR D 119 -1.30 57.50 -11.57
C THR D 119 -0.37 56.90 -12.62
N ARG D 120 0.02 55.65 -12.40
CA ARG D 120 0.67 54.86 -13.43
C ARG D 120 -0.28 53.77 -13.91
N LEU D 121 -0.36 53.61 -15.23
CA LEU D 121 -1.33 52.74 -15.84
C LEU D 121 -0.71 51.40 -16.20
N ASP D 122 0.50 51.14 -15.72
CA ASP D 122 1.17 49.86 -15.95
C ASP D 122 0.31 48.71 -15.50
N TYR D 123 0.02 47.81 -16.44
CA TYR D 123 -0.78 46.64 -16.14
C TYR D 123 -0.42 45.58 -17.18
N THR D 124 -0.27 44.35 -16.72
CA THR D 124 0.08 43.26 -17.62
C THR D 124 -1.19 42.48 -17.92
N TRP D 125 -1.54 42.40 -19.20
CA TRP D 125 -2.78 41.81 -19.62
C TRP D 125 -2.59 40.33 -19.88
N HIS D 126 -3.66 39.57 -19.69
CA HIS D 126 -3.67 38.15 -19.99
C HIS D 126 -4.86 37.81 -20.88
N ASP D 127 -5.33 38.81 -21.63
CA ASP D 127 -6.50 38.70 -22.50
C ASP D 127 -6.08 38.58 -23.96
N ASP D 128 -4.83 38.15 -24.19
CA ASP D 128 -4.27 37.97 -25.52
C ASP D 128 -5.22 37.23 -26.46
N ALA D 129 -5.73 36.09 -26.01
CA ALA D 129 -6.53 35.21 -26.86
C ALA D 129 -7.81 35.88 -27.34
N TRP D 130 -8.53 36.58 -26.45
CA TRP D 130 -9.83 37.14 -26.84
C TRP D 130 -9.70 38.19 -27.93
N MET D 131 -8.73 39.10 -27.81
CA MET D 131 -8.66 40.23 -28.74
C MET D 131 -8.10 39.86 -30.10
N GLN D 132 -7.38 38.74 -30.23
CA GLN D 132 -6.99 38.30 -31.57
C GLN D 132 -8.20 37.78 -32.36
N ARG D 133 -9.33 37.52 -31.69
CA ARG D 133 -10.54 37.00 -32.29
C ARG D 133 -11.79 37.91 -32.20
N ARG D 134 -11.70 39.06 -31.54
CA ARG D 134 -12.87 39.95 -31.51
C ARG D 134 -13.41 40.21 -32.91
N LYS D 135 -14.71 40.49 -32.98
CA LYS D 135 -15.37 40.73 -34.26
C LYS D 135 -15.91 42.15 -34.27
N GLY D 136 -17.22 42.33 -34.20
CA GLY D 136 -17.74 43.67 -34.20
C GLY D 136 -18.40 43.95 -35.53
N PRO D 137 -17.65 44.56 -36.46
CA PRO D 137 -18.22 44.74 -37.80
C PRO D 137 -18.65 43.41 -38.38
N ALA D 138 -17.88 42.35 -38.10
CA ALA D 138 -18.29 41.00 -38.47
C ALA D 138 -19.38 40.47 -37.56
N SER D 139 -19.59 41.09 -36.40
CA SER D 139 -20.66 40.68 -35.49
C SER D 139 -22.05 40.95 -36.05
N LEU D 140 -22.15 41.74 -37.14
CA LEU D 140 -23.43 41.93 -37.80
C LEU D 140 -24.12 40.61 -38.12
N TYR D 141 -23.33 39.55 -38.32
CA TYR D 141 -23.85 38.24 -38.68
C TYR D 141 -23.59 37.19 -37.60
N GLU D 142 -23.31 37.63 -36.38
CA GLU D 142 -23.11 36.77 -35.23
C GLU D 142 -24.02 37.23 -34.10
N PRO D 143 -24.33 36.34 -33.15
CA PRO D 143 -25.22 36.76 -32.06
C PRO D 143 -24.55 37.74 -31.12
N VAL D 144 -25.22 38.87 -30.90
CA VAL D 144 -24.81 39.88 -29.94
C VAL D 144 -25.96 40.03 -28.96
N SER D 145 -25.75 39.58 -27.73
CA SER D 145 -26.75 39.66 -26.66
C SER D 145 -26.11 40.41 -25.52
N ILE D 146 -26.57 41.64 -25.29
CA ILE D 146 -25.91 42.56 -24.37
C ILE D 146 -26.66 42.59 -23.05
N TYR D 147 -25.91 42.42 -21.97
CA TYR D 147 -26.42 42.57 -20.61
C TYR D 147 -26.04 43.97 -20.13
N GLU D 148 -27.02 44.86 -20.03
CA GLU D 148 -26.73 46.23 -19.62
C GLU D 148 -26.68 46.31 -18.10
N VAL D 149 -25.67 46.99 -17.58
CA VAL D 149 -25.33 46.91 -16.17
C VAL D 149 -24.89 48.27 -15.64
N HIS D 150 -25.36 48.60 -14.44
CA HIS D 150 -24.76 49.62 -13.58
C HIS D 150 -24.05 48.90 -12.44
N LEU D 151 -22.72 49.04 -12.36
CA LEU D 151 -21.94 48.20 -11.46
C LEU D 151 -22.34 48.40 -10.00
N GLY D 152 -22.54 49.65 -9.58
CA GLY D 152 -22.89 49.91 -8.20
C GLY D 152 -24.22 49.31 -7.80
N SER D 153 -25.16 49.27 -8.73
CA SER D 153 -26.50 48.79 -8.45
C SER D 153 -26.65 47.27 -8.56
N TRP D 154 -25.72 46.59 -9.23
CA TRP D 154 -25.91 45.18 -9.55
C TRP D 154 -25.96 44.34 -8.28
N ARG D 155 -24.84 44.21 -7.57
CA ARG D 155 -24.80 43.45 -6.32
C ARG D 155 -24.01 44.21 -5.26
N HIS D 156 -24.42 44.01 -4.00
CA HIS D 156 -23.84 44.65 -2.82
C HIS D 156 -23.22 43.62 -1.88
N LYS D 157 -22.08 43.97 -1.27
CA LYS D 157 -21.53 43.10 -0.23
C LYS D 157 -22.35 43.24 1.05
N GLN D 158 -22.80 44.44 1.35
CA GLN D 158 -23.71 44.73 2.45
C GLN D 158 -24.53 45.94 2.03
N PRO D 159 -25.63 46.21 2.72
CA PRO D 159 -26.51 47.32 2.28
C PRO D 159 -25.75 48.63 2.16
N GLY D 160 -25.82 49.24 0.98
CA GLY D 160 -25.14 50.48 0.67
C GLY D 160 -23.66 50.38 0.38
N VAL D 161 -23.12 49.17 0.19
CA VAL D 161 -21.69 48.98 -0.09
C VAL D 161 -21.57 48.11 -1.34
N SER D 162 -21.05 48.69 -2.42
CA SER D 162 -20.91 48.00 -3.69
C SER D 162 -19.66 47.13 -3.73
N PHE D 163 -19.55 46.34 -4.80
CA PHE D 163 -18.38 45.51 -5.07
C PHE D 163 -17.27 46.32 -5.71
N SER D 164 -16.03 45.99 -5.38
CA SER D 164 -14.89 46.53 -6.10
C SER D 164 -14.92 46.06 -7.56
N TYR D 165 -14.11 46.71 -8.39
CA TYR D 165 -13.96 46.27 -9.78
C TYR D 165 -13.57 44.80 -9.84
N ARG D 166 -12.61 44.41 -9.02
CA ARG D 166 -12.13 43.03 -8.99
C ARG D 166 -13.17 42.10 -8.36
N GLU D 167 -13.74 42.51 -7.23
CA GLU D 167 -14.67 41.66 -6.52
C GLU D 167 -15.87 41.31 -7.39
N ILE D 168 -16.30 42.23 -8.25
CA ILE D 168 -17.43 41.99 -9.12
C ILE D 168 -17.10 40.97 -10.22
N ALA D 169 -15.81 40.87 -10.59
CA ALA D 169 -15.43 40.14 -11.80
C ALA D 169 -16.01 38.73 -11.84
N GLU D 170 -15.71 37.91 -10.85
CA GLU D 170 -16.13 36.52 -10.89
C GLU D 170 -17.65 36.38 -10.80
N PRO D 171 -18.34 37.12 -9.92
CA PRO D 171 -19.82 37.03 -9.93
C PRO D 171 -20.46 37.47 -11.24
N LEU D 172 -20.03 38.62 -11.81
CA LEU D 172 -20.66 39.06 -13.06
C LEU D 172 -20.31 38.11 -14.19
N ALA D 173 -19.04 37.73 -14.30
CA ALA D 173 -18.64 36.74 -15.30
C ALA D 173 -19.36 35.41 -15.09
N ASP D 174 -19.53 34.99 -13.84
CA ASP D 174 -20.28 33.77 -13.56
C ASP D 174 -21.72 33.91 -14.04
N TYR D 175 -22.37 35.01 -13.67
CA TYR D 175 -23.77 35.25 -14.02
C TYR D 175 -23.96 35.40 -15.52
N VAL D 176 -23.12 36.20 -16.16
CA VAL D 176 -23.30 36.49 -17.58
C VAL D 176 -23.14 35.23 -18.42
N GLN D 177 -22.22 34.36 -18.00
CA GLN D 177 -21.96 33.12 -18.79
C GLN D 177 -23.16 32.16 -18.65
N ASP D 178 -23.67 31.98 -17.43
CA ASP D 178 -24.81 31.06 -17.19
C ASP D 178 -26.02 31.59 -17.97
N LEU D 179 -26.21 32.90 -17.97
CA LEU D 179 -27.31 33.55 -18.74
C LEU D 179 -27.11 33.31 -20.25
N GLY D 180 -25.86 33.30 -20.73
CA GLY D 180 -25.61 33.17 -22.19
C GLY D 180 -25.49 34.52 -22.86
N PHE D 181 -25.47 35.59 -22.07
CA PHE D 181 -25.26 36.95 -22.64
C PHE D 181 -23.90 37.03 -23.34
N THR D 182 -23.82 37.85 -24.39
CA THR D 182 -22.63 37.99 -25.23
C THR D 182 -21.71 39.12 -24.77
N HIS D 183 -22.27 40.24 -24.30
CA HIS D 183 -21.49 41.38 -23.82
C HIS D 183 -22.12 41.91 -22.53
N VAL D 184 -21.34 42.71 -21.80
CA VAL D 184 -21.88 43.57 -20.76
C VAL D 184 -21.68 45.02 -21.22
N GLU D 185 -22.75 45.79 -21.17
CA GLU D 185 -22.68 47.23 -21.41
C GLU D 185 -22.74 47.90 -20.05
N LEU D 186 -21.70 48.67 -19.73
CA LEU D 186 -21.56 49.25 -18.42
C LEU D 186 -22.03 50.69 -18.48
N LEU D 187 -23.00 51.04 -17.64
CA LEU D 187 -23.36 52.44 -17.50
C LEU D 187 -22.10 53.23 -17.14
N PRO D 188 -22.02 54.50 -17.56
CA PRO D 188 -20.72 55.19 -17.64
C PRO D 188 -19.85 55.05 -16.40
N ILE D 189 -18.62 54.55 -16.62
CA ILE D 189 -17.62 54.39 -15.58
C ILE D 189 -16.74 55.61 -15.38
N MET D 190 -16.79 56.59 -16.26
CA MET D 190 -15.91 57.74 -16.14
C MET D 190 -16.28 58.55 -14.90
N GLU D 191 -15.26 59.16 -14.29
CA GLU D 191 -15.41 59.77 -12.98
C GLU D 191 -16.52 60.82 -12.99
N HIS D 192 -17.43 60.73 -12.02
CA HIS D 192 -18.56 61.62 -11.91
C HIS D 192 -18.81 61.97 -10.45
N PRO D 193 -19.14 63.24 -10.16
CA PRO D 193 -19.32 63.65 -8.76
C PRO D 193 -20.57 63.06 -8.11
N TYR D 194 -21.72 63.19 -8.77
CA TYR D 194 -22.99 62.77 -8.19
C TYR D 194 -23.29 61.33 -8.60
N TYR D 195 -23.26 60.42 -7.63
CA TYR D 195 -23.62 59.03 -7.86
C TYR D 195 -25.00 58.89 -8.49
N GLY D 196 -25.94 59.75 -8.08
CA GLY D 196 -27.29 59.72 -8.64
C GLY D 196 -27.37 60.07 -10.11
N SER D 197 -26.30 60.61 -10.69
CA SER D 197 -26.24 60.86 -12.12
C SER D 197 -26.17 59.59 -12.96
N TRP D 198 -25.86 58.45 -12.33
CA TRP D 198 -25.60 57.18 -13.01
C TRP D 198 -24.32 57.26 -13.83
N GLY D 199 -23.61 58.39 -13.76
CA GLY D 199 -22.38 58.57 -14.50
C GLY D 199 -22.45 59.44 -15.74
N TYR D 200 -23.63 59.94 -16.12
CA TYR D 200 -23.74 60.72 -17.34
C TYR D 200 -23.28 62.17 -17.20
N GLN D 201 -23.08 62.65 -15.99
CA GLN D 201 -22.44 63.94 -15.75
C GLN D 201 -20.98 63.65 -15.42
N VAL D 202 -20.11 63.81 -16.40
CA VAL D 202 -18.75 63.29 -16.35
C VAL D 202 -17.80 64.43 -16.06
N VAL D 203 -16.88 64.21 -15.12
CA VAL D 203 -15.80 65.15 -14.84
C VAL D 203 -14.46 64.62 -15.33
N GLY D 204 -14.16 63.35 -15.05
CA GLY D 204 -12.89 62.78 -15.44
C GLY D 204 -13.02 61.80 -16.58
N TYR D 205 -12.98 62.31 -17.80
CA TYR D 205 -13.18 61.46 -18.97
C TYR D 205 -12.11 60.40 -19.09
N TYR D 206 -10.90 60.66 -18.60
CA TYR D 206 -9.79 59.72 -18.69
C TYR D 206 -9.59 58.92 -17.41
N ALA D 207 -10.49 59.04 -16.44
CA ALA D 207 -10.33 58.37 -15.16
C ALA D 207 -11.52 57.47 -14.88
N PRO D 208 -11.31 56.18 -14.63
CA PRO D 208 -12.41 55.34 -14.13
C PRO D 208 -12.76 55.76 -12.71
N THR D 209 -14.04 55.63 -12.39
CA THR D 209 -14.55 56.14 -11.11
C THR D 209 -13.88 55.44 -9.93
N PHE D 210 -13.58 56.23 -8.90
CA PHE D 210 -12.91 55.71 -7.71
C PHE D 210 -13.79 54.72 -6.96
N ARG D 211 -15.11 54.85 -7.07
CA ARG D 211 -16.03 54.11 -6.22
C ARG D 211 -15.76 52.61 -6.24
N TYR D 212 -15.25 52.09 -7.36
CA TYR D 212 -15.07 50.66 -7.52
C TYR D 212 -13.61 50.24 -7.50
N GLY D 213 -12.67 51.17 -7.39
CA GLY D 213 -11.28 50.82 -7.19
C GLY D 213 -10.35 51.68 -8.03
N THR D 214 -9.14 51.16 -8.22
CA THR D 214 -8.10 51.87 -8.99
C THR D 214 -8.33 51.61 -10.48
N PRO D 215 -7.61 52.30 -11.39
CA PRO D 215 -7.77 52.04 -12.82
C PRO D 215 -7.40 50.63 -13.20
N GLN D 216 -6.32 50.10 -12.63
CA GLN D 216 -5.89 48.71 -12.92
C GLN D 216 -6.99 47.73 -12.47
N ASP D 217 -7.61 47.99 -11.33
CA ASP D 217 -8.74 47.14 -10.86
C ASP D 217 -9.74 46.98 -12.01
N LEU D 218 -10.05 48.07 -12.71
CA LEU D 218 -10.97 47.98 -13.84
C LEU D 218 -10.36 47.19 -15.00
N MET D 219 -9.09 47.47 -15.33
CA MET D 219 -8.43 46.71 -16.39
C MET D 219 -8.44 45.22 -16.08
N TYR D 220 -8.21 44.86 -14.83
CA TYR D 220 -8.29 43.45 -14.44
C TYR D 220 -9.69 42.89 -14.69
N LEU D 221 -10.72 43.65 -14.35
CA LEU D 221 -12.09 43.20 -14.57
C LEU D 221 -12.33 42.88 -16.04
N ILE D 222 -11.97 43.81 -16.92
CA ILE D 222 -12.10 43.59 -18.36
C ILE D 222 -11.22 42.42 -18.81
N ASP D 223 -9.96 42.43 -18.37
CA ASP D 223 -9.05 41.32 -18.64
C ASP D 223 -9.68 39.99 -18.24
N TYR D 224 -10.23 39.93 -17.02
CA TYR D 224 -10.88 38.72 -16.53
C TYR D 224 -12.03 38.30 -17.43
N LEU D 225 -12.98 39.21 -17.66
CA LEU D 225 -14.16 38.91 -18.47
C LEU D 225 -13.78 38.41 -19.85
N HIS D 226 -12.72 38.99 -20.44
CA HIS D 226 -12.27 38.57 -21.75
C HIS D 226 -11.83 37.13 -21.74
N GLN D 227 -11.00 36.76 -20.77
CA GLN D 227 -10.59 35.37 -20.60
C GLN D 227 -11.80 34.46 -20.50
N ARG D 228 -12.87 34.94 -19.85
CA ARG D 228 -14.13 34.22 -19.78
C ARG D 228 -14.96 34.36 -21.06
N GLY D 229 -14.44 35.05 -22.07
CA GLY D 229 -15.11 35.15 -23.35
C GLY D 229 -16.24 36.14 -23.43
N ILE D 230 -16.28 37.14 -22.54
CA ILE D 230 -17.35 38.12 -22.50
C ILE D 230 -16.81 39.47 -22.95
N GLY D 231 -17.63 40.20 -23.72
CA GLY D 231 -17.26 41.52 -24.19
C GLY D 231 -17.69 42.63 -23.25
N VAL D 232 -16.99 43.76 -23.35
CA VAL D 232 -17.23 44.93 -22.50
C VAL D 232 -17.56 46.11 -23.40
N ILE D 233 -18.77 46.64 -23.23
CA ILE D 233 -19.18 47.89 -23.87
C ILE D 233 -19.20 48.97 -22.80
N LEU D 234 -18.58 50.10 -23.10
CA LEU D 234 -18.56 51.23 -22.14
C LEU D 234 -19.50 52.33 -22.62
N ASP D 235 -20.48 52.72 -21.81
CA ASP D 235 -21.31 53.89 -22.21
C ASP D 235 -20.37 55.10 -22.21
N TRP D 236 -20.49 55.97 -23.21
CA TRP D 236 -19.57 57.12 -23.33
C TRP D 236 -20.40 58.39 -23.53
N VAL D 237 -19.96 59.51 -22.96
CA VAL D 237 -20.78 60.73 -23.02
C VAL D 237 -20.04 61.88 -23.69
N PRO D 238 -19.92 61.89 -25.02
CA PRO D 238 -19.32 63.05 -25.70
C PRO D 238 -20.28 64.22 -25.88
N SER D 239 -21.55 64.07 -25.52
CA SER D 239 -22.55 65.10 -25.79
C SER D 239 -22.42 66.30 -24.85
N HIS D 240 -22.09 66.07 -23.59
CA HIS D 240 -22.09 67.13 -22.60
C HIS D 240 -21.20 66.75 -21.44
N PHE D 241 -20.67 67.76 -20.75
CA PHE D 241 -19.85 67.54 -19.57
C PHE D 241 -20.55 68.09 -18.33
N ALA D 242 -20.04 67.67 -17.16
CA ALA D 242 -20.69 68.00 -15.90
C ALA D 242 -20.50 69.46 -15.56
N ALA D 243 -21.47 70.01 -14.83
CA ALA D 243 -21.54 71.43 -14.48
C ALA D 243 -20.67 71.79 -13.28
N ASP D 244 -19.48 71.19 -13.14
CA ASP D 244 -18.70 71.31 -11.92
C ASP D 244 -17.70 72.44 -12.03
N PRO D 245 -17.69 73.38 -11.08
CA PRO D 245 -16.96 74.65 -11.32
C PRO D 245 -15.48 74.43 -11.55
N GLN D 246 -14.88 73.50 -10.82
CA GLN D 246 -13.48 73.12 -10.98
C GLN D 246 -13.26 72.20 -12.17
N GLY D 247 -14.33 71.73 -12.81
CA GLY D 247 -14.26 70.78 -13.90
C GLY D 247 -13.90 71.43 -15.22
N LEU D 248 -14.61 71.07 -16.30
CA LEU D 248 -14.26 71.56 -17.62
C LEU D 248 -14.78 72.97 -17.87
N VAL D 249 -15.82 73.37 -17.14
CA VAL D 249 -16.41 74.71 -17.22
C VAL D 249 -15.34 75.77 -17.05
N TYR D 250 -15.30 76.70 -18.01
CA TYR D 250 -14.48 77.90 -17.99
C TYR D 250 -13.06 77.59 -17.51
N PHE D 251 -12.41 76.69 -18.26
CA PHE D 251 -11.17 76.11 -17.78
C PHE D 251 -10.04 77.12 -17.72
N ASP D 252 -9.77 77.82 -18.82
CA ASP D 252 -8.67 78.78 -18.87
C ASP D 252 -9.08 80.18 -18.41
N GLY D 253 -10.22 80.29 -17.71
CA GLY D 253 -10.80 81.56 -17.36
C GLY D 253 -11.85 82.09 -18.33
N THR D 254 -12.03 81.44 -19.47
CA THR D 254 -13.04 81.81 -20.46
C THR D 254 -13.68 80.53 -20.99
N THR D 255 -14.54 80.67 -22.00
CA THR D 255 -15.03 79.51 -22.74
C THR D 255 -13.85 78.76 -23.37
N LEU D 256 -13.80 77.45 -23.14
CA LEU D 256 -12.78 76.62 -23.76
C LEU D 256 -13.38 75.36 -24.37
N PHE D 257 -13.91 74.48 -23.51
CA PHE D 257 -14.61 73.30 -24.00
C PHE D 257 -16.04 73.62 -24.41
N GLU D 258 -16.59 74.74 -23.92
CA GLU D 258 -17.92 75.23 -24.23
C GLU D 258 -17.94 75.97 -25.56
N TYR D 259 -19.15 76.17 -26.09
CA TYR D 259 -19.33 76.98 -27.29
C TYR D 259 -19.00 78.43 -26.98
N ASP D 260 -18.19 79.06 -27.83
CA ASP D 260 -17.77 80.43 -27.58
C ASP D 260 -18.92 81.43 -27.67
N HIS D 267 -27.32 73.46 -26.16
CA HIS D 267 -28.50 72.56 -26.28
C HIS D 267 -29.51 72.90 -25.20
N PRO D 268 -30.84 72.74 -25.42
CA PRO D 268 -31.80 72.96 -24.36
C PRO D 268 -31.58 72.00 -23.20
N ASP D 269 -31.27 70.75 -23.51
CA ASP D 269 -31.01 69.73 -22.45
C ASP D 269 -29.92 70.24 -21.52
N TRP D 270 -28.73 70.54 -22.06
CA TRP D 270 -27.59 70.95 -21.20
C TRP D 270 -26.92 72.22 -21.75
N GLY D 271 -27.56 73.38 -21.61
CA GLY D 271 -26.97 74.58 -22.23
C GLY D 271 -25.65 74.98 -21.61
N THR D 272 -24.63 75.28 -22.42
CA THR D 272 -23.30 75.79 -21.97
C THR D 272 -22.46 74.63 -21.47
N TYR D 273 -23.01 73.42 -21.47
CA TYR D 273 -22.22 72.22 -21.08
C TYR D 273 -22.00 71.40 -22.33
N VAL D 274 -22.35 71.98 -23.47
CA VAL D 274 -22.17 71.27 -24.77
C VAL D 274 -20.73 71.50 -25.26
N PHE D 275 -20.08 70.45 -25.75
CA PHE D 275 -18.73 70.55 -26.27
C PHE D 275 -18.71 71.34 -27.57
N ASP D 276 -17.73 72.23 -27.69
CA ASP D 276 -17.55 73.01 -28.91
C ASP D 276 -16.76 72.17 -29.90
N TYR D 277 -17.48 71.43 -30.74
CA TYR D 277 -16.85 70.56 -31.72
C TYR D 277 -16.12 71.34 -32.81
N ASN D 278 -16.30 72.66 -32.86
CA ASN D 278 -15.57 73.48 -33.82
C ASN D 278 -14.08 73.51 -33.52
N LYS D 279 -13.72 73.60 -32.25
CA LYS D 279 -12.33 73.77 -31.87
C LYS D 279 -11.54 72.47 -32.10
N PRO D 280 -10.38 72.53 -32.75
CA PRO D 280 -9.55 71.32 -32.83
C PRO D 280 -9.15 70.79 -31.46
N GLY D 281 -8.91 71.68 -30.50
CA GLY D 281 -8.53 71.24 -29.16
C GLY D 281 -9.61 70.40 -28.51
N VAL D 282 -10.87 70.77 -28.70
CA VAL D 282 -11.96 69.95 -28.20
C VAL D 282 -11.97 68.60 -28.89
N ARG D 283 -11.80 68.61 -30.21
CA ARG D 283 -11.85 67.38 -31.00
C ARG D 283 -10.75 66.39 -30.59
N ASN D 284 -9.53 66.89 -30.36
CA ASN D 284 -8.48 66.03 -29.81
C ASN D 284 -8.94 65.38 -28.50
N PHE D 285 -9.34 66.21 -27.53
CA PHE D 285 -9.72 65.72 -26.21
C PHE D 285 -10.77 64.62 -26.29
N LEU D 286 -11.79 64.82 -27.13
CA LEU D 286 -12.89 63.85 -27.18
C LEU D 286 -12.48 62.56 -27.87
N ILE D 287 -11.89 62.66 -29.06
CA ILE D 287 -11.58 61.47 -29.85
C ILE D 287 -10.42 60.68 -29.24
N SER D 288 -9.40 61.39 -28.73
CA SER D 288 -8.32 60.71 -28.01
C SER D 288 -8.87 59.91 -26.85
N ASN D 289 -9.86 60.46 -26.14
CA ASN D 289 -10.46 59.76 -25.02
C ASN D 289 -11.18 58.50 -25.48
N ALA D 290 -11.91 58.59 -26.59
CA ALA D 290 -12.53 57.40 -27.16
C ALA D 290 -11.49 56.32 -27.40
N LEU D 291 -10.39 56.68 -28.06
CA LEU D 291 -9.31 55.73 -28.30
C LEU D 291 -8.65 55.31 -26.99
N PHE D 292 -8.57 56.22 -26.02
CA PHE D 292 -7.97 55.92 -24.73
C PHE D 292 -8.60 54.68 -24.10
N TRP D 293 -9.92 54.61 -24.12
CA TRP D 293 -10.62 53.46 -23.55
C TRP D 293 -10.40 52.20 -24.38
N LEU D 294 -10.41 52.32 -25.71
CA LEU D 294 -10.15 51.15 -26.55
C LEU D 294 -8.70 50.69 -26.44
N ASP D 295 -7.78 51.61 -26.15
CA ASP D 295 -6.35 51.31 -26.10
C ASP D 295 -5.94 50.82 -24.71
N TYR D 296 -6.09 51.67 -23.69
CA TYR D 296 -5.56 51.37 -22.37
C TYR D 296 -6.42 50.40 -21.58
N TYR D 297 -7.70 50.25 -21.93
CA TYR D 297 -8.59 49.36 -21.20
C TYR D 297 -9.18 48.27 -22.08
N HIS D 298 -8.69 48.14 -23.31
CA HIS D 298 -9.07 47.05 -24.23
C HIS D 298 -10.57 46.96 -24.42
N VAL D 299 -11.28 48.08 -24.31
CA VAL D 299 -12.73 48.01 -24.41
C VAL D 299 -13.14 47.65 -25.82
N ASP D 300 -14.15 46.79 -25.94
CA ASP D 300 -14.59 46.27 -27.23
C ASP D 300 -15.60 47.18 -27.92
N GLY D 301 -16.39 47.94 -27.17
CA GLY D 301 -17.40 48.78 -27.78
C GLY D 301 -17.70 49.99 -26.93
N LEU D 302 -18.20 51.03 -27.60
CA LEU D 302 -18.55 52.30 -26.98
C LEU D 302 -19.95 52.69 -27.44
N ARG D 303 -20.78 53.13 -26.50
CA ARG D 303 -22.17 53.48 -26.77
C ARG D 303 -22.38 54.97 -26.50
N VAL D 304 -22.85 55.69 -27.51
CA VAL D 304 -23.08 57.13 -27.43
C VAL D 304 -24.58 57.36 -27.23
N ASP D 305 -24.94 58.07 -26.17
CA ASP D 305 -26.33 58.34 -25.85
C ASP D 305 -26.74 59.73 -26.33
N ALA D 306 -28.05 59.91 -26.49
CA ALA D 306 -28.64 61.19 -26.89
C ALA D 306 -27.87 61.82 -28.05
N VAL D 307 -27.67 61.03 -29.10
CA VAL D 307 -26.95 61.52 -30.28
C VAL D 307 -27.75 62.65 -30.93
N ALA D 308 -29.08 62.59 -30.84
CA ALA D 308 -29.91 63.66 -31.38
C ALA D 308 -29.59 65.00 -30.77
N SER D 309 -29.19 65.04 -29.49
CA SER D 309 -28.84 66.30 -28.85
C SER D 309 -27.62 66.96 -29.49
N MET D 310 -26.73 66.17 -30.08
CA MET D 310 -25.62 66.74 -30.83
C MET D 310 -26.05 67.16 -32.22
N LEU D 311 -26.90 66.37 -32.86
CA LEU D 311 -27.24 66.62 -34.25
C LEU D 311 -27.93 67.97 -34.44
N TYR D 312 -28.74 68.38 -33.47
CA TYR D 312 -29.51 69.62 -33.55
C TYR D 312 -29.00 70.69 -32.58
N ARG D 313 -29.82 71.71 -32.35
CA ARG D 313 -29.56 72.77 -31.39
C ARG D 313 -30.80 73.04 -30.54
N ARG D 328 -31.03 73.72 -38.91
CA ARG D 328 -31.14 73.46 -37.48
C ARG D 328 -30.06 72.46 -37.03
N GLU D 329 -29.56 71.69 -37.98
CA GLU D 329 -28.58 70.65 -37.69
C GLU D 329 -27.24 71.26 -37.29
N ASN D 330 -26.58 70.66 -36.30
CA ASN D 330 -25.24 71.04 -35.89
C ASN D 330 -24.22 70.23 -36.68
N LEU D 331 -23.53 70.91 -37.62
CA LEU D 331 -22.60 70.24 -38.51
C LEU D 331 -21.23 70.03 -37.87
N GLU D 332 -20.78 70.98 -37.06
CA GLU D 332 -19.69 70.75 -36.11
C GLU D 332 -19.78 69.35 -35.52
N ALA D 333 -20.89 69.05 -34.85
CA ALA D 333 -21.07 67.74 -34.24
C ALA D 333 -21.15 66.62 -35.28
N ILE D 334 -21.83 66.86 -36.40
CA ILE D 334 -22.01 65.79 -37.38
C ILE D 334 -20.68 65.39 -38.00
N ASP D 335 -19.82 66.37 -38.30
CA ASP D 335 -18.49 66.04 -38.78
C ASP D 335 -17.68 65.37 -37.68
N PHE D 336 -17.87 65.82 -36.44
CA PHE D 336 -17.21 65.19 -35.30
C PHE D 336 -17.60 63.72 -35.16
N ILE D 337 -18.91 63.42 -35.14
CA ILE D 337 -19.36 62.04 -35.06
C ILE D 337 -18.80 61.22 -36.20
N LYS D 338 -18.88 61.77 -37.41
CA LYS D 338 -18.36 61.06 -38.58
C LYS D 338 -16.86 60.78 -38.42
N LYS D 339 -16.10 61.76 -37.90
CA LYS D 339 -14.66 61.55 -37.73
C LYS D 339 -14.36 60.63 -36.55
N PHE D 340 -15.18 60.70 -35.50
CA PHE D 340 -15.06 59.76 -34.39
C PHE D 340 -15.15 58.33 -34.88
N ASN D 341 -16.24 58.01 -35.59
CA ASN D 341 -16.41 56.66 -36.11
C ASN D 341 -15.32 56.29 -37.11
N GLU D 342 -14.96 57.22 -37.99
CA GLU D 342 -13.88 56.98 -38.94
C GLU D 342 -12.56 56.65 -38.21
N THR D 343 -12.25 57.41 -37.16
CA THR D 343 -10.99 57.20 -36.44
C THR D 343 -10.97 55.88 -35.68
N VAL D 344 -12.05 55.55 -34.97
CA VAL D 344 -12.09 54.34 -34.16
C VAL D 344 -11.76 53.11 -34.99
N TYR D 345 -12.51 52.90 -36.08
CA TYR D 345 -12.33 51.70 -36.88
C TYR D 345 -10.98 51.68 -37.58
N LEU D 346 -10.35 52.84 -37.76
CA LEU D 346 -8.99 52.86 -38.31
C LEU D 346 -7.98 52.32 -37.31
N HIS D 347 -8.05 52.78 -36.05
CA HIS D 347 -7.07 52.35 -35.06
C HIS D 347 -7.44 51.01 -34.45
N PHE D 348 -8.73 50.71 -34.35
CA PHE D 348 -9.24 49.46 -33.81
C PHE D 348 -10.26 48.94 -34.82
N PRO D 349 -9.80 48.16 -35.81
CA PRO D 349 -10.71 47.71 -36.88
C PRO D 349 -11.87 46.85 -36.40
N GLU D 350 -11.75 46.22 -35.24
CA GLU D 350 -12.78 45.31 -34.75
C GLU D 350 -13.53 45.85 -33.53
N ALA D 351 -13.44 47.16 -33.27
CA ALA D 351 -14.28 47.75 -32.26
C ALA D 351 -15.74 47.82 -32.72
N ILE D 352 -16.62 48.19 -31.81
CA ILE D 352 -18.04 48.39 -32.10
C ILE D 352 -18.47 49.71 -31.51
N THR D 353 -19.18 50.51 -32.28
CA THR D 353 -19.78 51.73 -31.78
C THR D 353 -21.28 51.62 -31.96
N ILE D 354 -22.03 51.91 -30.91
CA ILE D 354 -23.48 51.85 -30.92
C ILE D 354 -24.01 53.23 -30.58
N ALA D 355 -25.09 53.61 -31.24
CA ALA D 355 -25.69 54.92 -31.03
C ALA D 355 -27.15 54.80 -30.64
N GLU D 356 -27.58 55.66 -29.73
CA GLU D 356 -28.98 55.87 -29.43
C GLU D 356 -29.33 57.26 -29.96
N GLU D 357 -30.24 57.30 -30.92
CA GLU D 357 -30.69 58.55 -31.54
C GLU D 357 -32.21 58.54 -31.56
N SER D 358 -32.83 59.46 -30.82
CA SER D 358 -34.28 59.46 -30.65
C SER D 358 -35.05 60.24 -31.71
N THR D 359 -34.41 60.70 -32.78
CA THR D 359 -35.13 61.19 -33.94
C THR D 359 -34.97 60.21 -35.10
N ALA D 360 -35.73 60.42 -36.16
CA ALA D 360 -35.63 59.54 -37.32
C ALA D 360 -34.52 60.03 -38.27
N TRP D 361 -33.34 60.26 -37.68
CA TRP D 361 -32.16 60.62 -38.45
C TRP D 361 -31.67 59.43 -39.26
N PRO D 362 -31.55 59.53 -40.58
CA PRO D 362 -31.17 58.38 -41.39
C PRO D 362 -29.67 58.11 -41.39
N GLY D 363 -29.33 56.83 -41.63
CA GLY D 363 -27.96 56.39 -41.79
C GLY D 363 -27.07 56.58 -40.58
N VAL D 364 -27.62 56.40 -39.37
CA VAL D 364 -26.78 56.35 -38.18
C VAL D 364 -25.80 55.19 -38.28
N SER D 365 -26.33 54.00 -38.58
CA SER D 365 -25.52 52.80 -38.76
C SER D 365 -24.82 52.72 -40.10
N ALA D 366 -24.91 53.76 -40.92
CA ALA D 366 -24.34 53.67 -42.26
C ALA D 366 -22.92 54.24 -42.28
N PRO D 367 -22.07 53.77 -43.20
CA PRO D 367 -20.69 54.27 -43.25
C PRO D 367 -20.65 55.73 -43.71
N THR D 368 -19.69 56.47 -43.15
CA THR D 368 -19.50 57.86 -43.50
C THR D 368 -19.35 58.04 -45.01
N TYR D 369 -18.69 57.09 -45.69
CA TYR D 369 -18.51 57.26 -47.13
C TYR D 369 -19.82 57.21 -47.90
N ASN D 370 -20.91 56.77 -47.27
CA ASN D 370 -22.24 56.83 -47.86
C ASN D 370 -23.12 57.91 -47.23
N ASN D 371 -22.51 58.92 -46.60
CA ASN D 371 -23.19 60.00 -45.89
C ASN D 371 -23.86 59.53 -44.60
N GLY D 372 -23.42 58.40 -44.07
CA GLY D 372 -23.90 57.98 -42.77
C GLY D 372 -23.06 58.54 -41.65
N LEU D 373 -23.57 58.40 -40.43
CA LEU D 373 -22.83 58.86 -39.26
C LEU D 373 -21.67 57.93 -38.94
N GLY D 374 -21.68 56.71 -39.46
CA GLY D 374 -20.56 55.80 -39.32
C GLY D 374 -20.65 54.84 -38.15
N PHE D 375 -21.80 54.76 -37.49
CA PHE D 375 -21.99 53.79 -36.41
C PHE D 375 -22.18 52.39 -36.96
N LEU D 376 -21.85 51.41 -36.13
CA LEU D 376 -22.14 50.03 -36.46
C LEU D 376 -23.56 49.64 -36.07
N TYR D 377 -24.07 50.18 -34.97
CA TYR D 377 -25.36 49.77 -34.44
C TYR D 377 -26.17 50.98 -34.01
N LYS D 378 -27.49 50.83 -34.08
CA LYS D 378 -28.43 51.81 -33.55
C LYS D 378 -29.44 51.11 -32.65
N TRP D 379 -29.72 51.71 -31.49
CA TRP D 379 -30.80 51.23 -30.64
C TRP D 379 -32.12 51.44 -31.36
N ASN D 380 -32.92 50.38 -31.47
CA ASN D 380 -34.24 50.48 -32.10
C ASN D 380 -35.25 50.97 -31.07
N MET D 381 -35.21 52.28 -30.83
CA MET D 381 -36.12 52.86 -29.85
C MET D 381 -37.55 52.90 -30.38
N GLY D 382 -37.71 53.07 -31.69
CA GLY D 382 -39.03 52.91 -32.29
C GLY D 382 -39.67 51.59 -31.94
N TRP D 383 -38.93 50.49 -32.14
CA TRP D 383 -39.42 49.17 -31.77
C TRP D 383 -39.85 49.11 -30.31
N MET D 384 -38.98 49.59 -29.41
CA MET D 384 -39.25 49.49 -27.98
C MET D 384 -40.57 50.17 -27.62
N HIS D 385 -40.75 51.40 -28.10
CA HIS D 385 -41.99 52.13 -27.84
C HIS D 385 -43.21 51.36 -28.34
N ASP D 386 -43.23 50.98 -29.63
CA ASP D 386 -44.34 50.21 -30.17
C ASP D 386 -44.57 48.94 -29.36
N THR D 387 -43.50 48.16 -29.15
CA THR D 387 -43.60 46.89 -28.44
C THR D 387 -44.18 47.08 -27.05
N LEU D 388 -43.60 47.99 -26.27
CA LEU D 388 -44.07 48.21 -24.90
C LEU D 388 -45.51 48.71 -24.89
N ASP D 389 -45.83 49.68 -25.75
CA ASP D 389 -47.21 50.15 -25.85
C ASP D 389 -48.17 49.02 -26.16
N TYR D 390 -47.77 48.10 -27.05
CA TYR D 390 -48.66 47.01 -27.40
C TYR D 390 -48.90 46.09 -26.21
N MET D 391 -47.85 45.79 -25.44
CA MET D 391 -48.01 44.83 -24.36
C MET D 391 -48.48 45.47 -23.08
N ARG D 392 -48.33 46.79 -22.92
CA ARG D 392 -49.04 47.47 -21.85
C ARG D 392 -50.54 47.24 -21.99
N ARG D 393 -51.00 47.05 -23.22
CA ARG D 393 -52.41 46.84 -23.50
C ARG D 393 -52.86 45.44 -23.08
N ASP D 394 -54.13 45.33 -22.72
CA ASP D 394 -54.72 44.06 -22.33
C ASP D 394 -54.98 43.19 -23.56
N PRO D 395 -54.84 41.87 -23.43
CA PRO D 395 -55.08 41.00 -24.59
C PRO D 395 -56.48 41.17 -25.18
N VAL D 396 -57.46 41.41 -24.31
CA VAL D 396 -58.83 41.70 -24.76
C VAL D 396 -58.82 42.87 -25.74
N HIS D 397 -58.00 43.89 -25.46
CA HIS D 397 -57.95 45.09 -26.29
C HIS D 397 -56.88 45.03 -27.39
N ARG D 398 -55.91 44.11 -27.30
CA ARG D 398 -54.83 44.06 -28.27
C ARG D 398 -55.34 43.90 -29.70
N LYS D 399 -56.50 43.29 -29.86
CA LYS D 399 -57.23 43.25 -31.13
C LYS D 399 -57.16 44.57 -31.89
N TYR D 400 -57.49 45.67 -31.20
CA TYR D 400 -57.61 46.98 -31.83
C TYR D 400 -56.27 47.66 -32.07
N HIS D 401 -55.17 47.07 -31.60
CA HIS D 401 -53.83 47.64 -31.76
C HIS D 401 -52.88 46.68 -32.47
N HIS D 402 -53.43 45.74 -33.23
CA HIS D 402 -52.63 44.74 -33.94
C HIS D 402 -51.55 45.38 -34.81
N ASP D 403 -51.87 46.50 -35.47
CA ASP D 403 -50.91 47.13 -36.38
C ASP D 403 -49.68 47.64 -35.65
N THR D 404 -49.81 48.04 -34.39
CA THR D 404 -48.64 48.48 -33.64
C THR D 404 -47.64 47.35 -33.50
N LEU D 405 -48.14 46.13 -33.31
CA LEU D 405 -47.29 44.96 -33.21
C LEU D 405 -46.67 44.60 -34.56
N THR D 406 -47.51 44.47 -35.60
CA THR D 406 -47.04 43.95 -36.88
C THR D 406 -46.16 44.94 -37.63
N PHE D 407 -46.38 46.25 -37.48
CA PHE D 407 -45.71 47.24 -38.31
C PHE D 407 -44.25 47.49 -37.93
N SER D 408 -43.77 46.98 -36.80
CA SER D 408 -42.36 47.12 -36.43
C SER D 408 -41.43 46.66 -37.55
N LEU D 409 -41.89 45.77 -38.43
CA LEU D 409 -41.02 45.21 -39.45
C LEU D 409 -40.84 46.09 -40.67
N TRP D 410 -41.67 47.12 -40.84
CA TRP D 410 -41.44 48.08 -41.90
C TRP D 410 -40.17 48.91 -41.66
N TYR D 411 -39.83 49.13 -40.40
CA TYR D 411 -38.71 49.98 -40.03
C TYR D 411 -37.57 49.16 -39.44
N ALA D 412 -37.66 47.83 -39.50
CA ALA D 412 -36.75 46.94 -38.79
C ALA D 412 -35.42 46.72 -39.49
N PHE D 413 -35.25 47.19 -40.73
CA PHE D 413 -34.04 46.97 -41.48
C PHE D 413 -33.44 48.29 -41.97
N SER D 414 -33.99 49.41 -41.48
CA SER D 414 -33.52 50.72 -41.92
C SER D 414 -32.06 50.94 -41.49
N GLU D 415 -31.66 50.34 -40.38
CA GLU D 415 -30.31 50.45 -39.86
C GLU D 415 -29.86 49.09 -39.35
N HIS D 416 -28.57 48.98 -39.03
CA HIS D 416 -28.08 47.84 -38.25
C HIS D 416 -28.50 48.05 -36.80
N TYR D 417 -29.55 47.35 -36.36
CA TYR D 417 -30.15 47.71 -35.06
C TYR D 417 -29.92 46.75 -33.92
N ILE D 418 -30.00 47.29 -32.71
CA ILE D 418 -29.98 46.42 -31.49
C ILE D 418 -31.34 46.62 -30.84
N LEU D 419 -32.10 45.55 -30.58
CA LEU D 419 -33.38 45.73 -29.85
C LEU D 419 -32.99 46.16 -28.44
N PRO D 420 -33.65 47.18 -27.90
CA PRO D 420 -33.17 47.71 -26.60
C PRO D 420 -34.22 47.74 -25.49
N LEU D 421 -33.86 47.25 -24.31
CA LEU D 421 -34.73 47.35 -23.12
C LEU D 421 -33.81 47.91 -22.02
N SER D 422 -33.48 49.21 -22.10
CA SER D 422 -32.45 49.81 -21.21
C SER D 422 -32.96 50.26 -19.84
N HIS D 423 -32.03 50.82 -19.06
CA HIS D 423 -32.39 51.35 -17.72
C HIS D 423 -33.35 52.53 -17.86
N ASP D 424 -33.28 53.24 -18.98
CA ASP D 424 -34.14 54.43 -19.10
C ASP D 424 -35.62 54.05 -19.05
N GLU D 425 -35.96 52.80 -19.34
CA GLU D 425 -37.35 52.36 -19.35
C GLU D 425 -37.85 51.88 -17.99
N VAL D 426 -36.97 51.71 -17.01
CA VAL D 426 -37.36 51.15 -15.72
C VAL D 426 -37.11 52.16 -14.60
N VAL D 427 -37.25 53.45 -14.91
CA VAL D 427 -37.00 54.50 -13.94
C VAL D 427 -38.12 55.53 -14.04
N HIS D 428 -38.11 56.47 -13.09
CA HIS D 428 -38.99 57.64 -13.09
C HIS D 428 -40.46 57.26 -13.28
N GLY D 429 -40.92 56.28 -12.49
CA GLY D 429 -42.32 55.94 -12.55
C GLY D 429 -42.76 55.20 -13.80
N LYS D 430 -41.84 54.88 -14.71
CA LYS D 430 -42.20 54.11 -15.89
C LYS D 430 -42.52 52.66 -15.56
N GLY D 431 -42.05 52.17 -14.41
CA GLY D 431 -42.35 50.83 -13.95
C GLY D 431 -41.40 49.81 -14.50
N SER D 432 -41.03 48.82 -13.68
CA SER D 432 -40.32 47.65 -14.14
C SER D 432 -41.05 47.01 -15.31
N LEU D 433 -40.27 46.32 -16.17
CA LEU D 433 -40.87 45.54 -17.25
C LEU D 433 -41.98 44.63 -16.73
N TRP D 434 -41.74 43.96 -15.60
CA TRP D 434 -42.78 43.18 -14.95
C TRP D 434 -44.03 44.01 -14.66
N THR D 435 -43.85 45.13 -13.95
CA THR D 435 -44.98 46.00 -13.61
C THR D 435 -45.79 46.40 -14.83
N LYS D 436 -45.12 46.60 -15.96
CA LYS D 436 -45.79 47.02 -17.18
C LYS D 436 -46.75 45.96 -17.73
N MET D 437 -46.55 44.69 -17.39
CA MET D 437 -47.36 43.71 -18.11
C MET D 437 -48.71 43.52 -17.43
N PRO D 438 -49.78 43.28 -18.20
CA PRO D 438 -51.13 43.34 -17.65
C PRO D 438 -51.62 42.02 -17.08
N GLY D 439 -52.51 42.15 -16.09
CA GLY D 439 -53.18 41.02 -15.50
C GLY D 439 -52.58 40.62 -14.17
N ASP D 440 -52.99 39.43 -13.72
CA ASP D 440 -52.48 38.86 -12.48
C ASP D 440 -51.06 38.35 -12.70
N ASP D 441 -50.47 37.80 -11.63
CA ASP D 441 -49.04 37.47 -11.64
C ASP D 441 -48.69 36.48 -12.74
N TRP D 442 -49.51 35.42 -12.90
CA TRP D 442 -49.23 34.46 -13.97
C TRP D 442 -49.19 35.13 -15.33
N GLN D 443 -50.18 35.97 -15.62
CA GLN D 443 -50.22 36.64 -16.92
C GLN D 443 -49.07 37.62 -17.05
N LYS D 444 -48.70 38.28 -15.95
CA LYS D 444 -47.54 39.17 -15.97
C LYS D 444 -46.28 38.40 -16.33
N ALA D 445 -46.05 37.26 -15.67
CA ALA D 445 -44.91 36.41 -16.02
C ALA D 445 -45.03 35.87 -17.44
N ALA D 446 -46.23 35.43 -17.81
CA ALA D 446 -46.46 34.95 -19.17
C ALA D 446 -46.18 36.04 -20.19
N ASN D 447 -46.73 37.24 -19.96
CA ASN D 447 -46.51 38.35 -20.88
C ASN D 447 -45.04 38.66 -21.06
N LEU D 448 -44.27 38.70 -19.97
CA LEU D 448 -42.84 39.01 -20.11
C LEU D 448 -42.09 37.90 -20.82
N ARG D 449 -42.41 36.64 -20.53
CA ARG D 449 -41.79 35.54 -21.28
C ARG D 449 -42.15 35.62 -22.76
N LEU D 450 -43.39 36.01 -23.05
CA LEU D 450 -43.80 36.20 -24.44
C LEU D 450 -43.05 37.37 -25.07
N LEU D 451 -43.01 38.51 -24.37
CA LEU D 451 -42.31 39.70 -24.87
C LEU D 451 -40.87 39.38 -25.27
N TYR D 452 -40.10 38.77 -24.37
CA TYR D 452 -38.71 38.46 -24.68
C TYR D 452 -38.61 37.49 -25.85
N GLY D 453 -39.46 36.46 -25.86
CA GLY D 453 -39.47 35.54 -26.99
C GLY D 453 -39.62 36.25 -28.31
N HIS D 454 -40.58 37.17 -28.38
CA HIS D 454 -40.76 37.95 -29.60
C HIS D 454 -39.55 38.84 -29.85
N MET D 455 -38.96 39.41 -28.79
CA MET D 455 -37.81 40.27 -28.98
C MET D 455 -36.62 39.47 -29.49
N TRP D 456 -36.45 38.24 -28.99
CA TRP D 456 -35.36 37.41 -29.48
C TRP D 456 -35.61 36.96 -30.91
N GLY D 457 -36.87 36.78 -31.28
CA GLY D 457 -37.19 36.45 -32.66
C GLY D 457 -37.11 37.63 -33.60
N HIS D 458 -37.51 38.81 -33.15
CA HIS D 458 -37.51 39.99 -34.00
C HIS D 458 -36.09 40.28 -34.50
N PRO D 459 -35.94 40.76 -35.73
CA PRO D 459 -34.59 41.06 -36.25
C PRO D 459 -33.88 42.11 -35.41
N GLY D 460 -32.58 41.91 -35.23
CA GLY D 460 -31.77 42.80 -34.44
C GLY D 460 -31.13 42.12 -33.25
N LYS D 461 -30.01 42.68 -32.77
CA LYS D 461 -29.35 42.17 -31.58
C LYS D 461 -30.19 42.48 -30.34
N LYS D 462 -29.76 41.96 -29.19
CA LYS D 462 -30.56 42.00 -27.98
C LYS D 462 -29.81 42.72 -26.88
N LEU D 463 -30.51 43.60 -26.17
CA LEU D 463 -30.00 44.27 -24.98
C LEU D 463 -31.07 44.22 -23.92
N LEU D 464 -30.71 43.76 -22.73
CA LEU D 464 -31.62 43.69 -21.60
C LEU D 464 -30.91 44.28 -20.40
N PHE D 465 -31.56 45.20 -19.70
CA PHE D 465 -30.95 45.81 -18.54
C PHE D 465 -31.11 44.88 -17.35
N MET D 466 -30.11 44.88 -16.46
CA MET D 466 -30.09 43.99 -15.30
C MET D 466 -31.42 44.02 -14.56
N GLY D 467 -31.81 42.86 -14.04
CA GLY D 467 -33.05 42.72 -13.33
C GLY D 467 -34.23 42.38 -14.22
N GLY D 468 -34.14 42.71 -15.52
CA GLY D 468 -35.15 42.27 -16.46
C GLY D 468 -35.17 40.76 -16.60
N GLU D 469 -34.04 40.10 -16.35
CA GLU D 469 -33.97 38.66 -16.50
C GLU D 469 -34.73 37.92 -15.41
N PHE D 470 -34.95 38.52 -14.23
CA PHE D 470 -35.92 37.93 -13.31
C PHE D 470 -37.31 38.53 -13.45
N GLY D 471 -37.45 39.60 -14.23
CA GLY D 471 -38.70 40.35 -14.20
C GLY D 471 -38.93 40.90 -12.80
N GLN D 472 -37.98 41.66 -12.29
CA GLN D 472 -38.10 42.18 -10.93
C GLN D 472 -39.24 43.19 -10.83
N HIS D 473 -39.86 43.23 -9.65
CA HIS D 473 -41.02 44.08 -9.42
C HIS D 473 -40.67 45.56 -9.52
N HIS D 474 -39.64 46.00 -8.80
CA HIS D 474 -39.39 47.41 -8.57
C HIS D 474 -38.61 48.05 -9.72
N GLU D 475 -38.85 49.35 -9.89
CA GLU D 475 -38.05 50.17 -10.79
C GLU D 475 -36.58 50.12 -10.37
N TRP D 476 -35.70 50.31 -11.34
CA TRP D 476 -34.27 50.29 -11.02
C TRP D 476 -33.97 51.41 -10.05
N ASN D 477 -33.53 51.04 -8.86
CA ASN D 477 -33.12 51.99 -7.83
C ASN D 477 -31.62 51.80 -7.67
N HIS D 478 -30.86 52.80 -8.11
CA HIS D 478 -29.41 52.70 -8.08
C HIS D 478 -28.86 52.73 -6.66
N ASP D 479 -29.58 53.37 -5.74
CA ASP D 479 -29.13 53.46 -4.36
C ASP D 479 -29.22 52.14 -3.62
N THR D 480 -29.71 51.07 -4.27
CA THR D 480 -29.81 49.76 -3.64
C THR D 480 -29.31 48.71 -4.61
N GLN D 481 -29.31 47.46 -4.15
CA GLN D 481 -28.96 46.29 -4.94
C GLN D 481 -30.23 45.65 -5.48
N LEU D 482 -30.11 44.96 -6.62
CA LEU D 482 -31.26 44.34 -7.27
C LEU D 482 -31.93 43.34 -6.33
N GLU D 483 -33.22 43.10 -6.57
CA GLU D 483 -33.99 42.18 -5.73
C GLU D 483 -33.69 40.75 -6.14
N TRP D 484 -32.52 40.26 -5.72
CA TRP D 484 -32.17 38.87 -6.01
C TRP D 484 -33.03 37.89 -5.24
N HIS D 485 -33.62 38.32 -4.11
CA HIS D 485 -34.50 37.42 -3.34
C HIS D 485 -35.65 36.91 -4.19
N LEU D 486 -36.06 37.66 -5.23
CA LEU D 486 -37.14 37.20 -6.10
C LEU D 486 -36.74 35.97 -6.91
N LEU D 487 -35.43 35.71 -7.05
CA LEU D 487 -34.96 34.51 -7.74
C LEU D 487 -35.32 33.24 -7.00
N ASP D 488 -35.81 33.35 -5.76
CA ASP D 488 -36.27 32.18 -5.03
C ASP D 488 -37.67 31.78 -5.46
N GLN D 489 -38.50 32.77 -5.79
CA GLN D 489 -39.88 32.53 -6.14
C GLN D 489 -40.02 32.02 -7.58
N PRO D 490 -41.07 31.27 -7.86
CA PRO D 490 -41.15 30.52 -9.13
C PRO D 490 -41.21 31.37 -10.39
N TYR D 491 -42.14 32.33 -10.41
CA TYR D 491 -42.40 33.10 -11.62
C TYR D 491 -41.15 33.82 -12.12
N HIS D 492 -40.34 34.32 -11.20
CA HIS D 492 -39.16 35.09 -11.60
C HIS D 492 -38.01 34.17 -11.95
N ARG D 493 -37.84 33.08 -11.21
CA ARG D 493 -36.86 32.08 -11.61
C ARG D 493 -37.17 31.48 -12.98
N GLY D 494 -38.45 31.37 -13.33
CA GLY D 494 -38.80 30.85 -14.64
C GLY D 494 -38.37 31.77 -15.77
N ILE D 495 -38.61 33.07 -15.59
CA ILE D 495 -38.19 34.04 -16.60
C ILE D 495 -36.67 34.03 -16.77
N GLN D 496 -35.93 33.92 -15.67
CA GLN D 496 -34.47 33.79 -15.79
C GLN D 496 -34.10 32.55 -16.60
N ALA D 497 -34.80 31.44 -16.37
CA ALA D 497 -34.57 30.24 -17.16
C ALA D 497 -34.94 30.47 -18.62
N TRP D 498 -36.03 31.19 -18.87
CA TRP D 498 -36.46 31.45 -20.25
C TRP D 498 -35.43 32.28 -21.00
N VAL D 499 -34.86 33.31 -20.36
CA VAL D 499 -33.86 34.14 -21.02
C VAL D 499 -32.60 33.33 -21.32
N ARG D 500 -32.15 32.53 -20.35
CA ARG D 500 -31.01 31.65 -20.58
C ARG D 500 -31.26 30.74 -21.78
N ASP D 501 -32.44 30.09 -21.81
CA ASP D 501 -32.73 29.15 -22.88
C ASP D 501 -32.86 29.86 -24.22
N LEU D 502 -33.50 31.02 -24.24
CA LEU D 502 -33.55 31.83 -25.45
C LEU D 502 -32.15 32.16 -25.93
N ASN D 503 -31.27 32.54 -25.01
CA ASN D 503 -29.89 32.84 -25.38
C ASN D 503 -29.19 31.61 -25.92
N HIS D 504 -29.53 30.43 -25.43
CA HIS D 504 -28.98 29.20 -26.01
C HIS D 504 -29.42 29.04 -27.46
N LEU D 505 -30.73 29.17 -27.70
CA LEU D 505 -31.26 29.09 -29.06
C LEU D 505 -30.59 30.11 -29.96
N TYR D 506 -30.41 31.33 -29.46
CA TYR D 506 -29.80 32.41 -30.28
C TYR D 506 -28.43 31.97 -30.78
N ARG D 507 -27.53 31.64 -29.86
CA ARG D 507 -26.14 31.29 -30.24
C ARG D 507 -26.10 30.03 -31.10
N THR D 508 -26.88 29.01 -30.77
CA THR D 508 -26.89 27.74 -31.54
C THR D 508 -27.35 27.92 -32.97
N HIS D 509 -28.38 28.74 -33.22
CA HIS D 509 -28.96 28.78 -34.58
C HIS D 509 -28.61 30.05 -35.34
N PRO D 510 -28.04 29.92 -36.55
CA PRO D 510 -27.67 31.08 -37.35
C PRO D 510 -28.83 31.77 -38.03
N ALA D 511 -29.99 31.11 -38.08
CA ALA D 511 -31.18 31.75 -38.63
C ALA D 511 -31.47 33.08 -37.96
N LEU D 512 -31.03 33.24 -36.72
CA LEU D 512 -31.20 34.47 -35.97
C LEU D 512 -30.02 35.42 -36.10
N TRP D 513 -28.91 34.97 -36.68
CA TRP D 513 -27.72 35.81 -36.77
C TRP D 513 -27.85 36.87 -37.85
N HIS D 514 -28.67 36.62 -38.87
CA HIS D 514 -28.79 37.51 -40.02
C HIS D 514 -30.05 38.36 -39.88
N ASP D 515 -29.87 39.61 -39.46
CA ASP D 515 -31.03 40.50 -39.19
C ASP D 515 -31.42 41.22 -40.48
N GLY D 516 -31.00 40.68 -41.61
CA GLY D 516 -31.32 41.25 -42.94
C GLY D 516 -32.74 40.99 -43.36
N PRO D 517 -33.26 41.71 -44.37
CA PRO D 517 -34.62 41.53 -44.86
C PRO D 517 -34.73 40.10 -45.35
N GLU D 518 -33.65 39.59 -45.94
CA GLU D 518 -33.63 38.21 -46.49
C GLU D 518 -33.87 37.23 -45.33
N GLY D 519 -33.33 37.51 -44.15
CA GLY D 519 -33.48 36.60 -42.99
C GLY D 519 -34.93 36.45 -42.60
N PHE D 520 -35.74 37.51 -42.66
CA PHE D 520 -37.15 37.40 -42.18
C PHE D 520 -38.17 37.19 -43.29
N GLU D 521 -39.11 36.27 -43.10
CA GLU D 521 -40.26 36.09 -43.98
C GLU D 521 -41.51 35.94 -43.13
N TRP D 522 -42.58 36.59 -43.54
CA TRP D 522 -43.88 36.47 -42.86
C TRP D 522 -44.54 35.14 -43.18
N ILE D 523 -45.11 34.50 -42.16
CA ILE D 523 -46.01 33.38 -42.36
C ILE D 523 -47.47 33.83 -42.31
N ASP D 524 -47.86 34.55 -41.27
CA ASP D 524 -49.18 35.18 -41.25
C ASP D 524 -49.18 36.36 -40.28
N PHE D 525 -49.82 37.45 -40.70
CA PHE D 525 -49.93 38.65 -39.87
C PHE D 525 -51.33 39.23 -39.73
N ASN D 526 -52.37 38.62 -40.31
CA ASN D 526 -53.69 39.23 -40.37
C ASN D 526 -54.64 38.60 -39.35
N ASP D 527 -54.16 37.75 -38.46
CA ASP D 527 -55.06 37.28 -37.42
C ASP D 527 -55.17 38.33 -36.32
N ARG D 528 -56.01 39.33 -36.58
CA ARG D 528 -56.19 40.38 -35.59
C ARG D 528 -57.11 39.94 -34.46
N ASP D 529 -58.19 39.23 -34.83
CA ASP D 529 -59.17 38.80 -33.83
C ASP D 529 -58.52 37.95 -32.75
N GLN D 530 -57.76 36.94 -33.16
CA GLN D 530 -57.14 36.05 -32.19
C GLN D 530 -55.77 36.54 -31.74
N SER D 531 -55.27 37.66 -32.29
CA SER D 531 -54.03 38.30 -31.85
C SER D 531 -52.86 37.32 -31.88
N VAL D 532 -52.60 36.77 -33.07
CA VAL D 532 -51.55 35.80 -33.30
C VAL D 532 -50.64 36.29 -34.42
N ILE D 533 -49.37 35.91 -34.34
CA ILE D 533 -48.36 36.26 -35.34
C ILE D 533 -47.56 35.00 -35.64
N CYS D 534 -47.34 34.73 -36.92
CA CYS D 534 -46.51 33.62 -37.35
C CYS D 534 -45.44 34.18 -38.28
N TYR D 535 -44.18 33.91 -37.98
CA TYR D 535 -43.14 34.37 -38.89
C TYR D 535 -41.97 33.41 -38.90
N LEU D 536 -41.11 33.59 -39.90
CA LEU D 536 -40.00 32.71 -40.21
C LEU D 536 -38.72 33.52 -40.11
N ARG D 537 -37.67 32.91 -39.56
CA ARG D 537 -36.36 33.54 -39.54
C ARG D 537 -35.35 32.58 -40.12
N LYS D 538 -34.62 33.05 -41.13
CA LYS D 538 -33.96 32.19 -42.10
C LYS D 538 -32.49 32.55 -42.25
N HIS D 539 -31.65 31.52 -42.37
CA HIS D 539 -30.40 31.65 -43.09
C HIS D 539 -30.16 30.37 -43.88
N THR D 540 -30.14 30.48 -45.22
CA THR D 540 -29.89 29.34 -46.11
C THR D 540 -30.74 28.12 -45.74
N ASP D 541 -30.09 27.04 -45.32
CA ASP D 541 -30.80 25.80 -44.99
C ASP D 541 -31.76 26.04 -43.85
N ARG D 542 -31.31 26.76 -42.83
CA ARG D 542 -31.99 26.80 -41.55
C ARG D 542 -33.20 27.72 -41.57
N LEU D 543 -34.25 27.29 -40.91
CA LEU D 543 -35.46 28.06 -40.74
C LEU D 543 -35.81 27.97 -39.27
N LEU D 544 -36.42 29.03 -38.75
CA LEU D 544 -36.94 28.98 -37.40
C LEU D 544 -38.33 29.59 -37.50
N LEU D 545 -39.33 28.87 -37.02
CA LEU D 545 -40.72 29.31 -37.14
C LEU D 545 -41.17 29.79 -35.77
N PHE D 546 -41.74 30.99 -35.75
CA PHE D 546 -42.15 31.65 -34.52
C PHE D 546 -43.66 31.87 -34.60
N VAL D 547 -44.39 31.29 -33.65
CA VAL D 547 -45.83 31.47 -33.57
C VAL D 547 -46.16 32.05 -32.21
N LEU D 548 -46.90 33.15 -32.19
CA LEU D 548 -47.11 33.93 -30.98
C LEU D 548 -48.61 34.09 -30.71
N ASN D 549 -49.03 33.73 -29.52
CA ASN D 549 -50.41 33.91 -29.07
C ASN D 549 -50.42 35.00 -27.99
N PHE D 550 -50.99 36.16 -28.33
CA PHE D 550 -50.97 37.32 -27.45
C PHE D 550 -52.22 37.46 -26.59
N THR D 551 -53.02 36.39 -26.47
CA THR D 551 -54.22 36.38 -25.65
C THR D 551 -54.18 35.17 -24.72
N PRO D 552 -54.75 35.24 -23.48
CA PRO D 552 -54.64 34.15 -22.53
C PRO D 552 -55.51 32.97 -22.90
N VAL D 553 -55.86 32.87 -24.18
CA VAL D 553 -56.78 31.77 -24.60
C VAL D 553 -55.96 30.76 -25.38
N PRO D 554 -55.96 29.47 -24.97
CA PRO D 554 -55.26 28.46 -25.75
C PRO D 554 -55.97 28.32 -27.08
N ARG D 555 -55.18 28.12 -28.14
CA ARG D 555 -55.77 27.97 -29.50
C ARG D 555 -55.46 26.54 -29.99
N GLU D 556 -56.47 25.82 -30.46
CA GLU D 556 -56.29 24.40 -30.87
C GLU D 556 -56.70 24.23 -32.33
N HIS D 557 -55.96 23.42 -33.09
CA HIS D 557 -56.25 23.19 -34.53
C HIS D 557 -55.79 24.44 -35.29
N TYR D 558 -54.99 25.27 -34.63
CA TYR D 558 -54.43 26.47 -35.31
C TYR D 558 -53.41 26.00 -36.33
N ARG D 559 -53.72 26.18 -37.61
CA ARG D 559 -52.82 25.78 -38.66
C ARG D 559 -51.93 26.95 -39.05
N VAL D 560 -50.67 26.65 -39.34
CA VAL D 560 -49.68 27.64 -39.73
C VAL D 560 -48.95 27.12 -40.95
N GLY D 561 -48.98 27.88 -42.05
CA GLY D 561 -48.28 27.46 -43.25
C GLY D 561 -46.78 27.41 -43.05
N VAL D 562 -46.13 26.51 -43.78
CA VAL D 562 -44.68 26.35 -43.73
C VAL D 562 -44.12 26.02 -45.11
N PRO D 563 -42.86 26.36 -45.40
CA PRO D 563 -42.29 26.02 -46.71
C PRO D 563 -42.04 24.54 -46.89
N ILE D 564 -41.53 23.87 -45.86
CA ILE D 564 -41.08 22.48 -45.95
C ILE D 564 -42.12 21.55 -45.37
N GLY D 565 -42.20 20.35 -45.94
CA GLY D 565 -42.98 19.29 -45.37
C GLY D 565 -42.10 18.39 -44.51
N GLY D 566 -42.74 17.43 -43.86
CA GLY D 566 -41.99 16.46 -43.11
C GLY D 566 -42.11 16.67 -41.62
N PRO D 567 -41.24 16.01 -40.85
CA PRO D 567 -41.29 16.18 -39.39
C PRO D 567 -40.75 17.54 -38.96
N TRP D 568 -41.47 18.16 -38.04
CA TRP D 568 -41.06 19.41 -37.42
C TRP D 568 -40.90 19.19 -35.92
N ARG D 569 -39.96 19.89 -35.34
CA ARG D 569 -39.71 19.81 -33.92
C ARG D 569 -40.14 21.11 -33.25
N GLU D 570 -40.50 20.98 -31.99
CA GLU D 570 -40.80 22.08 -31.11
C GLU D 570 -39.49 22.35 -30.38
N VAL D 571 -38.83 23.47 -30.70
CA VAL D 571 -37.54 23.71 -30.06
C VAL D 571 -37.74 24.38 -28.70
N LEU D 572 -38.77 25.23 -28.56
CA LEU D 572 -39.01 25.98 -27.33
C LEU D 572 -40.48 26.31 -27.20
N ASN D 573 -40.99 26.26 -25.98
CA ASN D 573 -42.37 26.63 -25.67
C ASN D 573 -42.34 27.48 -24.41
N SER D 574 -42.73 28.75 -24.53
CA SER D 574 -42.77 29.63 -23.37
C SER D 574 -43.64 29.08 -22.25
N ASP D 575 -44.68 28.32 -22.59
CA ASP D 575 -45.65 27.87 -21.58
C ASP D 575 -45.22 26.61 -20.87
N ALA D 576 -44.00 26.14 -21.07
CA ALA D 576 -43.53 24.99 -20.31
C ALA D 576 -43.63 25.26 -18.82
N VAL D 577 -44.01 24.23 -18.06
CA VAL D 577 -44.19 24.41 -16.62
C VAL D 577 -42.88 24.78 -15.95
N ALA D 578 -41.76 24.37 -16.54
CA ALA D 578 -40.44 24.76 -16.04
C ALA D 578 -40.25 26.28 -16.02
N TYR D 579 -40.96 27.01 -16.88
CA TYR D 579 -40.88 28.47 -16.92
C TYR D 579 -41.98 29.15 -16.12
N GLY D 580 -42.92 28.37 -15.56
CA GLY D 580 -44.06 28.95 -14.82
C GLY D 580 -45.31 28.88 -15.68
N GLY D 581 -45.22 28.22 -16.82
CA GLY D 581 -46.35 28.08 -17.76
C GLY D 581 -47.41 27.05 -17.41
N SER D 582 -48.57 27.13 -18.06
CA SER D 582 -49.66 26.12 -17.89
C SER D 582 -49.14 24.77 -18.40
N GLY D 583 -48.30 24.76 -19.43
CA GLY D 583 -47.76 23.51 -20.01
C GLY D 583 -48.48 22.99 -21.24
N MET D 584 -49.46 23.74 -21.79
CA MET D 584 -50.02 23.27 -23.08
C MET D 584 -48.89 23.35 -24.12
N GLY D 585 -48.71 22.31 -24.93
CA GLY D 585 -47.56 22.29 -25.88
C GLY D 585 -47.72 21.31 -27.02
N ASN D 586 -46.93 21.44 -28.07
CA ASN D 586 -46.91 20.43 -29.15
C ASN D 586 -45.82 19.41 -28.80
N PHE D 587 -44.83 19.82 -27.98
CA PHE D 587 -43.77 18.93 -27.45
C PHE D 587 -43.06 18.14 -28.55
N GLY D 588 -42.82 18.76 -29.71
CA GLY D 588 -42.04 18.08 -30.77
C GLY D 588 -42.91 17.13 -31.57
N ARG D 589 -42.31 16.36 -32.47
CA ARG D 589 -43.07 15.32 -33.21
C ARG D 589 -44.29 15.96 -33.91
N VAL D 590 -44.10 17.12 -34.54
CA VAL D 590 -45.20 17.76 -35.32
C VAL D 590 -44.95 17.45 -36.79
N GLU D 591 -45.92 16.86 -37.48
CA GLU D 591 -45.72 16.47 -38.89
C GLU D 591 -46.49 17.44 -39.80
N ALA D 592 -45.80 17.98 -40.80
CA ALA D 592 -46.44 18.92 -41.74
C ALA D 592 -47.48 18.18 -42.58
N VAL D 593 -48.59 18.85 -42.89
CA VAL D 593 -49.67 18.24 -43.71
C VAL D 593 -49.65 18.97 -45.04
N PRO D 594 -49.67 18.28 -46.21
CA PRO D 594 -49.53 19.00 -47.46
C PRO D 594 -50.85 19.59 -47.90
N GLU D 595 -51.34 20.55 -47.12
CA GLU D 595 -52.56 21.29 -47.50
C GLU D 595 -52.14 22.77 -47.48
N SER D 596 -52.46 23.53 -48.51
CA SER D 596 -51.96 24.92 -48.58
C SER D 596 -52.53 25.78 -47.44
N TRP D 597 -51.66 26.44 -46.67
CA TRP D 597 -52.16 27.38 -45.64
C TRP D 597 -51.30 28.63 -45.73
N HIS D 598 -51.88 29.81 -45.55
CA HIS D 598 -51.06 31.05 -45.51
C HIS D 598 -50.25 31.13 -46.80
N GLY D 599 -50.85 30.74 -47.93
CA GLY D 599 -50.16 30.78 -49.23
C GLY D 599 -48.89 29.95 -49.22
N ARG D 600 -48.90 28.80 -48.53
CA ARG D 600 -47.67 27.98 -48.39
C ARG D 600 -48.02 26.53 -48.74
N PRO D 601 -47.07 25.72 -49.25
CA PRO D 601 -47.37 24.37 -49.70
C PRO D 601 -47.85 23.42 -48.60
N PHE D 602 -47.27 23.52 -47.42
CA PHE D 602 -47.59 22.56 -46.32
C PHE D 602 -48.01 23.34 -45.09
N HIS D 603 -48.79 22.69 -44.21
CA HIS D 603 -49.27 23.38 -42.99
C HIS D 603 -49.03 22.55 -41.73
N LEU D 604 -48.81 23.24 -40.61
CA LEU D 604 -48.68 22.60 -39.30
C LEU D 604 -49.98 22.81 -38.53
N GLU D 605 -50.50 21.74 -37.90
CA GLU D 605 -51.68 21.87 -37.03
C GLU D 605 -51.19 21.84 -35.58
N LEU D 606 -51.25 23.00 -34.91
CA LEU D 606 -50.63 23.20 -33.61
C LEU D 606 -51.64 23.63 -32.54
N THR D 607 -51.15 23.57 -31.31
CA THR D 607 -51.81 24.11 -30.12
C THR D 607 -51.06 25.36 -29.69
N LEU D 608 -51.76 26.49 -29.60
CA LEU D 608 -51.11 27.73 -29.22
C LEU D 608 -51.33 27.93 -27.73
N PRO D 609 -50.28 27.90 -26.92
CA PRO D 609 -50.44 28.04 -25.48
C PRO D 609 -50.85 29.46 -25.12
N PRO D 610 -51.34 29.68 -23.90
CA PRO D 610 -51.74 31.04 -23.50
C PRO D 610 -50.54 31.98 -23.40
N LEU D 611 -50.71 33.17 -23.96
CA LEU D 611 -49.73 34.26 -23.87
C LEU D 611 -48.30 33.74 -24.04
N ALA D 612 -48.11 32.91 -25.06
CA ALA D 612 -46.88 32.14 -25.22
C ALA D 612 -46.34 32.23 -26.64
N ILE D 613 -45.08 31.83 -26.77
CA ILE D 613 -44.37 31.76 -28.03
C ILE D 613 -43.97 30.31 -28.26
N LEU D 614 -44.25 29.79 -29.45
CA LEU D 614 -43.71 28.50 -29.87
C LEU D 614 -42.61 28.75 -30.89
N ILE D 615 -41.51 28.03 -30.75
CA ILE D 615 -40.42 28.10 -31.72
C ILE D 615 -40.16 26.69 -32.25
N LEU D 616 -40.28 26.54 -33.57
CA LEU D 616 -40.24 25.24 -34.22
C LEU D 616 -39.31 25.28 -35.42
N GLU D 617 -38.62 24.16 -35.65
CA GLU D 617 -37.74 24.05 -36.83
C GLU D 617 -37.98 22.67 -37.46
N PRO D 618 -37.68 22.46 -38.75
CA PRO D 618 -37.81 21.15 -39.34
C PRO D 618 -36.84 20.18 -38.70
N GLU D 619 -37.29 18.95 -38.46
CA GLU D 619 -36.42 17.92 -37.83
C GLU D 619 -35.26 17.55 -38.77
N SER D 620 -34.07 17.30 -38.22
CA SER D 620 -32.89 16.94 -39.05
C SER D 620 -32.06 15.87 -38.34
N SER E 2 -34.47 -48.60 31.24
CA SER E 2 -33.14 -49.16 31.08
C SER E 2 -32.29 -48.25 30.20
N TRP E 3 -31.53 -48.88 29.31
CA TRP E 3 -30.85 -48.14 28.26
C TRP E 3 -31.87 -47.70 27.21
N LEU E 4 -32.88 -48.52 26.96
CA LEU E 4 -33.90 -48.26 25.96
C LEU E 4 -35.18 -47.83 26.66
N THR E 5 -35.66 -46.65 26.29
CA THR E 5 -36.98 -46.17 26.70
C THR E 5 -38.06 -47.02 26.04
N GLU E 6 -39.22 -47.08 26.71
CA GLU E 6 -40.37 -47.72 26.06
C GLU E 6 -40.77 -46.96 24.80
N GLU E 7 -40.46 -45.65 24.74
CA GLU E 7 -40.68 -44.94 23.48
C GLU E 7 -39.71 -45.40 22.41
N ASP E 8 -38.43 -45.55 22.75
CA ASP E 8 -37.42 -45.95 21.76
C ASP E 8 -37.81 -47.25 21.09
N ILE E 9 -38.31 -48.21 21.88
CA ILE E 9 -38.78 -49.48 21.38
C ILE E 9 -40.10 -49.35 20.61
N ARG E 10 -41.00 -48.48 21.07
CA ARG E 10 -42.25 -48.29 20.35
C ARG E 10 -42.00 -47.67 18.98
N ARG E 11 -41.10 -46.68 18.90
CA ARG E 11 -40.77 -46.08 17.61
C ARG E 11 -40.04 -47.08 16.73
N TRP E 12 -39.21 -47.94 17.34
CA TRP E 12 -38.55 -48.99 16.58
C TRP E 12 -39.58 -49.94 15.96
N GLU E 13 -40.58 -50.33 16.75
CA GLU E 13 -41.62 -51.20 16.23
C GLU E 13 -42.37 -50.53 15.09
N SER E 14 -42.51 -49.20 15.17
CA SER E 14 -43.22 -48.45 14.15
C SER E 14 -42.43 -48.27 12.86
N GLY E 15 -41.11 -48.48 12.87
CA GLY E 15 -40.30 -47.99 11.79
C GLY E 15 -40.22 -46.49 11.76
N THR E 16 -40.29 -45.85 12.93
CA THR E 16 -40.32 -44.40 13.07
C THR E 16 -39.05 -43.87 13.75
N PHE E 17 -38.08 -44.74 14.04
CA PHE E 17 -36.88 -44.32 14.77
C PHE E 17 -35.83 -43.79 13.80
N TYR E 18 -35.91 -42.50 13.49
CA TYR E 18 -34.97 -41.87 12.57
C TYR E 18 -33.75 -41.28 13.27
N ASP E 19 -33.73 -41.30 14.60
CA ASP E 19 -32.52 -41.01 15.36
C ASP E 19 -31.93 -42.28 15.97
N SER E 20 -32.30 -43.44 15.42
CA SER E 20 -32.01 -44.74 16.03
C SER E 20 -30.53 -44.92 16.32
N TYR E 21 -29.65 -44.21 15.61
CA TYR E 21 -28.23 -44.25 15.93
C TYR E 21 -27.92 -43.71 17.32
N ARG E 22 -28.83 -42.92 17.91
CA ARG E 22 -28.60 -42.41 19.26
C ARG E 22 -28.47 -43.54 20.29
N LYS E 23 -29.07 -44.70 20.03
CA LYS E 23 -29.07 -45.77 21.02
C LYS E 23 -28.51 -47.08 20.47
N LEU E 24 -28.64 -47.30 19.16
CA LEU E 24 -28.11 -48.53 18.58
C LEU E 24 -26.64 -48.35 18.20
N GLY E 25 -25.94 -49.49 18.16
CA GLY E 25 -24.51 -49.50 18.00
C GLY E 25 -23.80 -49.50 19.34
N ALA E 26 -22.57 -49.00 19.33
CA ALA E 26 -21.75 -48.95 20.53
C ALA E 26 -21.60 -47.49 20.94
N HIS E 27 -21.97 -47.17 22.18
CA HIS E 27 -22.00 -45.79 22.65
C HIS E 27 -21.13 -45.64 23.89
N PRO E 28 -19.97 -45.01 23.77
CA PRO E 28 -19.00 -44.97 24.88
C PRO E 28 -19.39 -44.05 26.03
N ASP E 29 -19.01 -44.50 27.23
CA ASP E 29 -19.02 -43.77 28.49
C ASP E 29 -17.57 -43.65 28.98
N GLU E 30 -17.36 -42.96 30.10
CA GLU E 30 -16.02 -42.88 30.68
C GLU E 30 -15.72 -44.10 31.53
N GLU E 31 -16.76 -44.81 31.98
CA GLU E 31 -16.54 -46.01 32.76
C GLU E 31 -16.73 -47.28 31.95
N GLY E 32 -17.38 -47.18 30.80
CA GLY E 32 -17.56 -48.34 29.95
C GLY E 32 -18.17 -47.95 28.63
N THR E 33 -18.72 -48.95 27.94
CA THR E 33 -19.41 -48.73 26.67
C THR E 33 -20.74 -49.45 26.68
N TRP E 34 -21.76 -48.82 26.12
CA TRP E 34 -23.06 -49.43 25.87
C TRP E 34 -23.11 -50.06 24.47
N PHE E 35 -23.73 -51.23 24.39
CA PHE E 35 -23.92 -51.94 23.13
C PHE E 35 -25.39 -52.22 22.87
N CYS E 36 -25.85 -51.97 21.65
CA CYS E 36 -27.23 -52.25 21.27
C CYS E 36 -27.29 -52.73 19.84
N VAL E 37 -27.87 -53.91 19.61
CA VAL E 37 -27.93 -54.51 18.28
C VAL E 37 -29.34 -55.09 18.09
N TRP E 38 -29.84 -55.01 16.85
CA TRP E 38 -31.14 -55.54 16.47
C TRP E 38 -30.95 -56.89 15.78
N ALA E 39 -31.43 -57.96 16.43
CA ALA E 39 -31.32 -59.31 15.91
C ALA E 39 -32.54 -60.09 16.36
N PRO E 40 -33.69 -59.90 15.68
CA PRO E 40 -34.95 -60.44 16.22
C PRO E 40 -35.00 -61.96 16.34
N HIS E 41 -34.41 -62.70 15.39
CA HIS E 41 -34.43 -64.16 15.44
C HIS E 41 -33.13 -64.75 15.98
N ALA E 42 -32.44 -64.03 16.87
CA ALA E 42 -31.23 -64.51 17.49
C ALA E 42 -31.57 -65.12 18.85
N ASP E 43 -30.96 -66.26 19.16
CA ASP E 43 -31.15 -66.87 20.47
C ASP E 43 -30.25 -66.27 21.53
N ALA E 44 -29.10 -65.73 21.13
CA ALA E 44 -28.18 -65.10 22.05
C ALA E 44 -27.34 -64.10 21.27
N VAL E 45 -26.89 -63.07 21.98
CA VAL E 45 -25.98 -62.08 21.44
C VAL E 45 -24.96 -61.76 22.52
N SER E 46 -23.69 -61.75 22.15
CA SER E 46 -22.62 -61.48 23.08
C SER E 46 -21.70 -60.47 22.43
N VAL E 47 -21.17 -59.55 23.23
CA VAL E 47 -20.15 -58.64 22.73
C VAL E 47 -18.82 -59.24 23.12
N LEU E 48 -17.98 -59.44 22.13
CA LEU E 48 -16.67 -60.02 22.34
C LEU E 48 -15.66 -58.96 21.99
N GLY E 49 -14.60 -58.89 22.77
CA GLY E 49 -13.60 -57.87 22.56
C GLY E 49 -12.44 -58.09 23.49
N ALA E 50 -11.37 -57.34 23.24
CA ALA E 50 -10.23 -57.32 24.15
C ALA E 50 -10.67 -57.01 25.58
N PHE E 51 -11.77 -56.25 25.74
CA PHE E 51 -12.22 -55.82 27.05
C PHE E 51 -12.75 -56.95 27.92
N ASN E 52 -12.83 -58.18 27.39
CA ASN E 52 -13.15 -59.34 28.21
C ASN E 52 -12.45 -60.59 27.66
N ASN E 53 -11.32 -60.40 26.98
CA ASN E 53 -10.52 -61.49 26.39
C ASN E 53 -11.35 -62.37 25.47
N TRP E 54 -12.25 -61.73 24.73
CA TRP E 54 -13.02 -62.40 23.67
C TRP E 54 -13.79 -63.62 24.17
N ASP E 55 -14.30 -63.54 25.40
CA ASP E 55 -15.04 -64.66 25.95
C ASP E 55 -16.51 -64.48 25.61
N PRO E 56 -17.15 -65.45 24.94
CA PRO E 56 -18.57 -65.29 24.59
C PRO E 56 -19.47 -65.29 25.80
N GLU E 57 -19.00 -65.77 26.95
CA GLU E 57 -19.82 -65.81 28.16
C GLU E 57 -19.65 -64.60 29.06
N ALA E 58 -18.73 -63.68 28.74
CA ALA E 58 -18.49 -62.55 29.64
C ALA E 58 -19.67 -61.60 29.68
N HIS E 59 -20.17 -61.19 28.52
CA HIS E 59 -21.22 -60.15 28.44
C HIS E 59 -22.24 -60.53 27.36
N GLN E 60 -23.29 -61.23 27.79
CA GLN E 60 -24.40 -61.58 26.91
C GLN E 60 -25.49 -60.52 27.06
N LEU E 61 -25.79 -59.84 25.95
CA LEU E 61 -26.76 -58.75 25.96
C LEU E 61 -28.13 -59.22 26.44
N GLU E 62 -28.92 -58.25 26.89
CA GLU E 62 -30.27 -58.52 27.36
C GLU E 62 -31.22 -58.24 26.22
N ARG E 63 -32.12 -59.18 25.96
CA ARG E 63 -33.09 -58.97 24.89
C ARG E 63 -34.18 -58.04 25.40
N TYR E 64 -34.38 -56.94 24.70
CA TYR E 64 -35.53 -56.12 25.00
C TYR E 64 -36.58 -56.38 23.93
N GLY E 65 -37.42 -55.39 23.66
CA GLY E 65 -38.51 -55.58 22.73
C GLY E 65 -38.07 -55.47 21.28
N ALA E 66 -39.05 -55.70 20.39
CA ALA E 66 -38.86 -55.74 18.94
C ALA E 66 -37.50 -56.27 18.51
N GLY E 67 -37.06 -57.38 19.09
CA GLY E 67 -35.80 -57.96 18.66
C GLY E 67 -34.57 -57.16 19.00
N LEU E 68 -34.69 -56.17 19.88
CA LEU E 68 -33.55 -55.33 20.22
C LEU E 68 -32.85 -55.91 21.45
N TRP E 69 -31.53 -56.03 21.36
CA TRP E 69 -30.69 -56.50 22.44
C TRP E 69 -29.73 -55.39 22.85
N ALA E 70 -29.52 -55.23 24.16
CA ALA E 70 -28.60 -54.20 24.64
C ALA E 70 -27.96 -54.66 25.94
N GLY E 71 -26.75 -54.18 26.18
CA GLY E 71 -26.03 -54.46 27.41
C GLY E 71 -24.84 -53.56 27.56
N TYR E 72 -24.42 -53.36 28.82
CA TYR E 72 -23.33 -52.48 29.17
C TYR E 72 -22.10 -53.26 29.62
N VAL E 73 -20.93 -52.78 29.20
CA VAL E 73 -19.65 -53.41 29.54
C VAL E 73 -18.68 -52.42 30.18
N PRO E 74 -18.35 -52.59 31.46
CA PRO E 74 -17.30 -51.75 32.06
C PRO E 74 -15.94 -52.07 31.46
N GLY E 75 -15.17 -51.02 31.19
CA GLY E 75 -13.83 -51.17 30.65
C GLY E 75 -13.77 -51.23 29.14
N ALA E 76 -14.90 -51.42 28.47
CA ALA E 76 -14.93 -51.28 27.02
C ALA E 76 -14.86 -49.79 26.70
N LEU E 77 -13.79 -49.36 26.06
CA LEU E 77 -13.45 -47.96 25.90
C LEU E 77 -13.17 -47.63 24.44
N PRO E 78 -13.18 -46.34 24.09
CA PRO E 78 -12.95 -45.95 22.69
C PRO E 78 -11.66 -46.49 22.10
N GLY E 79 -11.69 -46.75 20.79
CA GLY E 79 -10.56 -47.30 20.10
C GLY E 79 -10.42 -48.80 20.24
N HIS E 80 -11.23 -49.43 21.08
CA HIS E 80 -11.21 -50.87 21.22
C HIS E 80 -11.98 -51.54 20.09
N ALA E 81 -11.50 -52.70 19.68
CA ALA E 81 -12.18 -53.49 18.66
C ALA E 81 -13.19 -54.40 19.33
N TYR E 82 -14.33 -54.58 18.69
CA TYR E 82 -15.36 -55.44 19.24
C TYR E 82 -16.08 -56.16 18.11
N LYS E 83 -16.92 -57.11 18.51
CA LYS E 83 -17.61 -58.03 17.62
C LYS E 83 -18.82 -58.56 18.37
N TYR E 84 -19.87 -58.85 17.62
CA TYR E 84 -21.05 -59.51 18.17
C TYR E 84 -21.03 -60.98 17.77
N ARG E 85 -21.27 -61.86 18.73
CA ARG E 85 -21.41 -63.29 18.47
C ARG E 85 -22.86 -63.67 18.69
N ILE E 86 -23.55 -64.03 17.62
CA ILE E 86 -24.98 -64.29 17.60
C ILE E 86 -25.22 -65.80 17.48
N ARG E 87 -26.17 -66.30 18.27
CA ARG E 87 -26.51 -67.72 18.28
C ARG E 87 -27.87 -67.93 17.61
N HIS E 88 -27.87 -68.66 16.50
CA HIS E 88 -29.10 -69.12 15.86
C HIS E 88 -29.16 -70.63 16.07
N GLY E 89 -29.81 -71.04 17.15
CA GLY E 89 -29.96 -72.45 17.47
C GLY E 89 -28.66 -73.21 17.52
N PHE E 90 -28.52 -74.21 16.65
CA PHE E 90 -27.34 -75.07 16.67
C PHE E 90 -26.06 -74.32 16.30
N TYR E 91 -26.16 -73.27 15.49
CA TYR E 91 -25.00 -72.62 14.90
C TYR E 91 -24.79 -71.23 15.48
N GLN E 92 -23.53 -70.83 15.57
CA GLN E 92 -23.13 -69.52 16.06
C GLN E 92 -22.28 -68.81 15.01
N ALA E 93 -22.30 -67.49 15.04
CA ALA E 93 -21.55 -66.70 14.06
C ALA E 93 -21.11 -65.39 14.69
N ASP E 94 -19.92 -64.93 14.29
CA ASP E 94 -19.39 -63.65 14.72
C ASP E 94 -19.78 -62.58 13.72
N LYS E 95 -20.27 -61.43 14.23
CA LYS E 95 -20.78 -60.37 13.37
C LYS E 95 -20.20 -59.02 13.76
N THR E 96 -20.16 -58.12 12.78
CA THR E 96 -19.83 -56.72 12.99
C THR E 96 -21.05 -55.91 13.42
N ASP E 97 -20.79 -54.74 13.97
CA ASP E 97 -21.86 -53.82 14.33
C ASP E 97 -22.45 -53.21 13.07
N PRO E 98 -23.75 -53.40 12.78
CA PRO E 98 -24.35 -52.69 11.65
C PRO E 98 -24.36 -51.20 11.85
N TYR E 99 -24.46 -50.75 13.09
CA TYR E 99 -24.45 -49.33 13.44
C TYR E 99 -23.07 -48.83 13.84
N ALA E 100 -22.01 -49.58 13.51
CA ALA E 100 -20.65 -49.17 13.86
C ALA E 100 -20.34 -47.79 13.31
N PHE E 101 -19.80 -46.93 14.17
CA PHE E 101 -19.43 -45.58 13.77
C PHE E 101 -17.99 -45.47 13.27
N ALA E 102 -17.17 -46.52 13.43
CA ALA E 102 -15.85 -46.57 12.84
C ALA E 102 -15.38 -48.02 12.73
N MET E 103 -14.67 -48.34 11.64
CA MET E 103 -14.06 -49.64 11.45
C MET E 103 -12.62 -49.49 10.95
N GLU E 104 -11.79 -50.48 11.28
CA GLU E 104 -10.36 -50.51 10.94
C GLU E 104 -9.94 -51.96 10.72
N PRO E 105 -8.97 -52.20 9.84
CA PRO E 105 -8.55 -53.58 9.57
C PRO E 105 -7.53 -54.05 10.59
N PRO E 106 -7.82 -55.14 11.31
CA PRO E 106 -6.82 -55.70 12.24
C PRO E 106 -5.59 -56.24 11.54
N THR E 107 -5.74 -56.86 10.36
CA THR E 107 -4.59 -57.23 9.54
C THR E 107 -3.82 -56.02 9.05
N GLY E 108 -4.46 -54.88 8.92
CA GLY E 108 -3.90 -53.75 8.23
C GLY E 108 -4.21 -53.74 6.77
N SER E 109 -4.51 -54.91 6.20
CA SER E 109 -4.96 -54.90 4.82
C SER E 109 -6.44 -55.25 4.85
N PRO E 110 -7.27 -54.49 4.13
CA PRO E 110 -8.73 -54.61 4.33
C PRO E 110 -9.34 -55.93 3.88
N ILE E 111 -8.89 -56.48 2.75
CA ILE E 111 -9.72 -57.47 2.06
C ILE E 111 -9.92 -58.73 2.90
N GLU E 112 -9.04 -59.01 3.87
CA GLU E 112 -9.34 -60.05 4.85
C GLU E 112 -9.57 -59.47 6.26
N GLY E 113 -9.94 -58.19 6.36
CA GLY E 113 -10.13 -57.60 7.68
C GLY E 113 -11.40 -56.80 7.93
N LEU E 114 -11.24 -55.64 8.57
CA LEU E 114 -12.27 -54.69 8.99
C LEU E 114 -13.11 -55.15 10.18
N ALA E 115 -12.98 -54.43 11.29
CA ALA E 115 -13.60 -54.73 12.56
C ALA E 115 -14.22 -53.46 13.13
N SER E 116 -15.28 -53.62 13.92
CA SER E 116 -15.89 -52.46 14.56
C SER E 116 -15.02 -51.94 15.70
N ILE E 117 -14.95 -50.62 15.81
CA ILE E 117 -14.16 -49.92 16.82
C ILE E 117 -15.13 -49.04 17.61
N ILE E 118 -15.07 -49.12 18.94
CA ILE E 118 -15.90 -48.21 19.74
C ILE E 118 -15.38 -46.80 19.56
N THR E 119 -16.28 -45.87 19.26
CA THR E 119 -15.89 -44.56 18.78
C THR E 119 -16.69 -43.45 19.46
N ARG E 120 -16.02 -42.31 19.63
CA ARG E 120 -16.66 -41.07 20.06
C ARG E 120 -16.70 -40.10 18.88
N LEU E 121 -17.84 -39.47 18.68
CA LEU E 121 -18.05 -38.62 17.52
C LEU E 121 -17.98 -37.13 17.85
N ASP E 122 -17.51 -36.78 19.06
CA ASP E 122 -17.37 -35.39 19.45
C ASP E 122 -16.54 -34.61 18.44
N TYR E 123 -17.11 -33.52 17.94
CA TYR E 123 -16.43 -32.64 17.01
C TYR E 123 -17.04 -31.25 17.13
N THR E 124 -16.19 -30.23 17.09
CA THR E 124 -16.64 -28.85 17.12
C THR E 124 -16.56 -28.30 15.70
N TRP E 125 -17.70 -27.84 15.19
CA TRP E 125 -17.78 -27.44 13.80
C TRP E 125 -17.44 -25.96 13.68
N HIS E 126 -16.84 -25.61 12.54
CA HIS E 126 -16.47 -24.23 12.24
C HIS E 126 -17.00 -23.80 10.88
N ASP E 127 -18.10 -24.40 10.44
CA ASP E 127 -18.71 -24.12 9.15
C ASP E 127 -19.99 -23.29 9.29
N ASP E 128 -20.05 -22.48 10.36
CA ASP E 128 -21.20 -21.65 10.68
C ASP E 128 -21.79 -20.91 9.47
N ALA E 129 -20.95 -20.18 8.75
CA ALA E 129 -21.44 -19.34 7.65
C ALA E 129 -22.07 -20.18 6.55
N TRP E 130 -21.45 -21.30 6.19
CA TRP E 130 -21.96 -22.11 5.08
C TRP E 130 -23.36 -22.65 5.38
N MET E 131 -23.55 -23.23 6.57
CA MET E 131 -24.81 -23.89 6.85
C MET E 131 -25.92 -22.90 7.13
N GLN E 132 -25.58 -21.68 7.55
CA GLN E 132 -26.60 -20.65 7.66
C GLN E 132 -27.08 -20.16 6.29
N ARG E 133 -26.25 -20.30 5.25
CA ARG E 133 -26.60 -19.84 3.92
C ARG E 133 -26.92 -20.92 2.88
N ARG E 134 -26.73 -22.21 3.18
CA ARG E 134 -27.08 -23.26 2.20
C ARG E 134 -28.52 -23.06 1.73
N LYS E 135 -28.80 -23.52 0.51
CA LYS E 135 -30.12 -23.33 -0.08
C LYS E 135 -30.82 -24.65 -0.34
N GLY E 136 -30.33 -25.46 -1.26
CA GLY E 136 -30.93 -26.76 -1.49
C GLY E 136 -32.11 -26.72 -2.44
N PRO E 137 -33.33 -26.82 -1.90
CA PRO E 137 -34.51 -26.72 -2.78
C PRO E 137 -34.55 -25.40 -3.52
N ALA E 138 -34.05 -24.33 -2.91
CA ALA E 138 -33.91 -23.05 -3.59
C ALA E 138 -32.78 -23.03 -4.60
N SER E 139 -31.87 -24.02 -4.58
CA SER E 139 -30.79 -24.06 -5.55
C SER E 139 -31.28 -24.29 -6.97
N LEU E 140 -32.54 -24.68 -7.15
CA LEU E 140 -33.15 -24.78 -8.46
C LEU E 140 -32.96 -23.50 -9.27
N TYR E 141 -32.77 -22.37 -8.60
CA TYR E 141 -32.62 -21.07 -9.24
C TYR E 141 -31.22 -20.49 -9.04
N GLU E 142 -30.25 -21.32 -8.68
CA GLU E 142 -28.87 -20.93 -8.45
C GLU E 142 -27.95 -21.80 -9.30
N PRO E 143 -26.74 -21.35 -9.59
CA PRO E 143 -25.81 -22.19 -10.35
C PRO E 143 -25.33 -23.36 -9.50
N VAL E 144 -25.49 -24.57 -10.05
CA VAL E 144 -25.01 -25.80 -9.42
C VAL E 144 -24.08 -26.50 -10.40
N SER E 145 -22.80 -26.59 -10.04
CA SER E 145 -21.79 -27.28 -10.84
C SER E 145 -21.09 -28.29 -9.95
N ILE E 146 -21.34 -29.59 -10.18
CA ILE E 146 -20.85 -30.63 -9.30
C ILE E 146 -19.60 -31.24 -9.92
N TYR E 147 -18.52 -31.27 -9.14
CA TYR E 147 -17.29 -31.96 -9.51
C TYR E 147 -17.28 -33.29 -8.77
N GLU E 148 -17.48 -34.38 -9.49
CA GLU E 148 -17.59 -35.70 -8.90
C GLU E 148 -16.21 -36.30 -8.68
N VAL E 149 -16.00 -36.90 -7.50
CA VAL E 149 -14.68 -37.33 -7.06
C VAL E 149 -14.77 -38.65 -6.31
N HIS E 150 -13.84 -39.56 -6.62
CA HIS E 150 -13.51 -40.69 -5.77
C HIS E 150 -12.19 -40.36 -5.08
N LEU E 151 -12.21 -40.28 -3.75
CA LEU E 151 -11.13 -39.64 -3.00
C LEU E 151 -9.77 -40.31 -3.24
N GLY E 152 -9.73 -41.64 -3.18
CA GLY E 152 -8.48 -42.34 -3.36
C GLY E 152 -7.89 -42.20 -4.75
N SER E 153 -8.75 -42.09 -5.77
CA SER E 153 -8.28 -42.09 -7.15
C SER E 153 -7.75 -40.73 -7.58
N TRP E 154 -8.11 -39.66 -6.87
CA TRP E 154 -7.86 -38.32 -7.34
C TRP E 154 -6.36 -37.99 -7.39
N ARG E 155 -5.78 -37.78 -6.22
CA ARG E 155 -4.34 -37.44 -6.16
C ARG E 155 -3.67 -38.36 -5.13
N HIS E 156 -2.41 -38.73 -5.37
CA HIS E 156 -1.70 -39.65 -4.46
C HIS E 156 -0.49 -38.89 -3.87
N LYS E 157 -0.35 -38.93 -2.55
CA LYS E 157 0.79 -38.25 -1.89
C LYS E 157 2.07 -38.92 -2.37
N GLN E 158 2.05 -40.25 -2.46
CA GLN E 158 3.19 -41.02 -3.01
C GLN E 158 2.52 -42.07 -3.91
N PRO E 159 3.19 -42.64 -4.93
CA PRO E 159 2.45 -43.55 -5.80
C PRO E 159 1.97 -44.71 -4.95
N GLY E 160 0.71 -45.09 -5.13
CA GLY E 160 0.11 -46.21 -4.39
C GLY E 160 -0.36 -45.80 -3.01
N VAL E 161 -0.25 -44.50 -2.68
CA VAL E 161 -0.68 -43.98 -1.36
C VAL E 161 -1.65 -42.79 -1.53
N SER E 162 -2.93 -42.99 -1.23
CA SER E 162 -3.97 -41.93 -1.34
C SER E 162 -3.82 -40.85 -0.26
N PHE E 163 -4.23 -39.62 -0.56
CA PHE E 163 -4.21 -38.51 0.43
C PHE E 163 -5.25 -38.75 1.53
N SER E 164 -4.93 -38.37 2.77
CA SER E 164 -5.89 -38.46 3.91
C SER E 164 -6.96 -37.38 3.77
N TYR E 165 -8.11 -37.58 4.43
CA TYR E 165 -9.21 -36.60 4.29
C TYR E 165 -8.72 -35.25 4.80
N ARG E 166 -7.98 -35.26 5.91
CA ARG E 166 -7.38 -34.01 6.42
C ARG E 166 -6.37 -33.46 5.42
N GLU E 167 -5.58 -34.34 4.81
CA GLU E 167 -4.50 -33.88 3.88
C GLU E 167 -5.09 -33.54 2.51
N ILE E 168 -6.17 -34.21 2.10
CA ILE E 168 -6.79 -33.86 0.82
C ILE E 168 -7.48 -32.51 0.90
N ALA E 169 -7.90 -32.08 2.09
CA ALA E 169 -8.81 -30.95 2.24
C ALA E 169 -8.32 -29.72 1.47
N GLU E 170 -7.13 -29.23 1.79
CA GLU E 170 -6.70 -27.98 1.18
C GLU E 170 -6.34 -28.11 -0.31
N PRO E 171 -5.63 -29.16 -0.75
CA PRO E 171 -5.36 -29.27 -2.19
C PRO E 171 -6.63 -29.33 -3.02
N LEU E 172 -7.65 -30.04 -2.55
CA LEU E 172 -8.89 -30.17 -3.29
C LEU E 172 -9.64 -28.85 -3.34
N ALA E 173 -9.78 -28.18 -2.18
CA ALA E 173 -10.50 -26.91 -2.14
C ALA E 173 -9.88 -25.88 -3.08
N ASP E 174 -8.55 -25.82 -3.13
CA ASP E 174 -7.89 -24.92 -4.07
C ASP E 174 -8.27 -25.28 -5.50
N TYR E 175 -8.23 -26.58 -5.83
CA TYR E 175 -8.56 -27.00 -7.19
C TYR E 175 -10.03 -26.71 -7.52
N VAL E 176 -10.95 -27.06 -6.62
CA VAL E 176 -12.37 -26.87 -6.91
C VAL E 176 -12.68 -25.39 -7.05
N GLN E 177 -12.05 -24.55 -6.22
CA GLN E 177 -12.23 -23.11 -6.35
C GLN E 177 -11.61 -22.60 -7.63
N ASP E 178 -10.42 -23.10 -7.97
CA ASP E 178 -9.71 -22.67 -9.18
C ASP E 178 -10.55 -22.90 -10.43
N LEU E 179 -11.26 -24.01 -10.49
CA LEU E 179 -12.08 -24.36 -11.64
C LEU E 179 -13.51 -23.88 -11.52
N GLY E 180 -13.90 -23.30 -10.38
CA GLY E 180 -15.18 -22.62 -10.26
C GLY E 180 -16.38 -23.50 -9.98
N PHE E 181 -16.17 -24.70 -9.44
CA PHE E 181 -17.27 -25.60 -9.12
C PHE E 181 -18.02 -25.21 -7.86
N THR E 182 -19.31 -25.56 -7.83
CA THR E 182 -20.22 -25.24 -6.74
C THR E 182 -20.27 -26.29 -5.64
N HIS E 183 -20.22 -27.58 -6.00
CA HIS E 183 -20.25 -28.69 -5.05
C HIS E 183 -19.22 -29.73 -5.45
N VAL E 184 -18.84 -30.59 -4.50
CA VAL E 184 -18.11 -31.82 -4.79
C VAL E 184 -18.99 -33.01 -4.41
N GLU E 185 -19.10 -33.99 -5.31
CA GLU E 185 -19.80 -35.25 -5.04
C GLU E 185 -18.79 -36.36 -4.80
N LEU E 186 -18.92 -37.03 -3.65
CA LEU E 186 -18.01 -38.10 -3.27
C LEU E 186 -18.66 -39.46 -3.50
N LEU E 187 -18.00 -40.30 -4.30
CA LEU E 187 -18.38 -41.69 -4.38
C LEU E 187 -18.29 -42.30 -2.98
N PRO E 188 -19.12 -43.31 -2.69
CA PRO E 188 -19.41 -43.65 -1.27
C PRO E 188 -18.20 -43.81 -0.37
N ILE E 189 -18.23 -43.05 0.73
CA ILE E 189 -17.24 -43.08 1.81
C ILE E 189 -17.54 -44.09 2.91
N MET E 190 -18.74 -44.65 2.96
CA MET E 190 -19.07 -45.58 4.03
C MET E 190 -18.27 -46.86 3.88
N GLU E 191 -17.96 -47.47 5.02
CA GLU E 191 -16.98 -48.55 5.04
C GLU E 191 -17.34 -49.67 4.07
N HIS E 192 -16.36 -50.06 3.27
CA HIS E 192 -16.49 -51.08 2.27
C HIS E 192 -15.20 -51.90 2.22
N PRO E 193 -15.30 -53.22 2.12
CA PRO E 193 -14.10 -54.06 2.12
C PRO E 193 -13.31 -53.93 0.83
N TYR E 194 -14.01 -54.02 -0.30
CA TYR E 194 -13.38 -54.06 -1.61
C TYR E 194 -13.21 -52.64 -2.14
N TYR E 195 -11.95 -52.17 -2.18
CA TYR E 195 -11.65 -50.89 -2.80
C TYR E 195 -12.12 -50.85 -4.25
N GLY E 196 -12.00 -51.99 -4.96
CA GLY E 196 -12.45 -52.04 -6.34
C GLY E 196 -13.95 -51.87 -6.50
N SER E 197 -14.70 -51.99 -5.41
CA SER E 197 -16.13 -51.67 -5.44
C SER E 197 -16.38 -50.18 -5.59
N TRP E 198 -15.36 -49.34 -5.35
CA TRP E 198 -15.45 -47.88 -5.33
C TRP E 198 -16.31 -47.39 -4.17
N GLY E 199 -16.76 -48.28 -3.29
CA GLY E 199 -17.63 -47.92 -2.20
C GLY E 199 -19.08 -48.31 -2.41
N TYR E 200 -19.42 -48.88 -3.56
CA TYR E 200 -20.81 -49.21 -3.84
C TYR E 200 -21.25 -50.52 -3.20
N GLN E 201 -20.32 -51.33 -2.72
CA GLN E 201 -20.63 -52.47 -1.87
C GLN E 201 -20.26 -52.08 -0.43
N VAL E 202 -21.27 -51.73 0.36
CA VAL E 202 -21.08 -51.06 1.65
C VAL E 202 -21.29 -52.05 2.79
N VAL E 203 -20.42 -52.01 3.79
CA VAL E 203 -20.57 -52.78 5.02
C VAL E 203 -20.97 -51.89 6.18
N GLY E 204 -20.27 -50.77 6.35
CA GLY E 204 -20.53 -49.88 7.47
C GLY E 204 -21.21 -48.60 7.05
N TYR E 205 -22.54 -48.63 7.00
CA TYR E 205 -23.29 -47.47 6.54
C TYR E 205 -23.08 -46.26 7.43
N TYR E 206 -22.79 -46.48 8.71
CA TYR E 206 -22.59 -45.40 9.67
C TYR E 206 -21.12 -45.10 9.93
N ALA E 207 -20.20 -45.69 9.17
CA ALA E 207 -18.77 -45.52 9.37
C ALA E 207 -18.08 -45.01 8.11
N PRO E 208 -17.34 -43.90 8.17
CA PRO E 208 -16.49 -43.51 7.04
C PRO E 208 -15.31 -44.46 6.86
N THR E 209 -14.89 -44.62 5.61
CA THR E 209 -13.83 -45.58 5.31
C THR E 209 -12.52 -45.19 5.98
N PHE E 210 -11.83 -46.20 6.53
CA PHE E 210 -10.57 -45.99 7.22
C PHE E 210 -9.46 -45.53 6.30
N ARG E 211 -9.55 -45.83 5.00
CA ARG E 211 -8.46 -45.60 4.06
C ARG E 211 -7.95 -44.17 4.09
N TYR E 212 -8.82 -43.20 4.40
CA TYR E 212 -8.45 -41.79 4.39
C TYR E 212 -8.40 -41.16 5.77
N GLY E 213 -8.76 -41.89 6.83
CA GLY E 213 -8.59 -41.40 8.18
C GLY E 213 -9.76 -41.77 9.07
N THR E 214 -9.83 -41.09 10.21
CA THR E 214 -10.82 -41.33 11.25
C THR E 214 -12.17 -40.70 10.90
N PRO E 215 -13.22 -41.03 11.65
CA PRO E 215 -14.47 -40.27 11.52
C PRO E 215 -14.26 -38.77 11.64
N GLN E 216 -13.49 -38.33 12.63
CA GLN E 216 -13.24 -36.90 12.79
C GLN E 216 -12.42 -36.33 11.64
N ASP E 217 -11.54 -37.13 11.04
CA ASP E 217 -10.80 -36.68 9.86
C ASP E 217 -11.74 -36.26 8.74
N LEU E 218 -12.79 -37.04 8.49
CA LEU E 218 -13.73 -36.69 7.42
C LEU E 218 -14.55 -35.45 7.75
N MET E 219 -15.05 -35.34 9.00
CA MET E 219 -15.80 -34.16 9.38
C MET E 219 -14.99 -32.89 9.16
N TYR E 220 -13.69 -32.94 9.47
CA TYR E 220 -12.84 -31.78 9.23
C TYR E 220 -12.83 -31.41 7.75
N LEU E 221 -12.72 -32.41 6.87
CA LEU E 221 -12.72 -32.16 5.44
C LEU E 221 -14.01 -31.45 5.02
N ILE E 222 -15.15 -31.96 5.45
CA ILE E 222 -16.43 -31.32 5.13
C ILE E 222 -16.48 -29.91 5.71
N ASP E 223 -16.07 -29.77 6.98
CA ASP E 223 -15.95 -28.44 7.59
C ASP E 223 -15.07 -27.52 6.75
N TYR E 224 -13.86 -27.98 6.44
CA TYR E 224 -12.91 -27.16 5.69
C TYR E 224 -13.50 -26.74 4.34
N LEU E 225 -14.00 -27.69 3.57
CA LEU E 225 -14.58 -27.38 2.26
C LEU E 225 -15.71 -26.37 2.39
N HIS E 226 -16.49 -26.45 3.47
CA HIS E 226 -17.57 -25.49 3.68
C HIS E 226 -17.04 -24.08 3.87
N GLN E 227 -16.07 -23.90 4.76
CA GLN E 227 -15.44 -22.60 4.94
C GLN E 227 -14.93 -22.04 3.63
N ARG E 228 -14.48 -22.91 2.73
CA ARG E 228 -14.07 -22.50 1.39
C ARG E 228 -15.25 -22.27 0.46
N GLY E 229 -16.48 -22.47 0.94
CA GLY E 229 -17.66 -22.21 0.12
C GLY E 229 -18.01 -23.31 -0.85
N ILE E 230 -17.55 -24.54 -0.63
CA ILE E 230 -17.86 -25.67 -1.51
C ILE E 230 -18.82 -26.58 -0.76
N GLY E 231 -19.80 -27.11 -1.47
CA GLY E 231 -20.72 -28.07 -0.90
C GLY E 231 -20.27 -29.51 -1.08
N VAL E 232 -20.78 -30.37 -0.21
CA VAL E 232 -20.43 -31.79 -0.23
C VAL E 232 -21.69 -32.62 -0.41
N ILE E 233 -21.76 -33.34 -1.52
CA ILE E 233 -22.80 -34.32 -1.78
C ILE E 233 -22.17 -35.69 -1.67
N LEU E 234 -22.78 -36.57 -0.88
CA LEU E 234 -22.27 -37.92 -0.74
C LEU E 234 -23.13 -38.89 -1.56
N ASP E 235 -22.46 -39.83 -2.20
CA ASP E 235 -23.17 -40.91 -2.86
C ASP E 235 -23.61 -41.90 -1.79
N TRP E 236 -24.88 -42.24 -1.81
CA TRP E 236 -25.50 -43.05 -0.76
C TRP E 236 -26.18 -44.22 -1.45
N VAL E 237 -26.05 -45.41 -0.87
CA VAL E 237 -26.44 -46.60 -1.61
C VAL E 237 -27.48 -47.36 -0.80
N PRO E 238 -28.75 -46.91 -0.77
CA PRO E 238 -29.78 -47.68 -0.05
C PRO E 238 -30.32 -48.87 -0.82
N SER E 239 -29.92 -49.05 -2.09
CA SER E 239 -30.52 -50.09 -2.91
C SER E 239 -30.10 -51.49 -2.48
N HIS E 240 -28.85 -51.64 -2.04
CA HIS E 240 -28.30 -52.95 -1.72
C HIS E 240 -27.10 -52.77 -0.80
N PHE E 241 -26.78 -53.83 -0.07
CA PHE E 241 -25.59 -53.85 0.78
C PHE E 241 -24.57 -54.87 0.25
N ALA E 242 -23.36 -54.79 0.79
CA ALA E 242 -22.25 -55.58 0.29
C ALA E 242 -22.40 -57.04 0.68
N ALA E 243 -21.82 -57.91 -0.14
CA ALA E 243 -21.96 -59.36 0.01
C ALA E 243 -20.99 -59.93 1.03
N ASP E 244 -20.67 -59.20 2.11
CA ASP E 244 -19.61 -59.67 2.98
C ASP E 244 -20.22 -60.45 4.14
N PRO E 245 -19.76 -61.68 4.41
CA PRO E 245 -20.56 -62.58 5.27
C PRO E 245 -20.77 -62.12 6.70
N GLN E 246 -19.74 -61.54 7.33
CA GLN E 246 -19.93 -61.00 8.67
C GLN E 246 -20.68 -59.68 8.65
N GLY E 247 -20.96 -59.14 7.47
CA GLY E 247 -21.63 -57.88 7.35
C GLY E 247 -23.12 -58.07 7.56
N LEU E 248 -23.96 -57.41 6.76
CA LEU E 248 -25.39 -57.44 7.02
C LEU E 248 -26.08 -58.71 6.50
N VAL E 249 -25.48 -59.42 5.55
CA VAL E 249 -26.04 -60.67 5.04
C VAL E 249 -26.33 -61.64 6.17
N TYR E 250 -27.57 -62.12 6.24
CA TYR E 250 -28.04 -63.15 7.18
C TYR E 250 -27.55 -62.90 8.60
N PHE E 251 -27.97 -61.75 9.16
CA PHE E 251 -27.39 -61.26 10.39
C PHE E 251 -27.72 -62.14 11.60
N ASP E 252 -29.01 -62.40 11.84
CA ASP E 252 -29.43 -63.19 12.99
C ASP E 252 -29.41 -64.69 12.73
N GLY E 253 -28.76 -65.11 11.65
CA GLY E 253 -28.80 -66.48 11.18
C GLY E 253 -29.87 -66.76 10.15
N THR E 254 -30.76 -65.81 9.90
CA THR E 254 -31.83 -65.91 8.93
C THR E 254 -31.83 -64.64 8.09
N THR E 255 -32.79 -64.54 7.19
CA THR E 255 -33.02 -63.29 6.49
C THR E 255 -33.42 -62.19 7.48
N LEU E 256 -32.72 -61.06 7.43
CA LEU E 256 -33.01 -59.93 8.30
C LEU E 256 -33.09 -58.60 7.54
N PHE E 257 -31.95 -58.14 7.02
CA PHE E 257 -31.92 -56.95 6.18
C PHE E 257 -32.31 -57.26 4.75
N GLU E 258 -32.17 -58.52 4.36
CA GLU E 258 -32.49 -59.12 3.08
C GLU E 258 -33.98 -59.41 2.99
N TYR E 259 -34.47 -59.56 1.76
CA TYR E 259 -35.86 -59.94 1.57
C TYR E 259 -36.09 -61.36 2.06
N ASP E 260 -37.14 -61.53 2.86
CA ASP E 260 -37.48 -62.85 3.39
C ASP E 260 -37.94 -63.80 2.29
N ASP E 261 -38.56 -63.28 1.22
CA ASP E 261 -39.04 -64.10 0.11
C ASP E 261 -37.92 -64.36 -0.91
N PRO E 262 -37.73 -65.62 -1.34
CA PRO E 262 -36.76 -66.02 -2.37
C PRO E 262 -37.08 -65.46 -3.76
N HIS E 267 -34.09 -60.49 -8.05
CA HIS E 267 -33.69 -59.15 -8.57
C HIS E 267 -32.38 -59.29 -9.34
N PRO E 268 -32.35 -58.97 -10.65
CA PRO E 268 -31.14 -59.21 -11.42
C PRO E 268 -29.84 -58.46 -11.06
N ASP E 269 -29.89 -57.16 -10.80
CA ASP E 269 -28.60 -56.45 -10.55
C ASP E 269 -27.94 -56.98 -9.28
N TRP E 270 -28.73 -57.17 -8.22
CA TRP E 270 -28.20 -57.76 -6.96
C TRP E 270 -29.13 -58.87 -6.52
N GLY E 271 -28.59 -60.03 -6.14
CA GLY E 271 -29.48 -61.15 -5.78
C GLY E 271 -29.32 -61.49 -4.32
N THR E 272 -30.43 -61.55 -3.57
CA THR E 272 -30.39 -61.89 -2.14
C THR E 272 -29.50 -60.93 -1.39
N TYR E 273 -29.51 -59.65 -1.78
CA TYR E 273 -28.69 -58.62 -1.08
C TYR E 273 -29.43 -57.29 -1.17
N VAL E 274 -30.73 -57.34 -1.50
CA VAL E 274 -31.50 -56.10 -1.49
C VAL E 274 -32.05 -55.89 -0.08
N PHE E 275 -32.29 -54.63 0.30
CA PHE E 275 -32.92 -54.35 1.58
C PHE E 275 -34.41 -54.61 1.50
N ASP E 276 -34.94 -55.27 2.52
CA ASP E 276 -36.38 -55.58 2.62
C ASP E 276 -37.09 -54.34 3.14
N TYR E 277 -37.64 -53.53 2.23
CA TYR E 277 -38.33 -52.31 2.61
C TYR E 277 -39.63 -52.55 3.37
N ASN E 278 -40.13 -53.78 3.41
CA ASN E 278 -41.31 -54.07 4.22
C ASN E 278 -41.00 -53.96 5.71
N LYS E 279 -39.79 -54.37 6.10
CA LYS E 279 -39.46 -54.44 7.51
C LYS E 279 -39.30 -53.04 8.10
N PRO E 280 -40.01 -52.71 9.19
CA PRO E 280 -39.76 -51.41 9.84
C PRO E 280 -38.34 -51.25 10.35
N GLY E 281 -37.72 -52.34 10.82
CA GLY E 281 -36.35 -52.26 11.29
C GLY E 281 -35.39 -51.84 10.20
N VAL E 282 -35.62 -52.33 8.98
CA VAL E 282 -34.81 -51.90 7.84
C VAL E 282 -35.03 -50.42 7.58
N ARG E 283 -36.29 -49.97 7.61
CA ARG E 283 -36.58 -48.56 7.34
C ARG E 283 -35.95 -47.64 8.39
N ASN E 284 -36.02 -48.03 9.67
CA ASN E 284 -35.27 -47.31 10.69
C ASN E 284 -33.81 -47.19 10.30
N PHE E 285 -33.18 -48.34 10.03
CA PHE E 285 -31.75 -48.38 9.71
C PHE E 285 -31.40 -47.45 8.56
N LEU E 286 -32.15 -47.52 7.47
CA LEU E 286 -31.77 -46.77 6.27
C LEU E 286 -32.06 -45.28 6.42
N ILE E 287 -33.26 -44.92 6.86
CA ILE E 287 -33.62 -43.50 6.92
C ILE E 287 -32.84 -42.80 8.03
N SER E 288 -32.63 -43.48 9.15
CA SER E 288 -31.70 -42.95 10.15
C SER E 288 -30.32 -42.73 9.54
N ASN E 289 -29.89 -43.65 8.66
CA ASN E 289 -28.58 -43.50 8.03
C ASN E 289 -28.53 -42.28 7.13
N ALA E 290 -29.59 -42.05 6.35
CA ALA E 290 -29.67 -40.84 5.54
C ALA E 290 -29.54 -39.60 6.41
N LEU E 291 -30.36 -39.52 7.47
CA LEU E 291 -30.30 -38.39 8.38
C LEU E 291 -28.98 -38.35 9.15
N PHE E 292 -28.39 -39.51 9.43
CA PHE E 292 -27.11 -39.56 10.13
C PHE E 292 -26.05 -38.72 9.44
N TRP E 293 -25.90 -38.88 8.12
CA TRP E 293 -24.87 -38.14 7.39
C TRP E 293 -25.14 -36.65 7.35
N LEU E 294 -26.41 -36.27 7.17
CA LEU E 294 -26.71 -34.84 7.20
C LEU E 294 -26.55 -34.25 8.59
N ASP E 295 -26.70 -35.07 9.63
CA ASP E 295 -26.62 -34.55 11.00
C ASP E 295 -25.17 -34.51 11.48
N TYR E 296 -24.53 -35.67 11.59
CA TYR E 296 -23.19 -35.73 12.17
C TYR E 296 -22.11 -35.23 11.21
N TYR E 297 -22.40 -35.13 9.92
CA TYR E 297 -21.39 -34.74 8.94
C TYR E 297 -21.72 -33.49 8.15
N HIS E 298 -22.77 -32.74 8.52
CA HIS E 298 -23.11 -31.46 7.89
C HIS E 298 -23.19 -31.58 6.37
N VAL E 299 -23.54 -32.78 5.89
CA VAL E 299 -23.52 -33.05 4.46
C VAL E 299 -24.60 -32.24 3.75
N ASP E 300 -24.26 -31.74 2.56
CA ASP E 300 -25.20 -30.89 1.83
C ASP E 300 -26.20 -31.70 1.04
N GLY E 301 -25.83 -32.90 0.60
CA GLY E 301 -26.70 -33.67 -0.26
C GLY E 301 -26.44 -35.15 -0.22
N LEU E 302 -27.43 -35.91 -0.68
CA LEU E 302 -27.31 -37.36 -0.82
C LEU E 302 -27.73 -37.73 -2.24
N ARG E 303 -26.93 -38.55 -2.91
CA ARG E 303 -27.19 -38.96 -4.27
C ARG E 303 -27.45 -40.47 -4.29
N VAL E 304 -28.65 -40.85 -4.72
CA VAL E 304 -29.05 -42.26 -4.74
C VAL E 304 -28.94 -42.77 -6.17
N ASP E 305 -28.17 -43.83 -6.35
CA ASP E 305 -27.95 -44.46 -7.65
C ASP E 305 -28.81 -45.70 -7.79
N ALA E 306 -28.96 -46.15 -9.03
CA ALA E 306 -29.69 -47.38 -9.37
C ALA E 306 -31.05 -47.41 -8.68
N VAL E 307 -31.80 -46.31 -8.82
CA VAL E 307 -33.14 -46.25 -8.27
C VAL E 307 -34.05 -47.22 -9.01
N ALA E 308 -33.76 -47.48 -10.29
CA ALA E 308 -34.55 -48.42 -11.06
C ALA E 308 -34.53 -49.81 -10.45
N SER E 309 -33.39 -50.22 -9.88
CA SER E 309 -33.33 -51.53 -9.22
C SER E 309 -34.23 -51.58 -8.01
N MET E 310 -34.55 -50.42 -7.43
CA MET E 310 -35.47 -50.39 -6.27
C MET E 310 -36.92 -50.27 -6.76
N LEU E 311 -37.18 -49.41 -7.75
CA LEU E 311 -38.58 -49.16 -8.18
C LEU E 311 -39.23 -50.44 -8.74
N TYR E 312 -38.50 -51.24 -9.52
CA TYR E 312 -39.13 -52.42 -10.17
C TYR E 312 -38.50 -53.71 -9.68
N ARG E 313 -39.32 -54.65 -9.22
CA ARG E 313 -38.78 -55.99 -8.84
C ARG E 313 -38.22 -56.66 -10.10
N ASP E 314 -38.94 -56.52 -11.22
CA ASP E 314 -38.50 -57.15 -12.51
C ASP E 314 -37.17 -56.56 -12.96
N GLY E 326 -51.05 -58.60 -9.65
CA GLY E 326 -49.93 -57.82 -9.17
C GLY E 326 -49.19 -57.10 -10.27
N GLY E 327 -48.21 -56.28 -9.88
CA GLY E 327 -47.41 -55.54 -10.82
C GLY E 327 -45.92 -55.75 -10.60
N ARG E 328 -45.14 -55.27 -11.55
CA ARG E 328 -43.70 -55.34 -11.43
C ARG E 328 -43.15 -54.36 -10.40
N GLU E 329 -43.88 -53.29 -10.09
CA GLU E 329 -43.36 -52.30 -9.18
C GLU E 329 -43.24 -52.84 -7.76
N ASN E 330 -42.14 -52.48 -7.11
CA ASN E 330 -41.94 -52.72 -5.69
C ASN E 330 -42.47 -51.50 -4.96
N LEU E 331 -43.64 -51.65 -4.32
CA LEU E 331 -44.26 -50.49 -3.69
C LEU E 331 -43.66 -50.20 -2.32
N GLU E 332 -43.27 -51.25 -1.59
CA GLU E 332 -42.33 -51.14 -0.48
C GLU E 332 -41.24 -50.11 -0.78
N ALA E 333 -40.49 -50.35 -1.86
CA ALA E 333 -39.41 -49.43 -2.23
C ALA E 333 -39.97 -48.06 -2.59
N ILE E 334 -41.10 -48.03 -3.31
CA ILE E 334 -41.65 -46.76 -3.75
C ILE E 334 -42.11 -45.94 -2.56
N ASP E 335 -42.70 -46.59 -1.55
CA ASP E 335 -43.04 -45.89 -0.31
C ASP E 335 -41.80 -45.55 0.49
N PHE E 336 -40.81 -46.45 0.51
CA PHE E 336 -39.56 -46.15 1.20
C PHE E 336 -38.89 -44.91 0.60
N ILE E 337 -38.79 -44.86 -0.73
CA ILE E 337 -38.18 -43.70 -1.38
C ILE E 337 -38.91 -42.42 -1.01
N LYS E 338 -40.23 -42.43 -1.07
CA LYS E 338 -41.02 -41.24 -0.73
C LYS E 338 -40.82 -40.85 0.72
N LYS E 339 -40.91 -41.82 1.64
CA LYS E 339 -40.78 -41.51 3.05
C LYS E 339 -39.35 -41.13 3.38
N PHE E 340 -38.38 -41.65 2.61
CA PHE E 340 -37.01 -41.17 2.68
C PHE E 340 -36.94 -39.66 2.42
N ASN E 341 -37.42 -39.23 1.24
CA ASN E 341 -37.34 -37.82 0.87
C ASN E 341 -38.14 -36.94 1.82
N GLU E 342 -39.34 -37.39 2.20
CA GLU E 342 -40.16 -36.61 3.13
C GLU E 342 -39.43 -36.36 4.44
N THR E 343 -38.80 -37.40 4.99
CA THR E 343 -38.11 -37.26 6.27
C THR E 343 -36.91 -36.33 6.15
N VAL E 344 -36.10 -36.49 5.12
CA VAL E 344 -34.91 -35.65 4.93
C VAL E 344 -35.31 -34.18 4.90
N TYR E 345 -36.21 -33.82 3.99
CA TYR E 345 -36.56 -32.41 3.82
C TYR E 345 -37.30 -31.85 5.03
N LEU E 346 -37.94 -32.70 5.83
CA LEU E 346 -38.53 -32.22 7.07
C LEU E 346 -37.47 -31.85 8.10
N HIS E 347 -36.47 -32.72 8.27
CA HIS E 347 -35.45 -32.48 9.29
C HIS E 347 -34.36 -31.55 8.80
N PHE E 348 -34.06 -31.58 7.50
CA PHE E 348 -33.04 -30.72 6.91
C PHE E 348 -33.68 -30.08 5.69
N PRO E 349 -34.38 -28.96 5.86
CA PRO E 349 -35.11 -28.34 4.75
C PRO E 349 -34.22 -27.87 3.61
N GLU E 350 -32.92 -27.67 3.83
CA GLU E 350 -32.03 -27.17 2.78
C GLU E 350 -31.06 -28.23 2.29
N ALA E 351 -31.28 -29.50 2.61
CA ALA E 351 -30.52 -30.58 2.02
C ALA E 351 -30.90 -30.74 0.54
N ILE E 352 -30.16 -31.61 -0.14
CA ILE E 352 -30.43 -31.94 -1.54
C ILE E 352 -30.39 -33.45 -1.69
N THR E 353 -31.39 -34.00 -2.37
CA THR E 353 -31.41 -35.41 -2.74
C THR E 353 -31.47 -35.49 -4.26
N ILE E 354 -30.59 -36.28 -4.86
CA ILE E 354 -30.58 -36.49 -6.31
C ILE E 354 -30.70 -37.98 -6.58
N ALA E 355 -31.40 -38.34 -7.65
CA ALA E 355 -31.61 -39.74 -8.03
C ALA E 355 -31.09 -39.99 -9.43
N GLU E 356 -30.53 -41.18 -9.64
CA GLU E 356 -30.21 -41.70 -10.95
C GLU E 356 -31.19 -42.83 -11.27
N GLU E 357 -32.00 -42.62 -12.30
CA GLU E 357 -32.99 -43.60 -12.72
C GLU E 357 -32.94 -43.75 -14.23
N SER E 358 -32.47 -44.90 -14.72
CA SER E 358 -32.36 -45.05 -16.17
C SER E 358 -33.61 -45.65 -16.82
N THR E 359 -34.64 -45.95 -16.03
CA THR E 359 -35.95 -46.15 -16.63
C THR E 359 -36.54 -44.74 -16.79
N ALA E 360 -37.63 -44.62 -17.55
CA ALA E 360 -38.29 -43.33 -17.64
C ALA E 360 -39.39 -43.18 -16.59
N TRP E 361 -39.09 -43.46 -15.32
CA TRP E 361 -40.09 -43.30 -14.26
C TRP E 361 -40.43 -41.82 -14.12
N PRO E 362 -41.70 -41.45 -14.15
CA PRO E 362 -42.07 -40.03 -14.18
C PRO E 362 -41.97 -39.37 -12.81
N GLY E 363 -41.80 -38.06 -12.84
CA GLY E 363 -41.90 -37.24 -11.65
C GLY E 363 -40.95 -37.67 -10.55
N VAL E 364 -39.77 -38.13 -10.96
CA VAL E 364 -38.72 -38.44 -9.98
C VAL E 364 -38.41 -37.20 -9.14
N SER E 365 -38.19 -36.07 -9.80
CA SER E 365 -37.92 -34.81 -9.13
C SER E 365 -39.16 -34.10 -8.58
N ALA E 366 -40.34 -34.70 -8.66
CA ALA E 366 -41.57 -34.03 -8.27
C ALA E 366 -41.91 -34.35 -6.82
N PRO E 367 -42.68 -33.47 -6.16
CA PRO E 367 -43.01 -33.72 -4.74
C PRO E 367 -43.93 -34.92 -4.57
N THR E 368 -43.74 -35.61 -3.44
CA THR E 368 -44.57 -36.77 -3.12
C THR E 368 -46.06 -36.43 -3.18
N TYR E 369 -46.45 -35.23 -2.73
CA TYR E 369 -47.86 -34.86 -2.77
C TYR E 369 -48.37 -34.70 -4.20
N ASN E 370 -47.47 -34.67 -5.19
CA ASN E 370 -47.84 -34.74 -6.60
C ASN E 370 -47.68 -36.14 -7.15
N ASN E 371 -47.57 -37.14 -6.26
CA ASN E 371 -47.32 -38.54 -6.58
C ASN E 371 -45.92 -38.78 -7.10
N GLY E 372 -44.98 -37.86 -6.82
CA GLY E 372 -43.60 -38.06 -7.20
C GLY E 372 -42.80 -38.81 -6.16
N LEU E 373 -41.59 -39.21 -6.56
CA LEU E 373 -40.69 -39.89 -5.63
C LEU E 373 -40.08 -38.94 -4.62
N GLY E 374 -40.04 -37.64 -4.91
CA GLY E 374 -39.60 -36.66 -3.95
C GLY E 374 -38.14 -36.27 -3.99
N PHE E 375 -37.40 -36.68 -5.01
CA PHE E 375 -36.04 -36.17 -5.15
C PHE E 375 -36.10 -34.72 -5.63
N LEU E 376 -35.07 -33.94 -5.28
CA LEU E 376 -35.00 -32.60 -5.83
C LEU E 376 -34.41 -32.59 -7.22
N TYR E 377 -33.50 -33.53 -7.51
CA TYR E 377 -32.78 -33.54 -8.76
C TYR E 377 -32.76 -34.94 -9.33
N LYS E 378 -32.73 -35.02 -10.65
CA LYS E 378 -32.54 -36.27 -11.37
C LYS E 378 -31.42 -36.10 -12.38
N TRP E 379 -30.53 -37.09 -12.45
CA TRP E 379 -29.52 -37.13 -13.50
C TRP E 379 -30.20 -37.29 -14.85
N ASN E 380 -29.83 -36.44 -15.81
CA ASN E 380 -30.37 -36.53 -17.16
C ASN E 380 -29.56 -37.54 -17.97
N MET E 381 -29.89 -38.82 -17.76
CA MET E 381 -29.16 -39.87 -18.48
C MET E 381 -29.52 -39.89 -19.95
N GLY E 382 -30.75 -39.55 -20.30
CA GLY E 382 -31.14 -39.35 -21.68
C GLY E 382 -30.27 -38.37 -22.41
N TRP E 383 -30.12 -37.16 -21.85
CA TRP E 383 -29.27 -36.15 -22.46
C TRP E 383 -27.87 -36.71 -22.72
N MET E 384 -27.26 -37.33 -21.71
CA MET E 384 -25.90 -37.80 -21.87
C MET E 384 -25.76 -38.88 -22.94
N HIS E 385 -26.60 -39.93 -22.86
CA HIS E 385 -26.51 -41.01 -23.85
C HIS E 385 -26.65 -40.47 -25.26
N ASP E 386 -27.75 -39.75 -25.53
CA ASP E 386 -27.95 -39.15 -26.85
C ASP E 386 -26.78 -38.23 -27.21
N THR E 387 -26.48 -37.29 -26.33
CA THR E 387 -25.41 -36.32 -26.61
C THR E 387 -24.09 -37.03 -26.89
N LEU E 388 -23.72 -37.99 -26.03
CA LEU E 388 -22.47 -38.72 -26.25
C LEU E 388 -22.51 -39.49 -27.57
N ASP E 389 -23.63 -40.18 -27.83
CA ASP E 389 -23.76 -40.91 -29.09
C ASP E 389 -23.53 -40.00 -30.30
N TYR E 390 -24.04 -38.76 -30.23
CA TYR E 390 -23.91 -37.82 -31.38
C TYR E 390 -22.45 -37.38 -31.50
N MET E 391 -21.83 -37.06 -30.38
CA MET E 391 -20.42 -36.59 -30.36
C MET E 391 -19.49 -37.69 -30.89
N ARG E 392 -19.76 -38.94 -30.53
CA ARG E 392 -18.88 -40.07 -30.93
C ARG E 392 -18.84 -40.18 -32.45
N ARG E 393 -19.98 -39.97 -33.12
CA ARG E 393 -20.04 -40.14 -34.59
C ARG E 393 -19.13 -39.12 -35.29
N ASP E 394 -18.46 -39.56 -36.37
CA ASP E 394 -17.54 -38.67 -37.12
C ASP E 394 -18.32 -37.49 -37.69
N PRO E 395 -17.75 -36.27 -37.72
CA PRO E 395 -18.52 -35.09 -38.16
C PRO E 395 -19.14 -35.23 -39.54
N VAL E 396 -18.49 -35.93 -40.46
CA VAL E 396 -19.09 -36.20 -41.77
C VAL E 396 -20.45 -36.85 -41.60
N HIS E 397 -20.60 -37.70 -40.57
CA HIS E 397 -21.86 -38.41 -40.35
C HIS E 397 -22.83 -37.63 -39.46
N ARG E 398 -22.35 -36.64 -38.70
CA ARG E 398 -23.23 -35.91 -37.80
C ARG E 398 -24.40 -35.27 -38.55
N LYS E 399 -24.19 -34.98 -39.84
CA LYS E 399 -25.25 -34.60 -40.75
C LYS E 399 -26.51 -35.46 -40.56
N TYR E 400 -26.34 -36.79 -40.57
CA TYR E 400 -27.45 -37.74 -40.59
C TYR E 400 -28.08 -38.00 -39.23
N HIS E 401 -27.53 -37.47 -38.14
CA HIS E 401 -28.11 -37.68 -36.81
C HIS E 401 -28.48 -36.36 -36.14
N HIS E 402 -28.70 -35.32 -36.95
CA HIS E 402 -29.05 -34.00 -36.43
C HIS E 402 -30.25 -34.07 -35.49
N ASP E 403 -31.24 -34.91 -35.82
CA ASP E 403 -32.43 -35.00 -34.98
C ASP E 403 -32.10 -35.54 -33.59
N THR E 404 -31.01 -36.31 -33.46
CA THR E 404 -30.59 -36.80 -32.14
C THR E 404 -30.15 -35.67 -31.23
N LEU E 405 -29.38 -34.73 -31.76
CA LEU E 405 -28.88 -33.61 -30.94
C LEU E 405 -30.01 -32.66 -30.57
N THR E 406 -30.81 -32.27 -31.57
CA THR E 406 -31.83 -31.24 -31.33
C THR E 406 -32.98 -31.74 -30.46
N PHE E 407 -33.32 -33.03 -30.55
CA PHE E 407 -34.50 -33.54 -29.86
C PHE E 407 -34.30 -33.72 -28.36
N SER E 408 -33.06 -33.62 -27.86
CA SER E 408 -32.80 -33.73 -26.43
C SER E 408 -33.64 -32.79 -25.58
N LEU E 409 -34.05 -31.65 -26.12
CA LEU E 409 -34.76 -30.64 -25.34
C LEU E 409 -36.25 -30.90 -25.20
N TRP E 410 -36.81 -31.84 -25.97
CA TRP E 410 -38.18 -32.25 -25.69
C TRP E 410 -38.30 -32.88 -24.31
N TYR E 411 -37.19 -33.40 -23.79
CA TYR E 411 -37.17 -34.08 -22.50
C TYR E 411 -36.40 -33.31 -21.44
N ALA E 412 -35.95 -32.08 -21.74
CA ALA E 412 -35.08 -31.35 -20.83
C ALA E 412 -35.84 -30.69 -19.69
N PHE E 413 -37.16 -30.74 -19.70
CA PHE E 413 -37.98 -30.05 -18.72
C PHE E 413 -38.96 -30.98 -18.01
N SER E 414 -38.87 -32.30 -18.26
CA SER E 414 -39.75 -33.24 -17.60
C SER E 414 -39.45 -33.35 -16.11
N GLU E 415 -38.20 -33.11 -15.71
CA GLU E 415 -37.79 -33.11 -14.32
C GLU E 415 -36.84 -31.93 -14.10
N HIS E 416 -36.54 -31.67 -12.83
CA HIS E 416 -35.45 -30.71 -12.55
C HIS E 416 -34.25 -31.59 -12.88
N TYR E 417 -33.42 -31.18 -13.84
CA TYR E 417 -32.39 -32.13 -14.32
C TYR E 417 -30.96 -31.68 -14.10
N ILE E 418 -30.08 -32.63 -13.80
CA ILE E 418 -28.62 -32.32 -13.70
C ILE E 418 -27.95 -33.05 -14.87
N LEU E 419 -27.45 -32.33 -15.88
CA LEU E 419 -26.77 -33.07 -16.95
C LEU E 419 -25.54 -33.72 -16.31
N PRO E 420 -25.31 -35.00 -16.55
CA PRO E 420 -24.21 -35.67 -15.80
C PRO E 420 -23.22 -36.44 -16.67
N LEU E 421 -21.91 -36.21 -16.44
CA LEU E 421 -20.89 -37.06 -17.07
C LEU E 421 -20.23 -37.71 -15.86
N SER E 422 -20.15 -39.05 -15.80
CA SER E 422 -19.69 -39.65 -14.52
C SER E 422 -18.67 -40.78 -14.68
N HIS E 423 -18.13 -41.25 -13.54
CA HIS E 423 -17.21 -42.40 -13.55
C HIS E 423 -17.80 -43.51 -14.42
N ASP E 424 -19.09 -43.77 -14.29
CA ASP E 424 -19.76 -44.86 -15.06
C ASP E 424 -19.51 -44.69 -16.56
N GLU E 425 -19.37 -43.46 -17.08
CA GLU E 425 -19.17 -43.35 -18.52
C GLU E 425 -17.73 -43.53 -18.96
N VAL E 426 -16.79 -43.59 -18.02
CA VAL E 426 -15.37 -43.69 -18.35
C VAL E 426 -14.77 -44.97 -17.79
N VAL E 427 -15.54 -46.05 -17.75
CA VAL E 427 -15.05 -47.30 -17.18
C VAL E 427 -15.43 -48.46 -18.09
N HIS E 428 -14.85 -49.62 -17.79
CA HIS E 428 -15.19 -50.89 -18.43
C HIS E 428 -15.18 -50.80 -19.95
N GLY E 429 -14.10 -50.24 -20.50
CA GLY E 429 -13.96 -50.18 -21.93
C GLY E 429 -14.88 -49.19 -22.63
N LYS E 430 -15.70 -48.45 -21.89
CA LYS E 430 -16.51 -47.41 -22.52
C LYS E 430 -15.66 -46.24 -22.98
N GLY E 431 -14.47 -46.10 -22.42
CA GLY E 431 -13.57 -45.07 -22.90
C GLY E 431 -13.70 -43.72 -22.25
N SER E 432 -12.55 -43.08 -22.09
CA SER E 432 -12.46 -41.69 -21.71
C SER E 432 -13.35 -40.81 -22.59
N LEU E 433 -13.83 -39.72 -22.02
CA LEU E 433 -14.51 -38.70 -22.82
C LEU E 433 -13.63 -38.28 -23.98
N TRP E 434 -12.35 -38.04 -23.68
CA TRP E 434 -11.37 -37.76 -24.73
C TRP E 434 -11.35 -38.87 -25.77
N THR E 435 -11.15 -40.11 -25.34
CA THR E 435 -11.19 -41.25 -26.25
C THR E 435 -12.50 -41.31 -27.02
N LYS E 436 -13.60 -40.92 -26.38
CA LYS E 436 -14.89 -40.96 -27.06
C LYS E 436 -14.94 -40.01 -28.23
N MET E 437 -14.07 -38.99 -28.25
CA MET E 437 -14.20 -37.95 -29.27
C MET E 437 -13.47 -38.40 -30.53
N PRO E 438 -14.00 -38.08 -31.70
CA PRO E 438 -13.46 -38.59 -32.96
C PRO E 438 -12.45 -37.63 -33.59
N GLY E 439 -11.57 -38.20 -34.40
CA GLY E 439 -10.68 -37.39 -35.21
C GLY E 439 -9.27 -37.28 -34.67
N ASP E 440 -8.55 -36.31 -35.23
CA ASP E 440 -7.18 -36.07 -34.81
C ASP E 440 -7.15 -35.41 -33.43
N ASP E 441 -5.94 -35.20 -32.93
CA ASP E 441 -5.77 -34.78 -31.53
C ASP E 441 -6.36 -33.41 -31.27
N TRP E 442 -6.06 -32.43 -32.14
CA TRP E 442 -6.66 -31.12 -32.01
C TRP E 442 -8.18 -31.22 -32.05
N GLN E 443 -8.70 -32.06 -32.94
CA GLN E 443 -10.15 -32.23 -33.07
C GLN E 443 -10.76 -32.87 -31.83
N LYS E 444 -10.05 -33.80 -31.19
CA LYS E 444 -10.56 -34.38 -29.94
C LYS E 444 -10.75 -33.31 -28.88
N ALA E 445 -9.74 -32.44 -28.70
CA ALA E 445 -9.89 -31.34 -27.76
C ALA E 445 -11.01 -30.40 -28.17
N ALA E 446 -11.12 -30.10 -29.47
CA ALA E 446 -12.19 -29.24 -29.95
C ALA E 446 -13.55 -29.85 -29.66
N ASN E 447 -13.76 -31.11 -30.06
CA ASN E 447 -15.02 -31.79 -29.78
C ASN E 447 -15.29 -31.83 -28.28
N LEU E 448 -14.27 -32.15 -27.50
CA LEU E 448 -14.46 -32.24 -26.05
C LEU E 448 -14.79 -30.87 -25.46
N ARG E 449 -14.13 -29.82 -25.95
CA ARG E 449 -14.46 -28.45 -25.56
C ARG E 449 -15.87 -28.08 -25.99
N LEU E 450 -16.27 -28.53 -27.18
CA LEU E 450 -17.59 -28.23 -27.70
C LEU E 450 -18.68 -28.85 -26.83
N LEU E 451 -18.52 -30.15 -26.52
CA LEU E 451 -19.47 -30.84 -25.65
C LEU E 451 -19.70 -30.08 -24.34
N TYR E 452 -18.62 -29.75 -23.64
CA TYR E 452 -18.75 -29.06 -22.37
C TYR E 452 -19.46 -27.73 -22.55
N GLY E 453 -19.14 -27.02 -23.63
CA GLY E 453 -19.89 -25.81 -23.96
C GLY E 453 -21.37 -26.08 -24.05
N HIS E 454 -21.75 -27.14 -24.77
CA HIS E 454 -23.16 -27.49 -24.87
C HIS E 454 -23.73 -27.97 -23.55
N MET E 455 -22.95 -28.70 -22.75
CA MET E 455 -23.48 -29.16 -21.46
C MET E 455 -23.80 -27.98 -20.56
N TRP E 456 -22.97 -26.94 -20.58
CA TRP E 456 -23.22 -25.75 -19.79
C TRP E 456 -24.33 -24.89 -20.38
N GLY E 457 -24.42 -24.81 -21.71
CA GLY E 457 -25.47 -24.03 -22.32
C GLY E 457 -26.83 -24.72 -22.23
N HIS E 458 -26.83 -26.03 -22.33
CA HIS E 458 -28.06 -26.81 -22.25
C HIS E 458 -28.73 -26.59 -20.90
N PRO E 459 -30.06 -26.56 -20.84
CA PRO E 459 -30.74 -26.40 -19.56
C PRO E 459 -30.45 -27.55 -18.60
N GLY E 460 -30.33 -27.21 -17.32
CA GLY E 460 -30.02 -28.19 -16.29
C GLY E 460 -28.73 -27.87 -15.59
N LYS E 461 -28.57 -28.34 -14.34
CA LYS E 461 -27.32 -28.17 -13.62
C LYS E 461 -26.24 -29.08 -14.23
N LYS E 462 -25.01 -28.92 -13.73
CA LYS E 462 -23.85 -29.55 -14.35
C LYS E 462 -23.13 -30.47 -13.37
N LEU E 463 -22.73 -31.64 -13.86
CA LEU E 463 -21.89 -32.59 -13.13
C LEU E 463 -20.85 -33.14 -14.07
N LEU E 464 -19.58 -33.08 -13.66
CA LEU E 464 -18.46 -33.62 -14.42
C LEU E 464 -17.55 -34.41 -13.50
N PHE E 465 -17.18 -35.64 -13.89
CA PHE E 465 -16.31 -36.49 -13.09
C PHE E 465 -14.83 -36.16 -13.31
N MET E 466 -14.02 -36.53 -12.31
CA MET E 466 -12.58 -36.31 -12.29
C MET E 466 -11.92 -36.64 -13.62
N GLY E 467 -10.95 -35.82 -13.99
CA GLY E 467 -10.14 -36.08 -15.16
C GLY E 467 -10.73 -35.66 -16.48
N GLY E 468 -12.06 -35.56 -16.57
CA GLY E 468 -12.67 -35.04 -17.77
C GLY E 468 -12.29 -33.59 -18.00
N GLU E 469 -11.95 -32.87 -16.93
CA GLU E 469 -11.63 -31.45 -17.06
C GLU E 469 -10.27 -31.22 -17.71
N PHE E 470 -9.33 -32.18 -17.66
CA PHE E 470 -8.17 -32.09 -18.54
C PHE E 470 -8.38 -32.83 -19.83
N GLY E 471 -9.47 -33.59 -19.95
CA GLY E 471 -9.61 -34.54 -21.03
C GLY E 471 -8.54 -35.61 -20.97
N GLN E 472 -8.47 -36.32 -19.84
CA GLN E 472 -7.46 -37.36 -19.68
C GLN E 472 -7.76 -38.55 -20.60
N HIS E 473 -6.68 -39.20 -21.05
CA HIS E 473 -6.77 -40.23 -22.09
C HIS E 473 -7.45 -41.52 -21.63
N HIS E 474 -6.98 -42.14 -20.56
CA HIS E 474 -7.49 -43.47 -20.24
C HIS E 474 -8.75 -43.40 -19.41
N GLU E 475 -9.48 -44.50 -19.44
CA GLU E 475 -10.61 -44.70 -18.54
C GLU E 475 -10.13 -44.51 -17.10
N TRP E 476 -11.07 -44.09 -16.26
CA TRP E 476 -10.75 -43.84 -14.86
C TRP E 476 -10.27 -45.13 -14.20
N ASN E 477 -9.04 -45.10 -13.68
CA ASN E 477 -8.47 -46.24 -12.98
C ASN E 477 -8.34 -45.84 -11.51
N HIS E 478 -9.13 -46.49 -10.66
CA HIS E 478 -9.17 -46.18 -9.24
C HIS E 478 -7.94 -46.65 -8.47
N ASP E 479 -7.26 -47.70 -8.95
CA ASP E 479 -6.08 -48.18 -8.23
C ASP E 479 -4.91 -47.23 -8.37
N THR E 480 -5.03 -46.19 -9.19
CA THR E 480 -3.93 -45.28 -9.49
C THR E 480 -4.40 -43.83 -9.41
N GLN E 481 -3.51 -42.92 -9.78
CA GLN E 481 -3.78 -41.49 -9.81
C GLN E 481 -4.24 -41.03 -11.18
N LEU E 482 -4.96 -39.90 -11.19
CA LEU E 482 -5.33 -39.23 -12.42
C LEU E 482 -4.07 -38.77 -13.16
N GLU E 483 -4.20 -38.56 -14.47
CA GLU E 483 -3.08 -38.11 -15.29
C GLU E 483 -2.87 -36.60 -15.12
N TRP E 484 -2.23 -36.23 -14.02
CA TRP E 484 -1.91 -34.81 -13.84
C TRP E 484 -0.77 -34.35 -14.75
N HIS E 485 0.10 -35.26 -15.19
CA HIS E 485 1.17 -34.86 -16.10
C HIS E 485 0.63 -34.30 -17.40
N LEU E 486 -0.60 -34.68 -17.79
CA LEU E 486 -1.19 -34.17 -19.02
C LEU E 486 -1.46 -32.67 -18.94
N LEU E 487 -1.45 -32.09 -17.74
CA LEU E 487 -1.68 -30.65 -17.58
C LEU E 487 -0.57 -29.79 -18.18
N ASP E 488 0.57 -30.38 -18.54
CA ASP E 488 1.63 -29.64 -19.19
C ASP E 488 1.42 -29.51 -20.68
N GLN E 489 0.76 -30.48 -21.30
CA GLN E 489 0.55 -30.41 -22.73
C GLN E 489 -0.56 -29.40 -23.03
N PRO E 490 -0.47 -28.69 -24.16
CA PRO E 490 -1.37 -27.54 -24.34
C PRO E 490 -2.83 -27.91 -24.45
N TYR E 491 -3.16 -28.95 -25.22
CA TYR E 491 -4.56 -29.32 -25.43
C TYR E 491 -5.27 -29.59 -24.10
N HIS E 492 -4.58 -30.18 -23.15
CA HIS E 492 -5.22 -30.59 -21.90
C HIS E 492 -5.30 -29.45 -20.87
N ARG E 493 -4.23 -28.65 -20.73
CA ARG E 493 -4.33 -27.46 -19.89
C ARG E 493 -5.36 -26.49 -20.46
N GLY E 494 -5.53 -26.51 -21.78
CA GLY E 494 -6.55 -25.68 -22.40
C GLY E 494 -7.98 -26.12 -22.10
N ILE E 495 -8.33 -27.43 -22.23
CA ILE E 495 -9.69 -27.84 -21.81
C ILE E 495 -9.93 -27.47 -20.34
N GLN E 496 -8.92 -27.62 -19.48
CA GLN E 496 -9.12 -27.20 -18.08
C GLN E 496 -9.45 -25.71 -18.00
N ALA E 497 -8.76 -24.88 -18.80
CA ALA E 497 -9.05 -23.45 -18.85
C ALA E 497 -10.46 -23.19 -19.39
N TRP E 498 -10.87 -23.95 -20.41
CA TRP E 498 -12.20 -23.78 -20.97
C TRP E 498 -13.29 -24.07 -19.94
N VAL E 499 -13.09 -25.12 -19.14
CA VAL E 499 -14.06 -25.46 -18.09
C VAL E 499 -14.09 -24.39 -17.00
N ARG E 500 -12.92 -23.92 -16.57
CA ARG E 500 -12.85 -22.86 -15.58
C ARG E 500 -13.69 -21.65 -15.99
N ASP E 501 -13.52 -21.19 -17.23
CA ASP E 501 -14.28 -20.04 -17.70
C ASP E 501 -15.76 -20.38 -17.87
N LEU E 502 -16.06 -21.60 -18.32
CA LEU E 502 -17.45 -22.05 -18.38
C LEU E 502 -18.11 -21.96 -17.02
N ASN E 503 -17.43 -22.43 -15.98
CA ASN E 503 -18.02 -22.33 -14.65
C ASN E 503 -18.15 -20.89 -14.22
N HIS E 504 -17.19 -20.03 -14.59
CA HIS E 504 -17.29 -18.61 -14.25
C HIS E 504 -18.51 -17.98 -14.90
N LEU E 505 -18.73 -18.24 -16.20
CA LEU E 505 -19.93 -17.76 -16.86
C LEU E 505 -21.19 -18.25 -16.17
N TYR E 506 -21.22 -19.54 -15.83
CA TYR E 506 -22.38 -20.10 -15.13
C TYR E 506 -22.64 -19.38 -13.81
N ARG E 507 -21.59 -19.16 -13.03
CA ARG E 507 -21.73 -18.56 -11.70
C ARG E 507 -22.23 -17.12 -11.75
N THR E 508 -21.92 -16.39 -12.80
CA THR E 508 -22.16 -14.96 -12.84
C THR E 508 -23.39 -14.57 -13.63
N HIS E 509 -23.75 -15.33 -14.66
CA HIS E 509 -24.85 -14.94 -15.53
C HIS E 509 -26.14 -15.62 -15.12
N PRO E 510 -27.13 -14.87 -14.63
CA PRO E 510 -28.40 -15.48 -14.19
C PRO E 510 -29.24 -16.06 -15.32
N ALA E 511 -28.90 -15.79 -16.58
CA ALA E 511 -29.64 -16.38 -17.69
C ALA E 511 -29.55 -17.89 -17.68
N LEU E 512 -28.49 -18.45 -17.07
CA LEU E 512 -28.28 -19.88 -17.00
C LEU E 512 -28.81 -20.55 -15.75
N TRP E 513 -29.26 -19.77 -14.74
CA TRP E 513 -29.70 -20.38 -13.49
C TRP E 513 -31.06 -21.04 -13.62
N HIS E 514 -31.89 -20.58 -14.56
CA HIS E 514 -33.28 -21.02 -14.68
C HIS E 514 -33.35 -22.07 -15.78
N ASP E 515 -33.48 -23.33 -15.38
CA ASP E 515 -33.50 -24.45 -16.31
C ASP E 515 -34.92 -24.77 -16.80
N GLY E 516 -35.88 -23.89 -16.54
CA GLY E 516 -37.23 -24.05 -17.03
C GLY E 516 -37.36 -23.72 -18.49
N PRO E 517 -38.52 -24.05 -19.07
CA PRO E 517 -38.75 -23.73 -20.50
C PRO E 517 -38.70 -22.24 -20.81
N GLU E 518 -39.19 -21.39 -19.90
CA GLU E 518 -39.03 -19.95 -20.05
C GLU E 518 -37.56 -19.58 -20.19
N GLY E 519 -36.67 -20.37 -19.61
CA GLY E 519 -35.27 -20.04 -19.63
C GLY E 519 -34.55 -20.38 -20.91
N PHE E 520 -35.24 -21.05 -21.84
CA PHE E 520 -34.64 -21.51 -23.09
C PHE E 520 -35.52 -21.12 -24.27
N GLU E 521 -34.91 -20.63 -25.34
CA GLU E 521 -35.58 -20.35 -26.59
C GLU E 521 -34.75 -20.87 -27.77
N TRP E 522 -35.43 -21.47 -28.75
CA TRP E 522 -34.79 -21.91 -29.97
C TRP E 522 -34.47 -20.72 -30.88
N ILE E 523 -33.26 -20.72 -31.45
CA ILE E 523 -32.96 -19.75 -32.49
C ILE E 523 -33.11 -20.38 -33.88
N ASP E 524 -32.39 -21.48 -34.12
CA ASP E 524 -32.55 -22.24 -35.36
C ASP E 524 -32.02 -23.65 -35.16
N PHE E 525 -32.73 -24.62 -35.75
CA PHE E 525 -32.32 -26.02 -35.65
C PHE E 525 -32.21 -26.77 -36.97
N ASN E 526 -32.44 -26.13 -38.12
CA ASN E 526 -32.53 -26.87 -39.37
C ASN E 526 -31.26 -26.79 -40.21
N ASP E 527 -30.18 -26.22 -39.68
CA ASP E 527 -28.93 -26.26 -40.42
C ASP E 527 -28.36 -27.66 -40.21
N ARG E 528 -29.06 -28.63 -40.80
CA ARG E 528 -28.71 -30.02 -40.58
C ARG E 528 -27.56 -30.47 -41.48
N ASP E 529 -27.47 -29.97 -42.72
CA ASP E 529 -26.31 -30.31 -43.51
C ASP E 529 -25.04 -29.75 -42.86
N GLN E 530 -25.06 -28.48 -42.49
CA GLN E 530 -23.86 -27.90 -41.92
C GLN E 530 -23.72 -28.19 -40.45
N SER E 531 -24.72 -28.87 -39.86
CA SER E 531 -24.67 -29.32 -38.48
C SER E 531 -24.40 -28.16 -37.54
N VAL E 532 -25.27 -27.15 -37.63
CA VAL E 532 -25.17 -25.96 -36.78
C VAL E 532 -26.49 -25.83 -36.04
N ILE E 533 -26.36 -25.41 -34.79
CA ILE E 533 -27.41 -25.34 -33.81
C ILE E 533 -27.27 -24.03 -33.04
N CYS E 534 -28.37 -23.24 -32.98
CA CYS E 534 -28.40 -21.97 -32.26
C CYS E 534 -29.58 -21.96 -31.31
N TYR E 535 -29.32 -21.65 -30.04
CA TYR E 535 -30.38 -21.55 -29.05
C TYR E 535 -30.02 -20.45 -28.08
N LEU E 536 -31.02 -20.03 -27.30
CA LEU E 536 -30.89 -18.87 -26.43
C LEU E 536 -31.28 -19.27 -25.01
N ARG E 537 -30.58 -18.71 -24.03
CA ARG E 537 -30.91 -18.91 -22.62
C ARG E 537 -31.09 -17.54 -21.99
N LYS E 538 -32.28 -17.29 -21.45
CA LYS E 538 -32.73 -15.95 -21.08
C LYS E 538 -33.35 -16.00 -19.68
N HIS E 539 -33.07 -14.97 -18.88
CA HIS E 539 -33.86 -14.66 -17.70
C HIS E 539 -34.06 -13.15 -17.66
N THR E 540 -35.33 -12.74 -17.78
CA THR E 540 -35.73 -11.33 -17.85
C THR E 540 -34.93 -10.56 -18.90
N ASP E 541 -34.22 -9.51 -18.44
CA ASP E 541 -33.43 -8.68 -19.35
C ASP E 541 -32.29 -9.46 -19.97
N ARG E 542 -31.77 -10.46 -19.26
CA ARG E 542 -30.53 -11.12 -19.62
C ARG E 542 -30.74 -12.11 -20.78
N LEU E 543 -29.79 -12.11 -21.71
CA LEU E 543 -29.80 -13.02 -22.84
C LEU E 543 -28.41 -13.63 -22.98
N LEU E 544 -28.37 -14.88 -23.43
CA LEU E 544 -27.12 -15.53 -23.80
C LEU E 544 -27.38 -16.33 -25.08
N LEU E 545 -26.54 -16.12 -26.09
CA LEU E 545 -26.73 -16.73 -27.40
C LEU E 545 -25.67 -17.82 -27.61
N PHE E 546 -26.13 -18.97 -28.10
CA PHE E 546 -25.27 -20.13 -28.32
C PHE E 546 -25.32 -20.51 -29.80
N VAL E 547 -24.15 -20.51 -30.45
CA VAL E 547 -24.01 -21.00 -31.81
C VAL E 547 -22.94 -22.10 -31.80
N LEU E 548 -23.30 -23.27 -32.32
CA LEU E 548 -22.49 -24.48 -32.21
C LEU E 548 -22.15 -24.99 -33.60
N ASN E 549 -20.87 -25.12 -33.88
CA ASN E 549 -20.40 -25.67 -35.15
C ASN E 549 -19.83 -27.06 -34.86
N PHE E 550 -20.56 -28.09 -35.29
CA PHE E 550 -20.18 -29.48 -35.00
C PHE E 550 -19.39 -30.11 -36.14
N THR E 551 -18.84 -29.29 -37.04
CA THR E 551 -18.04 -29.76 -38.16
C THR E 551 -16.72 -29.00 -38.22
N PRO E 552 -15.65 -29.65 -38.68
CA PRO E 552 -14.35 -28.96 -38.76
C PRO E 552 -14.32 -27.85 -39.80
N VAL E 553 -15.34 -27.74 -40.65
CA VAL E 553 -15.45 -26.62 -41.57
C VAL E 553 -15.78 -25.35 -40.79
N PRO E 554 -14.97 -24.30 -40.89
CA PRO E 554 -15.43 -23.00 -40.42
C PRO E 554 -16.50 -22.49 -41.36
N ARG E 555 -17.41 -21.70 -40.81
CA ARG E 555 -18.49 -21.12 -41.59
C ARG E 555 -18.36 -19.61 -41.51
N GLU E 556 -18.38 -18.97 -42.66
CA GLU E 556 -18.19 -17.53 -42.75
C GLU E 556 -19.48 -16.88 -43.25
N HIS E 557 -19.69 -15.63 -42.81
CA HIS E 557 -20.88 -14.86 -43.14
C HIS E 557 -22.17 -15.58 -42.72
N TYR E 558 -22.09 -16.36 -41.65
CA TYR E 558 -23.24 -17.05 -41.07
C TYR E 558 -24.12 -16.07 -40.31
N ARG E 559 -25.40 -15.98 -40.69
CA ARG E 559 -26.33 -15.10 -40.00
C ARG E 559 -27.15 -15.88 -38.97
N VAL E 560 -27.34 -15.26 -37.81
CA VAL E 560 -28.05 -15.85 -36.68
C VAL E 560 -29.04 -14.81 -36.17
N GLY E 561 -30.32 -15.16 -36.17
CA GLY E 561 -31.32 -14.24 -35.67
C GLY E 561 -31.15 -13.97 -34.19
N VAL E 562 -31.56 -12.77 -33.79
CA VAL E 562 -31.48 -12.35 -32.39
C VAL E 562 -32.73 -11.57 -32.04
N PRO E 563 -33.14 -11.61 -30.77
CA PRO E 563 -34.36 -10.87 -30.39
C PRO E 563 -34.16 -9.37 -30.44
N ILE E 564 -33.08 -8.88 -29.85
CA ILE E 564 -32.80 -7.46 -29.78
C ILE E 564 -31.65 -7.11 -30.72
N GLY E 565 -31.69 -5.89 -31.22
CA GLY E 565 -30.61 -5.34 -32.02
C GLY E 565 -29.62 -4.64 -31.12
N GLY E 566 -28.62 -4.04 -31.75
CA GLY E 566 -27.68 -3.24 -31.02
C GLY E 566 -26.34 -3.93 -30.95
N PRO E 567 -25.44 -3.44 -30.11
CA PRO E 567 -24.12 -4.06 -30.00
C PRO E 567 -24.18 -5.39 -29.27
N TRP E 568 -23.52 -6.39 -29.84
CA TRP E 568 -23.32 -7.69 -29.20
C TRP E 568 -21.83 -7.98 -29.14
N ARG E 569 -21.37 -8.58 -28.04
CA ARG E 569 -20.00 -9.05 -27.89
C ARG E 569 -20.02 -10.55 -27.64
N GLU E 570 -18.97 -11.25 -28.07
CA GLU E 570 -18.87 -12.69 -27.82
C GLU E 570 -18.11 -12.88 -26.52
N VAL E 571 -18.81 -13.39 -25.50
CA VAL E 571 -18.22 -13.54 -24.18
C VAL E 571 -17.38 -14.80 -24.09
N LEU E 572 -17.62 -15.78 -24.96
CA LEU E 572 -16.85 -17.02 -24.95
C LEU E 572 -16.73 -17.56 -26.37
N ASN E 573 -15.54 -18.06 -26.68
CA ASN E 573 -15.23 -18.69 -27.97
C ASN E 573 -14.40 -19.93 -27.68
N SER E 574 -14.98 -21.11 -27.89
CA SER E 574 -14.26 -22.36 -27.63
C SER E 574 -12.95 -22.46 -28.41
N ASP E 575 -12.89 -21.84 -29.57
CA ASP E 575 -11.74 -21.95 -30.47
C ASP E 575 -10.63 -20.96 -30.15
N ALA E 576 -10.78 -20.15 -29.10
CA ALA E 576 -9.74 -19.22 -28.68
C ALA E 576 -8.44 -19.95 -28.38
N VAL E 577 -7.32 -19.28 -28.68
CA VAL E 577 -6.00 -19.89 -28.50
C VAL E 577 -5.75 -20.21 -27.03
N ALA E 578 -6.34 -19.44 -26.12
CA ALA E 578 -6.20 -19.70 -24.69
C ALA E 578 -6.66 -21.09 -24.31
N TYR E 579 -7.54 -21.69 -25.11
CA TYR E 579 -8.02 -23.05 -24.88
C TYR E 579 -7.33 -24.10 -25.73
N GLY E 580 -6.44 -23.70 -26.63
CA GLY E 580 -5.82 -24.64 -27.54
C GLY E 580 -6.50 -24.75 -28.88
N GLY E 581 -7.24 -23.72 -29.31
CA GLY E 581 -8.03 -23.75 -30.52
C GLY E 581 -7.36 -23.04 -31.70
N SER E 582 -8.02 -23.16 -32.86
CA SER E 582 -7.51 -22.54 -34.09
C SER E 582 -7.35 -21.03 -33.97
N GLY E 583 -8.19 -20.37 -33.17
CA GLY E 583 -8.09 -18.93 -33.01
C GLY E 583 -8.98 -18.08 -33.90
N MET E 584 -9.89 -18.68 -34.67
CA MET E 584 -10.87 -17.83 -35.34
C MET E 584 -11.93 -17.40 -34.33
N GLY E 585 -12.75 -16.44 -34.74
CA GLY E 585 -13.78 -15.91 -33.89
C GLY E 585 -14.10 -14.48 -34.28
N ASN E 586 -14.92 -13.84 -33.47
CA ASN E 586 -15.33 -12.44 -33.66
C ASN E 586 -14.66 -11.60 -32.57
N PHE E 587 -13.60 -10.86 -32.93
CA PHE E 587 -12.90 -10.02 -31.96
C PHE E 587 -13.58 -8.68 -31.75
N GLY E 588 -13.82 -7.93 -32.82
CA GLY E 588 -14.48 -6.65 -32.69
C GLY E 588 -15.95 -6.77 -32.33
N ARG E 589 -16.52 -5.63 -31.95
CA ARG E 589 -17.94 -5.54 -31.63
C ARG E 589 -18.77 -6.11 -32.77
N VAL E 590 -19.67 -7.03 -32.44
CA VAL E 590 -20.60 -7.56 -33.42
C VAL E 590 -21.89 -6.77 -33.27
N GLU E 591 -22.16 -5.91 -34.25
CA GLU E 591 -23.39 -5.07 -34.22
C GLU E 591 -24.49 -5.79 -35.00
N ALA E 592 -25.70 -5.81 -34.45
CA ALA E 592 -26.85 -6.49 -35.11
C ALA E 592 -27.22 -5.78 -36.41
N VAL E 593 -27.68 -6.56 -37.40
CA VAL E 593 -28.12 -5.97 -38.70
C VAL E 593 -29.65 -6.04 -38.68
N PRO E 594 -30.38 -4.94 -38.98
CA PRO E 594 -31.82 -5.00 -38.85
C PRO E 594 -32.47 -5.61 -40.07
N GLU E 595 -32.18 -6.89 -40.30
CA GLU E 595 -32.84 -7.64 -41.39
C GLU E 595 -33.41 -8.91 -40.74
N SER E 596 -34.66 -9.26 -41.01
CA SER E 596 -35.22 -10.42 -40.28
C SER E 596 -34.46 -11.71 -40.62
N TRP E 597 -34.15 -12.52 -39.61
CA TRP E 597 -33.54 -13.84 -39.88
C TRP E 597 -34.13 -14.83 -38.88
N HIS E 598 -34.22 -16.10 -39.27
CA HIS E 598 -34.81 -17.13 -38.37
C HIS E 598 -36.04 -16.56 -37.66
N GLY E 599 -36.86 -15.75 -38.35
CA GLY E 599 -38.05 -15.26 -37.70
C GLY E 599 -37.78 -14.29 -36.57
N ARG E 600 -36.60 -13.67 -36.55
CA ARG E 600 -36.21 -12.72 -35.51
C ARG E 600 -36.05 -11.34 -36.14
N PRO E 601 -36.24 -10.26 -35.37
CA PRO E 601 -36.21 -8.93 -36.00
C PRO E 601 -34.87 -8.55 -36.59
N PHE E 602 -33.78 -8.82 -35.86
CA PHE E 602 -32.43 -8.49 -36.29
C PHE E 602 -31.64 -9.77 -36.46
N HIS E 603 -30.40 -9.64 -36.94
CA HIS E 603 -29.53 -10.80 -37.06
C HIS E 603 -28.07 -10.37 -36.97
N LEU E 604 -27.24 -11.31 -36.55
CA LEU E 604 -25.79 -11.16 -36.53
C LEU E 604 -25.19 -12.00 -37.64
N GLU E 605 -24.24 -11.43 -38.38
CA GLU E 605 -23.47 -12.19 -39.36
C GLU E 605 -22.17 -12.56 -38.66
N LEU E 606 -22.01 -13.84 -38.34
CA LEU E 606 -20.91 -14.29 -37.50
C LEU E 606 -20.02 -15.26 -38.28
N THR E 607 -18.83 -15.46 -37.74
CA THR E 607 -17.91 -16.48 -38.22
C THR E 607 -17.84 -17.58 -37.17
N LEU E 608 -18.17 -18.81 -37.60
CA LEU E 608 -18.20 -19.94 -36.70
C LEU E 608 -16.90 -20.72 -36.84
N PRO E 609 -16.10 -20.81 -35.79
CA PRO E 609 -14.82 -21.53 -35.90
C PRO E 609 -15.07 -23.03 -36.01
N PRO E 610 -14.05 -23.80 -36.37
CA PRO E 610 -14.23 -25.26 -36.47
C PRO E 610 -14.52 -25.89 -35.11
N LEU E 611 -15.44 -26.86 -35.10
CA LEU E 611 -15.77 -27.61 -33.86
C LEU E 611 -15.70 -26.67 -32.64
N ALA E 612 -16.47 -25.58 -32.67
CA ALA E 612 -16.38 -24.58 -31.57
C ALA E 612 -17.77 -24.14 -31.13
N ILE E 613 -17.86 -23.66 -29.88
CA ILE E 613 -19.15 -23.13 -29.36
C ILE E 613 -18.96 -21.62 -29.14
N LEU E 614 -19.90 -20.82 -29.62
CA LEU E 614 -19.81 -19.35 -29.45
C LEU E 614 -20.90 -18.93 -28.44
N ILE E 615 -20.50 -18.20 -27.41
CA ILE E 615 -21.50 -17.66 -26.43
C ILE E 615 -21.47 -16.14 -26.56
N LEU E 616 -22.63 -15.51 -26.75
CA LEU E 616 -22.65 -14.05 -27.01
C LEU E 616 -23.62 -13.33 -26.06
N GLU E 617 -23.24 -12.13 -25.61
CA GLU E 617 -24.03 -11.32 -24.72
C GLU E 617 -24.25 -9.97 -25.37
N PRO E 618 -25.45 -9.42 -25.30
CA PRO E 618 -25.63 -8.02 -25.72
C PRO E 618 -24.88 -7.13 -24.76
N GLU E 619 -24.49 -5.95 -25.24
CA GLU E 619 -23.66 -5.09 -24.42
C GLU E 619 -24.56 -4.09 -23.68
N SER E 620 -24.16 -3.79 -22.45
CA SER E 620 -25.01 -3.08 -21.51
C SER E 620 -24.62 -1.60 -21.40
N SER F 2 -4.77 -14.79 76.70
CA SER F 2 -5.01 -16.16 76.26
C SER F 2 -6.40 -16.41 75.68
N TRP F 3 -7.42 -15.67 76.13
CA TRP F 3 -8.75 -15.91 75.58
C TRP F 3 -8.74 -15.76 74.07
N LEU F 4 -7.78 -15.02 73.54
CA LEU F 4 -7.72 -14.66 72.13
C LEU F 4 -6.36 -15.05 71.59
N THR F 5 -6.37 -15.98 70.65
CA THR F 5 -5.34 -16.13 69.65
C THR F 5 -4.86 -14.85 68.93
N GLU F 6 -3.66 -14.89 68.32
CA GLU F 6 -3.25 -13.80 67.43
C GLU F 6 -4.06 -13.84 66.15
N GLU F 7 -4.36 -15.05 65.65
CA GLU F 7 -5.18 -15.16 64.46
C GLU F 7 -6.58 -14.59 64.69
N ASP F 8 -7.05 -14.50 65.93
CA ASP F 8 -8.35 -13.90 66.22
C ASP F 8 -8.27 -12.39 66.08
N ILE F 9 -7.34 -11.78 66.80
CA ILE F 9 -7.17 -10.33 66.75
C ILE F 9 -6.97 -9.88 65.30
N ARG F 10 -6.04 -10.53 64.60
CA ARG F 10 -5.71 -10.09 63.25
C ARG F 10 -6.80 -10.46 62.24
N ARG F 11 -7.57 -11.52 62.51
CA ARG F 11 -8.79 -11.72 61.73
C ARG F 11 -9.79 -10.61 62.02
N TRP F 12 -9.85 -10.16 63.27
CA TRP F 12 -10.79 -9.10 63.62
C TRP F 12 -10.47 -7.81 62.88
N GLU F 13 -9.24 -7.31 63.04
CA GLU F 13 -8.70 -6.20 62.26
C GLU F 13 -9.06 -6.31 60.78
N SER F 14 -8.89 -7.50 60.22
CA SER F 14 -8.95 -7.68 58.78
C SER F 14 -10.36 -7.76 58.23
N GLY F 15 -11.39 -7.73 59.07
CA GLY F 15 -12.72 -7.79 58.53
C GLY F 15 -13.18 -9.17 58.10
N THR F 16 -12.59 -10.23 58.66
CA THR F 16 -12.77 -11.58 58.15
C THR F 16 -13.14 -12.59 59.23
N PHE F 17 -13.32 -12.16 60.49
CA PHE F 17 -13.60 -13.07 61.60
C PHE F 17 -15.09 -13.39 61.61
N TYR F 18 -15.47 -14.32 60.74
CA TYR F 18 -16.85 -14.75 60.62
C TYR F 18 -17.23 -15.81 61.64
N ASP F 19 -16.29 -16.19 62.51
CA ASP F 19 -16.59 -17.00 63.69
C ASP F 19 -16.67 -16.16 64.96
N SER F 20 -16.67 -14.83 64.83
CA SER F 20 -16.50 -13.95 65.98
C SER F 20 -17.43 -14.29 67.15
N TYR F 21 -18.61 -14.84 66.85
CA TYR F 21 -19.50 -15.23 67.94
C TYR F 21 -18.84 -16.29 68.82
N ARG F 22 -17.92 -17.08 68.26
CA ARG F 22 -17.25 -18.12 69.03
C ARG F 22 -16.40 -17.52 70.14
N LYS F 23 -15.94 -16.27 69.96
CA LYS F 23 -15.08 -15.63 70.95
C LYS F 23 -15.72 -14.40 71.60
N LEU F 24 -16.65 -13.73 70.92
CA LEU F 24 -17.23 -12.50 71.45
C LEU F 24 -18.55 -12.78 72.17
N GLY F 25 -18.79 -12.00 73.22
CA GLY F 25 -19.93 -12.19 74.07
C GLY F 25 -19.59 -12.92 75.35
N ALA F 26 -20.62 -13.46 76.00
CA ALA F 26 -20.39 -14.21 77.26
C ALA F 26 -20.24 -15.70 76.94
N HIS F 27 -19.06 -16.25 77.22
CA HIS F 27 -18.80 -17.69 76.95
C HIS F 27 -18.71 -18.43 78.29
N PRO F 28 -19.77 -19.13 78.70
CA PRO F 28 -19.79 -19.79 80.00
C PRO F 28 -18.81 -20.94 80.20
N ASP F 29 -18.25 -21.03 81.40
CA ASP F 29 -17.37 -22.18 81.78
C ASP F 29 -17.95 -22.58 83.14
N GLU F 30 -17.78 -23.83 83.57
CA GLU F 30 -18.49 -24.21 84.81
C GLU F 30 -18.01 -23.37 86.01
N GLU F 31 -16.70 -23.14 86.14
CA GLU F 31 -16.20 -22.25 87.23
C GLU F 31 -16.63 -20.79 87.06
N GLY F 32 -16.59 -20.24 85.83
CA GLY F 32 -16.86 -18.80 85.63
C GLY F 32 -17.22 -18.48 84.19
N THR F 33 -17.73 -17.28 83.91
CA THR F 33 -18.00 -16.92 82.50
C THR F 33 -16.94 -15.99 81.92
N TRP F 34 -16.48 -16.26 80.70
CA TRP F 34 -15.56 -15.35 79.96
C TRP F 34 -16.38 -14.22 79.31
N PHE F 35 -15.81 -13.03 79.20
CA PHE F 35 -16.49 -11.89 78.59
C PHE F 35 -15.57 -11.23 77.59
N CYS F 36 -16.08 -10.93 76.41
CA CYS F 36 -15.31 -10.25 75.38
C CYS F 36 -16.20 -9.23 74.68
N VAL F 37 -15.68 -8.01 74.52
CA VAL F 37 -16.44 -6.91 73.95
C VAL F 37 -15.53 -6.13 73.02
N TRP F 38 -16.10 -5.61 71.93
CA TRP F 38 -15.36 -4.77 70.98
C TRP F 38 -15.73 -3.32 71.29
N ALA F 39 -14.78 -2.60 71.90
CA ALA F 39 -14.97 -1.19 72.25
C ALA F 39 -13.65 -0.47 72.01
N PRO F 40 -13.37 -0.11 70.74
CA PRO F 40 -12.05 0.44 70.43
C PRO F 40 -11.77 1.79 71.07
N HIS F 41 -12.75 2.69 71.15
CA HIS F 41 -12.53 4.01 71.74
C HIS F 41 -12.86 4.06 73.23
N ALA F 42 -12.92 2.90 73.89
CA ALA F 42 -13.19 2.85 75.33
C ALA F 42 -11.88 2.92 76.09
N ASP F 43 -11.81 3.80 77.09
CA ASP F 43 -10.65 3.82 77.97
C ASP F 43 -10.73 2.72 79.03
N ALA F 44 -11.94 2.36 79.43
CA ALA F 44 -12.15 1.30 80.40
C ALA F 44 -13.42 0.53 80.06
N VAL F 45 -13.42 -0.75 80.42
CA VAL F 45 -14.56 -1.64 80.24
C VAL F 45 -14.67 -2.53 81.46
N SER F 46 -15.86 -2.63 82.03
CA SER F 46 -16.08 -3.51 83.18
C SER F 46 -17.36 -4.30 82.98
N VAL F 47 -17.33 -5.57 83.40
CA VAL F 47 -18.50 -6.43 83.42
C VAL F 47 -19.10 -6.40 84.82
N LEU F 48 -20.41 -6.22 84.90
CA LEU F 48 -21.12 -6.09 86.16
C LEU F 48 -22.18 -7.18 86.25
N GLY F 49 -22.56 -7.53 87.47
CA GLY F 49 -23.55 -8.58 87.65
C GLY F 49 -23.80 -8.85 89.11
N ALA F 50 -24.86 -9.62 89.35
CA ALA F 50 -25.12 -10.13 90.69
C ALA F 50 -23.93 -10.91 91.22
N PHE F 51 -23.14 -11.50 90.32
CA PHE F 51 -21.99 -12.31 90.68
C PHE F 51 -20.83 -11.49 91.26
N ASN F 52 -20.98 -10.17 91.42
CA ASN F 52 -19.94 -9.38 92.08
C ASN F 52 -20.51 -8.09 92.66
N ASN F 53 -21.78 -8.10 93.06
CA ASN F 53 -22.44 -6.94 93.65
C ASN F 53 -22.37 -5.71 92.75
N TRP F 54 -22.33 -5.93 91.44
CA TRP F 54 -22.42 -4.84 90.46
C TRP F 54 -21.27 -3.84 90.65
N ASP F 55 -20.11 -4.34 91.05
CA ASP F 55 -18.99 -3.47 91.38
C ASP F 55 -18.21 -3.11 90.11
N PRO F 56 -18.16 -1.83 89.73
CA PRO F 56 -17.48 -1.46 88.47
C PRO F 56 -15.98 -1.72 88.48
N GLU F 57 -15.43 -2.20 89.58
CA GLU F 57 -13.99 -2.46 89.66
C GLU F 57 -13.63 -3.89 90.04
N ALA F 58 -14.62 -4.74 90.34
CA ALA F 58 -14.33 -6.13 90.68
C ALA F 58 -13.68 -6.86 89.51
N HIS F 59 -14.25 -6.73 88.32
CA HIS F 59 -13.77 -7.45 87.14
C HIS F 59 -13.81 -6.48 85.95
N GLN F 60 -12.64 -5.94 85.61
CA GLN F 60 -12.51 -5.02 84.47
C GLN F 60 -11.69 -5.71 83.40
N LEU F 61 -12.34 -6.05 82.29
CA LEU F 61 -11.69 -6.71 81.16
C LEU F 61 -10.42 -5.97 80.76
N GLU F 62 -9.42 -6.75 80.36
CA GLU F 62 -8.14 -6.24 79.92
C GLU F 62 -8.17 -5.97 78.43
N ARG F 63 -7.39 -4.98 77.99
CA ARG F 63 -7.40 -4.55 76.60
C ARG F 63 -6.41 -5.38 75.78
N TYR F 64 -6.93 -5.99 74.71
CA TYR F 64 -6.14 -6.63 73.67
C TYR F 64 -6.25 -5.80 72.40
N GLY F 65 -5.72 -6.33 71.30
CA GLY F 65 -5.65 -5.60 70.06
C GLY F 65 -6.99 -5.39 69.36
N ALA F 66 -6.92 -4.62 68.27
CA ALA F 66 -8.07 -4.37 67.39
C ALA F 66 -9.29 -3.83 68.15
N GLY F 67 -9.04 -3.23 69.31
CA GLY F 67 -10.13 -2.68 70.09
C GLY F 67 -10.98 -3.70 70.82
N LEU F 68 -10.46 -4.91 71.02
CA LEU F 68 -11.19 -5.96 71.73
C LEU F 68 -10.77 -6.00 73.18
N TRP F 69 -11.75 -6.22 74.06
CA TRP F 69 -11.53 -6.36 75.49
C TRP F 69 -12.02 -7.74 75.91
N ALA F 70 -11.34 -8.35 76.87
CA ALA F 70 -11.73 -9.68 77.32
C ALA F 70 -11.26 -9.93 78.74
N GLY F 71 -12.11 -10.60 79.52
CA GLY F 71 -11.78 -10.98 80.88
C GLY F 71 -12.66 -12.11 81.35
N TYR F 72 -12.15 -12.86 82.32
CA TYR F 72 -12.83 -14.03 82.87
C TYR F 72 -13.24 -13.77 84.31
N VAL F 73 -14.49 -14.02 84.63
CA VAL F 73 -15.06 -13.73 85.95
C VAL F 73 -15.39 -15.06 86.63
N PRO F 74 -14.67 -15.46 87.68
CA PRO F 74 -15.06 -16.64 88.43
C PRO F 74 -16.36 -16.39 89.19
N GLY F 75 -17.31 -17.30 89.03
CA GLY F 75 -18.59 -17.19 89.71
C GLY F 75 -19.72 -16.65 88.86
N ALA F 76 -19.47 -16.26 87.62
CA ALA F 76 -20.52 -15.86 86.70
C ALA F 76 -21.05 -17.10 86.00
N LEU F 77 -22.33 -17.40 86.18
CA LEU F 77 -22.92 -18.65 85.76
C LEU F 77 -24.04 -18.42 84.76
N PRO F 78 -24.45 -19.45 84.03
CA PRO F 78 -25.58 -19.30 83.10
C PRO F 78 -26.82 -18.76 83.82
N GLY F 79 -27.59 -17.95 83.10
CA GLY F 79 -28.76 -17.30 83.68
C GLY F 79 -28.46 -16.04 84.47
N HIS F 80 -27.20 -15.79 84.82
CA HIS F 80 -26.81 -14.54 85.47
C HIS F 80 -26.86 -13.38 84.50
N ALA F 81 -27.66 -12.37 84.84
CA ALA F 81 -27.71 -11.15 84.07
C ALA F 81 -26.42 -10.36 84.26
N TYR F 82 -25.90 -9.82 83.17
CA TYR F 82 -24.67 -9.04 83.21
C TYR F 82 -24.86 -7.75 82.45
N LYS F 83 -23.87 -6.87 82.59
CA LYS F 83 -23.92 -5.56 81.94
C LYS F 83 -22.51 -5.04 81.76
N TYR F 84 -22.32 -4.23 80.73
CA TYR F 84 -21.03 -3.64 80.40
C TYR F 84 -21.04 -2.19 80.85
N ARG F 85 -20.11 -1.83 81.73
CA ARG F 85 -19.89 -0.46 82.13
C ARG F 85 -18.64 0.03 81.40
N ILE F 86 -18.85 0.86 80.39
CA ILE F 86 -17.79 1.34 79.51
C ILE F 86 -17.52 2.79 79.83
N ARG F 87 -16.24 3.16 79.94
CA ARG F 87 -15.85 4.53 80.23
C ARG F 87 -15.15 5.13 79.03
N HIS F 88 -15.60 6.30 78.61
CA HIS F 88 -14.99 7.07 77.54
C HIS F 88 -14.64 8.45 78.11
N GLY F 89 -13.35 8.64 78.41
CA GLY F 89 -12.88 9.89 78.98
C GLY F 89 -13.59 10.25 80.27
N PHE F 90 -14.43 11.28 80.22
CA PHE F 90 -15.11 11.76 81.42
C PHE F 90 -16.32 10.92 81.78
N TYR F 91 -16.93 10.22 80.82
CA TYR F 91 -18.24 9.64 81.01
C TYR F 91 -18.19 8.12 80.90
N GLN F 92 -19.03 7.47 81.71
CA GLN F 92 -19.22 6.03 81.71
C GLN F 92 -20.67 5.72 81.35
N ALA F 93 -20.89 4.55 80.76
CA ALA F 93 -22.25 4.15 80.40
C ALA F 93 -22.41 2.64 80.57
N ASP F 94 -23.61 2.24 80.96
CA ASP F 94 -23.99 0.85 81.06
C ASP F 94 -24.59 0.39 79.74
N LYS F 95 -24.08 -0.71 79.18
CA LYS F 95 -24.51 -1.16 77.86
C LYS F 95 -24.75 -2.67 77.82
N THR F 96 -25.74 -3.07 77.02
CA THR F 96 -25.91 -4.46 76.61
C THR F 96 -24.63 -5.07 76.06
N ASP F 97 -24.62 -6.40 76.00
CA ASP F 97 -23.70 -7.11 75.14
C ASP F 97 -24.26 -7.14 73.72
N PRO F 98 -23.57 -6.58 72.73
CA PRO F 98 -24.05 -6.69 71.34
C PRO F 98 -24.10 -8.13 70.88
N TYR F 99 -23.25 -9.00 71.42
CA TYR F 99 -23.20 -10.41 71.07
C TYR F 99 -23.99 -11.28 72.03
N ALA F 100 -24.79 -10.69 72.92
CA ALA F 100 -25.58 -11.46 73.87
C ALA F 100 -26.34 -12.56 73.16
N PHE F 101 -26.24 -13.78 73.68
CA PHE F 101 -26.90 -14.93 73.07
C PHE F 101 -28.33 -15.10 73.53
N ALA F 102 -28.70 -14.51 74.67
CA ALA F 102 -30.06 -14.49 75.16
C ALA F 102 -30.26 -13.24 76.00
N MET F 103 -31.46 -12.68 75.93
CA MET F 103 -31.80 -11.51 76.72
C MET F 103 -33.19 -11.68 77.32
N GLU F 104 -33.44 -10.93 78.39
CA GLU F 104 -34.64 -11.04 79.20
C GLU F 104 -34.95 -9.67 79.79
N PRO F 105 -36.22 -9.32 79.95
CA PRO F 105 -36.57 -8.04 80.56
C PRO F 105 -36.58 -8.16 82.08
N PRO F 106 -35.77 -7.37 82.78
CA PRO F 106 -35.74 -7.49 84.26
C PRO F 106 -37.07 -7.17 84.91
N THR F 107 -37.80 -6.19 84.41
CA THR F 107 -39.10 -5.85 84.97
C THR F 107 -40.23 -6.72 84.46
N GLY F 108 -39.94 -7.67 83.57
CA GLY F 108 -40.99 -8.39 82.87
C GLY F 108 -41.61 -7.63 81.71
N SER F 109 -41.20 -6.38 81.49
CA SER F 109 -41.67 -5.57 80.38
C SER F 109 -40.48 -5.14 79.54
N PRO F 110 -40.43 -5.48 78.25
CA PRO F 110 -39.21 -5.24 77.47
C PRO F 110 -38.94 -3.77 77.19
N ILE F 111 -39.96 -3.00 76.80
CA ILE F 111 -39.82 -1.56 76.57
C ILE F 111 -39.05 -0.89 77.70
N GLU F 112 -39.16 -1.43 78.92
CA GLU F 112 -38.44 -0.86 80.05
C GLU F 112 -37.07 -1.48 80.24
N GLY F 113 -36.90 -2.75 79.85
CA GLY F 113 -35.70 -3.45 80.23
C GLY F 113 -34.92 -4.06 79.10
N LEU F 114 -34.86 -5.40 79.11
CA LEU F 114 -33.93 -6.20 78.33
C LEU F 114 -32.54 -6.08 78.90
N ALA F 115 -32.03 -7.18 79.44
CA ALA F 115 -30.67 -7.28 79.94
C ALA F 115 -30.03 -8.53 79.34
N SER F 116 -28.72 -8.48 79.19
CA SER F 116 -27.99 -9.61 78.66
C SER F 116 -27.89 -10.71 79.71
N ILE F 117 -27.98 -11.96 79.26
CA ILE F 117 -28.04 -13.13 80.14
C ILE F 117 -26.99 -14.14 79.69
N ILE F 118 -26.15 -14.59 80.64
CA ILE F 118 -25.19 -15.63 80.31
C ILE F 118 -25.93 -16.90 79.94
N THR F 119 -25.48 -17.55 78.86
CA THR F 119 -26.24 -18.65 78.28
C THR F 119 -25.30 -19.69 77.69
N ARG F 120 -25.63 -20.96 77.92
CA ARG F 120 -25.01 -22.08 77.22
C ARG F 120 -25.91 -22.50 76.06
N LEU F 121 -25.34 -22.66 74.88
CA LEU F 121 -26.09 -22.97 73.67
C LEU F 121 -26.04 -24.44 73.30
N ASP F 122 -25.73 -25.31 74.27
CA ASP F 122 -25.71 -26.75 74.07
C ASP F 122 -27.06 -27.23 73.54
N TYR F 123 -27.03 -27.95 72.42
CA TYR F 123 -28.25 -28.57 71.91
C TYR F 123 -27.90 -29.79 71.09
N THR F 124 -28.69 -30.85 71.25
CA THR F 124 -28.54 -32.09 70.49
C THR F 124 -29.62 -32.15 69.43
N TRP F 125 -29.20 -32.15 68.17
CA TRP F 125 -30.11 -32.08 67.03
C TRP F 125 -30.49 -33.48 66.54
N HIS F 126 -31.59 -33.53 65.79
CA HIS F 126 -32.04 -34.75 65.16
C HIS F 126 -32.45 -34.50 63.70
N ASP F 127 -32.00 -33.38 63.13
CA ASP F 127 -32.40 -32.94 61.80
C ASP F 127 -31.39 -33.30 60.73
N ASP F 128 -30.46 -34.22 61.03
CA ASP F 128 -29.40 -34.58 60.08
C ASP F 128 -29.96 -34.88 58.69
N ALA F 129 -31.06 -35.64 58.64
CA ALA F 129 -31.62 -36.05 57.36
C ALA F 129 -32.05 -34.84 56.54
N TRP F 130 -32.74 -33.88 57.16
CA TRP F 130 -33.19 -32.70 56.44
C TRP F 130 -32.01 -31.92 55.87
N MET F 131 -30.88 -31.88 56.57
CA MET F 131 -29.78 -31.00 56.20
C MET F 131 -28.84 -31.60 55.16
N GLN F 132 -28.76 -32.93 55.07
CA GLN F 132 -28.03 -33.53 53.97
C GLN F 132 -28.92 -33.71 52.74
N ARG F 133 -30.20 -33.36 52.84
CA ARG F 133 -31.14 -33.35 51.72
C ARG F 133 -31.57 -31.95 51.31
N ARG F 134 -31.60 -31.00 52.25
CA ARG F 134 -31.98 -29.63 51.95
C ARG F 134 -31.29 -29.16 50.68
N LYS F 135 -31.98 -28.31 49.91
CA LYS F 135 -31.48 -27.86 48.62
C LYS F 135 -31.53 -26.34 48.57
N GLY F 136 -30.38 -25.71 48.40
CA GLY F 136 -30.29 -24.26 48.37
C GLY F 136 -30.48 -23.69 46.98
N PRO F 137 -29.37 -23.44 46.27
CA PRO F 137 -29.48 -22.90 44.91
C PRO F 137 -30.22 -23.84 43.96
N ALA F 138 -30.06 -25.15 44.15
CA ALA F 138 -30.78 -26.10 43.31
C ALA F 138 -32.28 -25.94 43.41
N SER F 139 -32.79 -25.30 44.47
CA SER F 139 -34.21 -25.10 44.65
C SER F 139 -34.86 -24.28 43.54
N LEU F 140 -34.06 -23.69 42.64
CA LEU F 140 -34.63 -22.97 41.51
C LEU F 140 -35.52 -23.88 40.67
N TYR F 141 -35.22 -25.18 40.63
CA TYR F 141 -35.91 -26.14 39.79
C TYR F 141 -36.81 -27.05 40.62
N GLU F 142 -37.27 -26.55 41.76
CA GLU F 142 -38.10 -27.29 42.71
C GLU F 142 -39.22 -26.39 43.17
N PRO F 143 -40.31 -26.96 43.69
CA PRO F 143 -41.40 -26.11 44.21
C PRO F 143 -40.98 -25.47 45.53
N VAL F 144 -41.20 -24.16 45.62
CA VAL F 144 -40.94 -23.39 46.82
C VAL F 144 -42.22 -22.65 47.17
N SER F 145 -42.91 -23.09 48.21
CA SER F 145 -44.13 -22.47 48.71
C SER F 145 -43.86 -22.00 50.13
N ILE F 146 -43.71 -20.69 50.30
CA ILE F 146 -43.29 -20.11 51.57
C ILE F 146 -44.51 -19.53 52.28
N TYR F 147 -44.74 -19.99 53.51
CA TYR F 147 -45.80 -19.46 54.37
C TYR F 147 -45.18 -18.44 55.31
N GLU F 148 -45.57 -17.17 55.16
CA GLU F 148 -44.98 -16.11 55.98
C GLU F 148 -45.67 -16.04 57.34
N VAL F 149 -44.88 -16.04 58.41
CA VAL F 149 -45.41 -16.21 59.75
C VAL F 149 -44.75 -15.23 60.71
N HIS F 150 -45.58 -14.53 61.49
CA HIS F 150 -45.16 -13.89 62.73
C HIS F 150 -45.68 -14.75 63.87
N LEU F 151 -44.75 -15.28 64.69
CA LEU F 151 -45.12 -16.29 65.67
C LEU F 151 -46.15 -15.76 66.67
N GLY F 152 -45.94 -14.55 67.19
CA GLY F 152 -46.84 -14.04 68.21
C GLY F 152 -48.27 -13.87 67.71
N SER F 153 -48.43 -13.44 66.46
CA SER F 153 -49.75 -13.18 65.92
C SER F 153 -50.43 -14.41 65.34
N TRP F 154 -49.70 -15.53 65.18
CA TRP F 154 -50.29 -16.70 64.54
C TRP F 154 -51.42 -17.28 65.38
N ARG F 155 -51.10 -17.75 66.58
CA ARG F 155 -52.08 -18.39 67.44
C ARG F 155 -51.72 -18.08 68.88
N HIS F 156 -52.72 -18.09 69.75
CA HIS F 156 -52.54 -17.77 71.15
C HIS F 156 -53.03 -18.92 72.02
N LYS F 157 -52.21 -19.31 73.02
CA LYS F 157 -52.66 -20.36 73.94
C LYS F 157 -53.83 -19.87 74.78
N GLN F 158 -53.79 -18.61 75.19
CA GLN F 158 -54.91 -17.89 75.78
C GLN F 158 -54.82 -16.46 75.26
N PRO F 159 -55.95 -15.73 75.23
CA PRO F 159 -55.95 -14.40 74.62
C PRO F 159 -54.86 -13.49 75.17
N GLY F 160 -54.09 -12.89 74.25
CA GLY F 160 -52.98 -12.02 74.61
C GLY F 160 -51.69 -12.73 74.93
N VAL F 161 -51.65 -14.06 74.79
CA VAL F 161 -50.50 -14.87 75.16
C VAL F 161 -50.09 -15.68 73.94
N SER F 162 -48.87 -15.48 73.46
CA SER F 162 -48.46 -16.25 72.30
C SER F 162 -48.05 -17.67 72.69
N PHE F 163 -48.01 -18.53 71.68
CA PHE F 163 -47.52 -19.89 71.87
C PHE F 163 -46.01 -19.86 72.16
N SER F 164 -45.56 -20.76 73.03
CA SER F 164 -44.13 -20.95 73.20
C SER F 164 -43.50 -21.43 71.89
N TYR F 165 -42.17 -21.34 71.82
CA TYR F 165 -41.44 -21.99 70.74
C TYR F 165 -41.83 -23.45 70.65
N ARG F 166 -41.62 -24.19 71.74
CA ARG F 166 -41.98 -25.60 71.77
C ARG F 166 -43.48 -25.79 71.62
N GLU F 167 -44.27 -24.89 72.21
CA GLU F 167 -45.72 -25.04 72.15
C GLU F 167 -46.24 -24.90 70.72
N ILE F 168 -45.64 -23.99 69.94
CA ILE F 168 -46.12 -23.75 68.59
C ILE F 168 -45.63 -24.80 67.60
N ALA F 169 -44.65 -25.62 68.00
CA ALA F 169 -44.01 -26.56 67.08
C ALA F 169 -45.03 -27.46 66.39
N GLU F 170 -45.87 -28.12 67.17
CA GLU F 170 -46.80 -29.08 66.57
C GLU F 170 -47.94 -28.41 65.80
N PRO F 171 -48.59 -27.37 66.33
CA PRO F 171 -49.66 -26.72 65.54
C PRO F 171 -49.17 -26.14 64.23
N LEU F 172 -47.98 -25.53 64.23
CA LEU F 172 -47.48 -24.89 63.02
C LEU F 172 -47.11 -25.93 61.96
N ALA F 173 -46.40 -26.99 62.37
CA ALA F 173 -46.04 -28.04 61.43
C ALA F 173 -47.29 -28.70 60.85
N ASP F 174 -48.23 -29.06 61.71
CA ASP F 174 -49.49 -29.65 61.25
C ASP F 174 -50.15 -28.78 60.20
N TYR F 175 -50.29 -27.48 60.49
CA TYR F 175 -50.89 -26.56 59.54
C TYR F 175 -50.08 -26.51 58.25
N VAL F 176 -48.79 -26.17 58.36
CA VAL F 176 -47.93 -26.03 57.18
C VAL F 176 -47.99 -27.30 56.34
N GLN F 177 -47.84 -28.47 56.99
CA GLN F 177 -47.90 -29.73 56.26
C GLN F 177 -49.23 -29.89 55.55
N ASP F 178 -50.33 -29.73 56.29
CA ASP F 178 -51.67 -29.92 55.73
C ASP F 178 -51.89 -29.03 54.50
N LEU F 179 -51.41 -27.80 54.54
CA LEU F 179 -51.60 -26.89 53.42
C LEU F 179 -50.49 -26.97 52.38
N GLY F 180 -49.44 -27.75 52.63
CA GLY F 180 -48.47 -28.06 51.59
C GLY F 180 -47.46 -26.99 51.27
N PHE F 181 -47.19 -26.06 52.20
CA PHE F 181 -46.12 -25.12 52.01
C PHE F 181 -44.78 -25.80 52.29
N THR F 182 -43.75 -25.35 51.58
CA THR F 182 -42.44 -25.98 51.71
C THR F 182 -41.63 -25.38 52.86
N HIS F 183 -41.72 -24.07 53.05
CA HIS F 183 -40.93 -23.38 54.07
C HIS F 183 -41.82 -22.48 54.90
N VAL F 184 -41.28 -22.02 56.02
CA VAL F 184 -41.84 -20.93 56.81
C VAL F 184 -40.86 -19.79 56.80
N GLU F 185 -41.37 -18.57 56.64
CA GLU F 185 -40.57 -17.35 56.78
C GLU F 185 -41.06 -16.61 58.00
N LEU F 186 -40.19 -16.46 59.00
CA LEU F 186 -40.54 -15.85 60.28
C LEU F 186 -40.03 -14.41 60.30
N LEU F 187 -40.94 -13.45 60.53
CA LEU F 187 -40.56 -12.08 60.80
C LEU F 187 -39.53 -12.10 61.93
N PRO F 188 -38.56 -11.19 61.94
CA PRO F 188 -37.32 -11.40 62.72
C PRO F 188 -37.59 -11.81 64.16
N ILE F 189 -36.92 -12.89 64.59
CA ILE F 189 -37.04 -13.39 65.96
C ILE F 189 -35.95 -12.85 66.87
N MET F 190 -34.95 -12.17 66.33
CA MET F 190 -33.92 -11.58 67.17
C MET F 190 -34.53 -10.58 68.13
N GLU F 191 -33.84 -10.35 69.24
CA GLU F 191 -34.44 -9.58 70.33
C GLU F 191 -34.75 -8.16 69.89
N HIS F 192 -35.88 -7.64 70.36
CA HIS F 192 -36.35 -6.32 70.02
C HIS F 192 -37.17 -5.81 71.20
N PRO F 193 -37.01 -4.54 71.58
CA PRO F 193 -37.73 -4.03 72.76
C PRO F 193 -39.22 -3.88 72.47
N TYR F 194 -39.54 -3.16 71.40
CA TYR F 194 -40.93 -2.88 71.05
C TYR F 194 -41.47 -4.03 70.21
N TYR F 195 -42.30 -4.85 70.84
CA TYR F 195 -43.04 -5.90 70.14
C TYR F 195 -43.75 -5.36 68.90
N GLY F 196 -44.22 -4.12 68.97
CA GLY F 196 -44.97 -3.53 67.88
C GLY F 196 -44.15 -3.25 66.64
N SER F 197 -42.82 -3.26 66.75
CA SER F 197 -41.98 -3.09 65.57
C SER F 197 -42.14 -4.25 64.59
N TRP F 198 -42.70 -5.37 65.05
CA TRP F 198 -42.74 -6.68 64.40
C TRP F 198 -41.39 -7.38 64.43
N GLY F 199 -40.37 -6.77 65.05
CA GLY F 199 -39.06 -7.34 65.14
C GLY F 199 -38.00 -6.68 64.28
N TYR F 200 -38.36 -5.68 63.47
CA TYR F 200 -37.41 -5.10 62.54
C TYR F 200 -36.49 -4.07 63.19
N GLN F 201 -36.85 -3.58 64.38
CA GLN F 201 -35.95 -2.75 65.17
C GLN F 201 -35.32 -3.65 66.24
N VAL F 202 -34.06 -4.01 66.02
CA VAL F 202 -33.41 -5.12 66.71
C VAL F 202 -32.36 -4.59 67.68
N VAL F 203 -32.36 -5.14 68.89
CA VAL F 203 -31.31 -4.86 69.87
C VAL F 203 -30.27 -5.98 69.91
N GLY F 204 -30.73 -7.22 70.06
CA GLY F 204 -29.81 -8.35 70.15
C GLY F 204 -29.83 -9.22 68.91
N TYR F 205 -28.84 -9.05 68.03
CA TYR F 205 -28.81 -9.80 66.79
C TYR F 205 -28.47 -11.28 66.99
N TYR F 206 -27.86 -11.63 68.12
CA TYR F 206 -27.48 -13.00 68.41
C TYR F 206 -28.42 -13.69 69.40
N ALA F 207 -29.48 -13.01 69.82
CA ALA F 207 -30.39 -13.55 70.82
C ALA F 207 -31.77 -13.74 70.22
N PRO F 208 -32.35 -14.94 70.28
CA PRO F 208 -33.75 -15.10 69.91
C PRO F 208 -34.64 -14.39 70.94
N THR F 209 -35.72 -13.77 70.45
CA THR F 209 -36.56 -12.98 71.33
C THR F 209 -37.10 -13.84 72.47
N PHE F 210 -37.01 -13.30 73.68
CA PHE F 210 -37.36 -14.08 74.88
C PHE F 210 -38.83 -14.47 74.89
N ARG F 211 -39.69 -13.68 74.21
CA ARG F 211 -41.14 -13.81 74.37
C ARG F 211 -41.64 -15.23 74.18
N TYR F 212 -40.94 -16.03 73.37
CA TYR F 212 -41.39 -17.38 73.08
C TYR F 212 -40.51 -18.43 73.74
N GLY F 213 -39.45 -18.03 74.44
CA GLY F 213 -38.73 -18.98 75.26
C GLY F 213 -37.22 -18.87 75.20
N THR F 214 -36.56 -20.01 75.40
CA THR F 214 -35.11 -20.10 75.50
C THR F 214 -34.50 -20.08 74.11
N PRO F 215 -33.20 -19.77 74.00
CA PRO F 215 -32.48 -20.09 72.75
C PRO F 215 -32.65 -21.54 72.32
N GLN F 216 -32.55 -22.48 73.27
CA GLN F 216 -32.74 -23.89 72.93
C GLN F 216 -34.15 -24.17 72.45
N ASP F 217 -35.14 -23.44 72.97
CA ASP F 217 -36.51 -23.60 72.50
C ASP F 217 -36.61 -23.36 71.01
N LEU F 218 -35.95 -22.30 70.52
CA LEU F 218 -35.93 -22.03 69.09
C LEU F 218 -35.27 -23.17 68.32
N MET F 219 -34.26 -23.81 68.92
CA MET F 219 -33.59 -24.91 68.25
C MET F 219 -34.51 -26.12 68.15
N TYR F 220 -35.27 -26.40 69.21
CA TYR F 220 -36.23 -27.50 69.16
C TYR F 220 -37.25 -27.29 68.05
N LEU F 221 -37.77 -26.07 67.92
CA LEU F 221 -38.77 -25.79 66.90
C LEU F 221 -38.19 -26.00 65.50
N ILE F 222 -37.04 -25.38 65.23
CA ILE F 222 -36.36 -25.57 63.96
C ILE F 222 -36.01 -27.04 63.76
N ASP F 223 -35.52 -27.70 64.81
CA ASP F 223 -35.27 -29.13 64.76
C ASP F 223 -36.57 -29.90 64.44
N TYR F 224 -37.64 -29.56 65.14
CA TYR F 224 -38.92 -30.25 64.95
C TYR F 224 -39.42 -30.09 63.52
N LEU F 225 -39.51 -28.84 63.05
CA LEU F 225 -39.99 -28.57 61.70
C LEU F 225 -39.15 -29.31 60.65
N HIS F 226 -37.85 -29.40 60.88
CA HIS F 226 -36.97 -30.06 59.91
C HIS F 226 -37.33 -31.52 59.75
N GLN F 227 -37.52 -32.23 60.87
CA GLN F 227 -37.85 -33.65 60.80
C GLN F 227 -39.18 -33.87 60.10
N ARG F 228 -40.14 -32.96 60.29
CA ARG F 228 -41.37 -32.96 59.52
C ARG F 228 -41.17 -32.42 58.11
N GLY F 229 -39.93 -32.29 57.66
CA GLY F 229 -39.64 -31.90 56.29
C GLY F 229 -40.02 -30.47 55.95
N ILE F 230 -40.00 -29.57 56.92
CA ILE F 230 -40.36 -28.16 56.69
C ILE F 230 -39.10 -27.31 56.82
N GLY F 231 -38.99 -26.30 55.97
CA GLY F 231 -37.88 -25.36 56.02
C GLY F 231 -38.23 -24.08 56.74
N VAL F 232 -37.22 -23.46 57.34
CA VAL F 232 -37.39 -22.24 58.12
C VAL F 232 -36.50 -21.16 57.53
N ILE F 233 -37.10 -20.08 57.07
CA ILE F 233 -36.39 -18.90 56.62
C ILE F 233 -36.52 -17.83 57.70
N LEU F 234 -35.40 -17.23 58.07
CA LEU F 234 -35.38 -16.18 59.09
C LEU F 234 -35.25 -14.82 58.41
N ASP F 235 -36.06 -13.86 58.84
CA ASP F 235 -35.87 -12.49 58.42
C ASP F 235 -34.66 -11.91 59.13
N TRP F 236 -33.88 -11.13 58.40
CA TRP F 236 -32.62 -10.57 58.89
C TRP F 236 -32.61 -9.10 58.56
N VAL F 237 -32.22 -8.27 59.54
CA VAL F 237 -32.26 -6.83 59.32
C VAL F 237 -30.85 -6.24 59.42
N PRO F 238 -30.01 -6.40 58.39
CA PRO F 238 -28.68 -5.78 58.42
C PRO F 238 -28.68 -4.32 57.98
N SER F 239 -29.81 -3.81 57.49
CA SER F 239 -29.84 -2.45 56.99
C SER F 239 -29.74 -1.42 58.11
N HIS F 240 -30.31 -1.71 59.27
CA HIS F 240 -30.35 -0.75 60.37
C HIS F 240 -30.49 -1.50 61.68
N PHE F 241 -29.87 -0.95 62.73
CA PHE F 241 -30.07 -1.45 64.08
C PHE F 241 -31.05 -0.55 64.83
N ALA F 242 -31.53 -1.04 65.97
CA ALA F 242 -32.60 -0.36 66.69
C ALA F 242 -32.09 0.82 67.50
N ALA F 243 -32.98 1.78 67.73
CA ALA F 243 -32.66 3.03 68.40
C ALA F 243 -32.68 2.87 69.91
N ASP F 244 -31.87 1.95 70.43
CA ASP F 244 -31.84 1.68 71.86
C ASP F 244 -30.67 2.41 72.49
N PRO F 245 -30.89 3.29 73.48
CA PRO F 245 -29.74 3.93 74.13
C PRO F 245 -28.79 2.92 74.75
N GLN F 246 -29.31 1.91 75.40
CA GLN F 246 -28.46 0.98 76.14
C GLN F 246 -27.79 -0.07 75.25
N GLY F 247 -28.03 -0.04 73.94
CA GLY F 247 -27.52 -1.07 73.05
C GLY F 247 -26.41 -0.65 72.10
N LEU F 248 -26.69 -0.68 70.79
CA LEU F 248 -25.64 -0.45 69.79
C LEU F 248 -25.35 1.02 69.55
N VAL F 249 -26.23 1.92 70.00
CA VAL F 249 -26.06 3.35 69.74
C VAL F 249 -24.84 3.86 70.49
N TYR F 250 -23.97 4.55 69.78
CA TYR F 250 -22.77 5.20 70.33
C TYR F 250 -22.11 4.31 71.38
N PHE F 251 -21.73 3.11 70.94
CA PHE F 251 -21.42 2.02 71.86
C PHE F 251 -20.17 2.27 72.69
N ASP F 252 -18.99 2.26 72.07
CA ASP F 252 -17.76 2.49 72.81
C ASP F 252 -17.68 3.89 73.41
N GLY F 253 -18.71 4.70 73.21
CA GLY F 253 -18.67 6.12 73.53
C GLY F 253 -18.71 7.04 72.31
N THR F 254 -18.29 6.56 71.13
CA THR F 254 -18.22 7.40 69.93
C THR F 254 -19.32 6.91 68.98
N THR F 255 -19.15 7.18 67.69
CA THR F 255 -19.68 6.35 66.63
C THR F 255 -18.84 5.07 66.55
N LEU F 256 -19.51 3.93 66.50
CA LEU F 256 -18.84 2.63 66.37
C LEU F 256 -19.58 1.77 65.36
N PHE F 257 -20.77 1.28 65.75
CA PHE F 257 -21.63 0.59 64.79
C PHE F 257 -22.28 1.58 63.83
N GLU F 258 -22.34 2.85 64.22
CA GLU F 258 -22.93 3.95 63.47
C GLU F 258 -21.93 4.44 62.42
N TYR F 259 -22.35 5.38 61.58
CA TYR F 259 -21.45 5.99 60.61
C TYR F 259 -20.63 7.09 61.28
N ASP F 260 -19.31 7.01 61.09
CA ASP F 260 -18.43 8.06 61.59
C ASP F 260 -18.73 9.39 60.92
N GLY F 271 -31.59 7.65 60.13
CA GLY F 271 -30.44 8.51 60.38
C GLY F 271 -29.84 8.18 61.72
N THR F 272 -28.54 7.85 61.73
CA THR F 272 -27.68 7.55 62.89
C THR F 272 -27.66 6.06 63.23
N TYR F 273 -28.58 5.27 62.66
CA TYR F 273 -28.67 3.85 63.03
C TYR F 273 -28.46 2.89 61.86
N VAL F 274 -27.99 3.37 60.71
CA VAL F 274 -27.54 2.47 59.65
C VAL F 274 -26.12 2.04 59.96
N PHE F 275 -25.84 0.74 59.78
CA PHE F 275 -24.52 0.20 60.10
C PHE F 275 -23.45 0.78 59.17
N ASP F 276 -22.31 1.15 59.75
CA ASP F 276 -21.18 1.63 58.97
C ASP F 276 -20.45 0.43 58.40
N TYR F 277 -20.79 0.09 57.15
CA TYR F 277 -20.14 -1.03 56.48
C TYR F 277 -18.66 -0.76 56.22
N ASN F 278 -18.23 0.51 56.21
CA ASN F 278 -16.82 0.82 56.05
C ASN F 278 -15.98 0.19 57.14
N LYS F 279 -16.50 0.15 58.36
CA LYS F 279 -15.74 -0.40 59.47
C LYS F 279 -15.59 -1.91 59.30
N PRO F 280 -14.38 -2.45 59.46
CA PRO F 280 -14.25 -3.92 59.43
C PRO F 280 -14.99 -4.60 60.57
N GLY F 281 -14.99 -3.98 61.75
CA GLY F 281 -15.65 -4.58 62.90
C GLY F 281 -17.14 -4.79 62.68
N VAL F 282 -17.80 -3.81 62.05
CA VAL F 282 -19.21 -3.98 61.71
C VAL F 282 -19.40 -5.13 60.75
N ARG F 283 -18.47 -5.28 59.80
CA ARG F 283 -18.62 -6.31 58.78
C ARG F 283 -18.59 -7.72 59.39
N ASN F 284 -17.70 -7.95 60.35
CA ASN F 284 -17.66 -9.26 61.01
C ASN F 284 -18.91 -9.47 61.85
N PHE F 285 -19.30 -8.45 62.61
CA PHE F 285 -20.50 -8.54 63.45
C PHE F 285 -21.70 -9.03 62.65
N LEU F 286 -21.97 -8.40 61.50
CA LEU F 286 -23.11 -8.80 60.69
C LEU F 286 -22.87 -10.14 60.01
N ILE F 287 -21.72 -10.29 59.34
CA ILE F 287 -21.51 -11.49 58.54
C ILE F 287 -21.31 -12.72 59.44
N SER F 288 -20.77 -12.52 60.65
CA SER F 288 -20.83 -13.60 61.63
C SER F 288 -22.26 -13.90 62.04
N ASN F 289 -23.10 -12.85 62.10
CA ASN F 289 -24.50 -13.05 62.47
C ASN F 289 -25.27 -13.82 61.41
N ALA F 290 -24.90 -13.65 60.14
CA ALA F 290 -25.50 -14.45 59.08
C ALA F 290 -25.19 -15.92 59.27
N LEU F 291 -23.91 -16.23 59.51
CA LEU F 291 -23.53 -17.62 59.73
C LEU F 291 -23.96 -18.11 61.11
N PHE F 292 -24.06 -17.20 62.09
CA PHE F 292 -24.49 -17.60 63.43
C PHE F 292 -25.85 -18.28 63.40
N TRP F 293 -26.78 -17.76 62.60
CA TRP F 293 -28.11 -18.35 62.51
C TRP F 293 -28.12 -19.61 61.64
N LEU F 294 -27.44 -19.57 60.50
CA LEU F 294 -27.34 -20.75 59.65
C LEU F 294 -26.64 -21.90 60.37
N ASP F 295 -25.71 -21.59 61.27
CA ASP F 295 -24.89 -22.60 61.93
C ASP F 295 -25.52 -23.08 63.23
N TYR F 296 -25.73 -22.17 64.19
CA TYR F 296 -26.17 -22.59 65.51
C TYR F 296 -27.65 -22.94 65.57
N TYR F 297 -28.45 -22.38 64.67
CA TYR F 297 -29.88 -22.65 64.64
C TYR F 297 -30.31 -23.39 63.38
N HIS F 298 -29.34 -23.81 62.55
CA HIS F 298 -29.62 -24.63 61.36
C HIS F 298 -30.60 -23.95 60.42
N VAL F 299 -30.53 -22.63 60.34
CA VAL F 299 -31.49 -21.88 59.52
C VAL F 299 -31.28 -22.21 58.05
N ASP F 300 -32.38 -22.37 57.32
CA ASP F 300 -32.32 -22.72 55.91
C ASP F 300 -32.20 -21.50 55.00
N GLY F 301 -32.65 -20.33 55.45
CA GLY F 301 -32.65 -19.16 54.61
C GLY F 301 -32.68 -17.85 55.36
N LEU F 302 -31.99 -16.85 54.83
CA LEU F 302 -32.01 -15.50 55.36
C LEU F 302 -32.75 -14.60 54.37
N ARG F 303 -33.48 -13.63 54.88
CA ARG F 303 -34.26 -12.72 54.04
C ARG F 303 -33.96 -11.29 54.45
N VAL F 304 -33.25 -10.56 53.60
CA VAL F 304 -32.89 -9.18 53.86
C VAL F 304 -33.95 -8.27 53.25
N ASP F 305 -34.55 -7.43 54.10
CA ASP F 305 -35.59 -6.50 53.71
C ASP F 305 -34.99 -5.12 53.43
N ALA F 306 -35.69 -4.35 52.59
CA ALA F 306 -35.27 -2.99 52.25
C ALA F 306 -33.81 -2.93 51.84
N VAL F 307 -33.44 -3.80 50.91
CA VAL F 307 -32.10 -3.76 50.33
C VAL F 307 -31.87 -2.42 49.63
N ALA F 308 -32.96 -1.81 49.16
CA ALA F 308 -32.86 -0.51 48.49
C ALA F 308 -32.15 0.52 49.36
N SER F 309 -32.61 0.67 50.60
CA SER F 309 -31.99 1.62 51.52
C SER F 309 -30.53 1.32 51.73
N MET F 310 -30.14 0.05 51.71
CA MET F 310 -28.73 -0.29 51.74
C MET F 310 -28.02 0.14 50.46
N LEU F 311 -28.72 0.09 49.33
CA LEU F 311 -28.07 0.33 48.05
C LEU F 311 -27.77 1.81 47.85
N TYR F 312 -28.78 2.66 47.98
CA TYR F 312 -28.63 4.07 47.66
C TYR F 312 -28.42 4.90 48.92
N ARG F 313 -27.87 6.09 48.72
CA ARG F 313 -27.62 7.03 49.81
C ARG F 313 -28.76 8.02 50.00
N GLU F 329 -24.71 5.92 45.08
CA GLU F 329 -24.63 4.51 45.41
C GLU F 329 -23.70 4.33 46.59
N ASN F 330 -24.04 3.38 47.46
CA ASN F 330 -23.22 3.08 48.64
C ASN F 330 -22.42 1.82 48.34
N LEU F 331 -21.21 2.00 47.79
CA LEU F 331 -20.37 0.87 47.44
C LEU F 331 -19.98 0.06 48.68
N GLU F 332 -19.74 0.78 49.77
CA GLU F 332 -19.43 0.11 51.05
C GLU F 332 -20.55 -0.88 51.36
N ALA F 333 -21.80 -0.47 51.10
CA ALA F 333 -22.93 -1.35 51.37
C ALA F 333 -23.12 -2.38 50.27
N ILE F 334 -22.89 -2.01 49.00
CA ILE F 334 -23.05 -2.98 47.92
C ILE F 334 -21.96 -4.04 47.99
N ASP F 335 -20.73 -3.63 48.32
CA ASP F 335 -19.66 -4.62 48.47
C ASP F 335 -19.90 -5.50 49.69
N PHE F 336 -20.49 -4.93 50.76
CA PHE F 336 -20.88 -5.74 51.90
C PHE F 336 -21.95 -6.75 51.50
N ILE F 337 -22.94 -6.34 50.72
CA ILE F 337 -24.02 -7.25 50.35
C ILE F 337 -23.48 -8.36 49.46
N LYS F 338 -22.51 -8.04 48.60
CA LYS F 338 -21.90 -9.07 47.77
C LYS F 338 -21.08 -10.04 48.62
N LYS F 339 -20.30 -9.51 49.56
CA LYS F 339 -19.51 -10.39 50.43
C LYS F 339 -20.40 -11.15 51.40
N PHE F 340 -21.53 -10.56 51.81
CA PHE F 340 -22.49 -11.28 52.65
C PHE F 340 -22.95 -12.55 51.96
N ASN F 341 -23.45 -12.43 50.74
CA ASN F 341 -23.92 -13.61 50.01
C ASN F 341 -22.78 -14.58 49.73
N GLU F 342 -21.62 -14.07 49.32
CA GLU F 342 -20.49 -14.93 49.03
C GLU F 342 -20.10 -15.75 50.24
N THR F 343 -19.97 -15.11 51.41
CA THR F 343 -19.59 -15.81 52.62
C THR F 343 -20.63 -16.88 52.98
N VAL F 344 -21.91 -16.55 52.86
CA VAL F 344 -22.97 -17.49 53.22
C VAL F 344 -22.83 -18.77 52.41
N TYR F 345 -22.80 -18.65 51.08
CA TYR F 345 -22.78 -19.83 50.23
C TYR F 345 -21.45 -20.57 50.29
N LEU F 346 -20.37 -19.89 50.70
CA LEU F 346 -19.10 -20.58 50.87
C LEU F 346 -19.16 -21.58 52.02
N HIS F 347 -19.77 -21.19 53.12
CA HIS F 347 -19.87 -22.05 54.29
C HIS F 347 -21.15 -22.88 54.33
N PHE F 348 -22.18 -22.46 53.59
CA PHE F 348 -23.46 -23.17 53.55
C PHE F 348 -23.91 -23.24 52.11
N PRO F 349 -23.44 -24.24 51.35
CA PRO F 349 -23.74 -24.27 49.91
C PRO F 349 -25.21 -24.45 49.60
N GLU F 350 -26.00 -25.05 50.50
CA GLU F 350 -27.40 -25.32 50.23
C GLU F 350 -28.33 -24.41 51.07
N ALA F 351 -27.86 -23.22 51.40
CA ALA F 351 -28.71 -22.23 52.04
C ALA F 351 -29.42 -21.39 50.98
N ILE F 352 -30.27 -20.47 51.43
CA ILE F 352 -31.01 -19.58 50.54
C ILE F 352 -30.93 -18.16 51.10
N THR F 353 -30.65 -17.20 50.22
CA THR F 353 -30.70 -15.78 50.58
C THR F 353 -31.73 -15.10 49.68
N ILE F 354 -32.64 -14.36 50.31
CA ILE F 354 -33.73 -13.71 49.60
C ILE F 354 -33.68 -12.22 49.90
N ALA F 355 -33.91 -11.41 48.87
CA ALA F 355 -33.84 -9.96 48.98
C ALA F 355 -35.17 -9.34 48.59
N GLU F 356 -35.54 -8.27 49.30
CA GLU F 356 -36.62 -7.38 48.89
C GLU F 356 -35.98 -6.08 48.45
N GLU F 357 -36.09 -5.76 47.17
CA GLU F 357 -35.52 -4.54 46.59
C GLU F 357 -36.60 -3.81 45.81
N SER F 358 -36.71 -2.51 46.05
CA SER F 358 -37.82 -1.73 45.50
C SER F 358 -37.43 -0.78 44.37
N THR F 359 -36.14 -0.61 44.08
CA THR F 359 -35.72 0.33 43.05
C THR F 359 -35.40 -0.32 41.71
N ALA F 360 -35.73 -1.61 41.56
CA ALA F 360 -35.44 -2.35 40.32
C ALA F 360 -33.94 -2.35 40.01
N TRP F 361 -33.13 -2.53 41.05
CA TRP F 361 -31.70 -2.69 40.86
C TRP F 361 -31.43 -3.98 40.11
N PRO F 362 -30.64 -3.95 39.03
CA PRO F 362 -30.51 -5.15 38.19
C PRO F 362 -29.58 -6.19 38.80
N GLY F 363 -29.98 -7.45 38.66
CA GLY F 363 -29.14 -8.56 39.08
C GLY F 363 -29.05 -8.77 40.58
N VAL F 364 -30.16 -8.57 41.29
CA VAL F 364 -30.17 -8.90 42.72
C VAL F 364 -29.92 -10.39 42.92
N SER F 365 -30.71 -11.23 42.23
CA SER F 365 -30.56 -12.67 42.34
C SER F 365 -29.46 -13.22 41.44
N ALA F 366 -28.51 -12.39 41.03
CA ALA F 366 -27.44 -12.80 40.13
C ALA F 366 -26.16 -13.06 40.91
N PRO F 367 -25.29 -13.94 40.41
CA PRO F 367 -24.03 -14.20 41.12
C PRO F 367 -23.11 -13.00 41.05
N THR F 368 -22.33 -12.82 42.13
CA THR F 368 -21.42 -11.69 42.21
C THR F 368 -20.46 -11.65 41.02
N TYR F 369 -20.07 -12.81 40.49
CA TYR F 369 -19.13 -12.82 39.37
C TYR F 369 -19.75 -12.30 38.09
N ASN F 370 -21.09 -12.21 38.02
CA ASN F 370 -21.76 -11.50 36.94
C ASN F 370 -22.14 -10.08 37.34
N ASN F 371 -21.55 -9.56 38.43
CA ASN F 371 -21.80 -8.24 39.00
C ASN F 371 -23.11 -8.16 39.76
N GLY F 372 -23.64 -9.29 40.22
CA GLY F 372 -24.88 -9.30 40.95
C GLY F 372 -24.70 -9.19 42.46
N LEU F 373 -25.80 -8.90 43.14
CA LEU F 373 -25.77 -8.79 44.60
C LEU F 373 -25.46 -10.13 45.26
N GLY F 374 -25.78 -11.24 44.59
CA GLY F 374 -25.48 -12.55 45.10
C GLY F 374 -26.62 -13.28 45.77
N PHE F 375 -27.81 -12.71 45.78
CA PHE F 375 -28.96 -13.39 46.37
C PHE F 375 -29.38 -14.56 45.48
N LEU F 376 -30.05 -15.53 46.09
CA LEU F 376 -30.67 -16.60 45.32
C LEU F 376 -32.03 -16.20 44.78
N TYR F 377 -32.68 -15.24 45.43
CA TYR F 377 -34.06 -14.89 45.13
C TYR F 377 -34.25 -13.39 45.29
N LYS F 378 -35.29 -12.89 44.63
CA LYS F 378 -35.73 -11.51 44.80
C LYS F 378 -37.25 -11.49 44.86
N TRP F 379 -37.77 -10.70 45.79
CA TRP F 379 -39.20 -10.50 45.86
C TRP F 379 -39.68 -9.77 44.62
N ASN F 380 -40.56 -10.40 43.85
CA ASN F 380 -41.20 -9.74 42.71
C ASN F 380 -42.33 -8.86 43.23
N MET F 381 -41.97 -7.71 43.78
CA MET F 381 -43.01 -6.77 44.17
C MET F 381 -43.61 -6.06 42.96
N GLY F 382 -42.92 -6.10 41.82
CA GLY F 382 -43.54 -5.66 40.58
C GLY F 382 -44.79 -6.45 40.25
N TRP F 383 -44.69 -7.77 40.32
CA TRP F 383 -45.87 -8.62 40.11
C TRP F 383 -46.95 -8.33 41.14
N MET F 384 -46.55 -8.10 42.40
CA MET F 384 -47.54 -7.98 43.47
C MET F 384 -48.41 -6.75 43.26
N HIS F 385 -47.80 -5.61 42.91
CA HIS F 385 -48.57 -4.40 42.67
C HIS F 385 -49.51 -4.57 41.49
N ASP F 386 -48.99 -5.06 40.36
CA ASP F 386 -49.83 -5.30 39.19
C ASP F 386 -50.99 -6.21 39.52
N THR F 387 -50.72 -7.33 40.20
CA THR F 387 -51.78 -8.27 40.52
C THR F 387 -52.80 -7.66 41.48
N LEU F 388 -52.33 -6.92 42.49
CA LEU F 388 -53.25 -6.28 43.41
C LEU F 388 -54.06 -5.19 42.71
N ASP F 389 -53.38 -4.31 41.97
CA ASP F 389 -54.08 -3.21 41.31
C ASP F 389 -55.14 -3.72 40.33
N TYR F 390 -54.82 -4.77 39.57
CA TYR F 390 -55.78 -5.31 38.61
C TYR F 390 -57.03 -5.86 39.29
N MET F 391 -56.90 -6.41 40.50
CA MET F 391 -58.00 -7.15 41.09
C MET F 391 -58.88 -6.31 42.00
N ARG F 392 -58.44 -5.14 42.44
CA ARG F 392 -59.35 -4.23 43.14
C ARG F 392 -60.32 -3.56 42.19
N ARG F 393 -59.96 -3.44 40.91
CA ARG F 393 -60.90 -2.96 39.90
C ARG F 393 -62.11 -3.88 39.84
N ASP F 394 -63.29 -3.30 39.73
CA ASP F 394 -64.48 -4.12 39.59
C ASP F 394 -64.39 -4.94 38.30
N PRO F 395 -64.92 -6.17 38.31
CA PRO F 395 -64.78 -7.04 37.14
C PRO F 395 -65.24 -6.40 35.84
N VAL F 396 -66.18 -5.46 35.91
CA VAL F 396 -66.62 -4.71 34.73
C VAL F 396 -65.44 -3.97 34.11
N HIS F 397 -64.68 -3.24 34.93
CA HIS F 397 -63.62 -2.37 34.42
C HIS F 397 -62.38 -3.12 33.99
N ARG F 398 -62.32 -4.44 34.19
CA ARG F 398 -61.07 -5.16 34.01
C ARG F 398 -60.66 -5.21 32.54
N LYS F 399 -61.62 -5.05 31.62
CA LYS F 399 -61.29 -4.97 30.21
C LYS F 399 -60.30 -3.85 29.93
N TYR F 400 -60.43 -2.73 30.64
CA TYR F 400 -59.67 -1.53 30.34
C TYR F 400 -58.27 -1.54 30.92
N HIS F 401 -57.91 -2.55 31.71
CA HIS F 401 -56.57 -2.66 32.27
C HIS F 401 -55.99 -4.03 31.96
N HIS F 402 -56.46 -4.64 30.87
CA HIS F 402 -56.00 -5.97 30.45
C HIS F 402 -54.47 -6.05 30.45
N ASP F 403 -53.81 -4.99 29.96
CA ASP F 403 -52.36 -5.01 29.84
C ASP F 403 -51.69 -5.16 31.21
N THR F 404 -52.23 -4.50 32.24
CA THR F 404 -51.66 -4.62 33.57
C THR F 404 -51.54 -6.08 33.99
N LEU F 405 -52.57 -6.88 33.68
CA LEU F 405 -52.52 -8.31 33.96
C LEU F 405 -51.56 -9.03 33.03
N THR F 406 -51.75 -8.88 31.71
CA THR F 406 -51.00 -9.68 30.75
C THR F 406 -49.53 -9.29 30.70
N PHE F 407 -49.20 -8.03 30.98
CA PHE F 407 -47.82 -7.58 30.83
C PHE F 407 -46.91 -7.98 31.99
N SER F 408 -47.40 -8.74 32.96
CA SER F 408 -46.52 -9.16 34.05
C SER F 408 -45.42 -10.10 33.56
N LEU F 409 -45.64 -10.81 32.46
CA LEU F 409 -44.68 -11.79 31.98
C LEU F 409 -43.56 -11.17 31.15
N TRP F 410 -43.65 -9.88 30.82
CA TRP F 410 -42.52 -9.19 30.22
C TRP F 410 -41.43 -8.90 31.24
N TYR F 411 -41.76 -8.94 32.52
CA TYR F 411 -40.82 -8.64 33.60
C TYR F 411 -40.64 -9.82 34.55
N ALA F 412 -41.09 -11.01 34.16
CA ALA F 412 -41.16 -12.16 35.05
C ALA F 412 -39.90 -13.01 35.06
N PHE F 413 -38.90 -12.68 34.24
CA PHE F 413 -37.72 -13.53 34.10
C PHE F 413 -36.42 -12.74 34.28
N SER F 414 -36.50 -11.47 34.65
CA SER F 414 -35.30 -10.68 34.88
C SER F 414 -34.47 -11.24 36.03
N GLU F 415 -35.14 -11.83 37.02
CA GLU F 415 -34.49 -12.33 38.23
C GLU F 415 -35.17 -13.62 38.65
N HIS F 416 -34.49 -14.36 39.53
CA HIS F 416 -35.15 -15.53 40.16
C HIS F 416 -36.18 -14.87 41.07
N TYR F 417 -37.46 -15.07 40.81
CA TYR F 417 -38.46 -14.28 41.57
C TYR F 417 -39.33 -15.11 42.49
N ILE F 418 -39.70 -14.53 43.62
CA ILE F 418 -40.71 -15.20 44.50
C ILE F 418 -41.93 -14.28 44.39
N LEU F 419 -43.07 -14.81 43.97
CA LEU F 419 -44.29 -13.95 43.98
C LEU F 419 -44.60 -13.75 45.45
N PRO F 420 -44.88 -12.51 45.86
CA PRO F 420 -45.01 -12.30 47.31
C PRO F 420 -46.31 -11.63 47.76
N LEU F 421 -46.99 -12.23 48.73
CA LEU F 421 -48.12 -11.53 49.39
C LEU F 421 -47.60 -11.42 50.81
N SER F 422 -47.55 -10.21 51.38
CA SER F 422 -46.83 -10.10 52.68
C SER F 422 -47.63 -9.41 53.78
N HIS F 423 -46.99 -9.24 54.94
CA HIS F 423 -47.65 -8.57 56.07
C HIS F 423 -47.75 -7.08 55.73
N ASP F 424 -46.71 -6.52 55.11
CA ASP F 424 -46.74 -5.09 54.70
C ASP F 424 -47.97 -4.84 53.84
N GLU F 425 -48.34 -5.79 52.99
CA GLU F 425 -49.51 -5.66 52.06
C GLU F 425 -50.83 -5.59 52.83
N VAL F 426 -50.97 -6.34 53.93
CA VAL F 426 -52.28 -6.43 54.65
C VAL F 426 -52.39 -5.42 55.81
N VAL F 427 -51.48 -4.45 55.93
CA VAL F 427 -51.46 -3.54 57.13
C VAL F 427 -51.48 -2.04 56.74
N HIS F 428 -51.79 -1.17 57.70
CA HIS F 428 -51.81 0.31 57.50
C HIS F 428 -52.83 0.81 56.46
N GLY F 429 -54.01 0.20 56.43
CA GLY F 429 -55.09 0.68 55.55
C GLY F 429 -54.98 0.09 54.16
N LYS F 430 -53.96 -0.72 53.93
CA LYS F 430 -53.86 -1.44 52.64
C LYS F 430 -55.07 -2.38 52.60
N GLY F 431 -55.39 -2.97 53.75
CA GLY F 431 -56.56 -3.87 53.84
C GLY F 431 -56.19 -5.31 53.65
N SER F 432 -57.04 -6.22 54.09
CA SER F 432 -56.83 -7.67 53.90
C SER F 432 -57.05 -8.00 52.42
N LEU F 433 -56.49 -9.10 51.94
CA LEU F 433 -56.63 -9.47 50.53
C LEU F 433 -58.13 -9.66 50.26
N TRP F 434 -58.86 -10.25 51.21
CA TRP F 434 -60.32 -10.38 51.05
C TRP F 434 -60.96 -8.99 50.97
N THR F 435 -60.50 -8.04 51.79
CA THR F 435 -61.03 -6.67 51.76
C THR F 435 -60.70 -6.05 50.40
N LYS F 436 -59.50 -6.30 49.90
CA LYS F 436 -59.06 -5.74 48.59
C LYS F 436 -59.96 -6.29 47.49
N MET F 437 -60.34 -7.57 47.56
CA MET F 437 -61.13 -8.19 46.46
C MET F 437 -62.50 -7.49 46.33
N PRO F 438 -62.97 -7.24 45.09
CA PRO F 438 -64.22 -6.52 44.86
C PRO F 438 -65.55 -7.26 44.96
N GLY F 439 -66.64 -6.53 45.17
CA GLY F 439 -67.98 -7.15 45.11
C GLY F 439 -68.46 -7.91 46.32
N ASP F 440 -69.47 -8.77 46.12
CA ASP F 440 -70.11 -9.53 47.22
C ASP F 440 -69.17 -10.59 47.74
N ASP F 441 -69.43 -11.11 48.93
CA ASP F 441 -68.47 -12.04 49.58
C ASP F 441 -68.25 -13.28 48.70
N TRP F 442 -69.28 -13.83 48.05
CA TRP F 442 -68.98 -14.97 47.16
C TRP F 442 -68.04 -14.51 46.06
N GLN F 443 -68.29 -13.33 45.49
CA GLN F 443 -67.43 -12.81 44.40
C GLN F 443 -66.02 -12.57 44.95
N LYS F 444 -65.92 -12.03 46.17
CA LYS F 444 -64.60 -11.74 46.77
C LYS F 444 -63.84 -13.05 46.97
N ALA F 445 -64.52 -14.08 47.44
CA ALA F 445 -63.88 -15.41 47.63
C ALA F 445 -63.44 -15.96 46.28
N ALA F 446 -64.28 -15.81 45.27
CA ALA F 446 -63.93 -16.29 43.91
C ALA F 446 -62.72 -15.53 43.39
N ASN F 447 -62.70 -14.22 43.60
CA ASN F 447 -61.56 -13.39 43.14
C ASN F 447 -60.30 -13.84 43.88
N LEU F 448 -60.42 -14.09 45.19
CA LEU F 448 -59.23 -14.48 45.98
C LEU F 448 -58.71 -15.82 45.45
N ARG F 449 -59.62 -16.75 45.17
CA ARG F 449 -59.22 -18.07 44.63
C ARG F 449 -58.56 -17.90 43.26
N LEU F 450 -59.13 -17.02 42.43
CA LEU F 450 -58.55 -16.75 41.09
C LEU F 450 -57.16 -16.14 41.25
N LEU F 451 -57.01 -15.21 42.20
CA LEU F 451 -55.69 -14.56 42.43
C LEU F 451 -54.68 -15.60 42.89
N TYR F 452 -55.08 -16.49 43.80
CA TYR F 452 -54.17 -17.56 44.27
C TYR F 452 -53.85 -18.48 43.10
N GLY F 453 -54.86 -18.81 42.31
CA GLY F 453 -54.65 -19.73 41.18
C GLY F 453 -53.71 -19.14 40.16
N HIS F 454 -53.88 -17.85 39.84
CA HIS F 454 -52.97 -17.18 38.89
C HIS F 454 -51.56 -17.14 39.45
N MET F 455 -51.41 -16.86 40.74
CA MET F 455 -50.04 -16.72 41.30
C MET F 455 -49.30 -18.06 41.19
N TRP F 456 -49.98 -19.16 41.50
CA TRP F 456 -49.34 -20.49 41.34
C TRP F 456 -49.05 -20.76 39.86
N GLY F 457 -49.98 -20.42 38.98
CA GLY F 457 -49.76 -20.56 37.53
C GLY F 457 -48.67 -19.66 37.03
N HIS F 458 -48.62 -18.43 37.54
CA HIS F 458 -47.63 -17.43 37.08
C HIS F 458 -46.23 -17.93 37.44
N PRO F 459 -45.23 -17.68 36.57
CA PRO F 459 -43.88 -18.09 36.87
C PRO F 459 -43.30 -17.42 38.10
N GLY F 460 -42.47 -18.14 38.85
CA GLY F 460 -41.87 -17.64 40.10
C GLY F 460 -42.36 -18.38 41.33
N LYS F 461 -41.56 -18.36 42.41
CA LYS F 461 -41.88 -19.07 43.68
C LYS F 461 -43.00 -18.33 44.42
N LYS F 462 -43.72 -19.01 45.31
CA LYS F 462 -44.90 -18.35 45.93
C LYS F 462 -44.71 -18.08 47.43
N LEU F 463 -44.97 -16.85 47.87
CA LEU F 463 -44.94 -16.53 49.32
C LEU F 463 -46.34 -16.04 49.70
N LEU F 464 -46.95 -16.63 50.74
CA LEU F 464 -48.28 -16.18 51.21
C LEU F 464 -48.20 -15.93 52.71
N PHE F 465 -48.66 -14.77 53.16
CA PHE F 465 -48.59 -14.44 54.57
C PHE F 465 -49.76 -15.06 55.33
N MET F 466 -49.51 -15.38 56.60
CA MET F 466 -50.54 -15.98 57.44
C MET F 466 -51.84 -15.19 57.38
N GLY F 467 -52.95 -15.92 57.32
CA GLY F 467 -54.27 -15.33 57.30
C GLY F 467 -54.88 -15.16 55.92
N GLY F 468 -54.04 -15.00 54.90
CA GLY F 468 -54.55 -14.97 53.54
C GLY F 468 -55.08 -16.31 53.06
N GLU F 469 -54.62 -17.40 53.69
CA GLU F 469 -54.98 -18.73 53.20
C GLU F 469 -56.45 -19.04 53.40
N PHE F 470 -57.08 -18.55 54.47
CA PHE F 470 -58.52 -18.65 54.60
C PHE F 470 -59.22 -17.32 54.32
N GLY F 471 -58.53 -16.36 53.73
CA GLY F 471 -59.14 -15.10 53.35
C GLY F 471 -59.71 -14.33 54.53
N GLN F 472 -58.86 -14.02 55.50
CA GLN F 472 -59.28 -13.39 56.74
C GLN F 472 -59.82 -11.98 56.47
N HIS F 473 -60.68 -11.51 57.37
CA HIS F 473 -61.44 -10.29 57.08
C HIS F 473 -60.65 -9.02 57.39
N HIS F 474 -60.05 -8.89 58.57
CA HIS F 474 -59.32 -7.63 58.77
C HIS F 474 -57.85 -7.75 58.42
N GLU F 475 -57.25 -6.57 58.30
CA GLU F 475 -55.82 -6.36 58.32
C GLU F 475 -55.14 -7.16 59.42
N TRP F 476 -53.87 -7.45 59.21
CA TRP F 476 -53.08 -8.10 60.25
C TRP F 476 -52.96 -7.21 61.47
N ASN F 477 -53.33 -7.74 62.64
CA ASN F 477 -53.24 -7.04 63.92
C ASN F 477 -52.28 -7.83 64.80
N HIS F 478 -51.10 -7.27 65.06
CA HIS F 478 -50.04 -8.04 65.70
C HIS F 478 -50.31 -8.32 67.17
N ASP F 479 -51.14 -7.50 67.84
CA ASP F 479 -51.47 -7.79 69.23
C ASP F 479 -52.56 -8.84 69.38
N THR F 480 -53.02 -9.44 68.29
CA THR F 480 -54.07 -10.45 68.39
C THR F 480 -53.68 -11.70 67.61
N GLN F 481 -54.52 -12.70 67.77
CA GLN F 481 -54.46 -13.98 67.08
C GLN F 481 -55.30 -13.91 65.81
N LEU F 482 -54.88 -14.63 64.77
CA LEU F 482 -55.60 -14.62 63.52
C LEU F 482 -57.05 -15.04 63.74
N GLU F 483 -57.94 -14.56 62.86
CA GLU F 483 -59.37 -14.81 62.99
C GLU F 483 -59.70 -16.24 62.55
N TRP F 484 -59.19 -17.21 63.32
CA TRP F 484 -59.40 -18.62 62.96
C TRP F 484 -60.87 -19.00 63.04
N HIS F 485 -61.65 -18.31 63.88
CA HIS F 485 -63.09 -18.59 63.96
C HIS F 485 -63.76 -18.46 62.60
N LEU F 486 -63.20 -17.62 61.71
CA LEU F 486 -63.71 -17.49 60.36
C LEU F 486 -63.62 -18.80 59.58
N LEU F 487 -62.85 -19.77 60.07
CA LEU F 487 -62.75 -21.08 59.41
C LEU F 487 -63.99 -21.90 59.56
N ASP F 488 -65.07 -21.39 60.13
CA ASP F 488 -66.36 -22.07 60.14
C ASP F 488 -67.26 -21.61 58.99
N GLN F 489 -67.12 -20.36 58.56
CA GLN F 489 -67.82 -19.88 57.38
C GLN F 489 -67.45 -20.74 56.17
N PRO F 490 -68.39 -20.95 55.24
CA PRO F 490 -68.08 -21.82 54.09
C PRO F 490 -67.04 -21.25 53.14
N TYR F 491 -67.12 -19.95 52.84
CA TYR F 491 -66.22 -19.36 51.84
C TYR F 491 -64.76 -19.50 52.27
N HIS F 492 -64.48 -19.29 53.55
CA HIS F 492 -63.10 -19.26 54.02
C HIS F 492 -62.51 -20.66 54.12
N ARG F 493 -63.28 -21.60 54.66
CA ARG F 493 -62.87 -23.00 54.66
C ARG F 493 -62.52 -23.44 53.24
N GLY F 494 -63.29 -22.96 52.25
CA GLY F 494 -63.03 -23.32 50.87
C GLY F 494 -61.73 -22.75 50.34
N ILE F 495 -61.46 -21.47 50.64
CA ILE F 495 -60.23 -20.86 50.15
C ILE F 495 -59.02 -21.60 50.69
N GLN F 496 -59.07 -21.94 51.98
CA GLN F 496 -58.02 -22.78 52.57
C GLN F 496 -57.91 -24.10 51.82
N ALA F 497 -59.04 -24.65 51.37
CA ALA F 497 -59.01 -25.87 50.58
C ALA F 497 -58.42 -25.64 49.20
N TRP F 498 -58.67 -24.46 48.63
CA TRP F 498 -58.12 -24.14 47.30
C TRP F 498 -56.60 -24.04 47.35
N VAL F 499 -56.06 -23.43 48.39
CA VAL F 499 -54.60 -23.26 48.50
C VAL F 499 -53.93 -24.61 48.74
N ARG F 500 -54.52 -25.45 49.60
CA ARG F 500 -53.96 -26.78 49.84
C ARG F 500 -53.83 -27.56 48.54
N ASP F 501 -54.88 -27.54 47.71
CA ASP F 501 -54.83 -28.24 46.44
C ASP F 501 -53.87 -27.56 45.47
N LEU F 502 -53.82 -26.23 45.50
CA LEU F 502 -52.84 -25.50 44.71
C LEU F 502 -51.43 -25.95 45.06
N ASN F 503 -51.11 -26.00 46.35
CA ASN F 503 -49.82 -26.51 46.78
C ASN F 503 -49.66 -27.99 46.42
N HIS F 504 -50.76 -28.75 46.43
CA HIS F 504 -50.68 -30.17 46.14
C HIS F 504 -50.29 -30.41 44.69
N LEU F 505 -50.89 -29.67 43.75
CA LEU F 505 -50.49 -29.77 42.35
C LEU F 505 -49.08 -29.20 42.15
N TYR F 506 -48.76 -28.11 42.84
CA TYR F 506 -47.46 -27.46 42.71
C TYR F 506 -46.33 -28.42 43.06
N ARG F 507 -46.44 -29.08 44.23
CA ARG F 507 -45.39 -29.97 44.69
C ARG F 507 -45.30 -31.24 43.86
N THR F 508 -46.31 -31.53 43.04
CA THR F 508 -46.38 -32.77 42.28
C THR F 508 -45.94 -32.63 40.83
N HIS F 509 -46.41 -31.59 40.14
CA HIS F 509 -46.21 -31.50 38.70
C HIS F 509 -45.03 -30.58 38.39
N PRO F 510 -43.94 -31.11 37.81
CA PRO F 510 -42.73 -30.30 37.62
C PRO F 510 -42.86 -29.20 36.57
N ALA F 511 -43.97 -29.16 35.81
CA ALA F 511 -44.16 -28.04 34.89
C ALA F 511 -44.14 -26.71 35.63
N LEU F 512 -44.52 -26.71 36.90
CA LEU F 512 -44.50 -25.52 37.73
C LEU F 512 -43.17 -25.31 38.45
N TRP F 513 -42.27 -26.29 38.41
CA TRP F 513 -41.00 -26.15 39.14
C TRP F 513 -40.05 -25.20 38.43
N HIS F 514 -40.15 -25.08 37.10
CA HIS F 514 -39.19 -24.33 36.31
C HIS F 514 -39.80 -22.98 35.92
N ASP F 515 -39.20 -21.90 36.43
CA ASP F 515 -39.73 -20.55 36.26
C ASP F 515 -39.00 -19.77 35.18
N GLY F 516 -38.24 -20.44 34.31
CA GLY F 516 -37.58 -19.78 33.21
C GLY F 516 -38.53 -19.48 32.08
N PRO F 517 -38.06 -18.71 31.09
CA PRO F 517 -38.91 -18.36 29.94
C PRO F 517 -39.36 -19.58 29.14
N GLU F 518 -38.54 -20.62 29.11
CA GLU F 518 -38.91 -21.95 28.64
C GLU F 518 -40.28 -22.41 29.16
N GLY F 519 -40.43 -22.41 30.49
CA GLY F 519 -41.50 -23.10 31.17
C GLY F 519 -42.86 -22.47 30.99
N PHE F 520 -42.92 -21.27 30.43
CA PHE F 520 -44.16 -20.57 30.19
C PHE F 520 -44.38 -20.44 28.69
N GLU F 521 -45.62 -20.67 28.26
CA GLU F 521 -46.01 -20.41 26.89
C GLU F 521 -47.39 -19.77 26.88
N TRP F 522 -47.52 -18.65 26.19
CA TRP F 522 -48.81 -18.01 26.01
C TRP F 522 -49.72 -18.88 25.16
N ILE F 523 -51.02 -18.64 25.29
CA ILE F 523 -52.00 -19.29 24.44
C ILE F 523 -52.94 -18.24 23.88
N ASP F 524 -53.46 -17.40 24.74
CA ASP F 524 -54.24 -16.26 24.26
C ASP F 524 -54.27 -15.19 25.32
N PHE F 525 -53.91 -13.92 24.93
CA PHE F 525 -53.97 -12.73 25.77
C PHE F 525 -54.88 -11.67 25.18
N ASN F 526 -55.58 -11.96 24.09
CA ASN F 526 -56.27 -10.94 23.31
C ASN F 526 -57.73 -10.74 23.72
N ASP F 527 -58.28 -11.60 24.58
CA ASP F 527 -59.66 -11.42 25.02
C ASP F 527 -59.72 -10.34 26.10
N ARG F 528 -59.68 -9.07 25.65
CA ARG F 528 -59.81 -7.97 26.59
C ARG F 528 -61.26 -7.78 27.04
N ASP F 529 -62.21 -7.88 26.10
CA ASP F 529 -63.61 -7.60 26.44
C ASP F 529 -64.13 -8.53 27.53
N GLN F 530 -63.86 -9.82 27.40
CA GLN F 530 -64.32 -10.80 28.39
C GLN F 530 -63.27 -11.10 29.46
N SER F 531 -62.12 -10.42 29.42
CA SER F 531 -61.11 -10.47 30.48
C SER F 531 -60.70 -11.91 30.80
N VAL F 532 -60.36 -12.66 29.74
CA VAL F 532 -59.99 -14.06 29.85
C VAL F 532 -58.53 -14.21 29.48
N ILE F 533 -57.83 -15.12 30.15
CA ILE F 533 -56.42 -15.37 29.88
C ILE F 533 -56.18 -16.87 29.82
N CYS F 534 -55.42 -17.29 28.79
CA CYS F 534 -55.04 -18.68 28.59
C CYS F 534 -53.54 -18.71 28.33
N TYR F 535 -52.82 -19.50 29.12
CA TYR F 535 -51.40 -19.70 28.89
C TYR F 535 -51.08 -21.17 29.19
N LEU F 536 -49.82 -21.54 28.97
CA LEU F 536 -49.39 -22.93 29.13
C LEU F 536 -48.12 -22.96 29.96
N ARG F 537 -48.06 -23.88 30.92
CA ARG F 537 -46.91 -24.07 31.78
C ARG F 537 -46.38 -25.48 31.58
N LYS F 538 -45.12 -25.57 31.16
CA LYS F 538 -44.56 -26.80 30.62
C LYS F 538 -43.17 -27.03 31.18
N HIS F 539 -42.85 -28.29 31.46
CA HIS F 539 -41.47 -28.74 31.54
C HIS F 539 -41.33 -30.00 30.70
N THR F 540 -40.32 -30.04 29.84
CA THR F 540 -40.13 -31.19 28.93
C THR F 540 -41.47 -31.60 28.34
N ASP F 541 -41.77 -32.89 28.39
CA ASP F 541 -43.05 -33.42 27.83
C ASP F 541 -44.26 -32.85 28.57
N ARG F 542 -44.17 -32.71 29.90
CA ARG F 542 -45.35 -32.30 30.69
C ARG F 542 -45.82 -30.88 30.33
N LEU F 543 -47.15 -30.69 30.24
CA LEU F 543 -47.73 -29.35 29.95
C LEU F 543 -48.91 -29.11 30.91
N LEU F 544 -49.11 -27.86 31.33
CA LEU F 544 -50.31 -27.52 32.14
C LEU F 544 -51.05 -26.36 31.45
N LEU F 545 -52.37 -26.46 31.28
CA LEU F 545 -53.15 -25.40 30.62
C LEU F 545 -53.92 -24.60 31.68
N PHE F 546 -53.71 -23.29 31.73
CA PHE F 546 -54.42 -22.42 32.67
C PHE F 546 -55.36 -21.51 31.89
N VAL F 547 -56.65 -21.60 32.18
CA VAL F 547 -57.66 -20.70 31.61
C VAL F 547 -58.32 -19.94 32.75
N LEU F 548 -58.29 -18.62 32.67
CA LEU F 548 -58.72 -17.76 33.76
C LEU F 548 -59.78 -16.79 33.26
N ASN F 549 -60.90 -16.76 33.96
CA ASN F 549 -62.03 -15.89 33.64
C ASN F 549 -62.20 -14.90 34.78
N PHE F 550 -61.87 -13.63 34.53
CA PHE F 550 -61.90 -12.59 35.55
C PHE F 550 -63.20 -11.81 35.57
N THR F 551 -64.30 -12.43 35.10
CA THR F 551 -65.60 -11.80 35.01
C THR F 551 -66.65 -12.72 35.64
N PRO F 552 -67.62 -12.16 36.37
CA PRO F 552 -68.68 -13.02 36.93
C PRO F 552 -69.61 -13.60 35.89
N VAL F 553 -69.58 -13.12 34.66
CA VAL F 553 -70.35 -13.76 33.59
C VAL F 553 -69.68 -15.09 33.23
N PRO F 554 -70.40 -16.19 33.23
CA PRO F 554 -69.82 -17.45 32.75
C PRO F 554 -69.76 -17.48 31.23
N ARG F 555 -68.80 -18.26 30.73
CA ARG F 555 -68.59 -18.45 29.30
C ARG F 555 -68.64 -19.94 28.99
N GLU F 556 -69.46 -20.30 28.00
CA GLU F 556 -69.52 -21.70 27.53
C GLU F 556 -69.15 -21.70 26.05
N HIS F 557 -68.79 -22.85 25.50
CA HIS F 557 -68.34 -22.93 24.09
C HIS F 557 -67.14 -22.00 23.93
N TYR F 558 -66.28 -21.95 24.95
CA TYR F 558 -65.03 -21.14 24.85
C TYR F 558 -63.97 -22.03 24.27
N ARG F 559 -63.32 -21.59 23.20
CA ARG F 559 -62.33 -22.43 22.54
C ARG F 559 -60.94 -21.94 22.90
N VAL F 560 -60.08 -22.89 23.26
CA VAL F 560 -58.74 -22.61 23.74
C VAL F 560 -57.79 -23.48 22.94
N GLY F 561 -56.86 -22.85 22.22
CA GLY F 561 -55.90 -23.62 21.45
C GLY F 561 -55.06 -24.52 22.34
N VAL F 562 -54.71 -25.68 21.80
CA VAL F 562 -53.79 -26.61 22.45
C VAL F 562 -52.76 -27.21 21.50
N PRO F 563 -51.54 -27.43 22.00
CA PRO F 563 -50.51 -28.10 21.19
C PRO F 563 -50.83 -29.57 20.94
N ILE F 564 -51.28 -30.28 21.96
CA ILE F 564 -51.52 -31.72 21.86
C ILE F 564 -53.00 -31.96 21.63
N GLY F 565 -53.31 -33.09 20.99
CA GLY F 565 -54.67 -33.54 20.81
C GLY F 565 -55.05 -34.64 21.78
N GLY F 566 -56.21 -35.22 21.54
CA GLY F 566 -56.67 -36.36 22.32
C GLY F 566 -57.38 -35.96 23.60
N PRO F 567 -57.45 -36.89 24.54
CA PRO F 567 -58.23 -36.64 25.77
C PRO F 567 -57.53 -35.66 26.70
N TRP F 568 -58.32 -34.76 27.27
CA TRP F 568 -57.81 -33.74 28.18
C TRP F 568 -58.62 -33.75 29.46
N ARG F 569 -57.92 -33.76 30.59
CA ARG F 569 -58.55 -33.79 31.90
C ARG F 569 -58.49 -32.42 32.56
N GLU F 570 -59.52 -32.11 33.33
CA GLU F 570 -59.56 -30.91 34.17
C GLU F 570 -59.03 -31.31 35.54
N VAL F 571 -57.87 -30.76 35.93
CA VAL F 571 -57.25 -31.19 37.18
C VAL F 571 -57.50 -30.23 38.34
N LEU F 572 -57.92 -29.00 38.08
CA LEU F 572 -58.37 -28.12 39.16
C LEU F 572 -59.38 -27.13 38.63
N ASN F 573 -60.25 -26.66 39.54
CA ASN F 573 -61.30 -25.70 39.20
C ASN F 573 -61.61 -24.86 40.42
N SER F 574 -61.37 -23.55 40.33
CA SER F 574 -61.69 -22.64 41.43
C SER F 574 -63.14 -22.79 41.86
N ASP F 575 -64.03 -22.95 40.88
CA ASP F 575 -65.47 -22.90 41.08
C ASP F 575 -66.05 -24.21 41.59
N ALA F 576 -65.21 -25.21 41.90
CA ALA F 576 -65.73 -26.42 42.52
C ALA F 576 -66.38 -26.08 43.85
N VAL F 577 -67.39 -26.87 44.23
CA VAL F 577 -68.14 -26.52 45.43
C VAL F 577 -67.29 -26.70 46.67
N ALA F 578 -66.41 -27.71 46.68
CA ALA F 578 -65.54 -27.93 47.83
C ALA F 578 -64.79 -26.67 48.22
N TYR F 579 -64.49 -25.81 47.24
CA TYR F 579 -63.90 -24.50 47.49
C TYR F 579 -64.94 -23.42 47.72
N GLY F 580 -66.20 -23.69 47.46
CA GLY F 580 -67.25 -22.69 47.59
C GLY F 580 -67.76 -22.11 46.29
N GLY F 581 -67.43 -22.72 45.15
CA GLY F 581 -67.90 -22.23 43.88
C GLY F 581 -69.24 -22.83 43.47
N SER F 582 -69.81 -22.25 42.42
CA SER F 582 -71.11 -22.69 41.93
C SER F 582 -71.10 -24.10 41.38
N GLY F 583 -69.94 -24.64 41.06
CA GLY F 583 -69.86 -25.98 40.51
C GLY F 583 -69.90 -26.07 39.01
N MET F 584 -69.85 -24.94 38.31
CA MET F 584 -69.69 -24.95 36.86
C MET F 584 -68.31 -25.47 36.53
N GLY F 585 -68.25 -26.52 35.71
CA GLY F 585 -66.96 -27.06 35.34
C GLY F 585 -67.06 -27.82 34.04
N ASN F 586 -65.97 -28.47 33.69
CA ASN F 586 -65.92 -29.35 32.54
C ASN F 586 -65.64 -30.77 33.03
N PHE F 587 -66.66 -31.35 33.67
CA PHE F 587 -66.55 -32.61 34.39
C PHE F 587 -66.04 -33.74 33.50
N GLY F 588 -66.89 -34.20 32.57
CA GLY F 588 -66.52 -35.25 31.65
C GLY F 588 -65.17 -34.96 31.02
N ARG F 589 -64.33 -35.99 30.85
CA ARG F 589 -63.00 -35.76 30.29
C ARG F 589 -63.12 -35.00 28.97
N VAL F 590 -62.49 -33.83 28.97
CA VAL F 590 -62.57 -32.97 27.80
C VAL F 590 -61.86 -33.62 26.63
N GLU F 591 -62.56 -33.75 25.51
CA GLU F 591 -61.95 -34.22 24.29
C GLU F 591 -61.50 -33.02 23.46
N ALA F 592 -60.40 -33.20 22.73
CA ALA F 592 -59.87 -32.15 21.88
C ALA F 592 -60.45 -32.28 20.48
N VAL F 593 -60.84 -31.14 19.91
CA VAL F 593 -61.38 -31.08 18.55
C VAL F 593 -60.26 -30.64 17.62
N PRO F 594 -59.97 -31.38 16.55
CA PRO F 594 -58.82 -31.06 15.69
C PRO F 594 -59.14 -30.02 14.61
N GLU F 595 -59.45 -28.80 15.03
CA GLU F 595 -59.43 -27.66 14.12
C GLU F 595 -58.65 -26.52 14.77
N SER F 596 -57.91 -25.79 13.94
CA SER F 596 -56.98 -24.79 14.44
C SER F 596 -57.70 -23.70 15.23
N TRP F 597 -57.08 -23.31 16.35
CA TRP F 597 -57.59 -22.22 17.17
C TRP F 597 -56.42 -21.63 17.95
N HIS F 598 -56.40 -20.30 18.04
CA HIS F 598 -55.30 -19.58 18.71
C HIS F 598 -53.95 -19.94 18.09
N GLY F 599 -53.93 -20.15 16.78
CA GLY F 599 -52.72 -20.58 16.10
C GLY F 599 -52.22 -21.95 16.51
N ARG F 600 -53.09 -22.78 17.09
CA ARG F 600 -52.75 -24.09 17.58
C ARG F 600 -53.53 -25.17 16.81
N PRO F 601 -52.97 -26.38 16.69
CA PRO F 601 -53.65 -27.39 15.85
C PRO F 601 -55.02 -27.79 16.38
N PHE F 602 -55.14 -28.07 17.67
CA PHE F 602 -56.38 -28.48 18.28
C PHE F 602 -56.91 -27.38 19.20
N HIS F 603 -58.17 -27.55 19.61
CA HIS F 603 -58.80 -26.59 20.54
C HIS F 603 -59.69 -27.40 21.49
N LEU F 604 -59.91 -26.88 22.70
CA LEU F 604 -60.84 -27.58 23.61
C LEU F 604 -62.08 -26.70 23.77
N GLU F 605 -63.27 -27.22 23.48
CA GLU F 605 -64.47 -26.41 23.78
C GLU F 605 -64.57 -26.45 25.29
N LEU F 606 -64.75 -25.30 25.94
CA LEU F 606 -64.70 -25.30 27.42
C LEU F 606 -65.78 -24.39 27.99
N THR F 607 -66.20 -24.67 29.21
CA THR F 607 -67.15 -23.76 29.89
C THR F 607 -66.34 -23.10 30.97
N LEU F 608 -66.34 -21.77 31.03
CA LEU F 608 -65.49 -21.08 32.01
C LEU F 608 -66.38 -20.62 33.15
N PRO F 609 -66.09 -21.06 34.39
CA PRO F 609 -66.88 -20.70 35.55
C PRO F 609 -66.66 -19.24 35.91
N PRO F 610 -67.65 -18.56 36.53
CA PRO F 610 -67.48 -17.14 36.80
C PRO F 610 -66.34 -16.88 37.78
N LEU F 611 -65.49 -15.90 37.49
CA LEU F 611 -64.44 -15.49 38.44
C LEU F 611 -63.60 -16.73 38.84
N ALA F 612 -63.26 -17.59 37.88
CA ALA F 612 -62.57 -18.85 38.23
C ALA F 612 -61.41 -19.17 37.29
N ILE F 613 -60.44 -19.97 37.77
CA ILE F 613 -59.31 -20.42 36.91
C ILE F 613 -59.42 -21.94 36.73
N LEU F 614 -59.28 -22.41 35.49
CA LEU F 614 -59.34 -23.86 35.19
C LEU F 614 -57.94 -24.36 34.85
N ILE F 615 -57.50 -25.44 35.50
CA ILE F 615 -56.19 -26.02 35.12
C ILE F 615 -56.46 -27.36 34.43
N LEU F 616 -55.91 -27.55 33.24
CA LEU F 616 -56.21 -28.75 32.43
C LEU F 616 -54.92 -29.52 32.09
N GLU F 617 -54.93 -30.84 32.26
CA GLU F 617 -53.75 -31.68 31.97
C GLU F 617 -54.12 -32.69 30.87
N PRO F 618 -53.29 -32.87 29.81
CA PRO F 618 -53.58 -33.89 28.83
C PRO F 618 -53.51 -35.24 29.53
N GLU F 619 -54.43 -36.14 29.18
CA GLU F 619 -54.48 -37.47 29.84
C GLU F 619 -53.29 -38.31 29.33
N SER G 2 70.83 25.82 25.86
CA SER G 2 70.34 25.00 24.76
C SER G 2 69.79 25.86 23.62
N TRP G 3 69.89 25.35 22.40
CA TRP G 3 69.30 26.03 21.26
C TRP G 3 67.79 25.83 21.19
N LEU G 4 67.31 24.62 21.50
CA LEU G 4 65.92 24.27 21.34
C LEU G 4 65.23 24.24 22.70
N THR G 5 64.15 24.99 22.83
CA THR G 5 63.30 24.92 24.01
C THR G 5 62.72 23.51 24.11
N GLU G 6 62.45 23.06 25.33
CA GLU G 6 61.84 21.73 25.42
C GLU G 6 60.45 21.70 24.82
N GLU G 7 59.75 22.83 24.78
CA GLU G 7 58.48 22.85 24.08
C GLU G 7 58.64 22.63 22.57
N ASP G 8 59.74 23.12 21.98
CA ASP G 8 59.98 23.00 20.55
C ASP G 8 59.94 21.55 20.12
N ILE G 9 60.94 20.80 20.57
CA ILE G 9 61.01 19.33 20.26
C ILE G 9 59.59 18.74 20.28
N ARG G 10 58.79 19.05 21.32
CA ARG G 10 57.45 18.44 21.43
C ARG G 10 56.59 18.86 20.24
N ARG G 11 56.67 20.13 19.84
CA ARG G 11 55.91 20.64 18.67
C ARG G 11 56.38 19.92 17.40
N TRP G 12 57.69 19.69 17.26
CA TRP G 12 58.20 18.97 16.07
C TRP G 12 57.65 17.55 16.04
N GLU G 13 57.61 16.86 17.19
CA GLU G 13 56.99 15.50 17.26
C GLU G 13 55.51 15.64 16.94
N SER G 14 54.89 16.71 17.45
CA SER G 14 53.45 16.99 17.20
C SER G 14 53.19 17.24 15.71
N GLY G 15 54.13 17.90 15.01
CA GLY G 15 53.83 18.32 13.62
C GLY G 15 53.22 19.70 13.62
N THR G 16 53.25 20.39 14.77
CA THR G 16 52.66 21.75 14.89
C THR G 16 53.70 22.86 14.88
N PHE G 17 54.98 22.60 14.57
CA PHE G 17 55.96 23.68 14.64
C PHE G 17 55.97 24.45 13.32
N TYR G 18 55.07 25.43 13.23
CA TYR G 18 54.92 26.26 12.06
C TYR G 18 55.80 27.51 12.13
N ASP G 19 56.60 27.65 13.19
CA ASP G 19 57.65 28.65 13.30
C ASP G 19 59.02 28.05 13.05
N SER G 20 59.10 26.82 12.55
CA SER G 20 60.35 26.06 12.63
C SER G 20 61.54 26.78 12.01
N TYR G 21 61.31 27.69 11.06
CA TYR G 21 62.42 28.45 10.51
C TYR G 21 63.11 29.30 11.56
N ARG G 22 62.45 29.60 12.69
CA ARG G 22 63.12 30.30 13.78
C ARG G 22 64.27 29.50 14.36
N LYS G 23 64.24 28.17 14.24
CA LYS G 23 65.25 27.35 14.91
C LYS G 23 66.02 26.44 13.98
N LEU G 24 65.41 25.94 12.92
CA LEU G 24 66.13 25.08 12.00
C LEU G 24 66.78 25.92 10.89
N GLY G 25 67.85 25.37 10.32
CA GLY G 25 68.66 26.13 9.40
C GLY G 25 69.82 26.83 10.08
N ALA G 26 70.28 27.93 9.51
CA ALA G 26 71.43 28.68 10.03
C ALA G 26 70.99 30.06 10.53
N HIS G 27 71.33 30.36 11.79
CA HIS G 27 70.96 31.62 12.42
C HIS G 27 72.20 32.28 13.03
N PRO G 28 72.72 33.35 12.43
CA PRO G 28 73.97 33.96 12.90
C PRO G 28 73.83 34.83 14.15
N ASP G 29 74.89 34.83 14.96
CA ASP G 29 75.10 35.88 15.96
C ASP G 29 76.24 36.74 15.46
N GLU G 30 76.65 37.67 16.30
CA GLU G 30 77.83 38.45 16.01
C GLU G 30 79.09 37.66 16.32
N GLU G 31 78.98 36.62 17.15
CA GLU G 31 80.14 35.79 17.45
C GLU G 31 80.15 34.45 16.75
N GLY G 32 79.02 34.01 16.22
CA GLY G 32 78.99 32.76 15.47
C GLY G 32 77.64 32.54 14.83
N THR G 33 77.41 31.30 14.41
CA THR G 33 76.13 30.90 13.83
C THR G 33 75.65 29.62 14.48
N TRP G 34 74.35 29.55 14.76
CA TRP G 34 73.70 28.34 15.24
C TRP G 34 73.20 27.50 14.05
N PHE G 35 73.37 26.18 14.17
CA PHE G 35 72.93 25.24 13.15
C PHE G 35 71.98 24.20 13.73
N CYS G 36 70.90 23.91 13.00
CA CYS G 36 69.91 22.92 13.41
C CYS G 36 69.39 22.15 12.21
N VAL G 37 69.40 20.81 12.32
CA VAL G 37 69.08 19.92 11.22
C VAL G 37 68.07 18.89 11.70
N TRP G 38 67.18 18.47 10.81
CA TRP G 38 66.30 17.34 11.09
C TRP G 38 66.89 16.12 10.38
N ALA G 39 67.38 15.16 11.16
CA ALA G 39 67.99 13.95 10.61
C ALA G 39 67.77 12.80 11.58
N PRO G 40 66.56 12.23 11.59
CA PRO G 40 66.24 11.23 12.63
C PRO G 40 67.05 9.94 12.55
N HIS G 41 67.36 9.44 11.35
CA HIS G 41 68.13 8.20 11.23
C HIS G 41 69.61 8.48 11.03
N ALA G 42 70.11 9.59 11.55
CA ALA G 42 71.52 9.91 11.43
C ALA G 42 72.22 9.46 12.71
N ASP G 43 73.35 8.79 12.54
CA ASP G 43 74.17 8.44 13.69
C ASP G 43 75.08 9.59 14.10
N ALA G 44 75.38 10.49 13.17
CA ALA G 44 76.19 11.67 13.45
C ALA G 44 75.85 12.76 12.42
N VAL G 45 76.03 14.02 12.83
CA VAL G 45 75.89 15.18 11.94
C VAL G 45 76.95 16.20 12.31
N SER G 46 77.60 16.77 11.29
CA SER G 46 78.64 17.77 11.45
C SER G 46 78.44 18.88 10.42
N VAL G 47 78.78 20.10 10.79
CA VAL G 47 78.77 21.24 9.86
C VAL G 47 80.18 21.50 9.37
N LEU G 48 80.34 21.59 8.06
CA LEU G 48 81.63 21.79 7.42
C LEU G 48 81.60 23.12 6.67
N GLY G 49 82.70 23.87 6.75
CA GLY G 49 82.74 25.18 6.12
C GLY G 49 84.13 25.79 6.18
N ALA G 50 84.29 26.89 5.44
CA ALA G 50 85.53 27.66 5.47
C ALA G 50 85.93 28.02 6.89
N PHE G 51 84.96 28.18 7.79
CA PHE G 51 85.23 28.55 9.16
C PHE G 51 85.86 27.44 9.98
N ASN G 52 86.03 26.23 9.44
CA ASN G 52 86.65 25.19 10.24
C ASN G 52 87.38 24.15 9.41
N ASN G 53 88.21 24.56 8.48
CA ASN G 53 88.96 23.56 7.71
C ASN G 53 88.12 22.52 6.98
N TRP G 54 86.85 22.75 6.73
CA TRP G 54 85.98 21.72 6.13
C TRP G 54 86.25 20.37 6.81
N ASP G 55 86.58 20.46 8.10
CA ASP G 55 86.96 19.30 8.88
C ASP G 55 85.71 18.68 9.47
N PRO G 56 85.45 17.40 9.22
CA PRO G 56 84.20 16.79 9.69
C PRO G 56 84.10 16.67 11.20
N GLU G 57 85.21 16.64 11.93
CA GLU G 57 85.17 16.49 13.37
C GLU G 57 85.18 17.84 14.10
N ALA G 58 85.28 18.95 13.38
CA ALA G 58 85.42 20.25 14.04
C ALA G 58 84.18 20.59 14.86
N HIS G 59 83.00 20.45 14.29
CA HIS G 59 81.76 20.87 14.95
C HIS G 59 80.72 19.77 14.69
N GLN G 60 80.66 18.80 15.60
CA GLN G 60 79.70 17.72 15.50
C GLN G 60 78.46 18.15 16.26
N LEU G 61 77.36 18.37 15.54
CA LEU G 61 76.14 18.76 16.23
C LEU G 61 75.69 17.61 17.13
N GLU G 62 75.00 17.96 18.22
CA GLU G 62 74.54 16.99 19.19
C GLU G 62 73.10 16.62 18.96
N ARG G 63 72.79 15.35 19.13
CA ARG G 63 71.45 14.81 18.94
C ARG G 63 70.57 15.23 20.11
N TYR G 64 69.45 15.88 19.81
CA TYR G 64 68.44 16.21 20.81
C TYR G 64 67.27 15.24 20.67
N GLY G 65 66.05 15.71 20.99
CA GLY G 65 64.87 14.89 20.77
C GLY G 65 64.35 15.04 19.34
N ALA G 66 63.30 14.30 19.01
CA ALA G 66 62.75 14.25 17.66
C ALA G 66 63.74 14.23 16.49
N GLY G 67 64.84 13.51 16.58
CA GLY G 67 65.68 13.56 15.38
C GLY G 67 66.26 14.93 15.05
N LEU G 68 66.18 15.89 15.96
CA LEU G 68 66.72 17.23 15.71
C LEU G 68 68.15 17.31 16.22
N TRP G 69 69.00 17.95 15.42
CA TRP G 69 70.41 18.15 15.75
C TRP G 69 70.69 19.64 15.89
N ALA G 70 71.56 19.99 16.83
CA ALA G 70 71.86 21.40 17.07
C ALA G 70 73.32 21.58 17.41
N GLY G 71 73.85 22.75 17.05
CA GLY G 71 75.20 23.11 17.41
C GLY G 71 75.51 24.56 17.12
N TYR G 72 76.45 25.11 17.87
CA TYR G 72 76.92 26.48 17.69
C TYR G 72 78.33 26.45 17.15
N VAL G 73 78.60 27.32 16.18
CA VAL G 73 79.95 27.39 15.60
C VAL G 73 80.45 28.82 15.72
N PRO G 74 81.41 29.10 16.60
CA PRO G 74 81.99 30.45 16.66
C PRO G 74 82.78 30.74 15.40
N GLY G 75 82.60 31.95 14.87
CA GLY G 75 83.28 32.37 13.67
C GLY G 75 82.58 32.06 12.37
N ALA G 76 81.55 31.21 12.40
CA ALA G 76 80.70 31.06 11.23
C ALA G 76 79.86 32.32 11.09
N LEU G 77 80.03 33.01 9.97
CA LEU G 77 79.50 34.36 9.83
C LEU G 77 78.63 34.46 8.59
N PRO G 78 77.78 35.48 8.50
CA PRO G 78 76.97 35.65 7.29
C PRO G 78 77.88 35.75 6.08
N GLY G 79 77.43 35.15 4.97
CA GLY G 79 78.20 35.08 3.75
C GLY G 79 79.13 33.89 3.58
N HIS G 80 79.32 33.05 4.59
CA HIS G 80 80.02 31.78 4.38
C HIS G 80 79.08 30.72 3.82
N ALA G 81 79.66 29.78 3.09
CA ALA G 81 78.97 28.56 2.67
C ALA G 81 79.19 27.46 3.71
N TYR G 82 78.19 26.58 3.86
CA TYR G 82 78.29 25.48 4.80
C TYR G 82 77.68 24.23 4.18
N LYS G 83 77.86 23.11 4.89
CA LYS G 83 77.48 21.81 4.37
C LYS G 83 77.30 20.89 5.57
N TYR G 84 76.32 20.01 5.50
CA TYR G 84 76.07 19.04 6.54
C TYR G 84 76.66 17.71 6.10
N ARG G 85 77.44 17.09 6.97
CA ARG G 85 77.99 15.76 6.72
C ARG G 85 77.23 14.85 7.68
N ILE G 86 76.29 14.08 7.14
CA ILE G 86 75.43 13.22 7.95
C ILE G 86 75.93 11.80 7.77
N ARG G 87 76.08 11.08 8.88
CA ARG G 87 76.58 9.71 8.85
C ARG G 87 75.43 8.76 9.14
N HIS G 88 75.13 7.90 8.19
CA HIS G 88 74.16 6.83 8.36
C HIS G 88 74.96 5.54 8.49
N GLY G 89 75.29 5.16 9.72
CA GLY G 89 76.03 3.94 9.97
C GLY G 89 77.33 3.89 9.18
N PHE G 90 77.43 2.91 8.29
CA PHE G 90 78.68 2.68 7.55
C PHE G 90 79.02 3.81 6.60
N TYR G 91 78.02 4.50 6.07
CA TYR G 91 78.20 5.42 4.95
C TYR G 91 78.04 6.86 5.40
N GLN G 92 78.74 7.74 4.69
CA GLN G 92 78.73 9.13 5.07
C GLN G 92 78.34 9.95 3.84
N ALA G 93 77.69 11.09 4.03
CA ALA G 93 77.27 11.86 2.85
C ALA G 93 77.18 13.34 3.19
N ASP G 94 77.50 14.18 2.22
CA ASP G 94 77.36 15.64 2.35
C ASP G 94 76.02 16.07 1.78
N LYS G 95 75.30 16.92 2.52
CA LYS G 95 73.98 17.38 2.11
C LYS G 95 73.88 18.90 2.27
N THR G 96 73.00 19.51 1.48
CA THR G 96 72.69 20.91 1.66
C THR G 96 71.66 21.09 2.76
N ASP G 97 71.55 22.31 3.27
CA ASP G 97 70.57 22.63 4.29
C ASP G 97 69.16 22.67 3.69
N PRO G 98 68.23 21.84 4.17
CA PRO G 98 66.84 21.97 3.71
C PRO G 98 66.24 23.31 4.06
N TYR G 99 66.66 23.91 5.17
CA TYR G 99 66.19 25.22 5.62
C TYR G 99 67.09 26.36 5.16
N ALA G 100 67.93 26.14 4.15
CA ALA G 100 68.82 27.19 3.68
C ALA G 100 68.05 28.45 3.31
N PHE G 101 68.51 29.59 3.82
CA PHE G 101 67.84 30.86 3.56
C PHE G 101 68.37 31.58 2.33
N ALA G 102 69.51 31.14 1.80
CA ALA G 102 69.98 31.56 0.49
C ALA G 102 70.96 30.51 0.07
N MET G 103 70.96 30.16 -1.21
CA MET G 103 71.90 29.20 -1.76
C MET G 103 72.59 29.85 -2.94
N GLU G 104 73.86 29.49 -3.13
CA GLU G 104 74.58 30.24 -4.12
C GLU G 104 75.59 29.26 -4.71
N PRO G 105 75.80 29.30 -6.01
CA PRO G 105 76.64 28.32 -6.66
C PRO G 105 78.11 28.67 -6.51
N PRO G 106 78.91 27.74 -5.98
CA PRO G 106 80.35 28.01 -5.88
C PRO G 106 81.00 28.17 -7.24
N THR G 107 80.58 27.35 -8.19
CA THR G 107 81.08 27.38 -9.55
C THR G 107 80.67 28.62 -10.32
N GLY G 108 79.52 29.22 -10.00
CA GLY G 108 78.89 30.21 -10.84
C GLY G 108 77.79 29.63 -11.71
N SER G 109 77.75 28.30 -11.85
CA SER G 109 76.68 27.64 -12.63
C SER G 109 75.81 26.80 -11.69
N PRO G 110 74.48 27.06 -11.61
CA PRO G 110 73.64 26.36 -10.65
C PRO G 110 73.54 24.86 -10.84
N ILE G 111 73.40 24.40 -12.08
CA ILE G 111 73.19 22.94 -12.30
C ILE G 111 74.42 22.18 -11.80
N GLU G 112 75.60 22.81 -11.88
CA GLU G 112 76.80 22.18 -11.28
C GLU G 112 76.62 22.10 -9.74
N GLY G 113 76.76 23.22 -9.03
CA GLY G 113 76.65 23.23 -7.56
C GLY G 113 75.71 24.29 -7.03
N LEU G 114 74.93 23.99 -5.98
CA LEU G 114 74.05 25.00 -5.32
C LEU G 114 74.25 24.92 -3.79
N ALA G 115 75.26 25.58 -3.22
CA ALA G 115 75.54 25.42 -1.77
C ALA G 115 74.78 26.40 -0.87
N SER G 116 74.52 26.03 0.39
CA SER G 116 73.90 26.91 1.36
C SER G 116 74.87 27.99 1.85
N ILE G 117 74.35 29.20 2.04
CA ILE G 117 75.12 30.35 2.52
C ILE G 117 74.46 30.85 3.79
N ILE G 118 75.25 31.07 4.85
CA ILE G 118 74.69 31.64 6.07
C ILE G 118 74.29 33.09 5.82
N THR G 119 73.05 33.41 6.16
CA THR G 119 72.48 34.72 5.83
C THR G 119 71.70 35.26 7.03
N ARG G 120 71.70 36.58 7.12
CA ARG G 120 70.86 37.30 8.07
C ARG G 120 69.73 37.94 7.27
N LEU G 121 68.51 37.82 7.79
CA LEU G 121 67.31 38.20 7.05
C LEU G 121 66.77 39.56 7.45
N ASP G 122 67.58 40.37 8.14
CA ASP G 122 67.19 41.73 8.50
C ASP G 122 66.73 42.51 7.28
N TYR G 123 65.51 43.04 7.35
CA TYR G 123 64.97 43.92 6.32
C TYR G 123 63.86 44.75 6.94
N THR G 124 63.80 46.04 6.58
CA THR G 124 62.76 46.94 7.06
C THR G 124 61.76 47.25 5.96
N TRP G 125 60.50 47.04 6.26
CA TRP G 125 59.42 47.19 5.29
C TRP G 125 58.89 48.61 5.32
N HIS G 126 58.39 49.05 4.17
CA HIS G 126 57.75 50.36 4.04
C HIS G 126 56.37 50.20 3.42
N ASP G 127 55.79 49.01 3.54
CA ASP G 127 54.50 48.68 2.95
C ASP G 127 53.38 48.60 3.97
N ASP G 128 53.55 49.26 5.12
CA ASP G 128 52.52 49.27 6.17
C ASP G 128 51.13 49.51 5.61
N ALA G 129 50.99 50.55 4.79
CA ALA G 129 49.66 50.92 4.29
C ALA G 129 49.03 49.78 3.49
N TRP G 130 49.83 49.13 2.64
CA TRP G 130 49.31 48.00 1.89
C TRP G 130 48.90 46.87 2.82
N MET G 131 49.76 46.54 3.79
CA MET G 131 49.50 45.39 4.64
C MET G 131 48.36 45.65 5.62
N GLN G 132 48.14 46.91 5.98
CA GLN G 132 46.99 47.24 6.83
C GLN G 132 45.68 47.25 6.05
N ARG G 133 45.71 47.45 4.74
CA ARG G 133 44.50 47.45 3.93
C ARG G 133 44.32 46.15 3.15
N ARG G 134 45.31 45.27 3.19
CA ARG G 134 45.23 43.99 2.48
C ARG G 134 43.95 43.24 2.83
N LYS G 135 43.36 42.59 1.83
CA LYS G 135 42.16 41.79 2.02
C LYS G 135 42.28 40.49 1.24
N GLY G 136 42.43 39.38 1.97
CA GLY G 136 42.44 38.04 1.41
C GLY G 136 41.08 37.50 1.02
N PRO G 137 40.51 36.67 1.90
CA PRO G 137 39.21 36.04 1.62
C PRO G 137 38.10 37.03 1.31
N ALA G 138 38.15 38.24 1.86
CA ALA G 138 37.16 39.25 1.53
C ALA G 138 37.27 39.72 0.08
N SER G 139 38.34 39.37 -0.63
CA SER G 139 38.51 39.74 -2.03
C SER G 139 37.51 39.08 -2.97
N LEU G 140 36.78 38.06 -2.51
CA LEU G 140 35.70 37.47 -3.31
C LEU G 140 34.76 38.52 -3.87
N TYR G 141 34.67 39.66 -3.21
CA TYR G 141 33.76 40.74 -3.58
C TYR G 141 34.51 41.95 -4.11
N GLU G 142 35.75 41.76 -4.54
CA GLU G 142 36.59 42.79 -5.16
C GLU G 142 37.17 42.27 -6.46
N PRO G 143 37.55 43.15 -7.37
CA PRO G 143 38.16 42.68 -8.63
C PRO G 143 39.56 42.16 -8.37
N VAL G 144 39.81 40.93 -8.83
CA VAL G 144 41.13 40.31 -8.74
C VAL G 144 41.56 40.00 -10.16
N SER G 145 42.56 40.72 -10.64
CA SER G 145 43.10 40.57 -11.99
C SER G 145 44.61 40.33 -11.88
N ILE G 146 45.04 39.12 -12.18
CA ILE G 146 46.43 38.69 -11.95
C ILE G 146 47.21 38.72 -13.25
N TYR G 147 48.41 39.30 -13.18
CA TYR G 147 49.40 39.25 -14.25
C TYR G 147 50.45 38.19 -13.87
N GLU G 148 50.46 37.06 -14.56
CA GLU G 148 51.38 35.97 -14.24
C GLU G 148 52.72 36.21 -14.92
N VAL G 149 53.82 36.01 -14.18
CA VAL G 149 55.15 36.42 -14.63
C VAL G 149 56.19 35.38 -14.23
N HIS G 150 57.09 35.10 -15.17
CA HIS G 150 58.38 34.47 -14.88
C HIS G 150 59.45 35.56 -15.00
N LEU G 151 60.12 35.83 -13.87
CA LEU G 151 60.96 37.04 -13.78
C LEU G 151 62.12 37.03 -14.77
N GLY G 152 62.82 35.90 -14.90
CA GLY G 152 63.93 35.87 -15.83
C GLY G 152 63.49 36.05 -17.26
N SER G 153 62.30 35.59 -17.60
CA SER G 153 61.82 35.66 -18.97
C SER G 153 61.17 36.98 -19.30
N TRP G 154 60.73 37.74 -18.30
CA TRP G 154 59.89 38.91 -18.55
C TRP G 154 60.66 39.93 -19.37
N ARG G 155 61.69 40.51 -18.77
CA ARG G 155 62.52 41.45 -19.48
C ARG G 155 63.97 41.11 -19.22
N HIS G 156 64.79 41.38 -20.22
CA HIS G 156 66.21 41.13 -20.15
C HIS G 156 66.87 42.50 -20.13
N LYS G 157 67.85 42.67 -19.24
CA LYS G 157 68.59 43.92 -19.22
C LYS G 157 69.43 44.04 -20.47
N GLN G 158 69.88 42.89 -20.95
CA GLN G 158 70.62 42.74 -22.19
C GLN G 158 70.42 41.29 -22.65
N PRO G 159 70.71 40.98 -23.92
CA PRO G 159 70.32 39.65 -24.44
C PRO G 159 70.88 38.52 -23.59
N GLY G 160 70.00 37.66 -23.11
CA GLY G 160 70.36 36.52 -22.31
C GLY G 160 70.69 36.80 -20.86
N VAL G 161 70.45 38.01 -20.34
CA VAL G 161 70.70 38.32 -18.95
C VAL G 161 69.44 38.99 -18.40
N SER G 162 68.90 38.43 -17.33
CA SER G 162 67.66 38.88 -16.75
C SER G 162 67.84 40.15 -15.92
N PHE G 163 66.71 40.74 -15.52
CA PHE G 163 66.70 41.87 -14.61
C PHE G 163 66.85 41.34 -13.18
N SER G 164 67.60 42.08 -12.37
CA SER G 164 67.69 41.78 -10.94
C SER G 164 66.35 42.04 -10.24
N TYR G 165 66.22 41.50 -9.02
CA TYR G 165 65.05 41.80 -8.19
C TYR G 165 64.90 43.31 -8.00
N ARG G 166 66.01 43.99 -7.68
CA ARG G 166 65.96 45.42 -7.46
C ARG G 166 65.61 46.14 -8.75
N GLU G 167 66.35 45.81 -9.80
CA GLU G 167 66.20 46.43 -11.11
C GLU G 167 64.84 46.12 -11.74
N ILE G 168 64.30 44.92 -11.50
CA ILE G 168 62.97 44.59 -12.05
C ILE G 168 61.85 45.41 -11.39
N ALA G 169 62.00 45.82 -10.12
CA ALA G 169 60.88 46.39 -9.36
C ALA G 169 60.18 47.51 -10.12
N GLU G 170 60.93 48.55 -10.50
CA GLU G 170 60.36 49.75 -11.11
C GLU G 170 59.75 49.48 -12.49
N PRO G 171 60.42 48.73 -13.38
CA PRO G 171 59.76 48.38 -14.66
C PRO G 171 58.50 47.56 -14.46
N LEU G 172 58.52 46.59 -13.55
CA LEU G 172 57.35 45.75 -13.35
C LEU G 172 56.19 46.55 -12.79
N ALA G 173 56.42 47.31 -11.72
CA ALA G 173 55.36 48.11 -11.13
C ALA G 173 54.78 49.12 -12.12
N ASP G 174 55.65 49.78 -12.87
CA ASP G 174 55.14 50.81 -13.81
C ASP G 174 54.23 50.13 -14.81
N TYR G 175 54.70 49.03 -15.41
CA TYR G 175 53.91 48.34 -16.46
C TYR G 175 52.60 47.78 -15.90
N VAL G 176 52.65 47.17 -14.71
CA VAL G 176 51.44 46.54 -14.13
C VAL G 176 50.38 47.63 -13.88
N GLN G 177 50.82 48.78 -13.37
CA GLN G 177 49.88 49.89 -13.09
C GLN G 177 49.24 50.40 -14.39
N ASP G 178 50.03 50.51 -15.47
CA ASP G 178 49.48 50.97 -16.77
C ASP G 178 48.45 49.94 -17.23
N LEU G 179 48.75 48.66 -17.07
CA LEU G 179 47.80 47.56 -17.42
C LEU G 179 46.55 47.62 -16.53
N GLY G 180 46.71 48.00 -15.26
CA GLY G 180 45.57 47.99 -14.31
C GLY G 180 45.44 46.68 -13.57
N PHE G 181 46.41 45.78 -13.73
CA PHE G 181 46.40 44.51 -12.96
C PHE G 181 46.51 44.79 -11.46
N THR G 182 45.85 43.97 -10.64
CA THR G 182 45.85 44.08 -9.18
C THR G 182 46.97 43.29 -8.53
N HIS G 183 47.33 42.12 -9.08
CA HIS G 183 48.34 41.26 -8.50
C HIS G 183 49.33 40.79 -9.55
N VAL G 184 50.50 40.39 -9.10
CA VAL G 184 51.46 39.64 -9.89
C VAL G 184 51.60 38.24 -9.31
N GLU G 185 51.52 37.23 -10.16
CA GLU G 185 51.78 35.85 -9.77
C GLU G 185 53.16 35.44 -10.31
N LEU G 186 54.03 35.01 -9.41
CA LEU G 186 55.39 34.64 -9.78
C LEU G 186 55.52 33.12 -9.83
N LEU G 187 55.95 32.59 -10.97
CA LEU G 187 56.36 31.20 -11.07
C LEU G 187 57.46 30.93 -10.05
N PRO G 188 57.60 29.68 -9.56
CA PRO G 188 58.31 29.44 -8.29
C PRO G 188 59.66 30.12 -8.16
N ILE G 189 59.79 30.92 -7.09
CA ILE G 189 61.03 31.64 -6.79
C ILE G 189 62.00 30.80 -5.98
N MET G 190 61.55 29.68 -5.42
CA MET G 190 62.40 28.88 -4.56
C MET G 190 63.56 28.28 -5.35
N GLU G 191 64.70 28.13 -4.67
CA GLU G 191 65.94 27.79 -5.34
C GLU G 191 65.82 26.48 -6.11
N HIS G 192 66.24 26.50 -7.37
CA HIS G 192 66.16 25.34 -8.25
C HIS G 192 67.38 25.29 -9.17
N PRO G 193 67.94 24.10 -9.40
CA PRO G 193 69.15 23.99 -10.21
C PRO G 193 68.93 24.26 -11.69
N TYR G 194 67.93 23.63 -12.29
CA TYR G 194 67.68 23.73 -13.73
C TYR G 194 66.78 24.93 -13.97
N TYR G 195 67.35 25.97 -14.60
CA TYR G 195 66.56 27.14 -14.96
C TYR G 195 65.36 26.76 -15.81
N GLY G 196 65.53 25.78 -16.70
CA GLY G 196 64.43 25.32 -17.55
C GLY G 196 63.29 24.70 -16.78
N SER G 197 63.49 24.38 -15.50
CA SER G 197 62.38 23.91 -14.68
C SER G 197 61.35 25.00 -14.42
N TRP G 198 61.69 26.26 -14.67
CA TRP G 198 60.88 27.44 -14.36
C TRP G 198 60.69 27.61 -12.86
N GLY G 199 61.33 26.77 -12.05
CA GLY G 199 61.20 26.79 -10.61
C GLY G 199 60.36 25.68 -10.05
N TYR G 200 59.75 24.84 -10.87
CA TYR G 200 58.86 23.81 -10.36
C TYR G 200 59.61 22.61 -9.80
N GLN G 201 60.89 22.46 -10.09
CA GLN G 201 61.74 21.49 -9.40
C GLN G 201 62.60 22.23 -8.39
N VAL G 202 62.19 22.21 -7.13
CA VAL G 202 62.71 23.09 -6.10
C VAL G 202 63.67 22.31 -5.20
N VAL G 203 64.84 22.89 -4.94
CA VAL G 203 65.77 22.35 -3.95
C VAL G 203 65.78 23.20 -2.68
N GLY G 204 65.75 24.52 -2.81
CA GLY G 204 65.77 25.40 -1.67
C GLY G 204 64.44 26.09 -1.40
N TYR G 205 63.57 25.44 -0.62
CA TYR G 205 62.25 25.99 -0.35
C TYR G 205 62.31 27.29 0.43
N TYR G 206 63.31 27.44 1.30
CA TYR G 206 63.44 28.62 2.15
C TYR G 206 64.38 29.66 1.58
N ALA G 207 64.87 29.46 0.36
CA ALA G 207 65.82 30.37 -0.24
C ALA G 207 65.24 30.93 -1.53
N PRO G 208 65.13 32.24 -1.66
CA PRO G 208 64.80 32.82 -2.97
C PRO G 208 65.96 32.61 -3.93
N THR G 209 65.62 32.45 -5.20
CA THR G 209 66.63 32.06 -6.18
C THR G 209 67.72 33.13 -6.28
N PHE G 210 68.96 32.65 -6.39
CA PHE G 210 70.13 33.55 -6.43
C PHE G 210 70.18 34.36 -7.72
N ARG G 211 69.61 33.83 -8.81
CA ARG G 211 69.80 34.43 -10.13
C ARG G 211 69.37 35.89 -10.18
N TYR G 212 68.41 36.30 -9.35
CA TYR G 212 67.91 37.66 -9.42
C TYR G 212 68.36 38.52 -8.24
N GLY G 213 69.12 37.98 -7.30
CA GLY G 213 69.72 38.79 -6.27
C GLY G 213 69.67 38.11 -4.91
N THR G 214 69.83 38.93 -3.87
CA THR G 214 69.86 38.47 -2.50
C THR G 214 68.45 38.19 -2.00
N PRO G 215 68.32 37.52 -0.86
CA PRO G 215 67.00 37.45 -0.21
C PRO G 215 66.35 38.81 0.04
N GLN G 216 67.11 39.77 0.61
CA GLN G 216 66.56 41.09 0.85
C GLN G 216 66.23 41.82 -0.44
N ASP G 217 66.97 41.55 -1.51
CA ASP G 217 66.60 42.09 -2.82
C ASP G 217 65.18 41.69 -3.19
N LEU G 218 64.81 40.44 -2.89
CA LEU G 218 63.44 40.00 -3.19
C LEU G 218 62.43 40.74 -2.32
N MET G 219 62.73 40.90 -1.02
CA MET G 219 61.85 41.69 -0.17
C MET G 219 61.71 43.12 -0.66
N TYR G 220 62.80 43.74 -1.10
CA TYR G 220 62.69 45.09 -1.64
C TYR G 220 61.72 45.11 -2.81
N LEU G 221 61.83 44.11 -3.69
CA LEU G 221 60.90 44.01 -4.81
C LEU G 221 59.47 43.90 -4.32
N ILE G 222 59.21 43.00 -3.37
CA ILE G 222 57.87 42.86 -2.80
C ILE G 222 57.44 44.12 -2.09
N ASP G 223 58.33 44.68 -1.25
CA ASP G 223 58.07 45.95 -0.60
C ASP G 223 57.65 47.02 -1.60
N TYR G 224 58.46 47.17 -2.66
CA TYR G 224 58.17 48.16 -3.70
C TYR G 224 56.80 47.93 -4.33
N LEU G 225 56.54 46.69 -4.78
CA LEU G 225 55.28 46.38 -5.42
C LEU G 225 54.08 46.73 -4.54
N HIS G 226 54.21 46.53 -3.22
CA HIS G 226 53.12 46.88 -2.32
C HIS G 226 52.89 48.38 -2.27
N GLN G 227 53.95 49.16 -2.07
CA GLN G 227 53.82 50.62 -2.09
C GLN G 227 53.16 51.11 -3.37
N ARG G 228 53.41 50.42 -4.49
CA ARG G 228 52.73 50.72 -5.74
C ARG G 228 51.32 50.13 -5.79
N GLY G 229 50.88 49.44 -4.74
CA GLY G 229 49.53 48.93 -4.70
C GLY G 229 49.31 47.64 -5.46
N ILE G 230 50.36 46.85 -5.70
CA ILE G 230 50.27 45.61 -6.45
C ILE G 230 50.45 44.45 -5.48
N GLY G 231 49.66 43.39 -5.68
CA GLY G 231 49.79 42.19 -4.88
C GLY G 231 50.76 41.20 -5.48
N VAL G 232 51.34 40.37 -4.63
CA VAL G 232 52.32 39.37 -5.04
C VAL G 232 51.82 38.00 -4.59
N ILE G 233 51.51 37.14 -5.56
CA ILE G 233 51.16 35.75 -5.31
C ILE G 233 52.34 34.91 -5.77
N LEU G 234 52.79 33.99 -4.92
CA LEU G 234 53.91 33.12 -5.23
C LEU G 234 53.41 31.74 -5.63
N ASP G 235 54.06 31.14 -6.63
CA ASP G 235 53.81 29.76 -6.94
C ASP G 235 54.62 28.88 -5.99
N TRP G 236 53.95 27.89 -5.42
CA TRP G 236 54.50 27.06 -4.36
C TRP G 236 54.34 25.61 -4.76
N VAL G 237 55.35 24.79 -4.47
CA VAL G 237 55.35 23.42 -4.99
C VAL G 237 55.44 22.41 -3.86
N PRO G 238 54.35 22.19 -3.11
CA PRO G 238 54.34 21.09 -2.14
C PRO G 238 54.10 19.74 -2.77
N SER G 239 53.90 19.71 -4.09
CA SER G 239 53.52 18.49 -4.78
C SER G 239 54.68 17.49 -4.82
N HIS G 240 55.90 18.00 -4.96
CA HIS G 240 57.10 17.18 -5.11
C HIS G 240 58.29 18.06 -4.81
N PHE G 241 59.44 17.40 -4.60
CA PHE G 241 60.73 18.12 -4.40
C PHE G 241 61.65 17.78 -5.57
N ALA G 242 62.71 18.56 -5.78
CA ALA G 242 63.63 18.36 -6.94
C ALA G 242 64.44 17.08 -6.84
N ALA G 243 64.72 16.47 -7.99
CA ALA G 243 65.60 15.28 -8.01
C ALA G 243 67.06 15.70 -8.05
N ASP G 244 67.58 16.25 -6.95
CA ASP G 244 69.02 16.61 -6.89
C ASP G 244 69.64 15.83 -5.75
N PRO G 245 70.78 15.13 -5.92
CA PRO G 245 71.31 14.26 -4.88
C PRO G 245 71.65 15.02 -3.61
N GLN G 246 72.23 16.21 -3.76
CA GLN G 246 72.61 17.03 -2.59
C GLN G 246 71.35 17.51 -1.85
N GLY G 247 70.18 17.52 -2.50
CA GLY G 247 68.99 18.05 -1.86
C GLY G 247 68.36 17.15 -0.82
N LEU G 248 67.02 17.07 -0.86
CA LEU G 248 66.24 16.37 0.16
C LEU G 248 66.20 14.86 -0.02
N VAL G 249 66.46 14.36 -1.23
CA VAL G 249 66.49 12.93 -1.50
C VAL G 249 67.36 12.18 -0.52
N TYR G 250 66.76 11.22 0.18
CA TYR G 250 67.44 10.34 1.14
C TYR G 250 68.41 11.10 2.03
N PHE G 251 67.84 12.04 2.79
CA PHE G 251 68.65 12.99 3.54
C PHE G 251 69.51 12.26 4.57
N ASP G 252 68.90 11.32 5.30
CA ASP G 252 69.60 10.55 6.32
C ASP G 252 70.24 9.27 5.78
N GLY G 253 70.27 9.06 4.46
CA GLY G 253 70.62 7.75 3.96
C GLY G 253 69.43 6.83 3.82
N THR G 254 68.26 7.26 4.27
CA THR G 254 67.02 6.53 4.21
C THR G 254 65.95 7.47 3.64
N THR G 255 64.75 6.95 3.47
CA THR G 255 63.62 7.81 3.14
C THR G 255 63.31 8.76 4.31
N LEU G 256 63.20 10.06 4.02
CA LEU G 256 62.83 11.06 5.01
C LEU G 256 61.70 11.93 4.49
N PHE G 257 61.98 12.73 3.47
CA PHE G 257 60.91 13.47 2.82
C PHE G 257 60.12 12.58 1.88
N GLU G 258 60.71 11.47 1.48
CA GLU G 258 60.12 10.45 0.63
C GLU G 258 59.21 9.55 1.46
N TYR G 259 58.38 8.78 0.76
CA TYR G 259 57.60 7.76 1.43
C TYR G 259 58.50 6.64 1.91
N ASP G 260 58.31 6.23 3.17
CA ASP G 260 59.11 5.11 3.69
C ASP G 260 58.76 3.85 2.90
N ASP G 261 57.47 3.66 2.65
CA ASP G 261 57.00 2.51 1.92
C ASP G 261 57.44 2.59 0.46
N PRO G 262 57.99 1.51 -0.12
CA PRO G 262 58.31 1.57 -1.55
C PRO G 262 57.09 1.69 -2.43
N ARG G 263 56.05 0.90 -2.13
CA ARG G 263 54.90 0.75 -3.03
C ARG G 263 54.33 2.12 -3.45
N MET G 264 54.10 3.01 -2.50
CA MET G 264 53.55 4.29 -2.93
C MET G 264 54.68 5.25 -3.26
N ARG G 265 54.41 6.15 -4.21
CA ARG G 265 55.41 6.88 -4.97
C ARG G 265 56.26 5.88 -5.72
N TRP G 270 54.92 12.32 -11.10
CA TRP G 270 56.22 12.18 -10.47
C TRP G 270 56.34 10.78 -9.86
N GLY G 271 57.55 10.34 -9.58
CA GLY G 271 57.76 9.12 -8.83
C GLY G 271 58.77 9.30 -7.72
N THR G 272 58.52 8.71 -6.53
CA THR G 272 59.49 8.67 -5.43
C THR G 272 59.76 10.02 -4.77
N TYR G 273 59.74 11.09 -5.54
CA TYR G 273 60.19 12.39 -5.05
C TYR G 273 59.00 13.18 -4.55
N VAL G 274 58.00 12.45 -4.05
CA VAL G 274 56.85 13.01 -3.37
C VAL G 274 57.15 13.13 -1.88
N PHE G 275 56.53 14.12 -1.25
CA PHE G 275 56.64 14.30 0.19
C PHE G 275 55.74 13.30 0.92
N ASP G 276 56.27 12.69 1.97
CA ASP G 276 55.48 11.77 2.79
C ASP G 276 54.69 12.61 3.77
N TYR G 277 53.45 12.93 3.40
CA TYR G 277 52.62 13.77 4.25
C TYR G 277 52.22 13.10 5.55
N ASN G 278 52.45 11.79 5.71
CA ASN G 278 52.20 11.13 6.99
C ASN G 278 53.16 11.61 8.07
N LYS G 279 54.39 11.89 7.68
CA LYS G 279 55.43 12.18 8.67
C LYS G 279 55.15 13.52 9.32
N PRO G 280 55.16 13.61 10.66
CA PRO G 280 54.99 14.91 11.31
C PRO G 280 56.05 15.92 10.90
N GLY G 281 57.28 15.46 10.70
CA GLY G 281 58.34 16.37 10.27
C GLY G 281 58.11 16.94 8.88
N VAL G 282 57.62 16.11 7.96
CA VAL G 282 57.36 16.58 6.60
C VAL G 282 56.28 17.66 6.60
N ARG G 283 55.19 17.41 7.35
CA ARG G 283 54.14 18.41 7.44
C ARG G 283 54.65 19.70 8.08
N ASN G 284 55.47 19.56 9.13
CA ASN G 284 56.14 20.73 9.72
C ASN G 284 56.93 21.49 8.67
N PHE G 285 57.87 20.82 8.01
CA PHE G 285 58.75 21.47 7.04
C PHE G 285 57.95 22.23 5.98
N LEU G 286 56.91 21.59 5.46
CA LEU G 286 56.14 22.19 4.37
C LEU G 286 55.27 23.34 4.86
N ILE G 287 54.54 23.14 5.97
CA ILE G 287 53.61 24.16 6.42
C ILE G 287 54.33 25.38 6.95
N SER G 288 55.44 25.18 7.67
CA SER G 288 56.27 26.30 8.10
C SER G 288 56.75 27.10 6.89
N ASN G 289 57.13 26.42 5.82
CA ASN G 289 57.62 27.09 4.63
C ASN G 289 56.54 27.95 4.00
N ALA G 290 55.31 27.45 3.97
CA ALA G 290 54.18 28.25 3.50
C ALA G 290 54.06 29.55 4.28
N LEU G 291 54.00 29.46 5.61
CA LEU G 291 53.91 30.65 6.44
C LEU G 291 55.17 31.49 6.34
N PHE G 292 56.33 30.82 6.21
CA PHE G 292 57.61 31.52 6.09
C PHE G 292 57.57 32.55 4.98
N TRP G 293 57.00 32.17 3.83
CA TRP G 293 56.89 33.11 2.72
C TRP G 293 55.89 34.22 3.04
N LEU G 294 54.77 33.88 3.67
CA LEU G 294 53.80 34.90 4.07
C LEU G 294 54.33 35.77 5.20
N ASP G 295 55.23 35.23 6.03
CA ASP G 295 55.72 35.93 7.21
C ASP G 295 56.92 36.83 6.88
N TYR G 296 58.02 36.23 6.44
CA TYR G 296 59.25 37.00 6.23
C TYR G 296 59.26 37.79 4.94
N TYR G 297 58.41 37.45 3.97
CA TYR G 297 58.43 38.10 2.66
C TYR G 297 57.11 38.81 2.33
N HIS G 298 56.19 38.92 3.29
CA HIS G 298 54.94 39.66 3.12
C HIS G 298 54.15 39.22 1.89
N VAL G 299 54.27 37.94 1.52
CA VAL G 299 53.60 37.47 0.31
C VAL G 299 52.09 37.54 0.51
N ASP G 300 51.38 37.96 -0.54
CA ASP G 300 49.94 38.15 -0.45
C ASP G 300 49.15 36.88 -0.68
N GLY G 301 49.70 35.94 -1.44
CA GLY G 301 48.99 34.73 -1.77
C GLY G 301 49.92 33.60 -2.12
N LEU G 302 49.40 32.38 -2.04
CA LEU G 302 50.15 31.19 -2.43
C LEU G 302 49.30 30.39 -3.39
N ARG G 303 49.90 29.98 -4.50
CA ARG G 303 49.21 29.21 -5.53
C ARG G 303 49.84 27.83 -5.63
N VAL G 304 49.03 26.81 -5.39
CA VAL G 304 49.48 25.41 -5.39
C VAL G 304 49.10 24.79 -6.72
N ASP G 305 50.07 24.19 -7.40
CA ASP G 305 49.85 23.57 -8.69
C ASP G 305 49.67 22.07 -8.53
N ALA G 306 49.04 21.46 -9.54
CA ALA G 306 48.87 20.01 -9.65
C ALA G 306 48.41 19.38 -8.34
N VAL G 307 47.27 19.86 -7.83
CA VAL G 307 46.73 19.32 -6.59
C VAL G 307 46.30 17.86 -6.75
N ALA G 308 45.82 17.48 -7.94
CA ALA G 308 45.38 16.11 -8.17
C ALA G 308 46.49 15.10 -7.91
N SER G 309 47.73 15.45 -8.21
CA SER G 309 48.83 14.55 -7.92
C SER G 309 48.96 14.28 -6.43
N MET G 310 48.54 15.24 -5.61
CA MET G 310 48.50 15.04 -4.15
C MET G 310 47.26 14.25 -3.74
N LEU G 311 46.09 14.62 -4.27
CA LEU G 311 44.84 14.07 -3.75
C LEU G 311 44.73 12.57 -4.00
N TYR G 312 45.16 12.12 -5.18
CA TYR G 312 45.05 10.71 -5.52
C TYR G 312 46.45 10.09 -5.47
N ARG G 313 46.50 8.77 -5.40
CA ARG G 313 47.77 8.06 -5.42
C ARG G 313 48.07 7.41 -6.76
N ASP G 314 47.07 7.04 -7.53
CA ASP G 314 47.27 6.44 -8.85
C ASP G 314 46.81 7.37 -9.96
N TYR G 315 47.16 8.66 -9.85
CA TYR G 315 46.95 9.61 -10.94
C TYR G 315 47.93 9.28 -12.07
N PHE G 325 41.54 -1.72 0.47
CA PHE G 325 40.23 -1.00 0.50
C PHE G 325 40.50 0.49 0.64
N GLY G 326 41.76 0.88 0.80
CA GLY G 326 42.13 2.31 0.98
C GLY G 326 41.75 3.10 -0.26
N GLY G 327 41.97 2.54 -1.44
CA GLY G 327 41.51 3.20 -2.68
C GLY G 327 42.43 4.27 -3.24
N ARG G 328 42.01 4.92 -4.33
CA ARG G 328 42.84 5.93 -5.04
C ARG G 328 43.14 7.15 -4.17
N GLU G 329 42.18 7.61 -3.36
CA GLU G 329 42.39 8.88 -2.61
C GLU G 329 43.54 8.73 -1.60
N ASN G 330 44.35 9.79 -1.44
CA ASN G 330 45.41 9.77 -0.41
C ASN G 330 44.92 10.69 0.71
N LEU G 331 44.70 10.16 1.91
CA LEU G 331 44.12 10.97 3.00
C LEU G 331 45.23 11.87 3.53
N GLU G 332 46.34 11.26 3.94
CA GLU G 332 47.51 12.06 4.30
C GLU G 332 47.55 13.41 3.59
N ALA G 333 47.55 13.40 2.26
CA ALA G 333 47.64 14.65 1.51
C ALA G 333 46.46 15.56 1.78
N ILE G 334 45.24 15.02 1.83
CA ILE G 334 44.08 15.88 1.99
C ILE G 334 44.05 16.53 3.37
N ASP G 335 44.43 15.81 4.42
CA ASP G 335 44.49 16.45 5.72
C ASP G 335 45.60 17.49 5.77
N PHE G 336 46.75 17.18 5.17
CA PHE G 336 47.81 18.16 5.08
C PHE G 336 47.34 19.39 4.33
N ILE G 337 46.77 19.20 3.14
CA ILE G 337 46.21 20.31 2.37
C ILE G 337 45.19 21.07 3.20
N LYS G 338 44.31 20.34 3.89
CA LYS G 338 43.32 21.00 4.75
C LYS G 338 44.00 21.73 5.90
N LYS G 339 44.94 21.07 6.60
CA LYS G 339 45.58 21.75 7.73
C LYS G 339 46.53 22.84 7.26
N PHE G 340 47.10 22.69 6.07
CA PHE G 340 47.84 23.78 5.43
C PHE G 340 46.98 25.03 5.29
N ASN G 341 45.82 24.89 4.63
CA ASN G 341 44.97 26.05 4.40
C ASN G 341 44.44 26.62 5.72
N GLU G 342 44.03 25.75 6.66
CA GLU G 342 43.57 26.22 7.95
C GLU G 342 44.65 27.05 8.65
N THR G 343 45.89 26.55 8.64
CA THR G 343 46.97 27.23 9.34
C THR G 343 47.27 28.59 8.72
N VAL G 344 47.27 28.67 7.38
CA VAL G 344 47.52 29.94 6.70
C VAL G 344 46.53 30.99 7.17
N TYR G 345 45.23 30.68 7.06
CA TYR G 345 44.20 31.65 7.41
C TYR G 345 44.14 31.95 8.90
N LEU G 346 44.61 31.04 9.75
CA LEU G 346 44.67 31.35 11.17
C LEU G 346 45.75 32.39 11.45
N HIS G 347 46.93 32.22 10.86
CA HIS G 347 48.06 33.11 11.10
C HIS G 347 48.01 34.35 10.21
N PHE G 348 47.46 34.22 9.00
CA PHE G 348 47.33 35.34 8.07
C PHE G 348 45.90 35.37 7.53
N PRO G 349 45.00 36.06 8.24
CA PRO G 349 43.60 36.09 7.80
C PRO G 349 43.39 36.71 6.44
N GLU G 350 44.33 37.51 5.95
CA GLU G 350 44.20 38.18 4.65
C GLU G 350 45.09 37.57 3.59
N ALA G 351 45.66 36.40 3.83
CA ALA G 351 46.36 35.70 2.78
C ALA G 351 45.35 35.17 1.75
N ILE G 352 45.89 34.66 0.64
CA ILE G 352 45.09 34.06 -0.43
C ILE G 352 45.74 32.75 -0.82
N THR G 353 44.95 31.70 -0.95
CA THR G 353 45.43 30.42 -1.44
C THR G 353 44.68 30.07 -2.71
N ILE G 354 45.43 29.71 -3.75
CA ILE G 354 44.85 29.30 -5.03
C ILE G 354 45.35 27.89 -5.33
N ALA G 355 44.47 27.06 -5.85
CA ALA G 355 44.80 25.70 -6.20
C ALA G 355 44.43 25.43 -7.66
N GLU G 356 45.28 24.67 -8.34
CA GLU G 356 44.97 24.14 -9.66
C GLU G 356 44.77 22.64 -9.53
N GLU G 357 43.57 22.18 -9.85
CA GLU G 357 43.18 20.77 -9.73
C GLU G 357 42.51 20.33 -11.02
N SER G 358 43.15 19.44 -11.78
CA SER G 358 42.59 19.03 -13.07
C SER G 358 41.63 17.88 -12.97
N THR G 359 41.27 17.46 -11.76
CA THR G 359 40.14 16.56 -11.59
C THR G 359 38.98 17.45 -11.18
N ALA G 360 37.77 16.91 -11.21
CA ALA G 360 36.65 17.67 -10.72
C ALA G 360 36.45 17.42 -9.23
N TRP G 361 37.52 17.53 -8.45
CA TRP G 361 37.40 17.32 -7.01
C TRP G 361 36.55 18.42 -6.41
N PRO G 362 35.47 18.08 -5.71
CA PRO G 362 34.54 19.10 -5.23
C PRO G 362 35.07 19.84 -4.02
N GLY G 363 34.61 21.08 -3.87
CA GLY G 363 34.94 21.89 -2.71
C GLY G 363 36.41 22.17 -2.54
N VAL G 364 37.16 22.34 -3.63
CA VAL G 364 38.51 22.86 -3.53
C VAL G 364 38.48 24.25 -2.89
N SER G 365 37.61 25.12 -3.42
CA SER G 365 37.39 26.46 -2.92
C SER G 365 36.52 26.50 -1.66
N ALA G 366 36.17 25.31 -1.05
CA ALA G 366 35.26 25.29 0.08
C ALA G 366 36.02 25.31 1.41
N PRO G 367 35.40 25.82 2.47
CA PRO G 367 36.05 25.81 3.79
C PRO G 367 36.12 24.40 4.35
N THR G 368 37.21 24.11 5.06
CA THR G 368 37.41 22.77 5.63
C THR G 368 36.22 22.33 6.48
N TYR G 369 35.62 23.24 7.24
CA TYR G 369 34.51 22.82 8.11
C TYR G 369 33.31 22.32 7.30
N ASN G 370 33.31 22.50 5.98
CA ASN G 370 32.33 21.92 5.08
C ASN G 370 32.87 20.73 4.30
N ASN G 371 33.98 20.13 4.75
CA ASN G 371 34.67 19.03 4.08
C ASN G 371 35.37 19.47 2.81
N GLY G 372 35.66 20.77 2.68
CA GLY G 372 36.42 21.26 1.55
C GLY G 372 37.91 21.23 1.80
N LEU G 373 38.68 21.48 0.73
CA LEU G 373 40.13 21.52 0.85
C LEU G 373 40.63 22.78 1.53
N GLY G 374 39.84 23.85 1.53
CA GLY G 374 40.19 25.06 2.25
C GLY G 374 40.90 26.10 1.43
N PHE G 375 41.01 25.93 0.12
CA PHE G 375 41.54 26.98 -0.73
C PHE G 375 40.48 28.07 -0.90
N LEU G 376 40.96 29.28 -1.15
CA LEU G 376 40.02 30.36 -1.45
C LEU G 376 39.61 30.37 -2.91
N TYR G 377 40.49 29.95 -3.81
CA TYR G 377 40.27 30.05 -5.25
C TYR G 377 40.64 28.74 -5.93
N LYS G 378 39.96 28.46 -7.04
CA LYS G 378 40.33 27.36 -7.93
C LYS G 378 40.44 27.88 -9.36
N TRP G 379 41.48 27.44 -10.06
CA TRP G 379 41.57 27.72 -11.49
C TRP G 379 40.44 27.03 -12.23
N ASN G 380 39.67 27.80 -13.01
CA ASN G 380 38.59 27.24 -13.84
C ASN G 380 39.21 26.79 -15.16
N MET G 381 39.91 25.65 -15.11
CA MET G 381 40.58 25.15 -16.29
C MET G 381 39.59 24.56 -17.29
N GLY G 382 38.46 24.03 -16.82
CA GLY G 382 37.38 23.69 -17.72
C GLY G 382 37.02 24.86 -18.62
N TRP G 383 36.78 26.02 -18.02
CA TRP G 383 36.54 27.24 -18.80
C TRP G 383 37.68 27.46 -19.80
N MET G 384 38.92 27.34 -19.34
CA MET G 384 40.05 27.61 -20.22
C MET G 384 40.01 26.68 -21.43
N HIS G 385 39.86 25.38 -21.19
CA HIS G 385 39.79 24.40 -22.27
C HIS G 385 38.62 24.71 -23.21
N ASP G 386 37.40 24.78 -22.66
CA ASP G 386 36.23 25.04 -23.48
C ASP G 386 36.40 26.32 -24.29
N THR G 387 36.77 27.41 -23.61
CA THR G 387 36.94 28.69 -24.29
C THR G 387 37.94 28.57 -25.43
N LEU G 388 39.11 28.01 -25.14
CA LEU G 388 40.16 27.86 -26.15
C LEU G 388 39.71 26.94 -27.29
N ASP G 389 39.14 25.78 -26.94
CA ASP G 389 38.65 24.86 -27.97
C ASP G 389 37.68 25.57 -28.90
N TYR G 390 36.86 26.45 -28.33
CA TYR G 390 35.89 27.20 -29.11
C TYR G 390 36.53 28.19 -30.07
N MET G 391 37.54 28.94 -29.62
CA MET G 391 37.97 30.09 -30.40
C MET G 391 38.99 29.75 -31.49
N ARG G 392 39.74 28.65 -31.38
CA ARG G 392 40.54 28.19 -32.50
C ARG G 392 39.69 27.85 -33.71
N ARG G 393 38.45 27.42 -33.48
CA ARG G 393 37.66 26.99 -34.62
C ARG G 393 37.35 28.18 -35.51
N ASP G 394 37.27 27.91 -36.80
CA ASP G 394 37.03 28.99 -37.73
C ASP G 394 35.60 29.50 -37.56
N PRO G 395 35.40 30.81 -37.73
CA PRO G 395 34.10 31.41 -37.46
C PRO G 395 32.96 30.74 -38.19
N VAL G 396 33.21 30.24 -39.40
CA VAL G 396 32.21 29.46 -40.12
C VAL G 396 31.70 28.31 -39.27
N HIS G 397 32.59 27.70 -38.49
CA HIS G 397 32.27 26.50 -37.73
C HIS G 397 31.77 26.76 -36.32
N ARG G 398 32.02 27.95 -35.76
CA ARG G 398 31.63 28.23 -34.38
C ARG G 398 30.13 28.03 -34.19
N LYS G 399 29.37 28.22 -35.27
CA LYS G 399 27.97 27.81 -35.37
C LYS G 399 27.74 26.42 -34.79
N TYR G 400 28.55 25.45 -35.23
CA TYR G 400 28.33 24.04 -34.92
C TYR G 400 28.78 23.64 -33.51
N HIS G 401 29.44 24.54 -32.78
CA HIS G 401 29.93 24.26 -31.44
C HIS G 401 29.42 25.27 -30.42
N HIS G 402 28.28 25.90 -30.71
CA HIS G 402 27.73 26.97 -29.87
C HIS G 402 27.61 26.55 -28.40
N ASP G 403 27.25 25.29 -28.14
CA ASP G 403 27.06 24.85 -26.76
C ASP G 403 28.36 24.88 -25.96
N THR G 404 29.50 24.74 -26.62
CA THR G 404 30.76 24.80 -25.89
C THR G 404 30.92 26.15 -25.21
N LEU G 405 30.52 27.22 -25.89
CA LEU G 405 30.60 28.55 -25.33
C LEU G 405 29.57 28.77 -24.23
N THR G 406 28.29 28.47 -24.52
CA THR G 406 27.23 28.80 -23.58
C THR G 406 27.29 27.94 -22.32
N PHE G 407 27.69 26.69 -22.46
CA PHE G 407 27.65 25.77 -21.32
C PHE G 407 28.76 26.01 -20.31
N SER G 408 29.75 26.85 -20.65
CA SER G 408 30.79 27.21 -19.70
C SER G 408 30.21 27.72 -18.38
N LEU G 409 29.00 28.28 -18.39
CA LEU G 409 28.41 28.82 -17.18
C LEU G 409 27.67 27.80 -16.34
N TRP G 410 27.36 26.63 -16.89
CA TRP G 410 26.79 25.57 -16.07
C TRP G 410 27.77 25.12 -14.99
N TYR G 411 29.06 25.29 -15.24
CA TYR G 411 30.12 24.88 -14.32
C TYR G 411 30.86 26.07 -13.72
N ALA G 412 30.38 27.29 -13.97
CA ALA G 412 31.09 28.51 -13.59
C ALA G 412 30.92 28.92 -12.14
N PHE G 413 30.05 28.25 -11.38
CA PHE G 413 29.75 28.65 -10.01
C PHE G 413 29.99 27.51 -9.02
N SER G 414 30.57 26.41 -9.48
CA SER G 414 30.84 25.27 -8.59
C SER G 414 31.92 25.61 -7.57
N GLU G 415 32.82 26.53 -7.90
CA GLU G 415 33.89 26.97 -7.00
C GLU G 415 34.02 28.48 -7.09
N HIS G 416 34.84 29.04 -6.20
CA HIS G 416 35.23 30.46 -6.37
C HIS G 416 36.33 30.31 -7.40
N TYR G 417 36.12 30.80 -8.61
CA TYR G 417 37.08 30.48 -9.69
C TYR G 417 37.90 31.63 -10.18
N ILE G 418 39.10 31.31 -10.66
CA ILE G 418 39.89 32.35 -11.36
C ILE G 418 39.90 31.88 -12.82
N LEU G 419 39.60 32.76 -13.76
CA LEU G 419 39.75 32.39 -15.19
C LEU G 419 41.25 32.14 -15.39
N PRO G 420 41.65 31.03 -16.01
CA PRO G 420 43.06 30.56 -15.94
C PRO G 420 43.97 30.66 -17.17
N LEU G 421 43.79 31.58 -18.13
CA LEU G 421 44.78 31.66 -19.25
C LEU G 421 46.19 31.62 -18.64
N SER G 422 46.99 30.58 -18.92
CA SER G 422 48.27 30.36 -18.19
C SER G 422 49.47 30.07 -19.11
N HIS G 423 50.67 30.08 -18.53
CA HIS G 423 51.93 29.85 -19.28
C HIS G 423 51.90 28.46 -19.91
N ASP G 424 51.33 27.47 -19.21
CA ASP G 424 51.30 26.07 -19.72
C ASP G 424 50.55 26.05 -21.04
N GLU G 425 49.48 26.85 -21.16
CA GLU G 425 48.66 26.92 -22.40
C GLU G 425 49.48 27.43 -23.59
N VAL G 426 50.41 28.36 -23.40
CA VAL G 426 51.15 29.00 -24.54
C VAL G 426 52.47 28.27 -24.84
N VAL G 427 52.75 27.11 -24.25
CA VAL G 427 54.09 26.45 -24.39
C VAL G 427 53.99 24.98 -24.86
N HIS G 428 55.12 24.43 -25.33
CA HIS G 428 55.21 23.01 -25.80
C HIS G 428 54.35 22.68 -27.03
N GLY G 429 54.23 23.62 -27.98
CA GLY G 429 53.54 23.29 -29.25
C GLY G 429 52.10 23.74 -29.23
N LYS G 430 51.66 24.24 -28.07
CA LYS G 430 50.28 24.68 -27.95
C LYS G 430 50.03 25.99 -28.68
N GLY G 431 51.09 26.76 -28.95
CA GLY G 431 50.99 27.98 -29.71
C GLY G 431 50.66 29.16 -28.83
N SER G 432 51.23 30.32 -29.16
CA SER G 432 50.84 31.56 -28.52
C SER G 432 49.32 31.73 -28.58
N LEU G 433 48.79 32.42 -27.57
CA LEU G 433 47.37 32.78 -27.60
C LEU G 433 47.03 33.48 -28.91
N TRP G 434 47.88 34.42 -29.32
CA TRP G 434 47.78 35.02 -30.64
C TRP G 434 47.83 33.94 -31.73
N THR G 435 48.87 33.09 -31.68
CA THR G 435 49.02 32.03 -32.68
C THR G 435 47.76 31.17 -32.76
N LYS G 436 47.09 30.95 -31.63
CA LYS G 436 45.91 30.09 -31.59
C LYS G 436 44.73 30.66 -32.38
N MET G 437 44.69 31.97 -32.60
CA MET G 437 43.43 32.48 -33.13
C MET G 437 43.38 32.43 -34.66
N PRO G 438 42.19 32.20 -35.22
CA PRO G 438 42.08 31.93 -36.65
C PRO G 438 41.85 33.17 -37.51
N GLY G 439 42.28 33.05 -38.77
CA GLY G 439 42.04 34.07 -39.79
C GLY G 439 43.27 34.91 -40.08
N ASP G 440 43.04 36.02 -40.78
CA ASP G 440 44.14 36.92 -41.10
C ASP G 440 44.49 37.74 -39.85
N ASP G 441 45.52 38.58 -39.98
CA ASP G 441 46.07 39.27 -38.81
C ASP G 441 45.03 40.17 -38.14
N TRP G 442 44.23 40.89 -38.94
CA TRP G 442 43.17 41.71 -38.34
C TRP G 442 42.25 40.86 -37.49
N GLN G 443 41.82 39.70 -38.01
CA GLN G 443 40.89 38.86 -37.28
C GLN G 443 41.51 38.22 -36.04
N LYS G 444 42.78 37.81 -36.13
CA LYS G 444 43.44 37.25 -34.95
C LYS G 444 43.50 38.27 -33.82
N ALA G 445 43.89 39.51 -34.14
CA ALA G 445 43.82 40.56 -33.12
C ALA G 445 42.39 40.76 -32.66
N ALA G 446 41.43 40.73 -33.59
CA ALA G 446 40.02 40.81 -33.23
C ALA G 446 39.62 39.63 -32.35
N ASN G 447 39.98 38.41 -32.77
CA ASN G 447 39.67 37.22 -31.98
C ASN G 447 40.26 37.33 -30.58
N LEU G 448 41.50 37.83 -30.48
CA LEU G 448 42.13 37.97 -29.17
C LEU G 448 41.42 39.02 -28.32
N ARG G 449 41.00 40.12 -28.94
CA ARG G 449 40.23 41.13 -28.22
C ARG G 449 38.88 40.58 -27.76
N LEU G 450 38.24 39.77 -28.60
CA LEU G 450 36.96 39.16 -28.21
C LEU G 450 37.14 38.22 -27.03
N LEU G 451 38.12 37.33 -27.11
CA LEU G 451 38.41 36.41 -26.02
C LEU G 451 38.60 37.13 -24.69
N TYR G 452 39.47 38.15 -24.66
CA TYR G 452 39.68 38.90 -23.43
C TYR G 452 38.41 39.60 -22.99
N GLY G 453 37.66 40.18 -23.92
CA GLY G 453 36.37 40.76 -23.58
C GLY G 453 35.46 39.75 -22.90
N HIS G 454 35.32 38.57 -23.50
CA HIS G 454 34.47 37.54 -22.90
C HIS G 454 35.05 37.03 -21.59
N MET G 455 36.37 36.93 -21.49
CA MET G 455 36.95 36.46 -20.24
C MET G 455 36.67 37.42 -19.10
N TRP G 456 36.72 38.74 -19.39
CA TRP G 456 36.41 39.70 -18.34
C TRP G 456 34.93 39.72 -18.02
N GLY G 457 34.07 39.47 -19.01
CA GLY G 457 32.64 39.41 -18.74
C GLY G 457 32.23 38.16 -18.00
N HIS G 458 32.86 37.03 -18.33
CA HIS G 458 32.51 35.77 -17.68
C HIS G 458 32.72 35.87 -16.18
N PRO G 459 31.85 35.26 -15.34
CA PRO G 459 32.11 35.25 -13.90
C PRO G 459 33.47 34.68 -13.58
N GLY G 460 34.02 35.06 -12.43
CA GLY G 460 35.35 34.58 -12.00
C GLY G 460 36.45 35.61 -12.14
N LYS G 461 37.52 35.46 -11.36
CA LYS G 461 38.68 36.38 -11.38
C LYS G 461 39.51 36.13 -12.65
N LYS G 462 40.32 37.10 -13.07
CA LYS G 462 41.04 36.95 -14.36
C LYS G 462 42.55 36.78 -14.17
N LEU G 463 43.15 35.79 -14.84
CA LEU G 463 44.63 35.62 -14.81
C LEU G 463 45.16 35.60 -16.25
N LEU G 464 46.18 36.40 -16.55
CA LEU G 464 46.78 36.42 -17.88
C LEU G 464 48.29 36.36 -17.75
N PHE G 465 48.92 35.45 -18.50
CA PHE G 465 50.36 35.27 -18.46
C PHE G 465 51.06 36.30 -19.35
N MET G 466 52.33 36.58 -19.01
CA MET G 466 53.14 37.55 -19.76
C MET G 466 53.00 37.39 -21.25
N GLY G 467 52.93 38.52 -21.96
CA GLY G 467 52.87 38.51 -23.40
C GLY G 467 51.49 38.36 -23.99
N GLY G 468 50.54 37.76 -23.26
CA GLY G 468 49.18 37.70 -23.76
C GLY G 468 48.57 39.08 -23.95
N GLU G 469 49.03 40.05 -23.18
CA GLU G 469 48.52 41.41 -23.29
C GLU G 469 48.97 42.08 -24.58
N PHE G 470 50.04 41.57 -25.23
CA PHE G 470 50.37 42.10 -26.55
C PHE G 470 49.65 41.37 -27.65
N GLY G 471 49.23 40.14 -27.38
CA GLY G 471 48.99 39.20 -28.46
C GLY G 471 50.31 38.87 -29.10
N GLN G 472 51.24 38.39 -28.27
CA GLN G 472 52.57 38.02 -28.71
C GLN G 472 52.52 36.86 -29.71
N HIS G 473 53.37 36.93 -30.73
CA HIS G 473 53.37 35.91 -31.77
C HIS G 473 53.90 34.56 -31.27
N HIS G 474 55.08 34.56 -30.67
CA HIS G 474 55.75 33.31 -30.32
C HIS G 474 55.31 32.78 -28.96
N GLU G 475 55.46 31.48 -28.79
CA GLU G 475 55.36 30.82 -27.50
C GLU G 475 56.33 31.42 -26.50
N TRP G 476 55.99 31.29 -25.21
CA TRP G 476 56.86 31.73 -24.15
C TRP G 476 58.14 30.91 -24.13
N ASN G 477 59.28 31.59 -24.29
CA ASN G 477 60.60 30.95 -24.20
C ASN G 477 61.32 31.53 -22.99
N HIS G 478 61.64 30.68 -22.02
CA HIS G 478 62.28 31.16 -20.81
C HIS G 478 63.68 31.71 -21.09
N ASP G 479 64.32 31.28 -22.17
CA ASP G 479 65.65 31.76 -22.52
C ASP G 479 65.67 33.18 -23.07
N THR G 480 64.52 33.80 -23.33
CA THR G 480 64.49 35.15 -23.89
C THR G 480 63.43 35.97 -23.15
N GLN G 481 63.33 37.23 -23.55
CA GLN G 481 62.27 38.10 -23.08
C GLN G 481 61.17 38.14 -24.11
N LEU G 482 59.97 38.45 -23.64
CA LEU G 482 58.88 38.53 -24.57
C LEU G 482 59.20 39.57 -25.63
N GLU G 483 58.53 39.39 -26.75
CA GLU G 483 58.72 40.07 -28.01
C GLU G 483 58.06 41.44 -27.86
N TRP G 484 58.74 42.32 -27.10
CA TRP G 484 58.26 43.68 -26.87
C TRP G 484 58.30 44.52 -28.14
N HIS G 485 59.07 44.09 -29.13
CA HIS G 485 59.12 44.79 -30.41
C HIS G 485 57.77 44.82 -31.12
N LEU G 486 56.91 43.83 -30.89
CA LEU G 486 55.59 43.84 -31.52
C LEU G 486 54.71 44.95 -30.97
N LEU G 487 55.08 45.51 -29.82
CA LEU G 487 54.34 46.63 -29.26
C LEU G 487 54.38 47.85 -30.16
N ASP G 488 55.26 47.85 -31.16
CA ASP G 488 55.38 48.92 -32.14
C ASP G 488 54.38 48.80 -33.28
N GLN G 489 54.07 47.59 -33.69
CA GLN G 489 53.13 47.40 -34.78
C GLN G 489 51.72 47.64 -34.23
N PRO G 490 50.80 48.17 -35.04
CA PRO G 490 49.57 48.75 -34.45
C PRO G 490 48.67 47.76 -33.72
N TYR G 491 48.39 46.59 -34.30
CA TYR G 491 47.43 45.66 -33.72
C TYR G 491 47.76 45.33 -32.27
N HIS G 492 49.04 45.28 -31.93
CA HIS G 492 49.45 44.74 -30.65
C HIS G 492 49.35 45.76 -29.51
N ARG G 493 49.67 47.03 -29.78
CA ARG G 493 49.35 48.07 -28.81
C ARG G 493 47.84 48.17 -28.61
N GLY G 494 47.06 47.84 -29.64
CA GLY G 494 45.61 47.86 -29.50
C GLY G 494 45.10 46.81 -28.53
N ILE G 495 45.64 45.58 -28.62
CA ILE G 495 45.29 44.55 -27.65
C ILE G 495 45.67 45.01 -26.25
N GLN G 496 46.86 45.61 -26.12
CA GLN G 496 47.29 46.16 -24.84
C GLN G 496 46.35 47.28 -24.37
N ALA G 497 45.94 48.16 -25.28
CA ALA G 497 44.97 49.20 -24.92
C ALA G 497 43.65 48.57 -24.51
N TRP G 498 43.25 47.50 -25.20
CA TRP G 498 42.01 46.80 -24.88
C TRP G 498 42.07 46.14 -23.50
N VAL G 499 43.19 45.48 -23.20
CA VAL G 499 43.33 44.80 -21.91
C VAL G 499 43.33 45.82 -20.77
N ARG G 500 44.06 46.92 -20.94
CA ARG G 500 44.02 48.00 -19.95
C ARG G 500 42.62 48.53 -19.73
N ASP G 501 41.91 48.85 -20.83
CA ASP G 501 40.58 49.43 -20.69
C ASP G 501 39.63 48.45 -20.04
N LEU G 502 39.76 47.17 -20.37
CA LEU G 502 39.01 46.13 -19.67
C LEU G 502 39.33 46.14 -18.18
N ASN G 503 40.61 46.21 -17.83
CA ASN G 503 41.00 46.21 -16.42
C ASN G 503 40.50 47.46 -15.71
N HIS G 504 40.53 48.61 -16.38
CA HIS G 504 39.99 49.82 -15.78
C HIS G 504 38.49 49.67 -15.55
N LEU G 505 37.76 49.16 -16.55
CA LEU G 505 36.35 48.86 -16.35
C LEU G 505 36.15 47.86 -15.22
N TYR G 506 36.97 46.81 -15.18
CA TYR G 506 36.85 45.80 -14.13
C TYR G 506 37.04 46.41 -12.75
N ARG G 507 38.10 47.20 -12.57
CA ARG G 507 38.43 47.75 -11.27
C ARG G 507 37.37 48.71 -10.74
N THR G 508 36.57 49.31 -11.63
CA THR G 508 35.66 50.38 -11.23
C THR G 508 34.20 49.96 -11.08
N HIS G 509 33.71 49.06 -11.94
CA HIS G 509 32.29 48.74 -11.95
C HIS G 509 32.03 47.56 -11.03
N PRO G 510 31.33 47.74 -9.91
CA PRO G 510 31.13 46.62 -8.97
C PRO G 510 30.26 45.49 -9.51
N ALA G 511 29.59 45.67 -10.65
CA ALA G 511 28.80 44.59 -11.22
C ALA G 511 29.68 43.40 -11.60
N LEU G 512 30.97 43.64 -11.86
CA LEU G 512 31.92 42.59 -12.24
C LEU G 512 32.64 41.99 -11.05
N TRP G 513 32.49 42.54 -9.85
CA TRP G 513 33.21 42.05 -8.68
C TRP G 513 32.60 40.77 -8.12
N HIS G 514 31.30 40.56 -8.31
CA HIS G 514 30.58 39.46 -7.69
C HIS G 514 30.40 38.32 -8.69
N ASP G 515 31.19 37.27 -8.54
CA ASP G 515 31.16 36.14 -9.46
C ASP G 515 30.19 35.04 -9.02
N GLY G 516 29.35 35.29 -8.03
CA GLY G 516 28.35 34.32 -7.65
C GLY G 516 27.26 34.26 -8.69
N PRO G 517 26.36 33.27 -8.58
CA PRO G 517 25.25 33.19 -9.55
C PRO G 517 24.41 34.45 -9.58
N GLU G 518 24.32 35.15 -8.45
CA GLU G 518 23.67 36.45 -8.39
C GLU G 518 24.24 37.45 -9.39
N GLY G 519 25.54 37.36 -9.67
CA GLY G 519 26.20 38.37 -10.49
C GLY G 519 25.96 38.24 -11.97
N PHE G 520 25.23 37.20 -12.39
CA PHE G 520 25.03 36.88 -13.79
C PHE G 520 23.55 36.69 -14.10
N GLU G 521 23.12 37.25 -15.22
CA GLU G 521 21.82 36.95 -15.82
C GLU G 521 22.00 36.74 -17.31
N TRP G 522 21.33 35.72 -17.85
CA TRP G 522 21.33 35.46 -19.28
C TRP G 522 20.42 36.44 -20.00
N ILE G 523 20.88 37.00 -21.11
CA ILE G 523 20.01 37.76 -21.99
C ILE G 523 19.54 36.92 -23.17
N ASP G 524 20.50 36.37 -23.92
CA ASP G 524 20.19 35.43 -24.98
C ASP G 524 21.41 34.57 -25.26
N PHE G 525 21.18 33.28 -25.53
CA PHE G 525 22.27 32.33 -25.85
C PHE G 525 21.84 31.45 -27.00
N ASN G 526 20.67 31.72 -27.59
CA ASN G 526 20.12 30.82 -28.64
C ASN G 526 20.55 31.19 -30.06
N ASP G 527 21.31 32.27 -30.26
CA ASP G 527 21.63 32.65 -31.67
C ASP G 527 22.83 31.82 -32.14
N ARG G 528 22.62 30.52 -32.33
CA ARG G 528 23.72 29.63 -32.81
C ARG G 528 24.14 30.02 -34.23
N ASP G 529 23.18 30.34 -35.10
CA ASP G 529 23.53 30.62 -36.51
C ASP G 529 24.43 31.85 -36.63
N GLN G 530 24.13 32.91 -35.88
CA GLN G 530 24.91 34.17 -35.99
C GLN G 530 26.08 34.15 -34.98
N SER G 531 26.16 33.11 -34.15
CA SER G 531 27.22 33.03 -33.10
C SER G 531 27.22 34.32 -32.27
N VAL G 532 26.07 34.66 -31.66
CA VAL G 532 25.97 35.86 -30.85
C VAL G 532 25.54 35.45 -29.46
N ILE G 533 26.05 36.17 -28.46
CA ILE G 533 25.77 35.92 -27.06
C ILE G 533 25.46 37.25 -26.42
N CYS G 534 24.37 37.30 -25.66
CA CYS G 534 24.01 38.48 -24.89
C CYS G 534 23.78 38.04 -23.45
N TYR G 535 24.48 38.69 -22.53
CA TYR G 535 24.29 38.39 -21.13
C TYR G 535 24.50 39.66 -20.30
N LEU G 536 24.13 39.55 -19.04
CA LEU G 536 24.11 40.67 -18.11
C LEU G 536 25.02 40.36 -16.93
N ARG G 537 25.68 41.38 -16.42
CA ARG G 537 26.45 41.26 -15.19
C ARG G 537 26.01 42.37 -14.24
N LYS G 538 25.54 41.97 -13.06
CA LYS G 538 24.74 42.82 -12.19
C LYS G 538 25.26 42.78 -10.75
N HIS G 539 25.28 43.96 -10.12
CA HIS G 539 25.30 44.03 -8.66
C HIS G 539 24.40 45.19 -8.23
N THR G 540 23.39 44.88 -7.42
CA THR G 540 22.37 45.84 -6.93
C THR G 540 21.73 46.54 -8.14
N ASP G 541 21.73 47.87 -8.18
CA ASP G 541 21.17 48.67 -9.27
C ASP G 541 22.02 48.54 -10.52
N ARG G 542 23.31 48.33 -10.35
CA ARG G 542 24.28 48.46 -11.41
C ARG G 542 24.17 47.29 -12.38
N LEU G 543 24.24 47.61 -13.67
CA LEU G 543 24.10 46.62 -14.73
C LEU G 543 25.21 46.80 -15.75
N LEU G 544 25.60 45.69 -16.35
CA LEU G 544 26.50 45.70 -17.51
C LEU G 544 25.96 44.70 -18.50
N LEU G 545 25.76 45.13 -19.74
CA LEU G 545 25.21 44.28 -20.79
C LEU G 545 26.33 43.93 -21.75
N PHE G 546 26.42 42.66 -22.12
CA PHE G 546 27.50 42.16 -22.97
C PHE G 546 26.88 41.59 -24.23
N VAL G 547 27.23 42.16 -25.39
CA VAL G 547 26.80 41.69 -26.69
C VAL G 547 28.05 41.30 -27.47
N LEU G 548 28.11 40.04 -27.91
CA LEU G 548 29.32 39.43 -28.43
C LEU G 548 29.07 38.83 -29.81
N ASN G 549 29.88 39.22 -30.80
CA ASN G 549 29.74 38.68 -32.18
C ASN G 549 30.97 37.83 -32.50
N PHE G 550 30.79 36.52 -32.63
CA PHE G 550 31.95 35.60 -32.87
C PHE G 550 32.06 35.33 -34.36
N THR G 551 31.45 36.19 -35.17
CA THR G 551 31.53 36.06 -36.65
C THR G 551 31.95 37.39 -37.23
N PRO G 552 32.72 37.41 -38.33
CA PRO G 552 33.10 38.66 -38.97
C PRO G 552 31.90 39.44 -39.48
N VAL G 553 30.91 38.73 -40.02
CA VAL G 553 29.71 39.38 -40.61
C VAL G 553 29.14 40.40 -39.62
N PRO G 554 29.16 41.71 -39.95
CA PRO G 554 28.55 42.71 -39.09
C PRO G 554 27.06 42.46 -39.06
N ARG G 555 26.44 42.65 -37.88
CA ARG G 555 24.98 42.43 -37.73
C ARG G 555 24.32 43.79 -37.51
N GLU G 556 23.25 44.11 -38.27
CA GLU G 556 22.62 45.45 -38.20
C GLU G 556 21.19 45.32 -37.70
N HIS G 557 20.74 46.25 -36.84
CA HIS G 557 19.37 46.19 -36.26
C HIS G 557 19.24 44.94 -35.40
N TYR G 558 20.36 44.50 -34.81
CA TYR G 558 20.29 43.35 -33.89
C TYR G 558 19.63 43.84 -32.62
N ARG G 559 18.41 43.37 -32.36
CA ARG G 559 17.68 43.77 -31.17
C ARG G 559 18.09 42.89 -30.00
N VAL G 560 18.31 43.53 -28.86
CA VAL G 560 18.75 42.86 -27.64
C VAL G 560 17.88 43.36 -26.50
N GLY G 561 17.15 42.45 -25.87
CA GLY G 561 16.29 42.83 -24.76
C GLY G 561 17.09 43.29 -23.55
N VAL G 562 16.51 44.24 -22.81
CA VAL G 562 17.12 44.76 -21.59
C VAL G 562 16.04 45.03 -20.57
N PRO G 563 16.38 44.88 -19.28
CA PRO G 563 15.37 45.12 -18.24
C PRO G 563 14.95 46.58 -18.09
N ILE G 564 15.89 47.52 -18.07
CA ILE G 564 15.56 48.90 -17.81
C ILE G 564 15.56 49.65 -19.14
N GLY G 565 14.65 50.62 -19.24
CA GLY G 565 14.56 51.47 -20.39
C GLY G 565 15.35 52.74 -20.24
N GLY G 566 15.31 53.54 -21.30
CA GLY G 566 15.91 54.85 -21.26
C GLY G 566 17.18 54.83 -22.08
N PRO G 567 17.99 55.86 -21.93
CA PRO G 567 19.26 55.91 -22.65
C PRO G 567 20.25 54.91 -22.09
N TRP G 568 20.98 54.25 -22.98
CA TRP G 568 22.06 53.34 -22.64
C TRP G 568 23.34 53.87 -23.27
N ARG G 569 24.47 53.63 -22.58
CA ARG G 569 25.75 54.07 -23.08
C ARG G 569 26.57 52.88 -23.55
N GLU G 570 27.39 53.12 -24.56
CA GLU G 570 28.32 52.11 -25.08
C GLU G 570 29.62 52.32 -24.32
N VAL G 571 29.91 51.42 -23.39
CA VAL G 571 31.03 51.64 -22.47
C VAL G 571 32.36 51.22 -23.07
N LEU G 572 32.37 50.19 -23.90
CA LEU G 572 33.58 49.70 -24.53
C LEU G 572 33.17 49.08 -25.84
N ASN G 573 33.99 49.29 -26.87
CA ASN G 573 33.71 48.74 -28.19
C ASN G 573 35.00 48.09 -28.67
N SER G 574 34.99 46.76 -28.74
CA SER G 574 36.18 46.01 -29.14
C SER G 574 36.69 46.47 -30.50
N ASP G 575 35.80 46.97 -31.34
CA ASP G 575 36.15 47.36 -32.71
C ASP G 575 36.57 48.82 -32.86
N ALA G 576 36.68 49.58 -31.76
CA ALA G 576 37.18 50.94 -31.87
C ALA G 576 38.59 50.91 -32.47
N VAL G 577 38.89 51.91 -33.31
CA VAL G 577 40.17 51.91 -34.00
C VAL G 577 41.33 51.97 -33.00
N ALA G 578 41.11 52.57 -31.83
CA ALA G 578 42.14 52.62 -30.81
C ALA G 578 42.62 51.22 -30.42
N TYR G 579 41.77 50.21 -30.60
CA TYR G 579 42.14 48.83 -30.34
C TYR G 579 42.57 48.11 -31.60
N GLY G 580 42.51 48.79 -32.75
CA GLY G 580 42.84 48.18 -34.02
C GLY G 580 41.65 47.63 -34.78
N GLY G 581 40.45 48.12 -34.50
CA GLY G 581 39.24 47.59 -35.11
C GLY G 581 38.72 48.42 -36.27
N SER G 582 37.72 47.84 -36.95
CA SER G 582 37.10 48.48 -38.10
C SER G 582 36.50 49.84 -37.75
N GLY G 583 36.10 50.04 -36.50
CA GLY G 583 35.47 51.28 -36.10
C GLY G 583 33.96 51.28 -36.18
N MET G 584 33.42 50.13 -36.57
CA MET G 584 31.95 49.98 -36.65
C MET G 584 31.45 50.03 -35.21
N GLY G 585 30.60 50.99 -34.89
CA GLY G 585 30.16 51.10 -33.49
C GLY G 585 28.83 51.79 -33.34
N ASN G 586 28.17 51.57 -32.21
CA ASN G 586 26.93 52.33 -31.92
C ASN G 586 27.35 53.75 -31.51
N PHE G 587 26.42 54.71 -31.53
CA PHE G 587 26.75 56.13 -31.26
C PHE G 587 27.33 56.25 -29.85
N GLY G 588 26.91 55.40 -28.93
CA GLY G 588 27.27 55.54 -27.51
C GLY G 588 26.10 56.19 -26.82
N ARG G 589 25.12 56.66 -27.59
CA ARG G 589 23.85 57.08 -26.98
C ARG G 589 22.86 56.11 -27.62
N VAL G 590 22.09 55.35 -26.84
CA VAL G 590 21.22 54.30 -27.42
C VAL G 590 19.89 54.37 -26.67
N GLU G 591 18.81 54.73 -27.35
CA GLU G 591 17.59 54.90 -26.59
C GLU G 591 16.82 53.59 -26.67
N ALA G 592 16.40 53.11 -25.52
CA ALA G 592 15.76 51.80 -25.46
C ALA G 592 14.37 51.85 -26.06
N VAL G 593 14.01 50.80 -26.77
CA VAL G 593 12.71 50.72 -27.43
C VAL G 593 11.77 50.10 -26.41
N PRO G 594 10.60 50.70 -26.16
CA PRO G 594 9.75 50.28 -25.04
C PRO G 594 9.00 48.97 -25.24
N GLU G 595 9.25 48.22 -26.30
CA GLU G 595 8.57 46.94 -26.49
C GLU G 595 9.59 45.81 -26.37
N SER G 596 9.04 44.60 -26.28
CA SER G 596 9.75 43.42 -25.80
C SER G 596 10.75 42.82 -26.78
N TRP G 597 11.80 42.23 -26.20
CA TRP G 597 12.71 41.31 -26.88
C TRP G 597 13.35 40.41 -25.83
N HIS G 598 13.49 39.13 -26.18
CA HIS G 598 14.09 38.13 -25.30
C HIS G 598 13.37 38.08 -23.96
N GLY G 599 12.04 38.19 -24.00
CA GLY G 599 11.26 38.21 -22.78
C GLY G 599 11.54 39.39 -21.88
N ARG G 600 12.05 40.49 -22.42
CA ARG G 600 12.39 41.65 -21.62
C ARG G 600 11.50 42.83 -21.99
N PRO G 601 11.25 43.75 -21.05
CA PRO G 601 10.32 44.86 -21.33
C PRO G 601 10.78 45.76 -22.45
N PHE G 602 12.07 46.08 -22.50
CA PHE G 602 12.63 46.95 -23.51
C PHE G 602 13.61 46.15 -24.36
N HIS G 603 14.14 46.80 -25.40
CA HIS G 603 15.22 46.19 -26.15
C HIS G 603 16.07 47.28 -26.77
N LEU G 604 17.35 46.95 -26.93
CA LEU G 604 18.31 47.83 -27.57
C LEU G 604 18.53 47.32 -28.98
N GLU G 605 18.45 48.21 -29.96
CA GLU G 605 18.71 47.87 -31.35
C GLU G 605 20.09 48.39 -31.73
N LEU G 606 21.03 47.48 -31.92
CA LEU G 606 22.42 47.81 -32.14
C LEU G 606 22.89 47.24 -33.47
N THR G 607 24.03 47.76 -33.92
CA THR G 607 24.77 47.17 -35.02
C THR G 607 26.01 46.54 -34.41
N LEU G 608 26.20 45.23 -34.65
CA LEU G 608 27.25 44.49 -33.98
C LEU G 608 28.50 44.47 -34.84
N PRO G 609 29.61 45.03 -34.40
CA PRO G 609 30.82 45.08 -35.22
C PRO G 609 31.41 43.70 -35.43
N PRO G 610 32.31 43.55 -36.39
CA PRO G 610 32.92 42.23 -36.65
C PRO G 610 33.81 41.76 -35.51
N LEU G 611 33.67 40.48 -35.18
CA LEU G 611 34.51 39.80 -34.19
C LEU G 611 34.76 40.69 -32.98
N ALA G 612 33.68 41.28 -32.47
CA ALA G 612 33.79 42.32 -31.46
C ALA G 612 32.86 42.05 -30.30
N ILE G 613 33.15 42.69 -29.18
CA ILE G 613 32.35 42.63 -27.97
C ILE G 613 31.89 44.05 -27.64
N LEU G 614 30.60 44.21 -27.40
CA LEU G 614 30.04 45.46 -26.90
C LEU G 614 29.71 45.30 -25.43
N ILE G 615 30.08 46.29 -24.63
CA ILE G 615 29.74 46.33 -23.21
C ILE G 615 28.96 47.61 -22.97
N LEU G 616 27.73 47.48 -22.47
CA LEU G 616 26.79 48.60 -22.39
C LEU G 616 26.22 48.77 -20.99
N GLU G 617 26.03 50.02 -20.60
CA GLU G 617 25.47 50.37 -19.30
C GLU G 617 24.37 51.41 -19.38
N PRO G 618 23.30 51.25 -18.59
CA PRO G 618 22.28 52.30 -18.48
C PRO G 618 22.79 53.53 -17.75
N GLU G 619 22.04 54.62 -17.88
CA GLU G 619 22.48 55.90 -17.33
C GLU G 619 21.91 56.16 -15.94
N SER G 620 21.99 57.43 -15.55
CA SER G 620 21.43 57.95 -14.32
C SER G 620 20.46 59.07 -14.68
N SER H 2 30.76 -14.86 4.62
CA SER H 2 31.11 -15.25 5.98
C SER H 2 29.97 -15.43 6.96
N TRP H 3 29.88 -16.65 7.43
CA TRP H 3 29.29 -16.97 8.73
C TRP H 3 30.25 -16.64 9.86
N LEU H 4 31.53 -17.03 9.70
CA LEU H 4 32.55 -16.99 10.76
C LEU H 4 33.55 -15.88 10.54
N THR H 5 33.76 -15.06 11.57
CA THR H 5 34.80 -14.03 11.57
C THR H 5 36.19 -14.64 11.52
N GLU H 6 37.12 -13.88 10.96
CA GLU H 6 38.53 -14.22 11.05
C GLU H 6 39.02 -14.13 12.49
N GLU H 7 38.36 -13.33 13.32
CA GLU H 7 38.57 -13.31 14.77
C GLU H 7 38.00 -14.53 15.48
N ASP H 8 36.80 -14.97 15.07
CA ASP H 8 36.17 -16.14 15.70
C ASP H 8 37.05 -17.38 15.57
N ILE H 9 37.72 -17.52 14.42
CA ILE H 9 38.66 -18.62 14.25
C ILE H 9 39.86 -18.46 15.17
N ARG H 10 40.34 -17.23 15.33
CA ARG H 10 41.46 -17.00 16.23
C ARG H 10 41.08 -17.35 17.66
N ARG H 11 39.82 -17.11 18.02
CA ARG H 11 39.33 -17.52 19.34
C ARG H 11 39.24 -19.03 19.44
N TRP H 12 38.87 -19.70 18.35
CA TRP H 12 38.81 -21.16 18.35
C TRP H 12 40.18 -21.78 18.54
N GLU H 13 41.20 -21.24 17.90
CA GLU H 13 42.55 -21.78 18.04
C GLU H 13 43.01 -21.72 19.49
N SER H 14 42.58 -20.69 20.22
CA SER H 14 42.92 -20.50 21.62
C SER H 14 42.10 -21.36 22.57
N GLY H 15 40.97 -21.90 22.15
CA GLY H 15 40.04 -22.44 23.12
C GLY H 15 39.41 -21.40 24.02
N THR H 16 39.22 -20.18 23.50
CA THR H 16 38.68 -19.10 24.33
C THR H 16 37.32 -18.68 23.79
N PHE H 17 36.72 -19.48 22.92
CA PHE H 17 35.35 -19.16 22.48
C PHE H 17 34.40 -19.96 23.34
N TYR H 18 33.75 -19.30 24.29
CA TYR H 18 32.77 -19.97 25.19
C TYR H 18 31.37 -19.67 24.68
N ASP H 19 31.30 -18.93 23.58
CA ASP H 19 30.02 -18.58 22.91
C ASP H 19 30.01 -19.39 21.61
N SER H 20 30.83 -20.44 21.57
CA SER H 20 30.99 -21.25 20.33
C SER H 20 29.63 -21.75 19.86
N TYR H 21 28.65 -21.80 20.76
CA TYR H 21 27.35 -22.38 20.36
C TYR H 21 26.78 -21.50 19.26
N ARG H 22 26.92 -20.18 19.37
CA ARG H 22 26.30 -19.30 18.35
C ARG H 22 26.90 -19.56 16.96
N LYS H 23 28.23 -19.68 16.85
CA LYS H 23 28.86 -20.07 15.55
C LYS H 23 28.56 -21.51 15.12
N LEU H 24 28.57 -22.48 16.04
CA LEU H 24 28.52 -23.92 15.65
C LEU H 24 27.12 -24.54 15.75
N GLY H 25 26.96 -25.75 15.19
CA GLY H 25 25.64 -26.35 15.17
C GLY H 25 24.78 -25.87 14.00
N ALA H 26 23.46 -25.92 14.16
CA ALA H 26 22.52 -25.53 13.11
C ALA H 26 21.79 -24.25 13.52
N HIS H 27 21.84 -23.24 12.65
CA HIS H 27 21.26 -21.93 12.94
C HIS H 27 20.30 -21.49 11.84
N PRO H 28 18.99 -21.52 12.08
CA PRO H 28 18.05 -21.16 11.02
C PRO H 28 17.99 -19.65 10.78
N ASP H 29 17.94 -19.27 9.51
CA ASP H 29 17.60 -17.89 9.15
C ASP H 29 16.28 -18.00 8.36
N GLU H 30 15.87 -16.89 7.74
CA GLU H 30 14.56 -16.88 7.09
C GLU H 30 14.54 -17.60 5.75
N GLU H 31 15.68 -17.72 5.06
CA GLU H 31 15.65 -18.41 3.77
C GLU H 31 16.26 -19.81 3.83
N GLY H 32 17.05 -20.09 4.85
CA GLY H 32 17.63 -21.39 5.04
C GLY H 32 18.32 -21.41 6.37
N THR H 33 19.21 -22.39 6.56
CA THR H 33 19.98 -22.48 7.79
C THR H 33 21.45 -22.64 7.47
N TRP H 34 22.27 -22.05 8.33
CA TRP H 34 23.70 -22.26 8.32
C TRP H 34 24.04 -23.48 9.15
N PHE H 35 25.02 -24.25 8.69
CA PHE H 35 25.53 -25.41 9.39
C PHE H 35 27.01 -25.19 9.64
N CYS H 36 27.45 -25.46 10.86
CA CYS H 36 28.86 -25.30 11.21
C CYS H 36 29.27 -26.44 12.12
N VAL H 37 30.31 -27.15 11.71
CA VAL H 37 30.79 -28.34 12.40
C VAL H 37 32.31 -28.27 12.48
N TRP H 38 32.85 -28.81 13.58
CA TRP H 38 34.30 -28.89 13.77
C TRP H 38 34.74 -30.29 13.36
N ALA H 39 35.49 -30.38 12.27
CA ALA H 39 35.99 -31.66 11.75
C ALA H 39 37.33 -31.40 11.10
N PRO H 40 38.39 -31.25 11.90
CA PRO H 40 39.67 -30.80 11.34
C PRO H 40 40.36 -31.81 10.44
N HIS H 41 40.31 -33.11 10.76
CA HIS H 41 41.02 -34.12 9.99
C HIS H 41 40.14 -34.79 8.94
N ALA H 42 39.11 -34.09 8.47
CA ALA H 42 38.22 -34.57 7.43
C ALA H 42 38.60 -33.97 6.08
N ASP H 43 38.50 -34.77 5.03
CA ASP H 43 38.72 -34.23 3.69
C ASP H 43 37.49 -33.53 3.12
N ALA H 44 36.29 -33.90 3.56
CA ALA H 44 35.07 -33.24 3.11
C ALA H 44 33.98 -33.42 4.16
N VAL H 45 33.13 -32.40 4.28
CA VAL H 45 32.01 -32.46 5.26
C VAL H 45 30.74 -31.97 4.53
N SER H 46 29.66 -32.72 4.65
CA SER H 46 28.41 -32.37 3.93
C SER H 46 27.22 -32.46 4.87
N VAL H 47 26.16 -31.69 4.60
CA VAL H 47 24.93 -31.79 5.43
C VAL H 47 23.86 -32.46 4.55
N LEU H 48 23.23 -33.50 5.09
CA LEU H 48 22.24 -34.26 4.28
C LEU H 48 20.88 -34.14 4.98
N GLY H 49 19.85 -33.82 4.21
CA GLY H 49 18.50 -33.75 4.79
C GLY H 49 17.42 -33.73 3.73
N ALA H 50 16.17 -33.88 4.15
CA ALA H 50 15.06 -33.79 3.21
C ALA H 50 15.15 -32.53 2.35
N PHE H 51 15.75 -31.47 2.87
CA PHE H 51 15.86 -30.20 2.17
C PHE H 51 16.82 -30.26 0.98
N ASN H 52 17.50 -31.39 0.77
CA ASN H 52 18.33 -31.57 -0.41
C ASN H 52 18.30 -33.02 -0.88
N ASN H 53 17.24 -33.74 -0.52
CA ASN H 53 17.05 -35.16 -0.96
C ASN H 53 18.15 -36.06 -0.37
N TRP H 54 18.72 -35.69 0.78
CA TRP H 54 19.69 -36.59 1.45
C TRP H 54 20.83 -36.97 0.51
N ASP H 55 21.33 -36.01 -0.28
CA ASP H 55 22.45 -36.30 -1.20
C ASP H 55 23.68 -35.51 -0.73
N PRO H 56 24.84 -36.18 -0.57
CA PRO H 56 26.03 -35.52 -0.05
C PRO H 56 26.53 -34.40 -0.92
N GLU H 57 26.48 -34.60 -2.23
CA GLU H 57 27.01 -33.61 -3.21
C GLU H 57 26.25 -32.27 -3.16
N ALA H 58 24.93 -32.28 -2.94
CA ALA H 58 24.17 -31.02 -3.12
C ALA H 58 24.67 -29.94 -2.17
N HIS H 59 24.95 -30.26 -0.91
CA HIS H 59 25.49 -29.18 -0.03
C HIS H 59 26.72 -29.69 0.71
N GLN H 60 27.91 -29.22 0.31
CA GLN H 60 29.16 -29.63 0.99
C GLN H 60 29.74 -28.40 1.70
N LEU H 61 30.03 -28.54 3.00
CA LEU H 61 30.54 -27.41 3.81
C LEU H 61 31.96 -27.05 3.35
N GLU H 62 32.34 -25.78 3.48
CA GLU H 62 33.70 -25.34 3.04
C GLU H 62 34.54 -25.04 4.28
N ARG H 63 35.76 -25.59 4.34
CA ARG H 63 36.62 -25.41 5.54
C ARG H 63 37.09 -23.97 5.70
N TYR H 64 37.15 -23.49 6.94
CA TYR H 64 37.71 -22.15 7.23
C TYR H 64 38.94 -22.39 8.07
N GLY H 65 39.27 -21.50 9.00
CA GLY H 65 40.38 -21.78 9.92
C GLY H 65 40.10 -22.83 10.99
N ALA H 66 41.14 -23.47 11.53
CA ALA H 66 41.00 -24.42 12.68
C ALA H 66 40.05 -25.59 12.43
N GLY H 67 40.06 -26.16 11.23
CA GLY H 67 39.24 -27.36 10.96
C GLY H 67 37.79 -27.08 11.25
N LEU H 68 37.35 -25.86 10.92
CA LEU H 68 35.94 -25.48 11.15
C LEU H 68 35.24 -25.43 9.78
N TRP H 69 34.13 -26.16 9.66
CA TRP H 69 33.40 -26.23 8.40
C TRP H 69 32.12 -25.43 8.51
N ALA H 70 31.77 -24.73 7.44
CA ALA H 70 30.57 -23.91 7.44
C ALA H 70 29.95 -23.94 6.05
N GLY H 71 28.64 -23.82 6.01
CA GLY H 71 27.93 -23.74 4.75
C GLY H 71 26.49 -23.36 4.96
N TYR H 72 25.89 -22.77 3.95
CA TYR H 72 24.49 -22.37 4.00
C TYR H 72 23.70 -23.27 3.07
N VAL H 73 22.53 -23.69 3.53
CA VAL H 73 21.62 -24.50 2.73
C VAL H 73 20.31 -23.74 2.64
N PRO H 74 20.03 -23.12 1.50
CA PRO H 74 18.72 -22.48 1.33
C PRO H 74 17.64 -23.53 1.31
N GLY H 75 16.56 -23.27 2.03
CA GLY H 75 15.47 -24.22 2.15
C GLY H 75 15.57 -25.16 3.34
N ALA H 76 16.70 -25.18 4.04
CA ALA H 76 16.80 -25.89 5.31
C ALA H 76 15.98 -25.15 6.35
N LEU H 77 15.03 -25.84 6.98
CA LEU H 77 14.04 -25.19 7.82
C LEU H 77 13.94 -25.80 9.20
N PRO H 78 13.39 -25.05 10.16
CA PRO H 78 13.17 -25.61 11.50
C PRO H 78 12.28 -26.84 11.46
N GLY H 79 12.55 -27.80 12.35
CA GLY H 79 11.84 -29.04 12.34
C GLY H 79 12.35 -30.05 11.34
N HIS H 80 13.31 -29.67 10.50
CA HIS H 80 13.94 -30.60 9.58
C HIS H 80 14.97 -31.45 10.31
N ALA H 81 15.08 -32.72 9.91
CA ALA H 81 16.11 -33.61 10.40
C ALA H 81 17.32 -33.58 9.50
N TYR H 82 18.51 -33.73 10.09
CA TYR H 82 19.73 -33.76 9.30
C TYR H 82 20.79 -34.62 9.99
N LYS H 83 21.90 -34.77 9.29
CA LYS H 83 23.05 -35.60 9.64
C LYS H 83 24.23 -35.06 8.85
N TYR H 84 25.42 -35.13 9.43
CA TYR H 84 26.61 -34.72 8.70
C TYR H 84 27.31 -35.97 8.18
N ARG H 85 27.68 -35.94 6.91
CA ARG H 85 28.43 -37.03 6.28
C ARG H 85 29.85 -36.51 6.09
N ILE H 86 30.77 -37.01 6.90
CA ILE H 86 32.16 -36.56 6.87
C ILE H 86 32.97 -37.65 6.19
N ARG H 87 33.87 -37.25 5.34
CA ARG H 87 34.72 -38.16 4.60
C ARG H 87 36.16 -38.01 5.10
N HIS H 88 36.72 -39.08 5.65
CA HIS H 88 38.13 -39.11 6.03
C HIS H 88 38.83 -40.01 5.02
N GLY H 89 39.35 -39.39 3.96
CA GLY H 89 40.04 -40.14 2.92
C GLY H 89 39.16 -41.20 2.30
N PHE H 90 39.60 -42.46 2.44
CA PHE H 90 38.91 -43.56 1.76
C PHE H 90 37.50 -43.79 2.30
N TYR H 91 37.24 -43.46 3.55
CA TYR H 91 36.00 -43.88 4.21
C TYR H 91 35.10 -42.69 4.51
N GLN H 92 33.79 -42.97 4.49
CA GLN H 92 32.77 -42.01 4.85
C GLN H 92 31.90 -42.56 5.99
N ALA H 93 31.34 -41.66 6.78
CA ALA H 93 30.52 -42.03 7.93
C ALA H 93 29.48 -40.95 8.16
N ASP H 94 28.31 -41.35 8.64
CA ASP H 94 27.25 -40.43 9.01
C ASP H 94 27.35 -40.09 10.50
N LYS H 95 27.22 -38.80 10.81
CA LYS H 95 27.37 -38.31 12.18
C LYS H 95 26.18 -37.43 12.57
N THR H 96 25.97 -37.36 13.88
CA THR H 96 25.08 -36.40 14.52
C THR H 96 25.80 -35.07 14.72
N ASP H 97 25.04 -33.99 14.83
CA ASP H 97 25.62 -32.70 15.17
C ASP H 97 25.95 -32.70 16.66
N PRO H 98 27.21 -32.52 17.05
CA PRO H 98 27.52 -32.39 18.48
C PRO H 98 26.88 -31.17 19.10
N TYR H 99 26.75 -30.09 18.34
CA TYR H 99 26.12 -28.86 18.82
C TYR H 99 24.64 -28.81 18.51
N ALA H 100 24.03 -29.95 18.19
CA ALA H 100 22.60 -29.99 17.93
C ALA H 100 21.85 -29.49 19.14
N PHE H 101 20.96 -28.53 18.91
CA PHE H 101 20.15 -27.96 19.98
C PHE H 101 18.86 -28.73 20.21
N ALA H 102 18.59 -29.72 19.35
CA ALA H 102 17.40 -30.58 19.50
C ALA H 102 17.62 -31.90 18.75
N MET H 103 17.43 -33.04 19.42
CA MET H 103 17.54 -34.36 18.76
C MET H 103 16.22 -35.14 18.94
N GLU H 104 15.65 -35.66 17.85
CA GLU H 104 14.42 -36.49 17.94
C GLU H 104 14.66 -37.85 17.25
N PRO H 105 14.29 -39.00 17.85
CA PRO H 105 14.53 -40.28 17.20
C PRO H 105 13.69 -40.49 15.95
N PRO H 106 14.27 -40.97 14.83
CA PRO H 106 13.46 -41.31 13.67
C PRO H 106 12.52 -42.46 13.98
N THR H 107 13.01 -43.46 14.69
CA THR H 107 12.19 -44.63 15.11
C THR H 107 11.10 -44.19 16.04
N GLY H 108 11.40 -43.22 16.91
CA GLY H 108 10.45 -42.87 18.00
C GLY H 108 10.79 -43.75 19.18
N SER H 109 11.85 -44.55 19.07
CA SER H 109 12.32 -45.38 20.20
C SER H 109 13.54 -44.70 20.83
N LEU H 114 18.61 -41.51 17.12
CA LEU H 114 18.22 -40.09 17.29
C LEU H 114 18.77 -39.27 16.12
N ALA H 115 17.97 -38.32 15.62
CA ALA H 115 18.39 -37.48 14.48
C ALA H 115 18.43 -36.02 14.90
N SER H 116 19.51 -35.31 14.58
CA SER H 116 19.63 -33.88 14.94
C SER H 116 18.53 -33.10 14.20
N ILE H 117 17.91 -32.14 14.88
CA ILE H 117 16.77 -31.37 14.27
C ILE H 117 17.12 -29.89 14.28
N ILE H 118 16.95 -29.19 13.15
CA ILE H 118 17.20 -27.77 13.14
C ILE H 118 16.13 -27.11 14.01
N THR H 119 16.56 -26.33 14.99
CA THR H 119 15.64 -25.84 16.00
C THR H 119 15.97 -24.38 16.26
N ARG H 120 14.95 -23.62 16.64
CA ARG H 120 15.12 -22.27 17.15
C ARG H 120 14.83 -22.25 18.65
N LEU H 121 15.68 -21.56 19.39
CA LEU H 121 15.64 -21.54 20.83
C LEU H 121 14.92 -20.30 21.37
N ASP H 122 14.18 -19.61 20.50
CA ASP H 122 13.39 -18.44 20.89
C ASP H 122 12.51 -18.73 22.10
N TYR H 123 12.68 -17.93 23.14
CA TYR H 123 11.82 -18.03 24.32
C TYR H 123 11.85 -16.70 25.06
N THR H 124 10.69 -16.25 25.51
CA THR H 124 10.57 -15.02 26.30
C THR H 124 10.33 -15.41 27.76
N TRP H 125 11.19 -14.89 28.64
CA TRP H 125 11.25 -15.37 30.01
C TRP H 125 10.32 -14.63 30.96
N HIS H 126 9.97 -15.35 32.03
CA HIS H 126 9.07 -14.90 33.07
C HIS H 126 9.70 -14.99 34.45
N ASP H 127 11.04 -14.99 34.51
CA ASP H 127 11.79 -15.14 35.75
C ASP H 127 12.76 -14.00 36.05
N ASP H 128 12.56 -12.83 35.42
CA ASP H 128 13.42 -11.67 35.68
C ASP H 128 13.64 -11.47 37.17
N ALA H 129 12.55 -11.51 37.94
CA ALA H 129 12.63 -11.27 39.39
C ALA H 129 13.53 -12.27 40.09
N TRP H 130 13.45 -13.54 39.69
CA TRP H 130 14.28 -14.57 40.32
C TRP H 130 15.76 -14.30 40.11
N MET H 131 16.15 -14.08 38.86
CA MET H 131 17.59 -13.94 38.51
C MET H 131 18.25 -12.83 39.33
N GLN H 132 17.56 -11.72 39.54
CA GLN H 132 18.15 -10.58 40.29
C GLN H 132 18.46 -11.06 41.70
N ARG H 133 17.58 -11.87 42.28
CA ARG H 133 17.75 -12.32 43.69
C ARG H 133 18.61 -13.57 43.85
N ARG H 134 19.10 -14.22 42.78
CA ARG H 134 19.81 -15.50 43.01
C ARG H 134 21.05 -15.28 43.86
N LYS H 135 21.32 -16.16 44.83
CA LYS H 135 22.44 -15.96 45.77
C LYS H 135 23.81 -16.41 45.19
N GLY H 136 23.90 -17.59 44.56
CA GLY H 136 25.23 -18.01 44.09
C GLY H 136 26.21 -18.16 45.24
N PRO H 137 27.38 -17.48 45.22
CA PRO H 137 28.39 -17.61 46.26
C PRO H 137 27.82 -17.19 47.60
N ALA H 138 26.95 -16.18 47.63
CA ALA H 138 26.29 -15.68 48.86
C ALA H 138 25.41 -16.78 49.46
N SER H 139 25.03 -17.78 48.67
CA SER H 139 24.12 -18.88 49.12
C SER H 139 24.81 -19.63 50.26
N LEU H 140 26.13 -19.53 50.38
CA LEU H 140 26.88 -20.25 51.43
C LEU H 140 26.33 -19.79 52.79
N TYR H 141 25.99 -18.51 52.94
CA TYR H 141 25.43 -17.98 54.21
C TYR H 141 23.89 -18.15 54.27
N GLU H 142 23.24 -18.65 53.22
CA GLU H 142 21.77 -18.87 53.20
C GLU H 142 21.46 -20.39 53.18
N PRO H 143 20.21 -20.88 53.43
CA PRO H 143 19.96 -22.31 53.34
C PRO H 143 19.83 -22.84 51.92
N VAL H 144 20.46 -23.98 51.66
CA VAL H 144 20.21 -24.72 50.42
C VAL H 144 19.76 -26.11 50.85
N SER H 145 18.57 -26.50 50.41
CA SER H 145 18.00 -27.82 50.61
C SER H 145 17.60 -28.34 49.23
N ILE H 146 18.34 -29.34 48.70
CA ILE H 146 18.18 -29.78 47.32
C ILE H 146 17.35 -31.06 47.26
N TYR H 147 16.34 -31.06 46.40
CA TYR H 147 15.54 -32.24 46.08
C TYR H 147 16.02 -32.81 44.76
N GLU H 148 16.66 -33.98 44.81
CA GLU H 148 17.21 -34.61 43.61
C GLU H 148 16.15 -35.45 42.91
N VAL H 149 16.08 -35.31 41.59
CA VAL H 149 14.97 -35.83 40.79
C VAL H 149 15.48 -36.39 39.47
N HIS H 150 14.96 -37.56 39.08
CA HIS H 150 14.99 -38.02 37.70
C HIS H 150 13.57 -37.81 37.17
N LEU H 151 13.43 -36.92 36.19
CA LEU H 151 12.10 -36.48 35.78
C LEU H 151 11.26 -37.68 35.32
N GLY H 152 11.90 -38.66 34.67
CA GLY H 152 11.17 -39.84 34.23
C GLY H 152 10.62 -40.68 35.37
N SER H 153 11.36 -40.75 36.48
CA SER H 153 10.97 -41.59 37.62
C SER H 153 10.01 -40.92 38.59
N TRP H 154 9.92 -39.60 38.57
CA TRP H 154 9.22 -38.92 39.65
C TRP H 154 7.73 -39.24 39.68
N ARG H 155 6.97 -38.72 38.71
CA ARG H 155 5.55 -39.01 38.66
C ARG H 155 5.18 -39.40 37.23
N HIS H 156 4.20 -40.30 37.13
CA HIS H 156 3.77 -40.96 35.90
C HIS H 156 2.32 -40.64 35.61
N LYS H 157 1.97 -40.47 34.34
CA LYS H 157 0.55 -40.36 34.02
C LYS H 157 -0.17 -41.71 33.98
N GLN H 158 0.50 -42.76 33.52
CA GLN H 158 0.06 -44.15 33.53
C GLN H 158 1.32 -44.99 33.55
N PRO H 159 1.23 -46.27 33.91
CA PRO H 159 2.47 -47.06 34.03
C PRO H 159 3.29 -47.04 32.75
N GLY H 160 4.57 -46.70 32.91
CA GLY H 160 5.48 -46.60 31.77
C GLY H 160 5.36 -45.34 30.96
N VAL H 161 4.66 -44.32 31.46
CA VAL H 161 4.46 -43.06 30.73
C VAL H 161 4.92 -41.93 31.64
N SER H 162 5.97 -41.23 31.23
CA SER H 162 6.51 -40.14 32.04
C SER H 162 5.69 -38.87 31.87
N PHE H 163 5.97 -37.91 32.75
CA PHE H 163 5.38 -36.59 32.65
C PHE H 163 6.20 -35.72 31.70
N SER H 164 5.51 -34.92 30.89
CA SER H 164 6.18 -33.91 30.06
C SER H 164 6.78 -32.80 30.93
N TYR H 165 7.65 -32.00 30.31
CA TYR H 165 8.25 -30.84 30.97
C TYR H 165 7.20 -29.88 31.51
N ARG H 166 6.26 -29.45 30.67
CA ARG H 166 5.26 -28.50 31.13
C ARG H 166 4.37 -29.13 32.18
N GLU H 167 3.95 -30.37 31.94
CA GLU H 167 3.01 -31.03 32.82
C GLU H 167 3.59 -31.24 34.22
N ILE H 168 4.85 -31.67 34.32
CA ILE H 168 5.41 -32.00 35.64
C ILE H 168 5.56 -30.75 36.49
N ALA H 169 5.74 -29.59 35.86
CA ALA H 169 6.09 -28.37 36.58
C ALA H 169 5.14 -28.11 37.72
N GLU H 170 3.85 -28.01 37.42
CA GLU H 170 2.89 -27.63 38.47
C GLU H 170 2.75 -28.71 39.54
N PRO H 171 2.69 -30.00 39.19
CA PRO H 171 2.73 -31.02 40.27
C PRO H 171 4.04 -31.01 41.03
N LEU H 172 5.18 -30.93 40.35
CA LEU H 172 6.46 -30.97 41.05
C LEU H 172 6.70 -29.72 41.88
N ALA H 173 6.48 -28.54 41.29
CA ALA H 173 6.74 -27.30 42.00
C ALA H 173 6.01 -27.25 43.33
N ASP H 174 4.76 -27.72 43.35
CA ASP H 174 4.00 -27.76 44.60
C ASP H 174 4.63 -28.71 45.62
N TYR H 175 4.98 -29.93 45.19
CA TYR H 175 5.55 -30.91 46.10
C TYR H 175 6.86 -30.37 46.67
N VAL H 176 7.68 -29.76 45.83
CA VAL H 176 8.94 -29.18 46.29
C VAL H 176 8.67 -28.02 47.24
N GLN H 177 7.64 -27.21 46.93
CA GLN H 177 7.31 -26.09 47.81
C GLN H 177 6.71 -26.54 49.13
N ASP H 178 5.83 -27.53 49.09
CA ASP H 178 5.21 -28.03 50.32
C ASP H 178 6.26 -28.49 51.32
N LEU H 179 7.33 -29.09 50.82
CA LEU H 179 8.41 -29.58 51.67
C LEU H 179 9.48 -28.55 51.93
N GLY H 180 9.42 -27.38 51.29
CA GLY H 180 10.32 -26.32 51.64
C GLY H 180 11.70 -26.45 51.06
N PHE H 181 11.86 -27.23 50.01
CA PHE H 181 13.18 -27.33 49.38
C PHE H 181 13.47 -26.04 48.61
N THR H 182 14.74 -25.70 48.54
CA THR H 182 15.11 -24.47 47.85
C THR H 182 15.42 -24.72 46.37
N HIS H 183 16.01 -25.87 46.05
CA HIS H 183 16.40 -26.18 44.69
C HIS H 183 16.00 -27.60 44.36
N VAL H 184 15.88 -27.87 43.06
CA VAL H 184 15.83 -29.22 42.54
C VAL H 184 17.09 -29.45 41.73
N GLU H 185 17.75 -30.57 41.96
CA GLU H 185 18.89 -30.99 41.17
C GLU H 185 18.37 -32.03 40.19
N LEU H 186 18.53 -31.77 38.90
CA LEU H 186 17.98 -32.63 37.87
C LEU H 186 19.09 -33.54 37.36
N LEU H 187 18.88 -34.85 37.47
CA LEU H 187 19.75 -35.78 36.79
C LEU H 187 19.79 -35.42 35.31
N PRO H 188 20.92 -35.70 34.63
CA PRO H 188 21.18 -35.03 33.34
C PRO H 188 20.04 -35.08 32.36
N ILE H 189 19.63 -33.87 31.93
CA ILE H 189 18.57 -33.68 30.95
C ILE H 189 19.08 -33.74 29.54
N MET H 190 20.40 -33.73 29.34
CA MET H 190 20.97 -33.74 28.00
C MET H 190 20.69 -35.07 27.32
N GLU H 191 20.53 -34.99 26.00
CA GLU H 191 20.07 -36.13 25.24
C GLU H 191 21.00 -37.32 25.42
N HIS H 192 20.41 -38.47 25.73
CA HIS H 192 21.10 -39.72 25.97
C HIS H 192 20.27 -40.87 25.42
N PRO H 193 20.90 -41.85 24.74
CA PRO H 193 20.13 -42.93 24.12
C PRO H 193 19.56 -43.92 25.13
N TYR H 194 20.41 -44.43 26.04
CA TYR H 194 19.94 -45.48 26.95
C TYR H 194 19.35 -44.78 28.16
N TYR H 195 18.03 -44.79 28.21
CA TYR H 195 17.28 -44.22 29.33
C TYR H 195 17.75 -44.82 30.65
N GLY H 196 18.12 -46.10 30.66
CA GLY H 196 18.62 -46.74 31.86
C GLY H 196 19.93 -46.19 32.37
N SER H 197 20.65 -45.42 31.55
CA SER H 197 21.84 -44.72 32.04
C SER H 197 21.49 -43.59 32.99
N TRP H 198 20.21 -43.22 33.08
CA TRP H 198 19.70 -42.07 33.83
C TRP H 198 20.15 -40.73 33.26
N GLY H 199 20.81 -40.73 32.10
CA GLY H 199 21.31 -39.52 31.48
C GLY H 199 22.80 -39.32 31.58
N TYR H 200 23.53 -40.22 32.24
CA TYR H 200 24.96 -40.00 32.46
C TYR H 200 25.84 -40.35 31.28
N GLN H 201 25.35 -41.08 30.27
CA GLN H 201 26.06 -41.22 29.01
C GLN H 201 25.35 -40.42 27.92
N VAL H 202 25.99 -39.32 27.52
CA VAL H 202 25.42 -38.17 26.86
C VAL H 202 25.75 -38.26 25.37
N VAL H 203 24.77 -38.01 24.50
CA VAL H 203 25.04 -37.82 23.08
C VAL H 203 24.84 -36.36 22.66
N GLY H 204 23.78 -35.72 23.14
CA GLY H 204 23.54 -34.33 22.80
C GLY H 204 23.78 -33.40 23.96
N TYR H 205 25.03 -32.96 24.11
CA TYR H 205 25.36 -32.07 25.21
C TYR H 205 24.60 -30.76 25.11
N TYR H 206 24.27 -30.34 23.89
CA TYR H 206 23.55 -29.10 23.63
C TYR H 206 22.06 -29.31 23.42
N ALA H 207 21.55 -30.53 23.60
CA ALA H 207 20.15 -30.83 23.34
C ALA H 207 19.49 -31.41 24.58
N PRO H 208 18.39 -30.82 25.06
CA PRO H 208 17.61 -31.46 26.12
C PRO H 208 16.88 -32.69 25.58
N THR H 209 16.68 -33.66 26.47
CA THR H 209 16.11 -34.95 26.04
C THR H 209 14.71 -34.77 25.48
N PHE H 210 14.43 -35.49 24.38
CA PHE H 210 13.15 -35.38 23.70
C PHE H 210 12.00 -35.95 24.51
N ARG H 211 12.27 -36.96 25.34
CA ARG H 211 11.19 -37.71 25.99
C ARG H 211 10.25 -36.82 26.78
N TYR H 212 10.73 -35.69 27.27
CA TYR H 212 9.92 -34.79 28.07
C TYR H 212 9.54 -33.53 27.30
N GLY H 213 9.99 -33.39 26.05
CA GLY H 213 9.48 -32.33 25.20
C GLY H 213 10.57 -31.67 24.40
N THR H 214 10.21 -30.49 23.88
CA THR H 214 11.05 -29.65 23.05
C THR H 214 12.02 -28.87 23.94
N PRO H 215 13.04 -28.23 23.37
CA PRO H 215 13.79 -27.24 24.14
C PRO H 215 12.90 -26.24 24.86
N GLN H 216 11.83 -25.75 24.21
CA GLN H 216 10.94 -24.79 24.86
C GLN H 216 10.21 -25.40 26.05
N ASP H 217 9.85 -26.68 25.98
CA ASP H 217 9.18 -27.32 27.10
C ASP H 217 10.04 -27.28 28.35
N LEU H 218 11.34 -27.54 28.22
CA LEU H 218 12.23 -27.48 29.37
C LEU H 218 12.44 -26.04 29.82
N MET H 219 12.61 -25.11 28.87
CA MET H 219 12.81 -23.70 29.24
C MET H 219 11.67 -23.20 30.13
N TYR H 220 10.43 -23.57 29.78
CA TYR H 220 9.29 -23.19 30.60
C TYR H 220 9.33 -23.84 31.98
N LEU H 221 9.70 -25.13 32.03
CA LEU H 221 9.78 -25.81 33.31
C LEU H 221 10.66 -25.02 34.27
N ILE H 222 11.82 -24.59 33.77
CA ILE H 222 12.70 -23.70 34.53
C ILE H 222 12.01 -22.36 34.79
N ASP H 223 11.34 -21.80 33.77
CA ASP H 223 10.56 -20.58 33.96
C ASP H 223 9.60 -20.70 35.14
N TYR H 224 8.77 -21.74 35.14
CA TYR H 224 7.81 -21.94 36.23
C TYR H 224 8.51 -22.13 37.57
N LEU H 225 9.44 -23.08 37.64
CA LEU H 225 10.16 -23.34 38.89
C LEU H 225 10.79 -22.07 39.44
N HIS H 226 11.31 -21.23 38.53
CA HIS H 226 11.91 -19.96 38.94
C HIS H 226 10.85 -19.01 39.50
N GLN H 227 9.74 -18.83 38.78
CA GLN H 227 8.66 -17.97 39.24
C GLN H 227 8.15 -18.39 40.62
N ARG H 228 8.01 -19.68 40.85
CA ARG H 228 7.53 -20.23 42.11
C ARG H 228 8.61 -20.23 43.20
N GLY H 229 9.78 -19.66 42.91
CA GLY H 229 10.83 -19.50 43.89
C GLY H 229 11.73 -20.70 44.14
N ILE H 230 11.84 -21.62 43.20
CA ILE H 230 12.66 -22.80 43.34
C ILE H 230 13.83 -22.74 42.36
N GLY H 231 15.01 -23.16 42.82
CA GLY H 231 16.19 -23.21 41.97
C GLY H 231 16.33 -24.55 41.26
N VAL H 232 17.01 -24.54 40.11
CA VAL H 232 17.22 -25.74 39.32
C VAL H 232 18.72 -25.94 39.11
N ILE H 233 19.23 -27.07 39.61
CA ILE H 233 20.63 -27.48 39.40
C ILE H 233 20.63 -28.65 38.42
N LEU H 234 21.50 -28.57 37.42
CA LEU H 234 21.63 -29.62 36.43
C LEU H 234 22.88 -30.45 36.69
N ASP H 235 22.75 -31.78 36.54
CA ASP H 235 23.91 -32.65 36.57
C ASP H 235 24.61 -32.63 35.22
N TRP H 236 25.92 -32.50 35.23
CA TRP H 236 26.71 -32.26 34.03
C TRP H 236 27.80 -33.32 33.92
N VAL H 237 28.05 -33.78 32.70
CA VAL H 237 28.99 -34.89 32.51
C VAL H 237 30.13 -34.47 31.59
N PRO H 238 31.06 -33.63 32.05
CA PRO H 238 32.25 -33.34 31.25
C PRO H 238 33.32 -34.41 31.37
N SER H 239 33.13 -35.39 32.25
CA SER H 239 34.15 -36.40 32.50
C SER H 239 34.28 -37.38 31.34
N HIS H 240 33.15 -37.72 30.72
CA HIS H 240 33.17 -38.74 29.63
C HIS H 240 32.06 -38.50 28.61
N PHE H 241 32.07 -39.24 27.51
CA PHE H 241 31.06 -39.08 26.42
C PHE H 241 30.50 -40.47 26.05
N ALA H 242 29.30 -40.52 25.48
CA ALA H 242 28.63 -41.82 25.19
C ALA H 242 29.35 -42.68 24.16
N ALA H 243 29.27 -44.00 24.35
CA ALA H 243 29.90 -45.01 23.46
C ALA H 243 29.35 -45.03 22.03
N ASP H 244 28.06 -44.78 21.82
CA ASP H 244 27.47 -45.03 20.46
C ASP H 244 28.21 -44.28 19.35
N PRO H 245 28.52 -44.97 18.23
CA PRO H 245 29.30 -44.38 17.14
C PRO H 245 28.76 -43.20 16.36
N GLN H 246 27.48 -43.24 16.03
CA GLN H 246 26.86 -42.16 15.22
C GLN H 246 27.15 -40.84 15.95
N GLY H 247 27.54 -40.95 17.23
CA GLY H 247 27.82 -39.77 18.01
C GLY H 247 29.23 -39.26 17.94
N LEU H 248 29.78 -38.88 19.10
CA LEU H 248 31.06 -38.18 19.17
C LEU H 248 32.26 -39.08 18.93
N VAL H 249 32.10 -40.40 19.06
CA VAL H 249 33.19 -41.34 18.85
C VAL H 249 33.89 -41.08 17.52
N TYR H 250 35.21 -40.88 17.58
CA TYR H 250 36.09 -40.77 16.42
C TYR H 250 35.43 -39.90 15.35
N PHE H 251 35.16 -38.65 15.74
CA PHE H 251 34.23 -37.82 14.98
C PHE H 251 34.73 -37.52 13.57
N ASP H 252 35.96 -37.00 13.46
CA ASP H 252 36.48 -36.62 12.15
C ASP H 252 37.07 -37.79 11.39
N GLY H 253 36.80 -39.03 11.83
CA GLY H 253 37.50 -40.18 11.32
C GLY H 253 38.73 -40.55 12.11
N THR H 254 39.13 -39.71 13.06
CA THR H 254 40.31 -39.90 13.90
C THR H 254 39.90 -39.66 15.33
N THR H 255 40.86 -39.75 16.25
CA THR H 255 40.61 -39.22 17.58
C THR H 255 40.39 -37.72 17.50
N LEU H 256 39.30 -37.25 18.10
CA LEU H 256 39.04 -35.81 18.14
C LEU H 256 38.70 -35.38 19.56
N PHE H 257 37.57 -35.84 20.09
CA PHE H 257 37.28 -35.63 21.50
C PHE H 257 38.07 -36.60 22.35
N GLU H 258 38.56 -37.66 21.73
CA GLU H 258 39.37 -38.71 22.32
C GLU H 258 40.82 -38.24 22.46
N TYR H 259 41.57 -38.95 23.30
CA TYR H 259 43.00 -38.72 23.36
C TYR H 259 43.66 -39.28 22.10
N ASP H 260 44.53 -38.49 21.47
CA ASP H 260 45.21 -38.96 20.27
C ASP H 260 46.17 -40.09 20.61
N ASP H 261 46.92 -39.92 21.69
CA ASP H 261 47.90 -40.92 22.11
C ASP H 261 47.21 -42.18 22.61
N PRO H 262 47.67 -43.37 22.21
CA PRO H 262 47.06 -44.61 22.73
C PRO H 262 47.25 -44.85 24.22
N ARG H 263 48.30 -44.32 24.84
CA ARG H 263 48.54 -44.66 26.27
C ARG H 263 47.51 -43.97 27.16
N MET H 264 47.29 -42.67 26.94
CA MET H 264 46.32 -41.89 27.73
C MET H 264 44.89 -42.41 27.54
N ARG H 265 44.54 -42.85 26.33
CA ARG H 265 43.12 -43.20 26.05
C ARG H 265 42.60 -44.34 26.95
N HIS H 266 43.38 -45.39 27.21
CA HIS H 266 42.81 -46.41 28.14
C HIS H 266 42.64 -45.75 29.50
N HIS H 267 41.48 -45.92 30.13
CA HIS H 267 41.20 -45.28 31.45
C HIS H 267 40.26 -46.16 32.27
N PRO H 268 40.30 -46.13 33.61
CA PRO H 268 39.33 -46.85 34.43
C PRO H 268 37.94 -46.24 34.33
N ASP H 269 36.88 -47.06 34.44
CA ASP H 269 35.47 -46.60 34.38
C ASP H 269 35.08 -46.23 32.94
N TRP H 270 35.77 -45.27 32.32
CA TRP H 270 35.51 -44.99 30.88
C TRP H 270 36.82 -45.16 30.13
N GLY H 271 36.83 -45.93 29.04
CA GLY H 271 38.06 -46.05 28.26
C GLY H 271 37.84 -45.53 26.86
N THR H 272 38.69 -44.61 26.39
CA THR H 272 38.59 -44.03 25.03
C THR H 272 37.24 -43.36 24.91
N TYR H 273 36.73 -42.82 26.03
CA TYR H 273 35.41 -42.15 26.05
C TYR H 273 35.60 -40.94 26.94
N VAL H 274 36.83 -40.76 27.42
CA VAL H 274 37.15 -39.56 28.16
C VAL H 274 37.45 -38.43 27.18
N PHE H 275 37.15 -37.21 27.58
CA PHE H 275 37.44 -36.05 26.76
C PHE H 275 38.92 -35.69 26.85
N ASP H 276 39.53 -35.36 25.71
CA ASP H 276 40.91 -34.92 25.68
C ASP H 276 40.93 -33.43 26.01
N TYR H 277 41.12 -33.11 27.29
CA TYR H 277 41.16 -31.73 27.73
C TYR H 277 42.37 -30.97 27.23
N ASN H 278 43.38 -31.66 26.69
CA ASN H 278 44.52 -30.98 26.09
C ASN H 278 44.10 -30.23 24.83
N LYS H 279 43.16 -30.77 24.07
CA LYS H 279 42.75 -30.16 22.81
C LYS H 279 42.00 -28.87 23.09
N PRO H 280 42.34 -27.76 22.43
CA PRO H 280 41.53 -26.53 22.59
C PRO H 280 40.09 -26.69 22.16
N GLY H 281 39.84 -27.45 21.10
CA GLY H 281 38.47 -27.64 20.63
C GLY H 281 37.58 -28.32 21.64
N VAL H 282 38.13 -29.32 22.35
CA VAL H 282 37.36 -29.98 23.40
C VAL H 282 37.02 -28.99 24.50
N ARG H 283 37.97 -28.14 24.89
CA ARG H 283 37.72 -27.15 25.92
C ARG H 283 36.67 -26.13 25.48
N ASN H 284 36.73 -25.66 24.23
CA ASN H 284 35.63 -24.85 23.71
C ASN H 284 34.31 -25.58 23.88
N PHE H 285 34.23 -26.79 23.32
CA PHE H 285 32.99 -27.57 23.37
C PHE H 285 32.46 -27.71 24.79
N LEU H 286 33.34 -28.06 25.74
CA LEU H 286 32.88 -28.32 27.09
C LEU H 286 32.50 -27.03 27.82
N ILE H 287 33.36 -26.02 27.76
CA ILE H 287 33.10 -24.80 28.53
C ILE H 287 31.94 -24.02 27.93
N SER H 288 31.83 -23.99 26.60
CA SER H 288 30.68 -23.36 25.97
C SER H 288 29.38 -24.01 26.45
N ASN H 289 29.38 -25.34 26.60
CA ASN H 289 28.19 -26.04 27.06
C ASN H 289 27.83 -25.60 28.46
N ALA H 290 28.83 -25.39 29.32
CA ALA H 290 28.59 -24.87 30.66
C ALA H 290 27.81 -23.57 30.62
N LEU H 291 28.30 -22.58 29.87
CA LEU H 291 27.57 -21.31 29.76
C LEU H 291 26.28 -21.49 29.00
N PHE H 292 26.28 -22.35 27.97
CA PHE H 292 25.06 -22.57 27.19
C PHE H 292 23.89 -22.92 28.08
N TRP H 293 24.10 -23.86 29.01
CA TRP H 293 23.03 -24.20 29.94
C TRP H 293 22.74 -23.02 30.86
N LEU H 294 23.78 -22.34 31.35
CA LEU H 294 23.56 -21.18 32.20
C LEU H 294 22.92 -20.03 31.44
N ASP H 295 23.16 -19.93 30.12
CA ASP H 295 22.65 -18.80 29.35
C ASP H 295 21.25 -19.06 28.78
N TYR H 296 21.13 -20.01 27.86
CA TYR H 296 19.88 -20.14 27.12
C TYR H 296 18.78 -20.75 27.97
N TYR H 297 19.13 -21.42 29.07
CA TYR H 297 18.14 -22.04 29.95
C TYR H 297 18.18 -21.46 31.36
N HIS H 298 19.00 -20.45 31.62
CA HIS H 298 19.10 -19.77 32.93
C HIS H 298 19.31 -20.75 34.09
N VAL H 299 20.05 -21.83 33.90
CA VAL H 299 20.18 -22.74 35.03
C VAL H 299 20.98 -22.06 36.14
N ASP H 300 20.60 -22.39 37.37
CA ASP H 300 21.23 -21.80 38.54
C ASP H 300 22.51 -22.54 38.91
N GLY H 301 22.60 -23.82 38.59
CA GLY H 301 23.76 -24.60 39.00
C GLY H 301 24.07 -25.78 38.11
N LEU H 302 25.33 -26.19 38.20
CA LEU H 302 25.85 -27.36 37.52
C LEU H 302 26.54 -28.23 38.56
N ARG H 303 26.24 -29.51 38.56
CA ARG H 303 26.85 -30.44 39.50
C ARG H 303 27.70 -31.40 38.69
N VAL H 304 28.99 -31.42 38.97
CA VAL H 304 29.95 -32.24 38.23
C VAL H 304 30.17 -33.51 39.03
N ASP H 305 29.94 -34.65 38.39
CA ASP H 305 30.07 -35.96 39.01
C ASP H 305 31.41 -36.56 38.65
N ALA H 306 31.82 -37.56 39.45
CA ALA H 306 33.04 -38.32 39.19
C ALA H 306 34.21 -37.40 38.87
N VAL H 307 34.42 -36.41 39.74
CA VAL H 307 35.52 -35.47 39.53
C VAL H 307 36.87 -36.19 39.67
N ALA H 308 36.93 -37.21 40.53
CA ALA H 308 38.17 -37.97 40.69
C ALA H 308 38.60 -38.64 39.39
N SER H 309 37.65 -39.10 38.58
CA SER H 309 38.00 -39.75 37.32
C SER H 309 38.68 -38.78 36.35
N MET H 310 38.36 -37.50 36.44
CA MET H 310 39.05 -36.52 35.61
C MET H 310 40.43 -36.19 36.18
N LEU H 311 40.51 -36.03 37.51
CA LEU H 311 41.74 -35.54 38.13
C LEU H 311 42.88 -36.52 37.95
N TYR H 312 42.61 -37.82 38.06
CA TYR H 312 43.64 -38.83 38.00
C TYR H 312 43.60 -39.54 36.67
N ARG H 313 44.69 -40.24 36.36
CA ARG H 313 44.78 -41.07 35.17
C ARG H 313 44.56 -42.54 35.49
N ASP H 314 45.09 -42.97 36.64
CA ASP H 314 44.79 -44.24 37.30
C ASP H 314 44.33 -45.36 36.36
N GLY H 326 57.09 -37.66 35.51
CA GLY H 326 55.73 -38.03 35.05
C GLY H 326 54.74 -37.97 36.19
N GLY H 327 53.50 -37.56 35.91
CA GLY H 327 52.48 -37.39 36.96
C GLY H 327 51.27 -38.28 36.77
N ARG H 328 50.85 -38.99 37.82
CA ARG H 328 49.61 -39.80 37.76
C ARG H 328 48.41 -38.87 37.53
N GLU H 329 48.43 -37.70 38.17
CA GLU H 329 47.33 -36.72 38.01
C GLU H 329 47.29 -36.20 36.57
N ASN H 330 46.08 -35.97 36.04
CA ASN H 330 45.97 -35.39 34.67
C ASN H 330 45.86 -33.88 34.83
N LEU H 331 46.94 -33.16 34.51
CA LEU H 331 46.94 -31.67 34.59
C LEU H 331 45.95 -31.08 33.58
N GLU H 332 45.92 -31.66 32.38
CA GLU H 332 45.02 -31.15 31.31
C GLU H 332 43.61 -31.06 31.90
N ALA H 333 43.15 -32.11 32.57
CA ALA H 333 41.84 -32.07 33.20
C ALA H 333 41.82 -31.09 34.36
N ILE H 334 42.90 -31.03 35.13
CA ILE H 334 42.92 -30.19 36.34
C ILE H 334 42.83 -28.72 35.99
N ASP H 335 43.56 -28.29 34.96
CA ASP H 335 43.44 -26.91 34.50
C ASP H 335 42.11 -26.66 33.82
N PHE H 336 41.61 -27.65 33.08
CA PHE H 336 40.28 -27.52 32.47
C PHE H 336 39.22 -27.31 33.55
N ILE H 337 39.23 -28.15 34.58
CA ILE H 337 38.26 -28.00 35.68
C ILE H 337 38.37 -26.60 36.28
N LYS H 338 39.60 -26.15 36.54
CA LYS H 338 39.79 -24.83 37.13
C LYS H 338 39.28 -23.73 36.22
N LYS H 339 39.61 -23.80 34.93
CA LYS H 339 39.19 -22.76 33.99
C LYS H 339 37.70 -22.85 33.68
N PHE H 340 37.13 -24.05 33.74
CA PHE H 340 35.68 -24.19 33.67
C PHE H 340 35.01 -23.31 34.74
N ASN H 341 35.40 -23.53 36.00
CA ASN H 341 34.81 -22.77 37.10
C ASN H 341 35.13 -21.29 36.98
N GLU H 342 36.37 -20.96 36.59
CA GLU H 342 36.75 -19.56 36.42
C GLU H 342 35.82 -18.86 35.42
N THR H 343 35.53 -19.51 34.29
CA THR H 343 34.66 -18.91 33.28
C THR H 343 33.24 -18.75 33.80
N VAL H 344 32.72 -19.79 34.46
CA VAL H 344 31.35 -19.75 34.96
C VAL H 344 31.13 -18.51 35.81
N TYR H 345 31.97 -18.31 36.82
CA TYR H 345 31.77 -17.21 37.76
C TYR H 345 32.11 -15.84 37.17
N LEU H 346 33.01 -15.74 36.19
CA LEU H 346 33.23 -14.41 35.61
C LEU H 346 32.03 -14.02 34.76
N HIS H 347 31.48 -14.97 34.01
CA HIS H 347 30.36 -14.70 33.12
C HIS H 347 29.04 -14.67 33.88
N PHE H 348 28.91 -15.48 34.93
CA PHE H 348 27.70 -15.58 35.74
C PHE H 348 28.09 -15.46 37.21
N PRO H 349 28.12 -14.25 37.75
CA PRO H 349 28.58 -14.08 39.15
C PRO H 349 27.73 -14.81 40.17
N GLU H 350 26.49 -15.16 39.83
CA GLU H 350 25.58 -15.81 40.76
C GLU H 350 25.31 -17.26 40.40
N ALA H 351 26.12 -17.85 39.52
CA ALA H 351 25.99 -19.27 39.23
C ALA H 351 26.42 -20.10 40.45
N ILE H 352 26.13 -21.39 40.39
CA ILE H 352 26.45 -22.32 41.48
C ILE H 352 27.09 -23.57 40.87
N THR H 353 28.25 -23.95 41.39
CA THR H 353 28.94 -25.16 40.94
C THR H 353 29.17 -26.12 42.11
N ILE H 354 28.86 -27.39 41.87
CA ILE H 354 29.02 -28.45 42.84
C ILE H 354 29.89 -29.54 42.24
N ALA H 355 30.74 -30.15 43.07
CA ALA H 355 31.60 -31.24 42.63
C ALA H 355 31.34 -32.44 43.53
N GLU H 356 31.31 -33.61 42.93
CA GLU H 356 31.35 -34.85 43.68
C GLU H 356 32.71 -35.47 43.41
N GLU H 357 33.56 -35.52 44.43
CA GLU H 357 34.89 -36.08 44.28
C GLU H 357 35.11 -37.06 45.42
N SER H 358 35.13 -38.35 45.09
CA SER H 358 35.28 -39.41 46.08
C SER H 358 36.77 -39.68 46.29
N THR H 359 37.46 -38.59 46.64
CA THR H 359 38.84 -38.62 47.08
C THR H 359 39.00 -37.42 48.00
N ALA H 360 40.09 -37.39 48.76
CA ALA H 360 40.37 -36.20 49.56
C ALA H 360 41.23 -35.21 48.78
N TRP H 361 40.84 -34.93 47.53
CA TRP H 361 41.57 -33.92 46.77
C TRP H 361 41.30 -32.61 47.49
N PRO H 362 42.32 -31.91 47.96
CA PRO H 362 42.08 -30.74 48.80
C PRO H 362 41.61 -29.54 47.99
N GLY H 363 40.80 -28.72 48.65
CA GLY H 363 40.35 -27.48 48.05
C GLY H 363 39.52 -27.67 46.79
N VAL H 364 38.70 -28.71 46.74
CA VAL H 364 37.74 -28.83 45.64
C VAL H 364 36.85 -27.60 45.60
N SER H 365 36.26 -27.26 46.75
CA SER H 365 35.43 -26.07 46.91
C SER H 365 36.26 -24.80 47.10
N ALA H 366 37.62 -24.86 46.93
CA ALA H 366 38.45 -23.70 47.20
C ALA H 366 38.69 -22.89 45.92
N PRO H 367 38.96 -21.60 46.04
CA PRO H 367 39.14 -20.76 44.85
C PRO H 367 40.41 -21.12 44.09
N THR H 368 40.33 -21.00 42.76
CA THR H 368 41.49 -21.29 41.91
C THR H 368 42.72 -20.50 42.34
N TYR H 369 42.55 -19.23 42.73
CA TYR H 369 43.72 -18.45 43.11
C TYR H 369 44.38 -18.96 44.39
N ASN H 370 43.72 -19.84 45.14
CA ASN H 370 44.34 -20.52 46.27
C ASN H 370 44.72 -21.96 45.92
N ASN H 371 44.83 -22.27 44.63
CA ASN H 371 45.15 -23.59 44.09
C ASN H 371 44.01 -24.59 44.27
N GLY H 372 42.79 -24.10 44.44
CA GLY H 372 41.63 -24.97 44.48
C GLY H 372 41.03 -25.22 43.12
N LEU H 373 40.11 -26.18 43.06
CA LEU H 373 39.41 -26.47 41.81
C LEU H 373 38.37 -25.41 41.48
N GLY H 374 37.89 -24.66 42.47
CA GLY H 374 37.00 -23.55 42.23
C GLY H 374 35.51 -23.85 42.29
N PHE H 375 35.12 -25.02 42.78
CA PHE H 375 33.70 -25.28 42.98
C PHE H 375 33.19 -24.51 44.20
N LEU H 376 31.89 -24.24 44.20
CA LEU H 376 31.30 -23.66 45.41
C LEU H 376 31.01 -24.72 46.45
N TYR H 377 30.67 -25.94 46.02
CA TYR H 377 30.27 -26.98 46.94
C TYR H 377 30.92 -28.31 46.57
N LYS H 378 31.16 -29.12 47.59
CA LYS H 378 31.62 -30.49 47.43
C LYS H 378 30.65 -31.41 48.16
N TRP H 379 30.30 -32.51 47.52
CA TRP H 379 29.49 -33.52 48.19
C TRP H 379 30.30 -34.13 49.33
N ASN H 380 29.70 -34.14 50.53
CA ASN H 380 30.34 -34.72 51.71
C ASN H 380 30.07 -36.22 51.72
N MET H 381 30.82 -36.94 50.88
CA MET H 381 30.63 -38.38 50.79
C MET H 381 31.16 -39.09 52.04
N GLY H 382 32.19 -38.54 52.67
CA GLY H 382 32.63 -39.02 53.96
C GLY H 382 31.51 -39.04 54.99
N TRP H 383 30.84 -37.89 55.19
CA TRP H 383 29.71 -37.83 56.08
C TRP H 383 28.65 -38.87 55.73
N MET H 384 28.30 -38.96 54.44
CA MET H 384 27.26 -39.89 54.02
C MET H 384 27.64 -41.32 54.38
N HIS H 385 28.85 -41.73 53.99
CA HIS H 385 29.32 -43.07 54.29
C HIS H 385 29.30 -43.33 55.80
N ASP H 386 29.94 -42.45 56.57
CA ASP H 386 29.98 -42.60 58.02
C ASP H 386 28.57 -42.67 58.61
N THR H 387 27.72 -41.69 58.28
CA THR H 387 26.37 -41.64 58.85
C THR H 387 25.60 -42.92 58.54
N LEU H 388 25.57 -43.32 57.27
CA LEU H 388 24.86 -44.54 56.89
C LEU H 388 25.49 -45.76 57.56
N ASP H 389 26.83 -45.85 57.57
CA ASP H 389 27.49 -46.97 58.25
C ASP H 389 27.11 -47.04 59.72
N TYR H 390 27.02 -45.90 60.39
CA TYR H 390 26.73 -45.89 61.82
C TYR H 390 25.33 -46.42 62.11
N MET H 391 24.34 -45.97 61.35
CA MET H 391 22.95 -46.29 61.64
C MET H 391 22.48 -47.59 61.02
N ARG H 392 23.22 -48.12 60.05
CA ARG H 392 22.97 -49.49 59.61
C ARG H 392 23.06 -50.47 60.77
N ARG H 393 23.92 -50.12 61.74
CA ARG H 393 24.19 -51.04 62.87
C ARG H 393 23.08 -51.01 63.92
N ASP H 394 23.04 -52.04 64.78
CA ASP H 394 22.02 -52.14 65.85
C ASP H 394 22.31 -51.07 66.91
N PRO H 395 21.30 -50.57 67.64
CA PRO H 395 21.54 -49.60 68.70
C PRO H 395 22.44 -50.17 69.78
N VAL H 396 22.28 -51.45 70.13
CA VAL H 396 23.23 -52.06 71.12
C VAL H 396 24.63 -52.01 70.49
N HIS H 397 24.75 -52.29 69.19
CA HIS H 397 26.04 -52.21 68.44
C HIS H 397 26.55 -50.76 68.39
N ARG H 398 25.67 -49.77 68.35
CA ARG H 398 26.07 -48.35 68.08
C ARG H 398 27.06 -47.82 69.13
N LYS H 399 26.95 -48.20 70.39
CA LYS H 399 27.84 -47.60 71.43
C LYS H 399 29.30 -47.90 71.07
N TYR H 400 29.59 -49.11 70.57
CA TYR H 400 30.97 -49.46 70.12
C TYR H 400 31.35 -48.56 68.94
N HIS H 401 30.42 -48.24 68.05
CA HIS H 401 30.71 -47.47 66.79
C HIS H 401 30.41 -45.98 67.00
N HIS H 402 30.23 -45.53 68.24
CA HIS H 402 29.81 -44.13 68.54
C HIS H 402 30.84 -43.13 68.01
N ASP H 403 32.14 -43.43 68.07
CA ASP H 403 33.15 -42.44 67.64
C ASP H 403 32.92 -42.11 66.16
N THR H 404 32.62 -43.11 65.34
CA THR H 404 32.31 -42.85 63.91
C THR H 404 31.31 -41.71 63.82
N LEU H 405 30.29 -41.71 64.69
CA LEU H 405 29.26 -40.67 64.62
C LEU H 405 29.86 -39.30 64.94
N THR H 406 30.56 -39.19 66.06
CA THR H 406 31.01 -37.89 66.56
C THR H 406 32.14 -37.32 65.71
N PHE H 407 33.00 -38.18 65.14
CA PHE H 407 34.17 -37.70 64.43
C PHE H 407 33.80 -37.08 63.09
N SER H 408 32.54 -37.19 62.68
CA SER H 408 32.08 -36.52 61.46
C SER H 408 32.44 -35.05 61.40
N LEU H 409 32.56 -34.41 62.55
CA LEU H 409 32.82 -32.98 62.62
C LEU H 409 34.29 -32.62 62.47
N TRP H 410 35.17 -33.60 62.62
CA TRP H 410 36.59 -33.35 62.34
C TRP H 410 36.83 -33.02 60.88
N TYR H 411 35.92 -33.44 59.99
CA TYR H 411 36.04 -33.22 58.56
C TYR H 411 34.95 -32.31 58.02
N ALA H 412 34.12 -31.71 58.88
CA ALA H 412 32.94 -30.97 58.45
C ALA H 412 33.24 -29.55 57.97
N PHE H 413 34.49 -29.10 58.09
CA PHE H 413 34.83 -27.73 57.75
C PHE H 413 35.99 -27.63 56.78
N SER H 414 36.46 -28.77 56.25
CA SER H 414 37.57 -28.75 55.31
C SER H 414 37.17 -28.11 53.99
N GLU H 415 35.90 -28.24 53.61
CA GLU H 415 35.39 -27.69 52.37
C GLU H 415 34.01 -27.08 52.63
N HIS H 416 33.51 -26.33 51.65
CA HIS H 416 32.10 -25.95 51.63
C HIS H 416 31.31 -27.17 51.18
N TYR H 417 30.62 -27.81 52.12
CA TYR H 417 30.02 -29.11 51.77
C TYR H 417 28.52 -29.12 51.73
N ILE H 418 27.98 -30.05 50.93
CA ILE H 418 26.52 -30.28 50.99
C ILE H 418 26.41 -31.70 51.55
N LEU H 419 25.69 -31.90 52.65
CA LEU H 419 25.51 -33.29 53.11
C LEU H 419 24.65 -33.94 52.04
N PRO H 420 25.05 -35.11 51.56
CA PRO H 420 24.28 -35.64 50.41
C PRO H 420 23.77 -37.06 50.60
N LEU H 421 22.47 -37.27 50.39
CA LEU H 421 21.97 -38.65 50.30
C LEU H 421 21.55 -38.69 48.83
N SER H 422 22.13 -39.58 48.03
CA SER H 422 21.89 -39.49 46.57
C SER H 422 21.11 -40.68 46.03
N HIS H 423 20.83 -40.65 44.73
CA HIS H 423 20.10 -41.77 44.10
C HIS H 423 21.00 -43.00 44.13
N ASP H 424 22.30 -42.80 43.92
CA ASP H 424 23.23 -43.96 43.82
C ASP H 424 23.18 -44.75 45.13
N GLU H 425 23.07 -44.08 46.27
CA GLU H 425 22.95 -44.82 47.55
C GLU H 425 21.64 -45.64 47.63
N VAL H 426 20.70 -45.46 46.70
CA VAL H 426 19.42 -46.17 46.80
C VAL H 426 19.29 -47.15 45.62
N VAL H 427 20.41 -47.63 45.09
CA VAL H 427 20.38 -48.54 43.95
C VAL H 427 21.40 -49.65 44.13
N HIS H 428 21.35 -50.62 43.21
CA HIS H 428 22.30 -51.71 43.08
C HIS H 428 22.46 -52.51 44.39
N GLY H 429 21.33 -52.90 44.96
CA GLY H 429 21.36 -53.75 46.13
C GLY H 429 21.81 -53.08 47.41
N LYS H 430 22.10 -51.78 47.37
CA LYS H 430 22.40 -51.05 48.61
C LYS H 430 21.16 -50.82 49.44
N GLY H 431 19.98 -50.90 48.84
CA GLY H 431 18.74 -50.76 49.58
C GLY H 431 18.30 -49.32 49.71
N SER H 432 16.98 -49.13 49.70
CA SER H 432 16.40 -47.84 50.06
C SER H 432 16.95 -47.38 51.40
N LEU H 433 16.96 -46.05 51.59
CA LEU H 433 17.31 -45.49 52.88
C LEU H 433 16.48 -46.13 54.00
N TRP H 434 15.17 -46.27 53.75
CA TRP H 434 14.30 -47.03 54.66
C TRP H 434 14.87 -48.42 54.93
N THR H 435 15.11 -49.17 53.86
CA THR H 435 15.60 -50.54 53.97
C THR H 435 16.86 -50.63 54.83
N LYS H 436 17.76 -49.64 54.71
CA LYS H 436 19.00 -49.66 55.47
C LYS H 436 18.76 -49.50 56.97
N MET H 437 17.65 -48.97 57.35
CA MET H 437 17.50 -48.58 58.74
C MET H 437 17.09 -49.79 59.58
N PRO H 438 17.57 -49.89 60.82
CA PRO H 438 17.47 -51.16 61.54
C PRO H 438 16.23 -51.32 62.40
N GLY H 439 15.83 -52.57 62.58
CA GLY H 439 14.78 -52.85 63.53
C GLY H 439 13.42 -53.08 62.91
N ASP H 440 12.40 -52.88 63.74
CA ASP H 440 11.00 -52.99 63.35
C ASP H 440 10.60 -51.78 62.51
N ASP H 441 9.36 -51.78 62.03
CA ASP H 441 8.91 -50.69 61.17
C ASP H 441 8.87 -49.37 61.95
N TRP H 442 8.39 -49.40 63.20
CA TRP H 442 8.43 -48.17 64.02
C TRP H 442 9.86 -47.70 64.25
N GLN H 443 10.76 -48.61 64.63
CA GLN H 443 12.14 -48.21 64.89
C GLN H 443 12.82 -47.75 63.61
N LYS H 444 12.52 -48.41 62.48
CA LYS H 444 13.07 -47.98 61.20
C LYS H 444 12.63 -46.57 60.86
N ALA H 445 11.34 -46.27 61.03
CA ALA H 445 10.82 -44.93 60.78
C ALA H 445 11.48 -43.91 61.70
N ALA H 446 11.63 -44.25 62.98
CA ALA H 446 12.32 -43.36 63.91
C ALA H 446 13.75 -43.11 63.47
N ASN H 447 14.47 -44.19 63.12
CA ASN H 447 15.87 -44.05 62.70
C ASN H 447 16.01 -43.12 61.49
N LEU H 448 15.10 -43.23 60.49
CA LEU H 448 15.18 -42.30 59.38
C LEU H 448 14.84 -40.88 59.79
N ARG H 449 13.83 -40.72 60.65
CA ARG H 449 13.54 -39.38 61.16
C ARG H 449 14.72 -38.82 61.94
N LEU H 450 15.40 -39.68 62.70
CA LEU H 450 16.61 -39.26 63.40
C LEU H 450 17.72 -38.91 62.40
N LEU H 451 17.93 -39.77 61.40
CA LEU H 451 18.94 -39.51 60.37
C LEU H 451 18.79 -38.13 59.76
N TYR H 452 17.58 -37.82 59.25
CA TYR H 452 17.35 -36.53 58.63
C TYR H 452 17.43 -35.40 59.64
N GLY H 453 16.88 -35.60 60.83
CA GLY H 453 17.03 -34.61 61.89
C GLY H 453 18.48 -34.28 62.16
N HIS H 454 19.32 -35.31 62.32
CA HIS H 454 20.75 -35.10 62.54
C HIS H 454 21.40 -34.47 61.32
N MET H 455 20.95 -34.85 60.11
CA MET H 455 21.57 -34.30 58.92
C MET H 455 21.30 -32.80 58.79
N TRP H 456 20.08 -32.37 59.14
CA TRP H 456 19.82 -30.95 59.08
C TRP H 456 20.60 -30.22 60.17
N GLY H 457 20.83 -30.88 61.31
CA GLY H 457 21.62 -30.27 62.36
C GLY H 457 23.10 -30.21 62.01
N HIS H 458 23.62 -31.25 61.35
CA HIS H 458 25.03 -31.26 61.01
C HIS H 458 25.36 -30.07 60.11
N PRO H 459 26.53 -29.46 60.28
CA PRO H 459 26.89 -28.33 59.42
C PRO H 459 26.96 -28.77 57.99
N GLY H 460 26.54 -27.88 57.11
CA GLY H 460 26.52 -28.25 55.74
C GLY H 460 25.13 -28.17 55.20
N LYS H 461 25.11 -27.97 53.89
CA LYS H 461 23.92 -27.90 53.10
C LYS H 461 23.32 -29.30 52.90
N LYS H 462 22.08 -29.37 52.42
CA LYS H 462 21.34 -30.63 52.42
C LYS H 462 20.80 -30.97 51.03
N LEU H 463 20.95 -32.24 50.66
CA LEU H 463 20.44 -32.81 49.42
C LEU H 463 19.79 -34.16 49.71
N LEU H 464 18.58 -34.36 49.21
CA LEU H 464 17.87 -35.64 49.39
C LEU H 464 17.29 -36.12 48.07
N PHE H 465 17.52 -37.39 47.74
CA PHE H 465 16.97 -37.96 46.52
C PHE H 465 15.52 -38.37 46.75
N MET H 466 14.73 -38.34 45.68
CA MET H 466 13.32 -38.70 45.72
C MET H 466 13.09 -39.96 46.52
N GLY H 467 11.99 -39.99 47.27
CA GLY H 467 11.60 -41.15 48.05
C GLY H 467 12.15 -41.20 49.46
N GLY H 468 13.25 -40.52 49.74
CA GLY H 468 13.71 -40.44 51.13
C GLY H 468 12.73 -39.73 52.04
N GLU H 469 11.95 -38.81 51.48
CA GLU H 469 11.04 -38.00 52.29
C GLU H 469 9.80 -38.75 52.76
N PHE H 470 9.42 -39.80 52.03
CA PHE H 470 8.28 -40.67 52.48
C PHE H 470 8.82 -42.06 52.83
N GLY H 471 10.15 -42.19 52.99
CA GLY H 471 10.73 -43.48 53.42
C GLY H 471 10.34 -44.64 52.53
N GLN H 472 10.34 -44.47 51.20
CA GLN H 472 9.84 -45.57 50.34
C GLN H 472 10.73 -46.81 50.51
N HIS H 473 10.12 -47.99 50.65
CA HIS H 473 10.87 -49.27 50.79
C HIS H 473 11.66 -49.64 49.54
N HIS H 474 11.08 -49.44 48.36
CA HIS H 474 11.72 -49.90 47.10
C HIS H 474 12.98 -49.11 46.72
N GLU H 475 13.97 -49.80 46.17
CA GLU H 475 15.17 -49.11 45.62
C GLU H 475 14.74 -48.33 44.38
N TRP H 476 15.36 -47.18 44.12
CA TRP H 476 14.93 -46.34 42.97
C TRP H 476 14.97 -47.10 41.65
N ASN H 477 13.85 -47.15 40.93
CA ASN H 477 13.77 -47.76 39.61
C ASN H 477 13.36 -46.72 38.58
N HIS H 478 14.20 -46.54 37.55
CA HIS H 478 13.88 -45.53 36.54
C HIS H 478 12.67 -45.93 35.70
N ASP H 479 12.44 -47.24 35.50
CA ASP H 479 11.30 -47.72 34.73
C ASP H 479 9.99 -47.62 35.48
N THR H 480 10.02 -47.17 36.74
CA THR H 480 8.85 -47.12 37.58
C THR H 480 8.76 -45.75 38.21
N GLN H 481 7.67 -45.51 38.92
CA GLN H 481 7.57 -44.32 39.76
C GLN H 481 7.66 -44.71 41.22
N LEU H 482 8.11 -43.75 42.03
CA LEU H 482 8.26 -43.98 43.46
C LEU H 482 6.94 -44.36 44.11
N GLU H 483 7.02 -45.10 45.22
CA GLU H 483 5.84 -45.70 45.85
C GLU H 483 5.04 -44.64 46.58
N TRP H 484 4.27 -43.86 45.82
CA TRP H 484 3.35 -42.92 46.45
C TRP H 484 2.23 -43.64 47.17
N HIS H 485 1.98 -44.92 46.84
CA HIS H 485 1.02 -45.68 47.64
C HIS H 485 1.43 -45.67 49.10
N LEU H 486 2.73 -45.48 49.35
CA LEU H 486 3.23 -45.31 50.70
C LEU H 486 2.85 -43.97 51.33
N LEU H 487 2.48 -42.96 50.55
CA LEU H 487 2.19 -41.68 51.23
C LEU H 487 0.98 -41.90 52.16
N ASP H 488 0.06 -42.78 51.76
CA ASP H 488 -1.15 -43.10 52.58
C ASP H 488 -0.74 -43.72 53.92
N GLN H 489 0.25 -44.61 53.91
CA GLN H 489 0.61 -45.33 55.16
C GLN H 489 1.13 -44.31 56.18
N PRO H 490 0.80 -44.44 57.48
CA PRO H 490 1.17 -43.43 58.46
C PRO H 490 2.64 -43.14 58.73
N TYR H 491 3.48 -44.17 58.83
CA TYR H 491 4.89 -43.90 59.19
C TYR H 491 5.51 -43.06 58.09
N HIS H 492 5.21 -43.42 56.83
CA HIS H 492 5.77 -42.70 55.66
C HIS H 492 5.27 -41.26 55.62
N ARG H 493 3.99 -41.05 55.92
CA ARG H 493 3.42 -39.68 55.97
C ARG H 493 4.15 -38.91 57.08
N GLY H 494 4.40 -39.55 58.21
CA GLY H 494 5.12 -38.91 59.32
C GLY H 494 6.54 -38.54 58.96
N ILE H 495 7.25 -39.41 58.22
CA ILE H 495 8.64 -39.07 57.77
C ILE H 495 8.56 -37.85 56.83
N GLN H 496 7.54 -37.80 55.97
CA GLN H 496 7.37 -36.63 55.07
C GLN H 496 7.18 -35.37 55.91
N ALA H 497 6.33 -35.46 56.95
CA ALA H 497 6.05 -34.30 57.81
C ALA H 497 7.35 -33.87 58.49
N TRP H 498 8.13 -34.85 58.95
CA TRP H 498 9.36 -34.54 59.68
C TRP H 498 10.33 -33.76 58.78
N VAL H 499 10.46 -34.20 57.53
CA VAL H 499 11.38 -33.52 56.58
C VAL H 499 10.88 -32.09 56.35
N ARG H 500 9.57 -31.93 56.20
CA ARG H 500 9.01 -30.59 55.90
C ARG H 500 9.30 -29.66 57.08
N ASP H 501 9.14 -30.16 58.29
CA ASP H 501 9.39 -29.33 59.50
C ASP H 501 10.86 -28.91 59.57
N LEU H 502 11.77 -29.84 59.26
CA LEU H 502 13.22 -29.53 59.32
C LEU H 502 13.53 -28.44 58.30
N ASN H 503 12.94 -28.55 57.11
CA ASN H 503 13.16 -27.53 56.04
C ASN H 503 12.61 -26.18 56.52
N HIS H 504 11.44 -26.20 57.16
CA HIS H 504 10.84 -24.94 57.66
C HIS H 504 11.76 -24.30 58.71
N LEU H 505 12.31 -25.13 59.59
CA LEU H 505 13.25 -24.63 60.61
C LEU H 505 14.50 -24.14 59.89
N TYR H 506 14.96 -24.90 58.89
CA TYR H 506 16.13 -24.48 58.11
C TYR H 506 15.88 -23.15 57.43
N ARG H 507 14.70 -23.00 56.82
CA ARG H 507 14.37 -21.77 56.10
C ARG H 507 14.32 -20.56 57.03
N THR H 508 14.07 -20.76 58.33
CA THR H 508 13.82 -19.64 59.23
C THR H 508 15.00 -19.28 60.13
N HIS H 509 15.66 -20.26 60.73
CA HIS H 509 16.62 -19.97 61.79
C HIS H 509 18.00 -19.76 61.20
N PRO H 510 18.59 -18.57 61.35
CA PRO H 510 19.91 -18.30 60.74
C PRO H 510 21.04 -19.10 61.36
N ALA H 511 20.84 -19.73 62.53
CA ALA H 511 21.91 -20.51 63.15
C ALA H 511 22.31 -21.71 62.30
N LEU H 512 21.39 -22.22 61.48
CA LEU H 512 21.71 -23.37 60.65
C LEU H 512 22.23 -22.95 59.28
N TRP H 513 22.17 -21.65 58.95
CA TRP H 513 22.62 -21.18 57.65
C TRP H 513 24.13 -21.11 57.55
N HIS H 514 24.81 -20.88 58.67
CA HIS H 514 26.25 -20.64 58.67
C HIS H 514 26.93 -21.95 59.04
N ASP H 515 27.47 -22.61 58.02
CA ASP H 515 28.06 -23.94 58.18
C ASP H 515 29.52 -23.87 58.56
N GLY H 516 30.01 -22.71 58.95
CA GLY H 516 31.38 -22.57 59.39
C GLY H 516 31.59 -23.15 60.76
N PRO H 517 32.86 -23.28 61.15
CA PRO H 517 33.17 -23.77 62.51
C PRO H 517 32.58 -22.87 63.56
N GLU H 518 32.48 -21.57 63.26
CA GLU H 518 31.79 -20.62 64.11
C GLU H 518 30.35 -21.05 64.40
N GLY H 519 29.70 -21.71 63.44
CA GLY H 519 28.28 -22.03 63.56
C GLY H 519 27.96 -23.25 64.39
N PHE H 520 28.98 -23.96 64.86
CA PHE H 520 28.79 -25.21 65.58
C PHE H 520 29.57 -25.18 66.88
N GLU H 521 28.94 -25.65 67.95
CA GLU H 521 29.60 -25.85 69.22
C GLU H 521 29.21 -27.21 69.79
N TRP H 522 30.19 -27.94 70.30
CA TRP H 522 29.92 -29.20 70.97
C TRP H 522 29.35 -28.91 72.35
N ILE H 523 28.27 -29.62 72.70
CA ILE H 523 27.77 -29.62 74.07
C ILE H 523 28.23 -30.86 74.83
N ASP H 524 28.00 -32.04 74.25
CA ASP H 524 28.54 -33.27 74.82
C ASP H 524 28.67 -34.28 73.69
N PHE H 525 29.79 -35.00 73.70
CA PHE H 525 30.06 -36.04 72.72
C PHE H 525 30.48 -37.35 73.37
N ASN H 526 30.50 -37.43 74.70
CA ASN H 526 31.09 -38.57 75.40
C ASN H 526 30.06 -39.50 76.04
N ASP H 527 28.77 -39.36 75.73
CA ASP H 527 27.84 -40.39 76.22
C ASP H 527 27.95 -41.58 75.27
N ARG H 528 29.00 -42.36 75.52
CA ARG H 528 29.32 -43.45 74.62
C ARG H 528 28.39 -44.65 74.86
N ASP H 529 28.01 -44.95 76.11
CA ASP H 529 27.14 -46.07 76.41
C ASP H 529 25.70 -45.91 75.86
N GLN H 530 25.02 -44.82 76.22
CA GLN H 530 23.64 -44.65 75.78
C GLN H 530 23.53 -44.01 74.42
N SER H 531 24.66 -43.76 73.77
CA SER H 531 24.73 -43.29 72.40
C SER H 531 23.94 -41.99 72.24
N VAL H 532 24.32 -41.00 73.03
CA VAL H 532 23.70 -39.69 73.02
C VAL H 532 24.78 -38.66 72.74
N ILE H 533 24.43 -37.65 71.95
CA ILE H 533 25.31 -36.54 71.62
C ILE H 533 24.49 -35.27 71.70
N CYS H 534 25.10 -34.24 72.28
CA CYS H 534 24.48 -32.92 72.38
C CYS H 534 25.43 -31.93 71.75
N TYR H 535 24.91 -31.11 70.84
CA TYR H 535 25.72 -30.08 70.21
C TYR H 535 24.87 -28.85 69.96
N LEU H 536 25.56 -27.79 69.59
CA LEU H 536 24.99 -26.45 69.53
C LEU H 536 25.23 -25.86 68.14
N ARG H 537 24.25 -25.12 67.64
CA ARG H 537 24.41 -24.34 66.41
C ARG H 537 24.08 -22.89 66.70
N LYS H 538 25.03 -22.01 66.39
CA LYS H 538 25.00 -20.62 66.80
C LYS H 538 25.26 -19.78 65.57
N HIS H 539 24.53 -18.67 65.46
CA HIS H 539 24.98 -17.57 64.62
C HIS H 539 24.72 -16.29 65.39
N THR H 540 25.79 -15.54 65.65
CA THR H 540 25.73 -14.35 66.48
C THR H 540 25.05 -14.69 67.79
N ASP H 541 23.97 -13.97 68.11
CA ASP H 541 23.24 -14.22 69.36
C ASP H 541 22.41 -15.49 69.30
N ARG H 542 21.90 -15.87 68.12
CA ARG H 542 20.89 -16.91 68.04
C ARG H 542 21.48 -18.30 68.30
N LEU H 543 20.74 -19.11 69.05
CA LEU H 543 21.19 -20.45 69.41
C LEU H 543 20.10 -21.49 69.16
N LEU H 544 20.54 -22.69 68.78
CA LEU H 544 19.69 -23.87 68.67
C LEU H 544 20.43 -25.06 69.25
N LEU H 545 19.75 -25.82 70.09
CA LEU H 545 20.35 -26.96 70.79
C LEU H 545 19.82 -28.27 70.21
N PHE H 546 20.72 -29.22 69.98
CA PHE H 546 20.37 -30.50 69.38
C PHE H 546 20.73 -31.62 70.34
N VAL H 547 19.72 -32.41 70.72
CA VAL H 547 19.93 -33.59 71.56
C VAL H 547 19.48 -34.80 70.75
N LEU H 548 20.36 -35.78 70.61
CA LEU H 548 20.12 -36.90 69.72
C LEU H 548 20.18 -38.16 70.56
N ASN H 549 19.08 -38.91 70.56
CA ASN H 549 18.98 -40.18 71.27
C ASN H 549 18.98 -41.23 70.17
N PHE H 550 20.11 -41.94 70.04
CA PHE H 550 20.31 -42.90 68.97
C PHE H 550 20.04 -44.33 69.40
N THR H 551 19.44 -44.54 70.56
CA THR H 551 19.13 -45.87 71.06
C THR H 551 17.67 -45.90 71.50
N PRO H 552 17.00 -47.04 71.38
CA PRO H 552 15.56 -47.06 71.66
C PRO H 552 15.18 -46.88 73.11
N VAL H 553 16.12 -47.00 74.05
CA VAL H 553 15.76 -46.76 75.45
C VAL H 553 15.53 -45.26 75.64
N PRO H 554 14.34 -44.85 76.06
CA PRO H 554 14.14 -43.44 76.45
C PRO H 554 14.83 -43.14 77.76
N ARG H 555 15.27 -41.89 77.89
CA ARG H 555 15.97 -41.45 79.09
C ARG H 555 15.26 -40.25 79.70
N GLU H 556 15.00 -40.33 81.01
CA GLU H 556 14.40 -39.25 81.77
C GLU H 556 15.43 -38.72 82.75
N HIS H 557 15.29 -37.44 83.10
CA HIS H 557 16.26 -36.72 83.94
C HIS H 557 17.65 -36.66 83.30
N TYR H 558 17.73 -36.69 81.97
CA TYR H 558 18.98 -36.50 81.26
C TYR H 558 19.35 -35.03 81.25
N ARG H 559 20.52 -34.69 81.77
CA ARG H 559 20.95 -33.30 81.86
C ARG H 559 21.88 -32.91 80.71
N VAL H 560 21.63 -31.72 80.16
CA VAL H 560 22.37 -31.19 79.02
C VAL H 560 22.75 -29.75 79.35
N GLY H 561 24.05 -29.46 79.33
CA GLY H 561 24.52 -28.13 79.63
C GLY H 561 24.04 -27.11 78.61
N VAL H 562 23.93 -25.86 79.06
CA VAL H 562 23.52 -24.77 78.17
C VAL H 562 24.34 -23.54 78.49
N PRO H 563 24.61 -22.73 77.47
CA PRO H 563 25.34 -21.47 77.71
C PRO H 563 24.47 -20.47 78.44
N ILE H 564 23.21 -20.40 78.02
CA ILE H 564 22.26 -19.40 78.47
C ILE H 564 21.25 -20.04 79.42
N GLY H 565 20.82 -19.27 80.41
CA GLY H 565 19.76 -19.68 81.30
C GLY H 565 18.41 -19.12 80.87
N GLY H 566 17.37 -19.55 81.58
CA GLY H 566 16.05 -19.00 81.33
C GLY H 566 15.13 -20.00 80.66
N PRO H 567 14.02 -19.50 80.12
CA PRO H 567 13.07 -20.40 79.46
C PRO H 567 13.66 -20.93 78.16
N TRP H 568 13.57 -22.23 77.97
CA TRP H 568 14.00 -22.89 76.75
C TRP H 568 12.78 -23.54 76.13
N ARG H 569 12.74 -23.56 74.81
CA ARG H 569 11.62 -24.14 74.08
C ARG H 569 12.05 -25.41 73.37
N GLU H 570 11.10 -26.33 73.21
CA GLU H 570 11.31 -27.53 72.42
C GLU H 570 10.74 -27.22 71.03
N VAL H 571 11.65 -26.99 70.08
CA VAL H 571 11.24 -26.50 68.76
C VAL H 571 10.74 -27.64 67.89
N LEU H 572 11.29 -28.83 68.10
CA LEU H 572 10.93 -29.98 67.30
C LEU H 572 11.13 -31.20 68.16
N ASN H 573 10.27 -32.19 67.96
CA ASN H 573 10.34 -33.45 68.69
C ASN H 573 10.20 -34.55 67.64
N SER H 574 11.30 -35.27 67.38
CA SER H 574 11.24 -36.34 66.40
C SER H 574 10.19 -37.36 66.78
N ASP H 575 9.99 -37.58 68.07
CA ASP H 575 9.00 -38.56 68.51
C ASP H 575 7.63 -37.95 68.70
N ALA H 576 7.44 -36.68 68.37
CA ALA H 576 6.08 -36.15 68.42
C ALA H 576 5.25 -37.03 67.50
N VAL H 577 4.09 -37.45 67.98
CA VAL H 577 3.30 -38.45 67.26
C VAL H 577 2.89 -37.95 65.89
N ALA H 578 2.85 -36.63 65.68
CA ALA H 578 2.57 -36.11 64.35
C ALA H 578 3.54 -36.68 63.32
N TYR H 579 4.72 -37.14 63.75
CA TYR H 579 5.69 -37.82 62.89
C TYR H 579 5.61 -39.33 63.02
N GLY H 580 4.78 -39.86 63.90
CA GLY H 580 4.67 -41.28 64.11
C GLY H 580 5.47 -41.86 65.26
N GLY H 581 5.79 -41.05 66.25
CA GLY H 581 6.56 -41.55 67.40
C GLY H 581 5.67 -41.98 68.55
N SER H 582 6.28 -42.39 69.66
CA SER H 582 5.51 -42.81 70.86
C SER H 582 4.77 -41.58 71.41
N GLY H 583 5.13 -40.40 70.90
CA GLY H 583 4.46 -39.16 71.35
C GLY H 583 5.05 -38.66 72.65
N MET H 584 6.11 -39.31 73.13
CA MET H 584 6.82 -38.86 74.36
C MET H 584 7.48 -37.51 74.07
N GLY H 585 7.05 -36.46 74.77
CA GLY H 585 7.64 -35.12 74.57
C GLY H 585 7.88 -34.42 75.89
N ASN H 586 8.84 -33.49 75.94
CA ASN H 586 9.01 -32.69 77.17
C ASN H 586 7.70 -31.92 77.35
N PHE H 587 7.14 -31.40 76.26
CA PHE H 587 5.79 -30.77 76.30
C PHE H 587 5.77 -29.65 77.33
N GLY H 588 6.86 -28.91 77.43
CA GLY H 588 6.94 -27.84 78.45
C GLY H 588 7.93 -26.79 78.05
N ARG H 589 7.87 -25.61 78.69
CA ARG H 589 8.94 -24.63 78.41
C ARG H 589 10.03 -24.95 79.42
N VAL H 590 11.17 -25.45 78.94
CA VAL H 590 12.26 -25.87 79.86
C VAL H 590 12.86 -24.63 80.52
N GLU H 591 13.24 -24.73 81.80
CA GLU H 591 13.94 -23.58 82.42
C GLU H 591 15.35 -24.06 82.79
N ALA H 592 16.36 -23.30 82.39
CA ALA H 592 17.76 -23.74 82.63
C ALA H 592 18.04 -23.74 84.13
N VAL H 593 18.49 -24.88 84.65
CA VAL H 593 18.85 -24.96 86.09
C VAL H 593 20.28 -24.43 86.22
N PRO H 594 20.54 -23.40 87.04
CA PRO H 594 21.89 -22.82 87.14
C PRO H 594 22.90 -23.68 87.90
N GLU H 595 22.89 -24.97 87.62
CA GLU H 595 23.89 -25.88 88.18
C GLU H 595 24.66 -26.42 86.99
N SER H 596 25.99 -26.36 87.09
CA SER H 596 26.80 -26.57 85.89
C SER H 596 26.81 -28.04 85.51
N TRP H 597 26.76 -28.27 84.20
CA TRP H 597 26.79 -29.58 83.59
C TRP H 597 27.37 -29.37 82.21
N HIS H 598 28.22 -30.31 81.78
CA HIS H 598 28.88 -30.23 80.48
C HIS H 598 29.74 -28.97 80.35
N GLY H 599 30.41 -28.58 81.43
CA GLY H 599 31.25 -27.41 81.41
C GLY H 599 30.53 -26.12 81.06
N ARG H 600 29.23 -26.10 81.24
CA ARG H 600 28.41 -24.95 80.91
C ARG H 600 27.85 -24.37 82.19
N PRO H 601 27.57 -23.06 82.24
CA PRO H 601 27.09 -22.48 83.50
C PRO H 601 25.76 -23.07 83.94
N PHE H 602 24.88 -23.37 83.00
CA PHE H 602 23.55 -23.88 83.25
C PHE H 602 23.42 -25.29 82.68
N HIS H 603 22.26 -25.90 82.92
CA HIS H 603 21.93 -27.18 82.28
C HIS H 603 20.42 -27.32 82.21
N LEU H 604 19.97 -28.08 81.21
CA LEU H 604 18.59 -28.47 81.08
C LEU H 604 18.44 -29.93 81.47
N GLU H 605 17.44 -30.24 82.29
CA GLU H 605 17.12 -31.63 82.61
C GLU H 605 15.93 -32.03 81.77
N LEU H 606 16.15 -32.85 80.75
CA LEU H 606 15.12 -33.15 79.75
C LEU H 606 14.83 -34.65 79.68
N THR H 607 13.75 -34.98 78.99
CA THR H 607 13.35 -36.36 78.72
C THR H 607 13.64 -36.68 77.26
N LEU H 608 14.43 -37.71 77.01
CA LEU H 608 14.82 -38.07 75.66
C LEU H 608 13.95 -39.20 75.17
N PRO H 609 13.12 -38.99 74.15
CA PRO H 609 12.26 -40.05 73.64
C PRO H 609 13.07 -41.11 72.93
N PRO H 610 12.49 -42.28 72.66
CA PRO H 610 13.23 -43.33 71.96
C PRO H 610 13.57 -42.91 70.54
N LEU H 611 14.82 -43.16 70.14
CA LEU H 611 15.31 -42.92 68.79
C LEU H 611 14.81 -41.58 68.24
N ALA H 612 14.97 -40.53 69.05
CA ALA H 612 14.35 -39.25 68.74
C ALA H 612 15.39 -38.14 68.85
N ILE H 613 15.08 -37.01 68.22
CA ILE H 613 15.91 -35.81 68.29
C ILE H 613 15.06 -34.67 68.82
N LEU H 614 15.59 -33.97 69.82
CA LEU H 614 15.03 -32.72 70.31
C LEU H 614 15.89 -31.58 69.82
N ILE H 615 15.21 -30.53 69.33
CA ILE H 615 15.91 -29.28 68.93
C ILE H 615 15.38 -28.21 69.87
N LEU H 616 16.26 -27.55 70.64
CA LEU H 616 15.79 -26.61 71.69
C LEU H 616 16.26 -25.18 71.38
N GLU H 617 15.34 -24.21 71.45
CA GLU H 617 15.70 -22.79 71.18
C GLU H 617 15.34 -21.93 72.41
N PRO H 618 16.20 -21.00 72.83
CA PRO H 618 15.89 -20.13 73.96
C PRO H 618 14.72 -19.22 73.60
N GLU H 619 13.85 -18.94 74.58
CA GLU H 619 12.72 -18.01 74.35
C GLU H 619 13.14 -16.58 74.75
#